data_6RIM
#
_entry.id   6RIM
#
_cell.length_a   57.908
_cell.length_b   105.208
_cell.length_c   179.621
_cell.angle_alpha   101.71
_cell.angle_beta   90.00
_cell.angle_gamma   90.00
#
_symmetry.space_group_name_H-M   'P 1'
#
loop_
_entity.id
_entity.type
_entity.pdbx_description
1 polymer 'Putative botulinum-like toxin Wo'
2 non-polymer 'ZINC ION'
3 non-polymer 'CALCIUM ION'
4 water water
#
_entity_poly.entity_id   1
_entity_poly.type   'polypeptide(L)'
_entity_poly.pdbx_seq_one_letter_code
;(MSE)GSSHHHHHHSSGLVPRGSH(MSE)ASDVLE(MSE)FDVNYESPILESFDSTTQSLNDVHVF(MSE)SRIQ(MSE)
SAYDADGEGRIEYRNLKLYEISSGIFISTDRLDTGASGVEDDHE(MSE)VDYYSSARLTREFLGESLDSQKSDYFEGIKK
VFSFYKNKCNESRYIKEFFEEIQFRNICGFPKQAGTSSTDIFDQFNSVDVLLQDPVTSVWNKKVGSKKANIVIIPPATNL
PITEACATAGFQPEGFPKLGSGSFFTVQFDPFFSTRFKAHETDDVALLDPTLTLLHE(MSE)THGLHFQKGIANPVNRSG
ETPAWATTWGRVTGDNDAFKETP(MSE)EELLTFNKHTIDDDIEISDHLKSTYIGFLYNGRNEDDPTESVDGVYQNVSSF
LNQYRGFEISSDFQHFIESCYGVKYNQESKKFIVNPRNIKRYVQDGFFIDEAKFARILNIKTRSYYTL(MSE)PDNLGVW
SYRVDILNRLRETFDEDRGLLSQELDFHTALTPVVSENPALELEVAG(MSE)QR(MSE)VSL
;
_entity_poly.pdbx_strand_id   A,B,C,D,E,F,G,H
#
loop_
_chem_comp.id
_chem_comp.type
_chem_comp.name
_chem_comp.formula
CA non-polymer 'CALCIUM ION' 'Ca 2'
ZN non-polymer 'ZINC ION' 'Zn 2'
#
# COMPACT_ATOMS: atom_id res chain seq x y z
N ASP A 24 25.81 44.39 56.16
CA ASP A 24 25.06 43.69 55.06
C ASP A 24 23.56 43.60 55.36
N VAL A 25 23.11 43.86 56.60
CA VAL A 25 21.68 43.70 56.97
C VAL A 25 20.85 44.70 56.15
N LEU A 26 19.88 44.18 55.37
CA LEU A 26 18.96 44.97 54.49
C LEU A 26 19.79 45.88 53.58
N GLU A 27 21.01 45.49 53.22
CA GLU A 27 21.75 46.24 52.16
C GLU A 27 21.02 46.01 50.83
N MSE A 28 20.63 47.09 50.14
CA MSE A 28 19.82 46.98 48.93
C MSE A 28 20.72 46.72 47.73
O MSE A 28 21.65 47.49 47.48
CB MSE A 28 19.08 48.29 48.61
CG MSE A 28 17.76 48.55 49.34
SE MSE A 28 16.32 47.22 49.18
CE MSE A 28 16.85 46.63 50.96
N PHE A 29 20.41 45.68 46.96
CA PHE A 29 21.10 45.46 45.69
C PHE A 29 20.64 46.52 44.69
N ASP A 30 21.51 46.80 43.73
CA ASP A 30 21.22 47.69 42.58
C ASP A 30 20.31 46.93 41.61
N VAL A 31 19.01 46.91 41.89
CA VAL A 31 17.99 46.12 41.15
C VAL A 31 16.77 47.03 40.93
N ASN A 32 16.32 47.12 39.68
CA ASN A 32 15.19 47.98 39.25
C ASN A 32 14.06 47.09 38.72
N TYR A 33 12.85 47.61 38.69
CA TYR A 33 11.68 46.94 38.09
C TYR A 33 12.05 46.36 36.71
N GLU A 34 12.77 47.15 35.90
CA GLU A 34 13.06 46.81 34.49
C GLU A 34 14.40 46.08 34.34
N SER A 35 15.11 45.75 35.44
CA SER A 35 16.38 44.99 35.37
C SER A 35 16.10 43.67 34.65
N PRO A 36 16.93 43.29 33.64
CA PRO A 36 16.61 42.13 32.80
C PRO A 36 16.62 40.79 33.54
N ILE A 37 15.60 39.99 33.26
CA ILE A 37 15.50 38.60 33.81
C ILE A 37 16.66 37.75 33.28
N LEU A 38 17.18 36.84 34.11
CA LEU A 38 18.26 35.91 33.70
C LEU A 38 17.75 35.02 32.56
N GLU A 39 18.49 34.97 31.43
CA GLU A 39 18.10 34.14 30.26
C GLU A 39 19.19 33.14 29.90
N SER A 40 20.41 33.32 30.39
CA SER A 40 21.54 32.41 30.14
C SER A 40 22.41 32.34 31.40
N PHE A 41 23.07 31.23 31.63
CA PHE A 41 23.94 31.06 32.81
C PHE A 41 25.09 30.13 32.46
N ASP A 42 26.31 30.65 32.62
CA ASP A 42 27.59 29.95 32.43
C ASP A 42 28.28 29.83 33.80
N SER A 43 28.23 28.65 34.42
CA SER A 43 28.76 28.39 35.79
C SER A 43 30.28 28.61 35.83
N THR A 44 30.99 28.58 34.70
CA THR A 44 32.47 28.75 34.66
C THR A 44 32.86 30.22 34.79
N THR A 45 31.94 31.18 34.57
CA THR A 45 32.25 32.63 34.66
C THR A 45 31.21 33.42 35.47
N GLN A 46 30.08 32.80 35.82
CA GLN A 46 28.99 33.49 36.54
C GLN A 46 28.66 32.73 37.83
N SER A 47 28.20 33.46 38.82
CA SER A 47 27.73 32.92 40.11
C SER A 47 26.24 33.20 40.26
N LEU A 48 25.47 32.22 40.73
CA LEU A 48 24.04 32.43 41.04
C LEU A 48 23.88 33.47 42.17
N ASN A 49 24.88 33.65 43.05
CA ASN A 49 24.83 34.69 44.12
C ASN A 49 24.67 36.09 43.48
N ASP A 50 25.16 36.29 42.25
CA ASP A 50 25.14 37.62 41.58
C ASP A 50 23.86 37.80 40.76
N VAL A 51 23.05 36.75 40.60
CA VAL A 51 21.77 36.76 39.85
C VAL A 51 20.69 37.36 40.74
N HIS A 52 20.08 38.49 40.36
CA HIS A 52 19.08 39.13 41.26
C HIS A 52 17.71 39.24 40.61
N VAL A 53 17.59 38.91 39.31
CA VAL A 53 16.25 38.89 38.67
C VAL A 53 16.15 37.58 37.89
N PHE A 54 15.20 36.73 38.24
CA PHE A 54 15.15 35.37 37.66
C PHE A 54 13.76 34.77 37.81
N MSE A 55 13.48 33.79 36.94
CA MSE A 55 12.26 33.02 37.05
C MSE A 55 12.48 31.93 38.10
O MSE A 55 13.54 31.30 38.11
CB MSE A 55 11.85 32.40 35.70
CG MSE A 55 10.47 31.83 35.71
SE MSE A 55 9.06 33.14 35.89
CE MSE A 55 9.14 33.97 34.10
N SER A 56 11.48 31.74 38.95
CA SER A 56 11.55 30.73 40.00
C SER A 56 10.19 30.03 40.18
N ARG A 57 10.05 29.26 41.26
CA ARG A 57 8.75 28.65 41.58
C ARG A 57 8.65 28.49 43.09
N ILE A 58 7.46 28.72 43.62
CA ILE A 58 7.17 28.50 45.07
C ILE A 58 5.84 27.76 45.20
N GLN A 59 5.67 27.03 46.31
CA GLN A 59 4.36 26.45 46.64
C GLN A 59 3.34 27.52 47.00
N MSE A 60 2.09 27.23 46.64
CA MSE A 60 0.93 28.00 47.09
C MSE A 60 -0.21 27.02 47.36
O MSE A 60 -0.21 25.89 46.83
CB MSE A 60 0.53 29.03 46.02
CG MSE A 60 1.63 30.02 45.68
SE MSE A 60 1.94 31.27 47.16
CE MSE A 60 0.34 32.38 47.16
N SER A 61 -1.16 27.44 48.20
CA SER A 61 -2.45 26.74 48.29
C SER A 61 -3.33 27.19 47.12
N ALA A 62 -3.77 26.24 46.29
CA ALA A 62 -4.70 26.47 45.17
C ALA A 62 -6.07 25.91 45.55
N TYR A 63 -7.15 26.61 45.19
CA TYR A 63 -8.55 26.25 45.56
C TYR A 63 -9.36 25.95 44.29
N ASP A 64 -10.16 24.88 44.34
CA ASP A 64 -11.07 24.45 43.24
C ASP A 64 -12.42 25.16 43.42
N ALA A 65 -13.38 24.91 42.51
CA ALA A 65 -14.71 25.57 42.45
C ALA A 65 -15.49 25.35 43.76
N ASP A 66 -15.31 24.18 44.41
CA ASP A 66 -15.86 23.88 45.75
C ASP A 66 -15.22 24.80 46.79
N GLY A 67 -13.90 25.01 46.68
CA GLY A 67 -13.10 25.87 47.58
C GLY A 67 -12.31 25.06 48.58
N GLU A 68 -11.87 23.85 48.19
CA GLU A 68 -10.94 22.99 48.97
C GLU A 68 -9.53 23.12 48.37
N GLY A 69 -8.52 23.19 49.24
CA GLY A 69 -7.14 23.59 48.92
C GLY A 69 -6.20 22.42 48.72
N ARG A 70 -5.31 22.51 47.74
CA ARG A 70 -4.19 21.57 47.51
C ARG A 70 -2.94 22.43 47.33
N ILE A 71 -1.78 21.97 47.80
CA ILE A 71 -0.49 22.70 47.66
C ILE A 71 0.11 22.35 46.29
N GLU A 72 0.41 23.38 45.47
CA GLU A 72 0.97 23.24 44.11
C GLU A 72 2.06 24.30 43.91
N TYR A 73 3.09 23.99 43.15
CA TYR A 73 4.11 24.98 42.74
C TYR A 73 3.48 25.93 41.74
N ARG A 74 3.89 27.20 41.85
CA ARG A 74 3.57 28.26 40.87
C ARG A 74 4.88 28.92 40.43
N ASN A 75 5.07 29.08 39.12
CA ASN A 75 6.18 29.87 38.55
C ASN A 75 5.94 31.35 38.88
N LEU A 76 7.01 32.07 39.19
CA LEU A 76 6.93 33.54 39.38
C LEU A 76 8.30 34.17 39.14
N LYS A 77 8.28 35.42 38.71
CA LYS A 77 9.51 36.19 38.53
C LYS A 77 9.90 36.81 39.88
N LEU A 78 11.13 36.55 40.31
CA LEU A 78 11.67 37.06 41.59
C LEU A 78 12.72 38.12 41.36
N TYR A 79 12.65 39.15 42.19
CA TYR A 79 13.73 40.14 42.41
C TYR A 79 14.36 39.92 43.79
N GLU A 80 15.67 39.69 43.83
CA GLU A 80 16.46 39.65 45.08
C GLU A 80 16.83 41.10 45.45
N ILE A 81 16.13 41.69 46.41
CA ILE A 81 16.32 43.13 46.78
C ILE A 81 17.45 43.26 47.79
N SER A 82 17.74 42.17 48.53
CA SER A 82 18.82 42.07 49.54
C SER A 82 19.15 40.58 49.68
N SER A 83 20.32 40.24 50.22
CA SER A 83 20.77 38.83 50.30
C SER A 83 19.66 37.97 50.93
N GLY A 84 19.11 37.02 50.16
CA GLY A 84 18.13 36.02 50.66
C GLY A 84 16.73 36.57 50.82
N ILE A 85 16.47 37.80 50.33
CA ILE A 85 15.13 38.43 50.42
C ILE A 85 14.65 38.68 48.99
N PHE A 86 13.53 38.07 48.64
CA PHE A 86 12.99 38.08 47.25
C PHE A 86 11.60 38.68 47.27
N ILE A 87 11.30 39.46 46.22
CA ILE A 87 9.93 39.98 46.04
C ILE A 87 9.49 39.65 44.62
N SER A 88 8.19 39.47 44.47
CA SER A 88 7.55 39.32 43.14
C SER A 88 6.44 40.35 43.00
N THR A 89 6.19 40.82 41.77
CA THR A 89 5.01 41.65 41.48
C THR A 89 3.86 40.78 40.93
N ASP A 90 4.08 39.48 40.79
CA ASP A 90 3.12 38.54 40.17
C ASP A 90 2.01 38.21 41.16
N ARG A 91 0.76 38.40 40.75
CA ARG A 91 -0.42 37.94 41.53
C ARG A 91 -0.74 36.51 41.08
N LEU A 92 -0.40 35.53 41.92
CA LEU A 92 -0.43 34.10 41.54
C LEU A 92 -1.87 33.58 41.50
N ASP A 93 -2.15 32.70 40.55
CA ASP A 93 -3.51 32.11 40.36
C ASP A 93 -3.67 30.95 41.33
N THR A 94 -4.39 31.21 42.42
CA THR A 94 -4.68 30.22 43.49
C THR A 94 -6.17 29.90 43.50
N GLY A 95 -6.88 30.22 42.41
CA GLY A 95 -8.33 30.03 42.29
C GLY A 95 -9.09 31.31 42.58
N ALA A 96 -10.42 31.25 42.41
CA ALA A 96 -11.34 32.39 42.58
C ALA A 96 -11.52 32.69 44.06
N SER A 97 -11.69 33.96 44.40
CA SER A 97 -11.94 34.44 45.78
C SER A 97 -13.36 34.03 46.23
N GLY A 98 -14.28 33.86 45.28
CA GLY A 98 -15.71 33.59 45.57
C GLY A 98 -16.43 34.86 46.00
N VAL A 99 -15.84 36.03 45.81
CA VAL A 99 -16.45 37.35 46.11
C VAL A 99 -16.44 38.20 44.83
N GLU A 100 -17.57 38.84 44.53
CA GLU A 100 -17.73 39.73 43.35
C GLU A 100 -16.80 40.94 43.49
N ASP A 101 -16.30 41.44 42.36
CA ASP A 101 -15.38 42.60 42.30
C ASP A 101 -15.96 43.77 43.10
N ASP A 102 -15.11 44.40 43.92
CA ASP A 102 -15.36 45.69 44.63
C ASP A 102 -16.42 45.52 45.72
N HIS A 103 -16.64 44.29 46.18
CA HIS A 103 -17.45 44.00 47.40
C HIS A 103 -16.48 44.04 48.59
N GLU A 104 -16.96 44.53 49.74
CA GLU A 104 -16.17 44.63 51.00
C GLU A 104 -16.92 43.86 52.09
N MSE A 105 -16.18 43.00 52.80
CA MSE A 105 -16.64 42.37 54.02
C MSE A 105 -15.51 42.48 55.06
O MSE A 105 -14.77 41.53 55.27
CB MSE A 105 -17.00 40.91 53.73
CG MSE A 105 -18.11 40.74 52.73
SE MSE A 105 -18.45 38.84 52.41
CE MSE A 105 -16.94 38.08 51.42
N VAL A 106 -15.41 43.65 55.67
CA VAL A 106 -14.21 44.13 56.34
C VAL A 106 -13.08 44.21 55.29
N ASP A 107 -12.62 43.07 54.76
CA ASP A 107 -11.59 43.04 53.68
C ASP A 107 -12.23 43.37 52.33
N TYR A 108 -11.43 43.90 51.42
CA TYR A 108 -11.90 44.39 50.09
C TYR A 108 -11.43 43.39 49.02
N TYR A 109 -12.35 42.94 48.17
CA TYR A 109 -12.08 41.96 47.09
C TYR A 109 -12.12 42.67 45.73
N SER A 110 -11.09 42.46 44.91
CA SER A 110 -11.11 42.81 43.47
C SER A 110 -10.18 41.84 42.74
N SER A 111 -10.72 41.14 41.74
CA SER A 111 -9.94 40.29 40.82
C SER A 111 -9.01 41.16 39.96
N ALA A 112 -9.28 42.45 39.81
CA ALA A 112 -8.56 43.36 38.87
C ALA A 112 -7.17 43.73 39.41
N ARG A 113 -7.04 43.89 40.74
CA ARG A 113 -5.77 44.31 41.38
C ARG A 113 -4.64 43.42 40.86
N LEU A 114 -3.63 44.04 40.27
CA LEU A 114 -2.39 43.42 39.72
C LEU A 114 -2.69 42.28 38.74
N THR A 115 -3.85 42.30 38.04
CA THR A 115 -4.15 41.39 36.90
C THR A 115 -4.60 42.16 35.66
N ARG A 116 -5.21 43.33 35.86
CA ARG A 116 -5.65 44.21 34.73
C ARG A 116 -5.77 45.62 35.25
N GLU A 117 -6.32 46.54 34.46
CA GLU A 117 -6.53 47.94 34.91
C GLU A 117 -7.29 47.93 36.24
N PHE A 118 -6.84 48.73 37.20
CA PHE A 118 -7.52 48.87 38.51
C PHE A 118 -7.32 50.28 39.07
N LEU A 119 -8.42 50.92 39.47
CA LEU A 119 -8.44 52.29 40.05
C LEU A 119 -7.72 53.27 39.09
N GLY A 120 -7.87 53.06 37.78
CA GLY A 120 -7.32 53.95 36.74
C GLY A 120 -5.83 53.74 36.52
N GLU A 121 -5.28 52.60 36.92
CA GLU A 121 -3.82 52.31 36.77
C GLU A 121 -3.65 51.03 35.95
N SER A 122 -2.81 51.09 34.91
CA SER A 122 -2.50 49.93 34.04
C SER A 122 -1.87 48.83 34.89
N LEU A 123 -1.89 47.60 34.38
CA LEU A 123 -1.20 46.46 35.03
C LEU A 123 0.28 46.81 35.21
N ASP A 124 0.93 47.33 34.15
CA ASP A 124 2.39 47.63 34.17
C ASP A 124 2.68 48.69 35.25
N SER A 125 1.83 49.72 35.34
CA SER A 125 1.93 50.79 36.35
C SER A 125 1.84 50.17 37.76
N GLN A 126 0.85 49.33 37.96
CA GLN A 126 0.61 48.68 39.28
C GLN A 126 1.84 47.86 39.66
N LYS A 127 2.38 47.06 38.73
CA LYS A 127 3.51 46.14 39.02
C LYS A 127 4.76 46.96 39.34
N SER A 128 5.02 48.02 38.56
CA SER A 128 6.15 48.93 38.78
C SER A 128 6.02 49.59 40.17
N ASP A 129 4.82 50.05 40.51
CA ASP A 129 4.55 50.73 41.80
C ASP A 129 4.74 49.72 42.94
N TYR A 130 4.27 48.49 42.75
CA TYR A 130 4.34 47.44 43.83
C TYR A 130 5.83 47.24 44.14
N PHE A 131 6.65 47.05 43.10
CA PHE A 131 8.12 46.89 43.25
C PHE A 131 8.71 48.09 44.02
N GLU A 132 8.42 49.32 43.57
CA GLU A 132 8.99 50.54 44.18
C GLU A 132 8.50 50.66 45.64
N GLY A 133 7.23 50.34 45.90
CA GLY A 133 6.63 50.49 47.23
C GLY A 133 7.25 49.51 48.22
N ILE A 134 7.46 48.27 47.81
CA ILE A 134 8.09 47.26 48.71
C ILE A 134 9.53 47.71 49.00
N LYS A 135 10.26 48.20 47.99
CA LYS A 135 11.64 48.68 48.23
C LYS A 135 11.62 49.86 49.20
N LYS A 136 10.64 50.75 49.10
CA LYS A 136 10.59 51.94 49.97
C LYS A 136 10.35 51.46 51.41
N VAL A 137 9.49 50.47 51.59
CA VAL A 137 9.22 49.88 52.94
C VAL A 137 10.54 49.32 53.50
N PHE A 138 11.31 48.57 52.71
CA PHE A 138 12.57 47.96 53.21
C PHE A 138 13.63 49.03 53.46
N SER A 139 13.63 50.13 52.70
CA SER A 139 14.54 51.27 52.97
C SER A 139 14.21 51.88 54.34
N PHE A 140 12.92 51.96 54.69
CA PHE A 140 12.47 52.40 56.03
C PHE A 140 13.02 51.43 57.09
N TYR A 141 12.88 50.13 56.87
CA TYR A 141 13.35 49.11 57.86
C TYR A 141 14.87 49.24 58.04
N LYS A 142 15.62 49.51 56.95
N LYS A 142 15.61 49.51 56.96
CA LYS A 142 17.10 49.66 57.04
CA LYS A 142 17.10 49.65 57.05
C LYS A 142 17.44 50.84 57.95
C LYS A 142 17.44 50.84 57.96
N ASN A 143 16.76 51.97 57.77
CA ASN A 143 16.95 53.18 58.61
C ASN A 143 16.61 52.84 60.08
N LYS A 144 15.56 52.04 60.32
CA LYS A 144 15.17 51.66 61.71
C LYS A 144 16.22 50.71 62.29
N CYS A 145 16.83 49.83 61.49
CA CYS A 145 17.92 48.93 61.96
C CYS A 145 19.08 49.75 62.50
N ASN A 146 19.40 50.87 61.84
CA ASN A 146 20.51 51.78 62.22
C ASN A 146 20.19 52.49 63.54
N GLU A 147 18.91 52.57 63.92
CA GLU A 147 18.43 53.33 65.10
C GLU A 147 18.18 52.43 66.31
N SER A 148 17.82 51.16 66.10
CA SER A 148 17.27 50.27 67.15
C SER A 148 18.03 48.93 67.18
N ARG A 149 18.71 48.63 68.29
CA ARG A 149 19.40 47.33 68.49
C ARG A 149 18.38 46.20 68.28
N TYR A 150 17.15 46.36 68.77
CA TYR A 150 16.12 45.29 68.73
C TYR A 150 15.71 45.01 67.28
N ILE A 151 15.48 46.07 66.50
CA ILE A 151 15.07 45.91 65.08
C ILE A 151 16.24 45.32 64.29
N LYS A 152 17.46 45.80 64.51
CA LYS A 152 18.69 45.25 63.87
C LYS A 152 18.79 43.74 64.17
N GLU A 153 18.64 43.35 65.45
CA GLU A 153 18.72 41.92 65.89
C GLU A 153 17.65 41.11 65.12
N PHE A 154 16.45 41.65 64.97
CA PHE A 154 15.34 40.94 64.31
C PHE A 154 15.69 40.69 62.84
N PHE A 155 16.08 41.74 62.11
CA PHE A 155 16.40 41.56 60.67
C PHE A 155 17.65 40.69 60.46
N GLU A 156 18.70 40.83 61.28
CA GLU A 156 19.89 39.94 61.17
C GLU A 156 19.42 38.48 61.25
N GLU A 157 18.47 38.20 62.15
CA GLU A 157 17.96 36.83 62.35
C GLU A 157 17.17 36.39 61.10
N ILE A 158 16.14 37.14 60.67
CA ILE A 158 15.21 36.62 59.64
C ILE A 158 15.89 36.68 58.27
N GLN A 159 16.85 37.59 58.08
CA GLN A 159 17.51 37.70 56.77
C GLN A 159 18.57 36.60 56.60
N PHE A 160 19.33 36.27 57.65
CA PHE A 160 20.59 35.51 57.49
C PHE A 160 20.55 34.14 58.15
N ARG A 161 19.59 33.87 59.02
CA ARG A 161 19.69 32.61 59.81
C ARG A 161 19.68 31.39 58.86
N ASN A 162 20.39 30.33 59.26
CA ASN A 162 20.35 28.99 58.62
C ASN A 162 18.98 28.37 58.89
N ILE A 163 18.44 27.70 57.88
CA ILE A 163 17.07 27.11 57.92
C ILE A 163 17.20 25.64 57.53
N CYS A 164 16.93 24.75 58.50
CA CYS A 164 17.03 23.30 58.26
C CYS A 164 15.66 22.66 58.36
N GLY A 165 15.22 22.08 57.26
CA GLY A 165 13.97 21.31 57.17
C GLY A 165 14.26 19.82 57.22
N PHE A 166 13.29 19.03 57.67
CA PHE A 166 13.39 17.55 57.66
C PHE A 166 11.97 16.99 57.68
N PRO A 167 11.76 15.74 57.22
CA PRO A 167 12.81 14.94 56.59
C PRO A 167 13.25 15.49 55.22
N LYS A 168 14.47 15.17 54.79
CA LYS A 168 15.00 15.54 53.45
C LYS A 168 14.14 14.88 52.36
N GLN A 169 13.87 15.62 51.29
CA GLN A 169 12.87 15.26 50.26
C GLN A 169 13.55 14.70 49.00
N ALA A 170 12.74 14.05 48.16
CA ALA A 170 13.02 13.80 46.73
C ALA A 170 14.48 13.37 46.55
N GLY A 171 15.27 14.17 45.82
CA GLY A 171 16.66 13.85 45.44
C GLY A 171 17.68 14.57 46.30
N THR A 172 17.26 15.14 47.43
CA THR A 172 18.14 15.90 48.33
C THR A 172 18.94 14.90 49.15
N SER A 173 20.27 15.05 49.11
CA SER A 173 21.23 14.22 49.88
C SER A 173 21.15 14.63 51.36
N SER A 174 21.42 13.68 52.26
CA SER A 174 21.37 13.99 53.71
C SER A 174 22.38 15.07 54.10
N THR A 175 23.43 15.35 53.29
CA THR A 175 24.49 16.33 53.63
C THR A 175 24.42 17.56 52.71
N ASP A 176 23.33 17.74 51.97
CA ASP A 176 23.07 18.97 51.18
C ASP A 176 22.66 20.08 52.15
N ILE A 177 23.26 21.26 52.01
CA ILE A 177 22.89 22.46 52.80
C ILE A 177 21.64 23.09 52.19
N PHE A 178 21.60 23.25 50.88
CA PHE A 178 20.48 23.94 50.20
C PHE A 178 19.50 22.90 49.65
N ASP A 179 18.22 23.11 49.92
CA ASP A 179 17.13 22.22 49.45
C ASP A 179 15.82 23.00 49.36
N GLN A 180 14.72 22.29 49.22
CA GLN A 180 13.40 22.94 48.98
C GLN A 180 12.98 23.79 50.18
N PHE A 181 13.47 23.47 51.39
CA PHE A 181 13.09 24.24 52.59
C PHE A 181 13.76 25.63 52.67
N ASN A 182 14.91 25.88 52.02
CA ASN A 182 15.76 27.05 52.38
C ASN A 182 16.36 27.72 51.13
N SER A 183 15.87 27.36 49.96
CA SER A 183 16.40 27.90 48.68
C SER A 183 15.30 27.91 47.64
N VAL A 184 15.46 28.76 46.62
CA VAL A 184 14.51 28.87 45.47
C VAL A 184 15.28 28.54 44.20
N ASP A 185 14.60 27.88 43.27
CA ASP A 185 15.20 27.40 42.01
C ASP A 185 15.42 28.61 41.06
N VAL A 186 16.50 28.52 40.31
CA VAL A 186 16.74 29.47 39.17
C VAL A 186 16.41 28.71 37.89
N LEU A 187 15.38 29.18 37.18
CA LEU A 187 14.85 28.52 35.95
C LEU A 187 15.18 29.36 34.72
N LEU A 188 15.64 28.68 33.68
CA LEU A 188 15.78 29.28 32.32
C LEU A 188 14.68 28.72 31.43
N GLN A 189 14.56 29.29 30.24
CA GLN A 189 13.55 28.87 29.25
C GLN A 189 14.12 27.76 28.39
N ASP A 190 13.33 26.71 28.18
CA ASP A 190 13.57 25.76 27.06
C ASP A 190 13.45 26.54 25.76
N PRO A 191 14.51 26.60 24.93
CA PRO A 191 14.47 27.38 23.69
C PRO A 191 13.33 27.00 22.73
N VAL A 192 12.99 25.71 22.65
CA VAL A 192 12.05 25.18 21.62
C VAL A 192 10.61 25.38 22.12
N THR A 193 10.32 25.09 23.38
CA THR A 193 8.94 25.12 23.91
C THR A 193 8.63 26.45 24.60
N SER A 194 9.66 27.24 24.94
CA SER A 194 9.55 28.54 25.66
C SER A 194 9.07 28.35 27.10
N VAL A 195 8.98 27.11 27.61
CA VAL A 195 8.53 26.87 29.01
C VAL A 195 9.70 27.15 29.97
N TRP A 196 9.45 27.85 31.06
CA TRP A 196 10.47 28.17 32.10
C TRP A 196 10.60 26.96 33.03
N ASN A 197 11.34 25.94 32.61
CA ASN A 197 11.43 24.65 33.33
C ASN A 197 12.85 24.10 33.33
N LYS A 198 13.84 24.90 32.93
CA LYS A 198 15.26 24.47 32.93
C LYS A 198 15.92 24.96 34.22
N LYS A 199 16.04 24.10 35.23
CA LYS A 199 16.69 24.47 36.51
C LYS A 199 18.21 24.52 36.31
N VAL A 200 18.86 25.61 36.70
CA VAL A 200 20.35 25.75 36.56
C VAL A 200 20.99 25.86 37.95
N GLY A 201 20.17 25.89 39.00
CA GLY A 201 20.68 25.87 40.39
C GLY A 201 19.67 26.48 41.31
N SER A 202 20.09 26.81 42.52
CA SER A 202 19.20 27.41 43.53
C SER A 202 19.96 28.48 44.29
N LYS A 203 19.20 29.34 44.98
CA LYS A 203 19.73 30.50 45.72
C LYS A 203 19.17 30.42 47.15
N LYS A 204 20.02 30.68 48.13
CA LYS A 204 19.59 30.74 49.57
C LYS A 204 18.38 31.67 49.66
N ALA A 205 17.31 31.24 50.31
CA ALA A 205 16.07 32.03 50.48
C ALA A 205 15.63 32.00 51.94
N ASN A 206 15.38 33.17 52.52
CA ASN A 206 14.84 33.32 53.91
C ASN A 206 13.45 33.95 53.89
N ILE A 207 13.20 34.86 52.93
CA ILE A 207 11.99 35.72 52.91
C ILE A 207 11.56 35.91 51.44
N VAL A 208 10.29 35.64 51.16
CA VAL A 208 9.67 35.91 49.84
C VAL A 208 8.42 36.75 50.07
N ILE A 209 8.36 37.93 49.45
CA ILE A 209 7.19 38.86 49.59
C ILE A 209 6.50 38.93 48.24
N ILE A 210 5.20 38.65 48.22
CA ILE A 210 4.37 38.63 46.99
C ILE A 210 3.06 39.33 47.30
N PRO A 211 2.34 39.76 46.25
CA PRO A 211 0.99 40.26 46.43
C PRO A 211 0.01 39.20 46.90
N PRO A 212 -1.07 39.61 47.60
CA PRO A 212 -2.18 38.70 47.89
C PRO A 212 -2.64 38.02 46.59
N ALA A 213 -2.76 36.69 46.62
CA ALA A 213 -3.06 35.85 45.44
C ALA A 213 -4.51 36.07 45.01
N THR A 214 -4.94 35.44 43.92
CA THR A 214 -6.30 35.63 43.35
C THR A 214 -7.37 35.24 44.38
N ASN A 215 -7.11 34.23 45.25
CA ASN A 215 -8.16 33.71 46.17
C ASN A 215 -8.37 34.69 47.35
N LEU A 216 -7.43 35.62 47.58
CA LEU A 216 -7.49 36.52 48.77
C LEU A 216 -8.02 37.90 48.40
N PRO A 217 -8.57 38.63 49.40
CA PRO A 217 -8.86 40.05 49.27
C PRO A 217 -7.56 40.83 49.17
N ILE A 218 -7.62 42.03 48.57
CA ILE A 218 -6.40 42.83 48.24
C ILE A 218 -5.83 43.45 49.53
N THR A 219 -6.60 43.43 50.62
CA THR A 219 -6.25 44.02 51.93
C THR A 219 -5.65 42.95 52.87
N GLU A 220 -5.62 41.69 52.45
CA GLU A 220 -5.12 40.59 53.34
C GLU A 220 -3.60 40.69 53.47
N ALA A 221 -3.09 40.36 54.67
CA ALA A 221 -1.65 40.14 54.91
C ALA A 221 -1.57 38.75 55.55
N CYS A 222 -0.77 37.85 54.97
CA CYS A 222 -0.79 36.40 55.32
C CYS A 222 0.64 35.86 55.19
N ALA A 223 1.18 35.28 56.27
CA ALA A 223 2.49 34.59 56.25
C ALA A 223 2.27 33.08 56.21
N THR A 224 3.01 32.37 55.36
CA THR A 224 2.92 30.90 55.20
C THR A 224 4.32 30.29 55.18
N ALA A 225 4.44 29.05 55.68
CA ALA A 225 5.61 28.20 55.43
C ALA A 225 5.88 28.21 53.91
N GLY A 226 7.09 28.57 53.51
CA GLY A 226 7.45 28.67 52.09
C GLY A 226 7.39 27.32 51.40
N PHE A 227 7.78 26.26 52.09
CA PHE A 227 7.78 24.89 51.55
C PHE A 227 7.31 23.95 52.65
N GLN A 228 6.39 23.05 52.31
CA GLN A 228 5.97 21.96 53.21
C GLN A 228 5.94 20.64 52.44
N PRO A 229 6.53 19.56 53.02
CA PRO A 229 6.39 18.22 52.45
C PRO A 229 4.94 17.71 52.61
N GLU A 230 4.60 16.62 51.94
CA GLU A 230 3.24 16.03 51.93
C GLU A 230 2.76 15.67 53.34
N GLY A 231 3.65 15.21 54.23
CA GLY A 231 3.26 14.77 55.59
C GLY A 231 2.70 15.91 56.43
N PHE A 232 2.34 15.67 57.69
CA PHE A 232 2.04 16.74 58.69
C PHE A 232 3.36 17.43 59.03
N PRO A 233 3.38 18.76 59.26
CA PRO A 233 4.64 19.45 59.56
C PRO A 233 5.20 19.05 60.93
N LYS A 234 6.53 18.99 61.03
N LYS A 234 6.52 18.97 61.03
CA LYS A 234 7.24 18.56 62.27
CA LYS A 234 7.23 18.55 62.27
C LYS A 234 7.75 19.79 63.01
C LYS A 234 7.75 19.79 63.01
N LEU A 235 7.49 19.88 64.32
CA LEU A 235 8.08 20.96 65.14
C LEU A 235 9.60 20.88 65.04
N GLY A 236 10.25 22.01 64.75
CA GLY A 236 11.71 22.15 64.66
C GLY A 236 12.19 22.12 63.20
N SER A 237 11.33 21.69 62.28
CA SER A 237 11.65 21.67 60.83
C SER A 237 11.31 23.04 60.20
N GLY A 238 12.33 23.80 59.84
CA GLY A 238 12.16 25.18 59.33
C GLY A 238 12.01 25.24 57.82
N SER A 239 11.41 26.34 57.39
CA SER A 239 11.43 26.74 55.97
C SER A 239 11.54 28.26 55.88
N PHE A 240 11.98 28.74 54.71
CA PHE A 240 11.77 30.15 54.35
C PHE A 240 10.28 30.44 54.48
N PHE A 241 9.91 31.70 54.66
CA PHE A 241 8.49 32.07 54.73
C PHE A 241 8.15 32.95 53.51
N THR A 242 6.90 32.81 53.11
CA THR A 242 6.25 33.63 52.05
C THR A 242 5.24 34.55 52.72
N VAL A 243 5.28 35.87 52.44
CA VAL A 243 4.26 36.79 52.96
C VAL A 243 3.50 37.35 51.76
N GLN A 244 2.17 37.19 51.77
CA GLN A 244 1.24 37.91 50.85
C GLN A 244 0.93 39.26 51.51
N PHE A 245 1.28 40.35 50.85
CA PHE A 245 1.27 41.69 51.47
C PHE A 245 1.24 42.76 50.37
N ASP A 246 0.47 43.82 50.59
CA ASP A 246 0.39 44.95 49.62
C ASP A 246 0.30 46.25 50.41
N PRO A 247 1.36 47.09 50.44
CA PRO A 247 1.36 48.28 51.28
C PRO A 247 0.50 49.43 50.74
N PHE A 248 -0.09 49.23 49.56
CA PHE A 248 -0.90 50.27 48.88
C PHE A 248 -2.33 50.28 49.42
N PHE A 249 -2.66 49.34 50.31
CA PHE A 249 -4.01 49.29 50.92
C PHE A 249 -3.83 49.00 52.39
N SER A 250 -4.77 49.48 53.18
CA SER A 250 -4.82 49.11 54.62
C SER A 250 -6.27 49.17 55.10
N THR A 251 -6.50 48.81 56.36
CA THR A 251 -7.85 48.79 56.97
C THR A 251 -7.83 49.67 58.22
N ARG A 252 -8.97 50.24 58.56
CA ARG A 252 -9.10 51.10 59.76
C ARG A 252 -9.18 50.21 61.00
N PHE A 253 -8.96 50.80 62.16
CA PHE A 253 -9.10 50.12 63.47
C PHE A 253 -9.64 51.12 64.49
N LYS A 254 -10.32 50.60 65.51
CA LYS A 254 -10.93 51.39 66.62
C LYS A 254 -9.96 51.34 67.81
N ALA A 255 -9.81 52.46 68.53
CA ALA A 255 -8.90 52.59 69.69
C ALA A 255 -9.50 51.87 70.90
N HIS A 256 -8.63 51.45 71.83
CA HIS A 256 -8.95 50.97 73.20
C HIS A 256 -10.35 50.34 73.23
N GLU A 257 -11.31 50.92 73.96
CA GLU A 257 -12.76 50.65 73.83
C GLU A 257 -13.52 51.99 73.94
N THR A 258 -13.02 53.00 73.20
CA THR A 258 -13.66 54.31 72.92
C THR A 258 -14.17 54.27 71.47
N ASP A 259 -13.91 55.30 70.66
CA ASP A 259 -14.25 55.31 69.20
C ASP A 259 -13.25 56.15 68.38
N ASP A 260 -12.01 56.27 68.84
CA ASP A 260 -10.92 57.00 68.14
C ASP A 260 -10.37 56.12 67.01
N VAL A 261 -10.78 56.37 65.76
CA VAL A 261 -10.48 55.49 64.59
C VAL A 261 -9.21 56.00 63.88
N ALA A 262 -8.44 55.08 63.34
CA ALA A 262 -7.17 55.34 62.63
C ALA A 262 -6.92 54.24 61.62
N LEU A 263 -5.89 54.39 60.80
CA LEU A 263 -5.51 53.39 59.78
C LEU A 263 -4.36 52.52 60.28
N LEU A 264 -4.45 51.20 60.09
CA LEU A 264 -3.31 50.30 60.33
C LEU A 264 -2.14 50.72 59.42
N ASP A 265 -0.96 50.85 60.03
CA ASP A 265 0.32 51.17 59.33
C ASP A 265 0.80 49.90 58.62
N PRO A 266 0.86 49.87 57.27
CA PRO A 266 1.35 48.67 56.60
C PRO A 266 2.75 48.20 57.02
N THR A 267 3.63 49.11 57.46
CA THR A 267 5.01 48.73 57.80
C THR A 267 4.94 47.88 59.09
N LEU A 268 3.97 48.18 59.95
CA LEU A 268 3.76 47.37 61.19
C LEU A 268 3.06 46.05 60.83
N THR A 269 2.06 46.09 59.94
CA THR A 269 1.41 44.85 59.43
C THR A 269 2.46 43.89 58.88
N LEU A 270 3.42 44.35 58.08
CA LEU A 270 4.45 43.45 57.53
C LEU A 270 5.37 42.94 58.67
N LEU A 271 5.72 43.78 59.64
CA LEU A 271 6.58 43.35 60.78
C LEU A 271 5.87 42.24 61.54
N HIS A 272 4.55 42.36 61.76
CA HIS A 272 3.74 41.28 62.38
C HIS A 272 3.89 39.99 61.57
N GLU A 273 3.65 40.06 60.26
CA GLU A 273 3.70 38.85 59.41
C GLU A 273 5.10 38.26 59.41
N MSE A 274 6.15 39.10 59.52
CA MSE A 274 7.52 38.59 59.42
C MSE A 274 7.92 37.98 60.76
O MSE A 274 8.90 37.26 60.80
CB MSE A 274 8.49 39.67 58.99
CG MSE A 274 8.30 40.00 57.52
SE MSE A 274 9.65 41.14 56.69
CE MSE A 274 9.64 42.57 58.01
N THR A 275 7.16 38.33 61.79
CA THR A 275 7.37 37.71 63.11
C THR A 275 6.82 36.28 63.06
N HIS A 276 5.60 36.06 62.55
CA HIS A 276 5.15 34.69 62.17
C HIS A 276 6.24 34.04 61.32
N GLY A 277 6.83 34.81 60.39
CA GLY A 277 7.90 34.33 59.52
C GLY A 277 9.03 33.66 60.29
N LEU A 278 9.57 34.39 61.28
CA LEU A 278 10.67 33.87 62.12
C LEU A 278 10.23 32.52 62.72
N HIS A 279 8.97 32.42 63.14
CA HIS A 279 8.42 31.16 63.72
C HIS A 279 8.43 30.04 62.66
N PHE A 280 8.13 30.37 61.37
CA PHE A 280 8.17 29.36 60.30
C PHE A 280 9.62 28.97 60.02
N GLN A 281 10.56 29.90 60.14
CA GLN A 281 11.99 29.64 59.84
C GLN A 281 12.53 28.59 60.82
N LYS A 282 11.98 28.57 62.02
CA LYS A 282 12.47 27.61 63.05
C LYS A 282 11.56 26.40 63.14
N GLY A 283 10.41 26.38 62.47
CA GLY A 283 9.44 25.27 62.59
C GLY A 283 8.76 25.25 63.95
N ILE A 284 8.42 26.41 64.51
CA ILE A 284 7.76 26.52 65.84
C ILE A 284 6.42 27.27 65.74
N ALA A 285 5.97 27.58 64.51
CA ALA A 285 4.78 28.42 64.29
C ALA A 285 3.48 27.63 64.45
N ASN A 286 3.47 26.34 64.11
CA ASN A 286 2.21 25.61 63.78
C ASN A 286 2.26 24.22 64.40
N PRO A 287 2.21 24.11 65.75
CA PRO A 287 2.23 22.80 66.39
C PRO A 287 0.95 22.02 66.02
N VAL A 288 1.10 20.78 65.57
CA VAL A 288 -0.06 19.90 65.26
C VAL A 288 0.17 18.54 65.93
N ASN A 289 -0.93 17.84 66.24
CA ASN A 289 -0.89 16.51 66.88
C ASN A 289 -0.72 15.45 65.79
N ARG A 290 -0.74 14.17 66.15
CA ARG A 290 -0.55 13.05 65.19
C ARG A 290 -1.72 12.96 64.21
N SER A 291 -2.86 13.59 64.52
CA SER A 291 -4.03 13.73 63.61
C SER A 291 -3.87 14.96 62.71
N GLY A 292 -2.86 15.80 62.95
CA GLY A 292 -2.61 17.01 62.15
C GLY A 292 -3.50 18.18 62.54
N GLU A 293 -4.08 18.15 63.74
CA GLU A 293 -4.93 19.24 64.30
C GLU A 293 -4.14 19.99 65.38
N THR A 294 -4.45 21.28 65.57
CA THR A 294 -3.86 22.13 66.63
C THR A 294 -4.27 21.58 67.99
N PRO A 295 -3.31 21.30 68.90
CA PRO A 295 -3.65 20.77 70.22
C PRO A 295 -4.34 21.83 71.10
N ALA A 296 -5.17 21.37 72.04
CA ALA A 296 -5.92 22.26 72.98
C ALA A 296 -4.94 23.23 73.65
N TRP A 297 -3.73 22.78 74.02
CA TRP A 297 -2.76 23.64 74.75
C TRP A 297 -2.21 24.77 73.88
N ALA A 298 -2.44 24.76 72.56
CA ALA A 298 -1.93 25.77 71.61
C ALA A 298 -2.97 26.84 71.34
N THR A 299 -4.15 26.75 71.95
CA THR A 299 -5.25 27.72 71.71
C THR A 299 -5.70 28.29 73.05
N THR A 300 -6.25 29.50 73.05
CA THR A 300 -6.84 30.13 74.27
C THR A 300 -8.14 30.83 73.88
N LYS A 312 -13.67 34.04 69.39
CA LYS A 312 -13.75 32.99 70.44
C LYS A 312 -12.34 32.42 70.67
N GLU A 313 -11.97 31.35 69.96
CA GLU A 313 -10.65 30.67 70.13
C GLU A 313 -9.59 31.45 69.34
N THR A 314 -8.44 31.72 69.95
CA THR A 314 -7.26 32.36 69.33
C THR A 314 -6.02 31.49 69.59
N PRO A 315 -5.23 31.14 68.55
CA PRO A 315 -3.98 30.42 68.77
C PRO A 315 -2.97 31.21 69.61
N MSE A 316 -2.20 30.51 70.45
CA MSE A 316 -1.11 31.14 71.20
C MSE A 316 -0.10 31.78 70.23
O MSE A 316 0.52 32.79 70.56
CB MSE A 316 -0.45 30.11 72.12
CG MSE A 316 0.44 30.72 73.16
SE MSE A 316 -0.56 31.85 74.41
CE MSE A 316 -1.64 30.64 75.45
N GLU A 317 0.07 31.17 69.06
CA GLU A 317 1.00 31.68 68.04
C GLU A 317 0.60 33.14 67.70
N GLU A 318 -0.70 33.43 67.65
CA GLU A 318 -1.18 34.81 67.32
C GLU A 318 -0.91 35.74 68.52
N LEU A 319 -1.24 35.33 69.75
CA LEU A 319 -1.09 36.25 70.92
C LEU A 319 0.40 36.56 71.15
N LEU A 320 1.30 35.60 71.01
CA LEU A 320 2.76 35.82 71.19
C LEU A 320 3.34 36.64 70.03
N THR A 321 2.69 36.67 68.88
CA THR A 321 3.17 37.49 67.74
C THR A 321 2.67 38.93 67.90
N PHE A 322 1.46 39.08 68.43
CA PHE A 322 0.71 40.36 68.54
C PHE A 322 1.16 41.15 69.79
N ASN A 323 0.95 40.57 70.97
CA ASN A 323 1.17 41.30 72.25
C ASN A 323 1.02 40.32 73.42
N LYS A 324 2.16 39.94 73.98
CA LYS A 324 2.29 39.10 75.21
C LYS A 324 1.25 39.55 76.25
N HIS A 325 1.03 40.85 76.39
CA HIS A 325 0.18 41.47 77.44
C HIS A 325 -1.29 41.08 77.23
N THR A 326 -1.70 40.66 76.04
CA THR A 326 -3.09 40.18 75.78
C THR A 326 -3.34 38.85 76.48
N ILE A 327 -2.29 38.11 76.86
CA ILE A 327 -2.45 36.79 77.54
C ILE A 327 -3.03 37.01 78.94
N ASP A 328 -2.51 37.99 79.69
CA ASP A 328 -3.00 38.36 81.03
C ASP A 328 -2.54 39.78 81.38
N ASP A 329 -3.34 40.51 82.17
CA ASP A 329 -3.02 41.89 82.64
C ASP A 329 -1.71 41.90 83.43
N ASP A 330 -1.42 40.83 84.18
CA ASP A 330 -0.16 40.73 84.96
C ASP A 330 0.93 40.17 84.01
N ILE A 331 2.00 40.93 83.80
CA ILE A 331 3.14 40.53 82.93
C ILE A 331 3.72 39.18 83.39
N GLU A 332 3.78 38.94 84.70
CA GLU A 332 4.42 37.69 85.20
C GLU A 332 3.53 36.49 84.87
N ILE A 333 2.21 36.63 84.94
CA ILE A 333 1.25 35.56 84.51
C ILE A 333 1.37 35.36 82.99
N SER A 334 1.43 36.45 82.22
CA SER A 334 1.65 36.37 80.75
C SER A 334 2.91 35.53 80.48
N ASP A 335 4.00 35.85 81.17
CA ASP A 335 5.32 35.18 80.96
C ASP A 335 5.20 33.71 81.36
N HIS A 336 4.44 33.40 82.42
CA HIS A 336 4.27 31.99 82.87
C HIS A 336 3.50 31.18 81.82
N LEU A 337 2.39 31.71 81.32
CA LEU A 337 1.57 30.99 80.30
C LEU A 337 2.39 30.86 78.99
N LYS A 338 3.20 31.85 78.67
CA LYS A 338 4.14 31.81 77.53
C LYS A 338 5.12 30.65 77.73
N SER A 339 5.72 30.58 78.92
CA SER A 339 6.70 29.52 79.29
C SER A 339 6.08 28.12 79.17
N THR A 340 4.84 27.94 79.62
CA THR A 340 4.10 26.65 79.55
C THR A 340 3.95 26.24 78.08
N TYR A 341 3.55 27.18 77.23
CA TYR A 341 3.37 26.93 75.77
C TYR A 341 4.71 26.51 75.14
N ILE A 342 5.78 27.26 75.40
CA ILE A 342 7.13 27.00 74.84
C ILE A 342 7.61 25.64 75.36
N GLY A 343 7.33 25.33 76.63
CA GLY A 343 7.60 24.00 77.19
C GLY A 343 7.01 22.88 76.37
N PHE A 344 5.75 22.99 75.96
CA PHE A 344 5.05 21.97 75.12
C PHE A 344 5.61 21.97 73.69
N LEU A 345 5.94 23.14 73.12
CA LEU A 345 6.60 23.15 71.79
C LEU A 345 7.90 22.33 71.87
N TYR A 346 8.66 22.54 72.93
CA TYR A 346 10.00 21.94 73.12
C TYR A 346 9.88 20.43 73.42
N ASN A 347 9.04 20.08 74.40
CA ASN A 347 9.00 18.70 74.96
C ASN A 347 7.91 17.85 74.29
N GLY A 348 7.01 18.49 73.55
CA GLY A 348 5.79 17.84 73.06
C GLY A 348 4.88 17.49 74.21
N ARG A 349 3.92 16.61 73.98
CA ARG A 349 2.99 16.16 75.05
C ARG A 349 2.43 14.79 74.69
N ASN A 350 2.47 13.86 75.66
CA ASN A 350 1.85 12.52 75.54
C ASN A 350 0.45 12.59 76.13
N GLU A 351 -0.56 12.21 75.34
CA GLU A 351 -1.99 12.16 75.77
C GLU A 351 -2.43 10.71 75.93
N ASP A 352 -3.45 10.48 76.76
CA ASP A 352 -4.07 9.12 76.95
C ASP A 352 -4.72 8.67 75.63
N ASP A 353 -5.15 9.61 74.78
CA ASP A 353 -5.50 9.33 73.36
C ASP A 353 -4.27 9.63 72.51
N PRO A 354 -3.53 8.60 72.01
CA PRO A 354 -2.26 8.83 71.31
C PRO A 354 -2.41 9.67 70.03
N THR A 355 -3.61 9.73 69.47
CA THR A 355 -3.93 10.54 68.27
C THR A 355 -3.80 12.05 68.60
N GLU A 356 -3.86 12.43 69.88
CA GLU A 356 -3.79 13.85 70.31
C GLU A 356 -2.38 14.21 70.84
N SER A 357 -1.48 13.23 70.90
CA SER A 357 -0.06 13.47 71.29
C SER A 357 0.63 14.39 70.28
N VAL A 358 1.60 15.16 70.76
CA VAL A 358 2.41 16.08 69.93
C VAL A 358 3.89 15.72 70.10
N ASP A 359 4.59 15.57 68.97
CA ASP A 359 6.05 15.37 68.93
C ASP A 359 6.71 16.74 69.01
N GLY A 360 7.55 16.94 70.03
CA GLY A 360 8.20 18.23 70.29
C GLY A 360 9.42 18.48 69.43
N VAL A 361 9.96 19.70 69.56
CA VAL A 361 11.20 20.12 68.87
C VAL A 361 12.34 19.21 69.32
N TYR A 362 12.47 18.95 70.63
CA TYR A 362 13.67 18.23 71.10
C TYR A 362 13.73 16.83 70.46
N GLN A 363 12.65 16.06 70.53
CA GLN A 363 12.66 14.68 70.00
C GLN A 363 12.82 14.70 68.48
N ASN A 364 12.18 15.66 67.81
CA ASN A 364 12.24 15.73 66.32
C ASN A 364 13.68 16.05 65.87
N VAL A 365 14.28 17.09 66.43
CA VAL A 365 15.64 17.55 66.05
C VAL A 365 16.66 16.50 66.50
N SER A 366 16.54 15.98 67.73
CA SER A 366 17.57 15.00 68.19
C SER A 366 17.47 13.74 67.33
N SER A 367 16.28 13.25 66.98
CA SER A 367 16.06 12.06 66.12
C SER A 367 16.68 12.32 64.72
N PHE A 368 16.42 13.49 64.19
CA PHE A 368 16.98 13.87 62.85
C PHE A 368 18.51 13.83 62.93
N LEU A 369 19.12 14.52 63.90
CA LEU A 369 20.60 14.67 63.94
C LEU A 369 21.26 13.34 64.35
N ASN A 370 20.56 12.50 65.13
CA ASN A 370 21.10 11.21 65.59
C ASN A 370 21.36 10.29 64.38
N GLN A 371 20.70 10.51 63.23
CA GLN A 371 20.93 9.70 62.01
C GLN A 371 22.38 9.81 61.55
N TYR A 372 23.05 10.94 61.85
CA TYR A 372 24.41 11.26 61.36
C TYR A 372 25.48 10.61 62.24
N ARG A 373 25.11 10.02 63.40
CA ARG A 373 26.09 9.41 64.34
C ARG A 373 27.03 8.48 63.58
N GLY A 374 28.34 8.75 63.63
CA GLY A 374 29.40 7.90 63.07
C GLY A 374 29.69 8.12 61.60
N PHE A 375 28.95 8.99 60.90
CA PHE A 375 29.17 9.25 59.45
C PHE A 375 30.10 10.47 59.29
N GLU A 376 31.06 10.38 58.38
CA GLU A 376 31.89 11.52 57.98
C GLU A 376 30.97 12.53 57.27
N ILE A 377 30.97 13.79 57.70
CA ILE A 377 30.22 14.90 57.05
C ILE A 377 31.17 16.06 56.79
N SER A 378 30.89 16.86 55.76
CA SER A 378 31.71 18.05 55.49
C SER A 378 31.65 19.03 56.65
N SER A 379 32.70 19.84 56.84
CA SER A 379 32.71 20.93 57.84
C SER A 379 31.59 21.92 57.49
N ASP A 380 31.35 22.17 56.19
CA ASP A 380 30.27 23.10 55.78
C ASP A 380 28.91 22.62 56.32
N PHE A 381 28.57 21.33 56.19
CA PHE A 381 27.27 20.79 56.68
C PHE A 381 27.27 20.79 58.23
N GLN A 382 28.38 20.40 58.85
CA GLN A 382 28.55 20.47 60.31
C GLN A 382 28.22 21.88 60.83
N HIS A 383 28.88 22.91 60.28
CA HIS A 383 28.72 24.33 60.71
C HIS A 383 27.29 24.81 60.43
N PHE A 384 26.70 24.40 59.31
CA PHE A 384 25.30 24.72 58.94
C PHE A 384 24.37 24.29 60.08
N ILE A 385 24.48 23.03 60.52
CA ILE A 385 23.63 22.47 61.60
C ILE A 385 23.95 23.16 62.93
N GLU A 386 25.24 23.35 63.23
CA GLU A 386 25.69 23.96 64.52
C GLU A 386 25.05 25.35 64.65
N SER A 387 25.08 26.12 63.58
CA SER A 387 24.61 27.52 63.54
C SER A 387 23.08 27.57 63.62
N CYS A 388 22.42 26.64 62.93
CA CYS A 388 20.93 26.56 62.89
C CYS A 388 20.37 26.29 64.29
N TYR A 389 20.85 25.25 64.96
CA TYR A 389 20.19 24.78 66.22
C TYR A 389 20.99 25.20 67.45
N GLY A 390 22.19 25.75 67.25
CA GLY A 390 23.06 26.17 68.37
C GLY A 390 23.60 24.96 69.10
N VAL A 391 23.98 23.92 68.34
CA VAL A 391 24.51 22.63 68.84
C VAL A 391 25.99 22.55 68.47
N LYS A 392 26.67 21.54 69.02
CA LYS A 392 28.11 21.31 68.83
C LYS A 392 28.28 19.94 68.21
N TYR A 393 29.50 19.61 67.82
CA TYR A 393 29.81 18.38 67.09
C TYR A 393 31.01 17.74 67.78
N ASN A 394 30.90 16.44 68.02
CA ASN A 394 31.96 15.61 68.63
C ASN A 394 32.72 14.97 67.47
N GLN A 395 33.94 15.42 67.21
CA GLN A 395 34.79 14.91 66.09
C GLN A 395 35.14 13.43 66.35
N GLU A 396 35.35 13.06 67.61
CA GLU A 396 35.86 11.70 67.97
C GLU A 396 34.79 10.66 67.61
N SER A 397 33.53 10.88 67.98
CA SER A 397 32.40 9.94 67.70
C SER A 397 31.62 10.36 66.45
N LYS A 398 32.04 11.43 65.75
CA LYS A 398 31.35 11.96 64.56
C LYS A 398 29.84 12.08 64.85
N LYS A 399 29.46 12.86 65.85
CA LYS A 399 28.03 12.98 66.20
C LYS A 399 27.76 14.39 66.72
N PHE A 400 26.56 14.87 66.44
CA PHE A 400 26.04 16.15 66.96
C PHE A 400 25.78 15.96 68.45
N ILE A 401 26.17 16.96 69.23
CA ILE A 401 25.91 17.04 70.70
C ILE A 401 24.65 17.88 70.83
N VAL A 402 23.51 17.26 71.11
CA VAL A 402 22.19 17.94 71.09
C VAL A 402 21.78 18.25 72.54
N ASN A 403 22.38 19.31 73.11
CA ASN A 403 22.17 19.72 74.52
C ASN A 403 20.74 20.22 74.69
N PRO A 404 19.95 19.69 75.65
CA PRO A 404 18.61 20.19 75.90
C PRO A 404 18.50 21.71 76.07
N ARG A 405 19.40 22.33 76.84
CA ARG A 405 19.35 23.79 77.11
C ARG A 405 19.46 24.53 75.77
N ASN A 406 20.29 24.04 74.86
CA ASN A 406 20.50 24.71 73.54
C ASN A 406 19.20 24.66 72.73
N ILE A 407 18.52 23.51 72.70
CA ILE A 407 17.27 23.38 71.89
C ILE A 407 16.14 24.18 72.56
N LYS A 408 16.11 24.23 73.89
CA LYS A 408 15.13 25.10 74.59
C LYS A 408 15.33 26.57 74.17
N ARG A 409 16.59 27.03 74.11
CA ARG A 409 16.95 28.42 73.76
C ARG A 409 16.52 28.69 72.31
N TYR A 410 16.71 27.70 71.42
CA TYR A 410 16.30 27.78 70.00
C TYR A 410 14.81 28.14 69.95
N VAL A 411 13.97 27.48 70.75
CA VAL A 411 12.52 27.74 70.74
C VAL A 411 12.23 29.09 71.40
N GLN A 412 12.80 29.34 72.59
CA GLN A 412 12.59 30.59 73.36
C GLN A 412 12.95 31.82 72.50
N ASP A 413 14.12 31.76 71.86
CA ASP A 413 14.64 32.87 71.02
C ASP A 413 13.62 33.24 69.94
N GLY A 414 12.80 32.30 69.46
CA GLY A 414 11.83 32.57 68.36
C GLY A 414 10.78 33.58 68.76
N PHE A 415 10.56 33.79 70.06
CA PHE A 415 9.46 34.65 70.58
C PHE A 415 10.01 35.88 71.31
N PHE A 416 11.23 36.33 70.98
CA PHE A 416 11.94 37.45 71.65
C PHE A 416 11.27 38.80 71.37
N ILE A 417 10.51 38.93 70.28
CA ILE A 417 9.89 40.23 69.91
C ILE A 417 8.47 40.00 69.36
N ASP A 418 7.62 41.00 69.52
CA ASP A 418 6.22 40.97 69.06
C ASP A 418 5.87 42.34 68.44
N GLU A 419 4.69 42.38 67.83
CA GLU A 419 4.17 43.61 67.16
C GLU A 419 4.12 44.78 68.15
N ALA A 420 3.64 44.56 69.37
CA ALA A 420 3.51 45.64 70.37
C ALA A 420 4.86 46.27 70.65
N LYS A 421 5.93 45.46 70.71
CA LYS A 421 7.30 45.98 70.97
C LYS A 421 7.73 46.83 69.77
N PHE A 422 7.54 46.32 68.57
CA PHE A 422 7.83 47.11 67.34
C PHE A 422 7.08 48.45 67.41
N ALA A 423 5.80 48.42 67.80
CA ALA A 423 4.93 49.62 67.79
C ALA A 423 5.48 50.64 68.77
N ARG A 424 5.97 50.19 69.94
CA ARG A 424 6.54 51.11 70.96
C ARG A 424 7.84 51.73 70.43
N ILE A 425 8.72 50.92 69.83
CA ILE A 425 10.04 51.40 69.35
C ILE A 425 9.78 52.44 68.23
N LEU A 426 8.80 52.17 67.37
CA LEU A 426 8.58 52.97 66.12
C LEU A 426 7.52 54.03 66.33
N ASN A 427 6.87 54.09 67.50
CA ASN A 427 5.76 55.02 67.80
C ASN A 427 4.69 54.88 66.72
N ILE A 428 4.29 53.65 66.42
CA ILE A 428 3.17 53.34 65.49
C ILE A 428 1.94 52.94 66.32
N LYS A 429 0.79 53.50 65.95
CA LYS A 429 -0.51 53.22 66.59
C LYS A 429 -1.02 51.86 66.11
N THR A 430 -1.45 50.99 67.02
CA THR A 430 -2.03 49.69 66.61
C THR A 430 -3.18 49.32 67.54
N ARG A 431 -3.87 48.21 67.25
CA ARG A 431 -5.01 47.71 68.06
C ARG A 431 -4.46 47.39 69.45
N SER A 432 -5.22 47.69 70.51
CA SER A 432 -4.99 47.19 71.89
C SER A 432 -5.37 45.70 71.94
N TYR A 433 -6.48 45.37 71.25
CA TYR A 433 -7.03 44.01 71.05
C TYR A 433 -6.51 43.07 72.15
N PRO A 438 -16.56 45.22 63.83
CA PRO A 438 -18.02 45.10 63.84
C PRO A 438 -18.67 46.27 64.60
N ASP A 439 -18.95 47.36 63.88
CA ASP A 439 -19.21 48.71 64.47
C ASP A 439 -20.24 49.52 63.66
N ASN A 440 -20.33 49.29 62.34
CA ASN A 440 -21.21 50.04 61.40
C ASN A 440 -20.64 51.45 61.17
N LEU A 441 -19.31 51.60 61.19
CA LEU A 441 -18.63 52.92 61.05
C LEU A 441 -18.19 53.13 59.59
N GLY A 442 -18.85 52.43 58.67
CA GLY A 442 -18.69 52.63 57.21
C GLY A 442 -17.48 51.88 56.68
N VAL A 443 -16.88 52.39 55.62
CA VAL A 443 -15.87 51.66 54.79
C VAL A 443 -14.67 51.30 55.67
N TRP A 444 -14.15 50.09 55.50
CA TRP A 444 -12.97 49.56 56.25
C TRP A 444 -11.68 49.86 55.50
N SER A 445 -11.70 49.77 54.16
CA SER A 445 -10.50 49.66 53.30
C SER A 445 -10.12 51.02 52.71
N TYR A 446 -8.84 51.35 52.81
CA TYR A 446 -8.23 52.63 52.37
C TYR A 446 -7.05 52.35 51.46
N ARG A 447 -6.86 53.26 50.49
CA ARG A 447 -5.61 53.34 49.71
C ARG A 447 -4.56 54.06 50.55
N VAL A 448 -3.31 53.65 50.38
CA VAL A 448 -2.13 54.26 51.06
C VAL A 448 -1.17 54.76 49.97
N ASP A 449 -0.92 56.06 49.97
CA ASP A 449 -0.12 56.79 48.94
C ASP A 449 1.38 56.61 49.23
N ILE A 450 1.87 55.37 49.16
CA ILE A 450 3.29 55.02 49.54
C ILE A 450 4.27 55.84 48.71
N LEU A 451 3.92 56.16 47.44
CA LEU A 451 4.87 56.81 46.53
C LEU A 451 4.62 58.33 46.46
N ASN A 452 3.83 58.89 47.40
CA ASN A 452 3.75 60.35 47.64
C ASN A 452 3.27 61.07 46.36
N ARG A 453 2.24 60.54 45.71
N ARG A 453 2.25 60.51 45.72
CA ARG A 453 1.60 61.23 44.55
CA ARG A 453 1.58 61.13 44.52
C ARG A 453 0.60 62.28 45.04
C ARG A 453 0.57 62.20 45.00
N LEU A 454 -0.02 62.06 46.19
CA LEU A 454 -1.09 62.95 46.71
C LEU A 454 -0.51 63.99 47.67
N ARG A 455 0.36 63.54 48.57
CA ARG A 455 0.94 64.33 49.68
C ARG A 455 2.25 63.69 50.10
N GLU A 456 2.96 64.31 51.05
CA GLU A 456 4.10 63.66 51.74
C GLU A 456 3.51 62.61 52.67
N THR A 457 3.35 61.38 52.17
CA THR A 457 2.62 60.30 52.89
C THR A 457 3.60 59.35 53.56
N PHE A 458 4.66 58.96 52.86
CA PHE A 458 5.59 57.92 53.33
C PHE A 458 7.03 58.39 53.11
N ASP A 459 7.82 58.37 54.17
CA ASP A 459 9.21 58.87 54.18
C ASP A 459 10.12 57.69 54.47
N GLU A 460 11.30 57.62 53.84
CA GLU A 460 12.25 56.49 54.10
C GLU A 460 12.83 56.57 55.52
N ASP A 461 12.87 57.74 56.15
CA ASP A 461 13.41 57.89 57.54
C ASP A 461 12.28 57.68 58.56
N ARG A 462 11.11 58.28 58.35
CA ARG A 462 10.02 58.37 59.36
C ARG A 462 8.94 57.31 59.12
N GLY A 463 8.85 56.76 57.91
CA GLY A 463 7.80 55.80 57.50
C GLY A 463 6.51 56.52 57.22
N LEU A 464 5.38 55.91 57.61
CA LEU A 464 4.04 56.49 57.38
C LEU A 464 3.89 57.75 58.23
N LEU A 465 3.68 58.92 57.65
CA LEU A 465 3.73 60.18 58.42
C LEU A 465 2.39 60.47 59.09
N SER A 466 1.33 59.75 58.75
CA SER A 466 0.03 59.90 59.47
C SER A 466 -0.85 58.66 59.30
N GLN A 467 -1.44 58.19 60.41
CA GLN A 467 -2.46 57.11 60.38
C GLN A 467 -3.87 57.71 60.47
N GLU A 468 -4.04 59.03 60.41
CA GLU A 468 -5.40 59.63 60.48
C GLU A 468 -6.17 59.25 59.21
N LEU A 469 -7.45 58.87 59.33
CA LEU A 469 -8.24 58.39 58.16
C LEU A 469 -8.40 59.50 57.11
N ASP A 470 -8.55 60.77 57.52
CA ASP A 470 -8.74 61.89 56.57
C ASP A 470 -7.43 62.15 55.82
N PHE A 471 -6.34 61.45 56.15
CA PHE A 471 -5.04 61.60 55.44
C PHE A 471 -4.94 60.59 54.28
N HIS A 472 -5.91 59.67 54.18
CA HIS A 472 -5.91 58.54 53.22
C HIS A 472 -7.20 58.55 52.40
N THR A 473 -7.20 57.83 51.29
CA THR A 473 -8.34 57.77 50.34
C THR A 473 -9.14 56.48 50.58
N ALA A 474 -10.39 56.61 51.03
CA ALA A 474 -11.31 55.47 51.21
C ALA A 474 -11.55 54.84 49.84
N LEU A 475 -11.56 53.50 49.79
CA LEU A 475 -12.16 52.75 48.66
C LEU A 475 -13.68 52.96 48.69
N THR A 476 -14.34 52.64 47.58
CA THR A 476 -15.80 52.87 47.36
C THR A 476 -16.45 51.54 46.95
N PRO A 477 -16.63 50.60 47.91
CA PRO A 477 -17.23 49.31 47.60
C PRO A 477 -18.66 49.47 47.06
N VAL A 478 -18.99 48.70 46.02
CA VAL A 478 -20.37 48.64 45.44
C VAL A 478 -21.30 48.01 46.47
N VAL A 479 -20.78 47.09 47.30
CA VAL A 479 -21.50 46.52 48.47
C VAL A 479 -20.65 45.40 49.08
N ASP B 24 41.28 31.91 63.75
CA ASP B 24 41.76 31.14 62.57
C ASP B 24 43.25 31.36 62.30
N VAL B 25 43.84 32.47 62.74
CA VAL B 25 45.28 32.75 62.46
C VAL B 25 46.13 31.71 63.18
N LEU B 26 46.86 30.91 62.41
CA LEU B 26 47.72 29.78 62.89
C LEU B 26 46.89 28.82 63.77
N GLU B 27 45.58 28.68 63.51
CA GLU B 27 44.77 27.63 64.17
C GLU B 27 45.19 26.29 63.58
N MSE B 28 45.60 25.37 64.45
CA MSE B 28 46.28 24.17 64.02
C MSE B 28 45.24 23.07 63.78
O MSE B 28 44.52 22.72 64.71
CB MSE B 28 47.31 23.80 65.08
CG MSE B 28 48.27 24.95 65.36
SE MSE B 28 49.20 25.46 63.70
CE MSE B 28 50.00 23.72 63.52
N PHE B 29 45.19 22.56 62.56
CA PHE B 29 44.27 21.47 62.23
C PHE B 29 44.68 20.20 62.97
N ASP B 30 43.73 19.29 63.18
CA ASP B 30 43.98 17.98 63.83
C ASP B 30 44.59 17.03 62.80
N VAL B 31 45.88 17.21 62.55
CA VAL B 31 46.65 16.47 61.50
C VAL B 31 47.90 15.91 62.16
N ASN B 32 48.14 14.61 61.97
CA ASN B 32 49.31 13.89 62.52
C ASN B 32 50.18 13.40 61.38
N TYR B 33 51.43 13.10 61.67
CA TYR B 33 52.37 12.51 60.67
C TYR B 33 51.70 11.31 59.99
N GLU B 34 50.98 10.47 60.76
CA GLU B 34 50.42 9.19 60.25
C GLU B 34 49.01 9.41 59.68
N SER B 35 48.48 10.64 59.65
CA SER B 35 47.11 10.89 59.11
C SER B 35 47.09 10.39 57.67
N PRO B 36 46.07 9.60 57.27
CA PRO B 36 46.09 8.95 55.95
C PRO B 36 45.97 9.92 54.77
N ILE B 37 46.77 9.67 53.75
CA ILE B 37 46.77 10.47 52.50
C ILE B 37 45.42 10.29 51.80
N LEU B 38 44.93 11.34 51.13
CA LEU B 38 43.68 11.23 50.35
C LEU B 38 43.89 10.22 49.20
N GLU B 39 43.01 9.24 49.09
CA GLU B 39 43.06 8.22 48.01
C GLU B 39 41.78 8.22 47.16
N SER B 40 40.70 8.85 47.63
CA SER B 40 39.40 8.95 46.89
C SER B 40 38.77 10.30 47.21
N PHE B 41 38.00 10.84 46.27
CA PHE B 41 37.31 12.13 46.45
C PHE B 41 35.98 12.11 45.70
N ASP B 42 34.90 12.33 46.44
CA ASP B 42 33.51 12.45 45.93
C ASP B 42 33.02 13.88 46.18
N SER B 43 33.01 14.74 45.15
CA SER B 43 32.68 16.17 45.28
C SER B 43 31.24 16.38 45.75
N THR B 44 30.37 15.36 45.65
CA THR B 44 28.92 15.45 46.01
C THR B 44 28.74 15.35 47.52
N THR B 45 29.71 14.76 48.25
CA THR B 45 29.65 14.59 49.72
C THR B 45 30.92 15.12 50.42
N GLN B 46 31.97 15.47 49.68
CA GLN B 46 33.25 15.88 50.30
C GLN B 46 33.67 17.23 49.73
N SER B 47 34.42 17.98 50.53
CA SER B 47 35.00 19.30 50.17
C SER B 47 36.52 19.21 50.23
N LEU B 48 37.23 19.79 49.26
CA LEU B 48 38.71 19.82 49.27
C LEU B 48 39.21 20.67 50.45
N ASN B 49 38.41 21.63 50.93
CA ASN B 49 38.77 22.48 52.10
C ASN B 49 39.05 21.58 53.32
N ASP B 50 38.37 20.43 53.41
CA ASP B 50 38.44 19.48 54.56
C ASP B 50 39.60 18.49 54.40
N VAL B 51 40.19 18.42 53.21
CA VAL B 51 41.34 17.52 52.90
C VAL B 51 42.61 18.18 53.42
N HIS B 52 43.35 17.50 54.29
CA HIS B 52 44.57 18.09 54.92
C HIS B 52 45.82 17.24 54.68
N VAL B 53 45.70 16.06 54.10
CA VAL B 53 46.87 15.22 53.74
C VAL B 53 46.65 14.66 52.34
N PHE B 54 47.52 15.02 51.40
CA PHE B 54 47.26 14.75 49.97
C PHE B 54 48.56 14.84 49.20
N MSE B 55 48.58 14.12 48.06
CA MSE B 55 49.66 14.27 47.10
C MSE B 55 49.40 15.52 46.25
O MSE B 55 48.26 15.79 45.84
CB MSE B 55 49.77 13.03 46.21
CG MSE B 55 51.04 12.97 45.42
SE MSE B 55 52.61 12.67 46.53
CE MSE B 55 52.49 10.77 46.93
N SER B 56 50.48 16.27 46.03
CA SER B 56 50.43 17.50 45.25
C SER B 56 51.70 17.59 44.40
N ARG B 57 51.95 18.77 43.80
CA ARG B 57 53.20 19.02 43.06
C ARG B 57 53.52 20.51 43.18
N ILE B 58 54.79 20.86 43.26
CA ILE B 58 55.27 22.27 43.25
C ILE B 58 56.49 22.34 42.34
N GLN B 59 56.74 23.53 41.79
CA GLN B 59 57.99 23.80 41.04
C GLN B 59 59.18 23.80 41.99
N MSE B 60 60.31 23.30 41.48
CA MSE B 60 61.61 23.46 42.09
C MSE B 60 62.64 23.77 41.00
O MSE B 60 62.41 23.49 39.83
CB MSE B 60 62.01 22.18 42.83
CG MSE B 60 61.06 21.77 43.92
SE MSE B 60 61.12 23.08 45.39
CE MSE B 60 62.90 22.79 46.10
N SER B 61 63.76 24.36 41.40
CA SER B 61 64.90 24.53 40.52
C SER B 61 65.69 23.23 40.50
N ALA B 62 65.74 22.55 39.36
CA ALA B 62 66.42 21.24 39.18
C ALA B 62 67.76 21.47 38.45
N TYR B 63 68.85 21.00 39.04
CA TYR B 63 70.24 21.17 38.52
C TYR B 63 70.73 19.81 37.99
N ASP B 64 71.55 19.83 36.94
CA ASP B 64 72.12 18.58 36.35
C ASP B 64 73.65 18.62 36.51
N ALA B 65 74.32 17.57 36.06
CA ALA B 65 75.76 17.25 36.32
C ALA B 65 76.61 18.52 36.39
N ASP B 66 76.56 19.36 35.36
CA ASP B 66 77.44 20.55 35.22
C ASP B 66 76.68 21.82 35.66
N GLY B 67 75.89 21.73 36.73
CA GLY B 67 75.40 22.85 37.55
C GLY B 67 74.34 23.70 36.88
N GLU B 68 73.77 23.27 35.75
CA GLU B 68 72.74 24.03 34.98
C GLU B 68 71.36 23.82 35.61
N GLY B 69 70.66 24.92 35.95
CA GLY B 69 69.36 24.90 36.65
C GLY B 69 68.19 25.17 35.71
N ARG B 70 67.07 24.46 35.90
CA ARG B 70 65.79 24.75 35.18
C ARG B 70 64.61 24.45 36.11
N ILE B 71 63.49 25.14 35.91
CA ILE B 71 62.27 24.97 36.76
C ILE B 71 61.50 23.75 36.27
N GLU B 72 61.20 22.81 37.19
CA GLU B 72 60.42 21.57 36.91
C GLU B 72 59.45 21.33 38.08
N TYR B 73 58.26 20.79 37.81
CA TYR B 73 57.34 20.34 38.87
C TYR B 73 57.93 19.06 39.50
N ARG B 74 57.72 18.91 40.80
CA ARG B 74 58.04 17.70 41.59
C ARG B 74 56.81 17.33 42.41
N ASN B 75 56.43 16.04 42.38
CA ASN B 75 55.36 15.49 43.26
C ASN B 75 55.85 15.51 44.69
N LEU B 76 54.97 15.84 45.64
CA LEU B 76 55.29 15.71 47.08
C LEU B 76 54.01 15.56 47.88
N LYS B 77 54.14 14.91 49.04
CA LYS B 77 53.02 14.73 49.97
C LYS B 77 52.96 15.97 50.86
N LEU B 78 51.81 16.61 50.90
CA LEU B 78 51.56 17.83 51.70
C LEU B 78 50.65 17.51 52.89
N TYR B 79 50.97 18.16 53.99
CA TYR B 79 50.09 18.28 55.18
C TYR B 79 49.68 19.74 55.34
N GLU B 80 48.37 19.97 55.34
CA GLU B 80 47.82 21.31 55.66
C GLU B 80 47.73 21.43 57.19
N ILE B 81 48.66 22.14 57.82
CA ILE B 81 48.73 22.27 59.31
C ILE B 81 47.81 23.40 59.79
N SER B 82 47.50 24.36 58.93
CA SER B 82 46.62 25.51 59.22
C SER B 82 46.12 26.02 57.86
N SER B 83 45.03 26.79 57.82
CA SER B 83 44.41 27.16 56.52
C SER B 83 45.47 27.78 55.59
N GLY B 84 45.72 27.14 54.44
CA GLY B 84 46.62 27.69 53.40
C GLY B 84 48.09 27.51 53.71
N ILE B 85 48.43 26.78 54.79
CA ILE B 85 49.84 26.57 55.19
C ILE B 85 50.12 25.06 55.11
N PHE B 86 51.04 24.68 54.24
CA PHE B 86 51.35 23.27 53.88
C PHE B 86 52.79 22.98 54.26
N ILE B 87 53.03 21.78 54.79
CA ILE B 87 54.41 21.27 55.01
C ILE B 87 54.55 19.90 54.34
N SER B 88 55.77 19.59 53.94
CA SER B 88 56.18 18.26 53.43
C SER B 88 57.39 17.79 54.24
N THR B 89 57.52 16.49 54.42
CA THR B 89 58.73 15.85 54.99
C THR B 89 59.60 15.31 53.85
N ASP B 90 59.17 15.49 52.60
CA ASP B 90 59.86 14.95 51.40
C ASP B 90 61.07 15.84 51.07
N ARG B 91 62.26 15.26 50.99
CA ARG B 91 63.45 15.97 50.47
C ARG B 91 63.47 15.82 48.95
N LEU B 92 63.19 16.88 48.21
CA LEU B 92 62.96 16.78 46.74
C LEU B 92 64.29 16.60 46.00
N ASP B 93 64.28 15.77 44.96
CA ASP B 93 65.45 15.50 44.09
C ASP B 93 65.56 16.65 43.09
N THR B 94 66.45 17.60 43.39
CA THR B 94 66.80 18.78 42.56
C THR B 94 68.22 18.62 42.02
N GLY B 95 68.75 17.40 42.05
CA GLY B 95 70.12 17.09 41.57
C GLY B 95 71.12 17.07 42.72
N ALA B 96 72.36 16.71 42.40
CA ALA B 96 73.50 16.57 43.33
C ALA B 96 73.91 17.96 43.86
N SER B 97 74.37 18.02 45.12
CA SER B 97 74.89 19.25 45.76
C SER B 97 76.26 19.59 45.18
N GLY B 98 77.00 18.57 44.76
CA GLY B 98 78.39 18.69 44.25
C GLY B 98 79.39 18.73 45.38
N VAL B 99 78.95 18.44 46.61
CA VAL B 99 79.81 18.37 47.83
C VAL B 99 79.68 16.97 48.43
N GLU B 100 80.80 16.41 48.88
CA GLU B 100 80.85 15.05 49.48
C GLU B 100 80.19 15.09 50.87
N ASP B 101 79.57 13.98 51.28
CA ASP B 101 78.82 13.87 52.56
C ASP B 101 79.73 14.32 53.71
N ASP B 102 79.19 15.15 54.60
CA ASP B 102 79.78 15.53 55.92
C ASP B 102 80.98 16.46 55.72
N HIS B 103 81.06 17.14 54.58
CA HIS B 103 81.96 18.31 54.35
C HIS B 103 81.22 19.58 54.75
N GLU B 104 81.96 20.57 55.26
CA GLU B 104 81.41 21.87 55.74
C GLU B 104 82.22 23.02 55.13
N MSE B 105 81.50 23.97 54.54
CA MSE B 105 82.06 25.23 54.07
C MSE B 105 81.11 26.34 54.52
O MSE B 105 80.29 26.83 53.74
CB MSE B 105 82.22 25.22 52.55
CG MSE B 105 83.26 24.24 52.04
SE MSE B 105 82.40 22.73 51.14
CE MSE B 105 81.90 23.29 49.32
N VAL B 106 81.25 26.71 55.79
CA VAL B 106 80.22 27.41 56.55
C VAL B 106 78.99 26.49 56.67
N ASP B 107 78.29 26.22 55.56
CA ASP B 107 77.11 25.30 55.54
C ASP B 107 77.59 23.85 55.52
N TYR B 108 76.73 22.94 55.97
CA TYR B 108 77.06 21.51 56.16
C TYR B 108 76.28 20.67 55.15
N TYR B 109 76.98 19.80 54.43
CA TYR B 109 76.39 19.00 53.31
C TYR B 109 76.30 17.53 53.74
N SER B 110 75.12 16.94 53.57
CA SER B 110 74.91 15.47 53.66
C SER B 110 73.76 15.05 52.74
N SER B 111 74.04 14.12 51.81
CA SER B 111 73.00 13.50 50.96
C SER B 111 72.07 12.62 51.80
N ALA B 112 72.51 12.15 52.98
CA ALA B 112 71.78 11.18 53.83
C ALA B 112 70.56 11.84 54.50
N ARG B 113 70.67 13.10 54.94
CA ARG B 113 69.57 13.81 55.65
C ARG B 113 68.25 13.65 54.86
N LEU B 114 67.23 13.06 55.51
CA LEU B 114 65.85 12.85 55.00
C LEU B 114 65.84 12.10 53.66
N THR B 115 66.85 11.24 53.39
CA THR B 115 66.88 10.28 52.24
C THR B 115 67.18 8.84 52.72
N ARG B 116 68.04 8.68 53.71
CA ARG B 116 68.38 7.35 54.30
C ARG B 116 68.74 7.56 55.77
N GLU B 117 69.34 6.57 56.42
CA GLU B 117 69.80 6.71 57.82
C GLU B 117 70.78 7.89 57.89
N PHE B 118 70.60 8.77 58.88
CA PHE B 118 71.52 9.91 59.15
C PHE B 118 71.65 10.09 60.67
N LEU B 119 72.89 10.21 61.16
CA LEU B 119 73.20 10.43 62.60
C LEU B 119 72.45 9.41 63.48
N GLY B 120 72.37 8.15 63.04
CA GLY B 120 71.80 7.02 63.80
C GLY B 120 70.29 7.08 63.88
N GLU B 121 69.64 7.79 62.95
CA GLU B 121 68.16 7.92 62.89
C GLU B 121 67.66 7.42 61.53
N SER B 122 66.67 6.50 61.54
CA SER B 122 66.00 5.98 60.32
C SER B 122 65.36 7.13 59.53
N LEU B 123 65.14 6.91 58.23
CA LEU B 123 64.45 7.88 57.35
C LEU B 123 63.06 8.18 57.93
N ASP B 124 62.33 7.15 58.37
CA ASP B 124 60.95 7.29 58.92
C ASP B 124 60.99 8.15 60.21
N SER B 125 61.93 7.88 61.13
CA SER B 125 62.13 8.69 62.37
C SER B 125 62.43 10.15 62.00
N GLN B 126 63.33 10.40 61.06
CA GLN B 126 63.66 11.77 60.60
C GLN B 126 62.41 12.51 60.07
N LYS B 127 61.60 11.83 59.25
CA LYS B 127 60.39 12.43 58.60
C LYS B 127 59.35 12.75 59.68
N SER B 128 59.08 11.80 60.57
CA SER B 128 58.18 11.98 61.73
C SER B 128 58.64 13.21 62.55
N ASP B 129 59.93 13.26 62.89
CA ASP B 129 60.50 14.36 63.73
C ASP B 129 60.39 15.69 63.00
N TYR B 130 60.68 15.71 61.71
CA TYR B 130 60.58 16.95 60.89
C TYR B 130 59.15 17.52 61.01
N PHE B 131 58.16 16.66 60.76
CA PHE B 131 56.72 17.05 60.86
C PHE B 131 56.44 17.65 62.25
N GLU B 132 56.78 16.90 63.31
CA GLU B 132 56.60 17.36 64.71
C GLU B 132 57.35 18.67 64.97
N GLY B 133 58.59 18.80 64.51
CA GLY B 133 59.43 19.98 64.77
C GLY B 133 58.86 21.24 64.11
N ILE B 134 58.38 21.13 62.88
CA ILE B 134 57.77 22.30 62.17
C ILE B 134 56.50 22.71 62.92
N LYS B 135 55.68 21.75 63.34
CA LYS B 135 54.43 22.05 64.09
C LYS B 135 54.80 22.75 65.40
N LYS B 136 55.84 22.29 66.08
CA LYS B 136 56.26 22.93 67.36
C LYS B 136 56.66 24.39 67.12
N VAL B 137 57.35 24.67 66.01
CA VAL B 137 57.77 26.06 65.69
C VAL B 137 56.51 26.90 65.46
N PHE B 138 55.51 26.38 64.74
CA PHE B 138 54.25 27.13 64.48
C PHE B 138 53.43 27.31 65.78
N SER B 139 53.47 26.35 66.70
CA SER B 139 52.83 26.49 68.05
C SER B 139 53.46 27.67 68.79
N PHE B 140 54.79 27.83 68.69
CA PHE B 140 55.52 28.97 69.29
C PHE B 140 55.05 30.28 68.63
N TYR B 141 54.96 30.29 67.31
CA TYR B 141 54.49 31.51 66.59
C TYR B 141 53.08 31.89 67.06
N LYS B 142 52.18 30.91 67.21
CA LYS B 142 50.79 31.13 67.68
C LYS B 142 50.82 31.80 69.06
N ASN B 143 51.65 31.30 69.99
CA ASN B 143 51.80 31.93 71.33
C ASN B 143 52.29 33.39 71.17
N LYS B 144 53.23 33.65 70.26
CA LYS B 144 53.80 35.01 70.07
C LYS B 144 52.77 35.95 69.43
N CYS B 145 51.92 35.44 68.53
CA CYS B 145 50.81 36.23 67.90
C CYS B 145 49.95 36.85 69.00
N ASN B 146 49.70 36.11 70.07
CA ASN B 146 48.76 36.51 71.15
C ASN B 146 49.41 37.61 72.00
N GLU B 147 50.70 37.89 71.81
CA GLU B 147 51.53 38.76 72.69
C GLU B 147 51.98 40.03 71.95
N SER B 148 52.01 40.02 70.61
CA SER B 148 52.49 41.17 69.79
C SER B 148 51.53 41.45 68.63
N ARG B 149 50.98 42.66 68.56
CA ARG B 149 50.10 43.04 67.43
C ARG B 149 50.89 42.97 66.13
N TYR B 150 52.19 43.33 66.15
CA TYR B 150 53.00 43.35 64.90
C TYR B 150 53.14 41.90 64.39
N ILE B 151 53.33 40.95 65.30
CA ILE B 151 53.48 39.53 64.90
C ILE B 151 52.12 39.01 64.42
N LYS B 152 51.02 39.31 65.12
CA LYS B 152 49.66 38.87 64.72
C LYS B 152 49.36 39.38 63.30
N GLU B 153 49.63 40.65 63.05
CA GLU B 153 49.27 41.28 61.74
C GLU B 153 50.15 40.67 60.64
N PHE B 154 51.41 40.35 60.93
CA PHE B 154 52.32 39.66 59.98
C PHE B 154 51.73 38.32 59.57
N PHE B 155 51.35 37.47 60.54
CA PHE B 155 50.82 36.14 60.22
C PHE B 155 49.45 36.25 59.57
N GLU B 156 48.61 37.20 59.99
CA GLU B 156 47.26 37.35 59.37
C GLU B 156 47.48 37.63 57.88
N GLU B 157 48.47 38.46 57.55
CA GLU B 157 48.82 38.84 56.15
C GLU B 157 49.33 37.61 55.39
N ILE B 158 50.45 37.03 55.82
CA ILE B 158 51.10 35.95 55.02
C ILE B 158 50.19 34.70 54.95
N GLN B 159 49.36 34.43 55.97
CA GLN B 159 48.49 33.24 55.95
C GLN B 159 47.28 33.44 55.05
N PHE B 160 46.63 34.62 55.07
CA PHE B 160 45.29 34.77 54.47
C PHE B 160 45.27 35.72 53.27
N ARG B 161 46.33 36.46 52.99
CA ARG B 161 46.20 37.51 51.94
C ARG B 161 45.88 36.82 50.60
N ASN B 162 45.14 37.56 49.77
CA ASN B 162 44.81 37.16 48.39
C ASN B 162 46.07 37.35 47.55
N ILE B 163 46.34 36.40 46.67
CA ILE B 163 47.58 36.40 45.84
C ILE B 163 47.14 36.36 44.37
N CYS B 164 47.46 37.41 43.62
CA CYS B 164 47.14 37.50 42.18
C CYS B 164 48.42 37.50 41.35
N GLY B 165 48.55 36.47 40.52
CA GLY B 165 49.64 36.30 39.55
C GLY B 165 49.16 36.66 38.15
N PHE B 166 50.07 37.13 37.33
CA PHE B 166 49.78 37.43 35.90
C PHE B 166 51.10 37.36 35.14
N PRO B 167 51.06 37.11 33.80
CA PRO B 167 49.81 36.82 33.09
C PRO B 167 49.24 35.43 33.44
N LYS B 168 47.93 35.28 33.25
CA LYS B 168 47.23 33.98 33.43
C LYS B 168 47.78 32.95 32.44
N GLN B 169 47.95 31.72 32.90
CA GLN B 169 48.56 30.58 32.16
C GLN B 169 47.45 29.77 31.51
N ALA B 170 47.78 28.98 30.47
CA ALA B 170 46.81 28.19 29.67
C ALA B 170 45.98 27.30 30.60
N GLY B 171 44.68 27.16 30.31
CA GLY B 171 43.75 26.38 31.14
C GLY B 171 43.24 27.20 32.32
N THR B 172 43.77 28.41 32.50
CA THR B 172 43.27 29.35 33.53
C THR B 172 42.50 30.47 32.84
N SER B 173 41.22 30.57 33.16
CA SER B 173 40.32 31.66 32.72
C SER B 173 40.79 32.97 33.36
N SER B 174 40.66 34.07 32.61
N SER B 174 40.69 34.10 32.65
CA SER B 174 40.95 35.46 33.06
CA SER B 174 41.05 35.42 33.19
C SER B 174 40.20 35.80 34.37
C SER B 174 40.23 35.76 34.44
N THR B 175 39.08 35.11 34.64
CA THR B 175 38.19 35.43 35.79
C THR B 175 38.25 34.32 36.86
N ASP B 176 39.18 33.36 36.75
CA ASP B 176 39.42 32.36 37.82
C ASP B 176 40.14 33.04 38.98
N ILE B 177 39.76 32.71 40.20
CA ILE B 177 40.40 33.21 41.43
C ILE B 177 41.61 32.32 41.70
N PHE B 178 41.43 31.00 41.65
CA PHE B 178 42.48 30.03 42.01
C PHE B 178 43.17 29.52 40.75
N ASP B 179 44.50 29.57 40.76
CA ASP B 179 45.33 29.13 39.63
C ASP B 179 46.71 28.71 40.15
N GLN B 180 47.68 28.55 39.26
CA GLN B 180 49.01 28.01 39.63
C GLN B 180 49.75 28.95 40.57
N PHE B 181 49.39 30.23 40.62
CA PHE B 181 50.12 31.21 41.45
C PHE B 181 49.71 31.09 42.93
N ASN B 182 48.52 30.58 43.23
CA ASN B 182 47.93 30.81 44.58
C ASN B 182 47.21 29.57 45.10
N SER B 183 47.46 28.41 44.51
CA SER B 183 46.77 27.14 44.89
C SER B 183 47.67 25.95 44.55
N VAL B 184 47.48 24.85 45.27
CA VAL B 184 48.23 23.59 44.97
C VAL B 184 47.23 22.53 44.51
N ASP B 185 47.65 21.65 43.62
CA ASP B 185 46.79 20.59 43.04
C ASP B 185 46.59 19.48 44.08
N VAL B 186 45.41 18.87 44.05
CA VAL B 186 45.08 17.63 44.82
C VAL B 186 45.09 16.48 43.81
N LEU B 187 46.03 15.55 43.98
CA LEU B 187 46.30 14.45 43.03
C LEU B 187 45.91 13.11 43.63
N LEU B 188 45.16 12.31 42.88
CA LEU B 188 44.88 10.89 43.23
C LEU B 188 45.76 9.99 42.37
N GLN B 189 45.79 8.71 42.72
CA GLN B 189 46.62 7.71 42.03
C GLN B 189 45.83 7.08 40.90
N ASP B 190 46.46 6.96 39.73
CA ASP B 190 45.93 6.09 38.64
C ASP B 190 45.97 4.66 39.14
N PRO B 191 44.82 3.96 39.21
CA PRO B 191 44.76 2.58 39.72
C PRO B 191 45.73 1.62 39.00
N VAL B 192 45.85 1.78 37.70
CA VAL B 192 46.55 0.79 36.83
C VAL B 192 48.06 1.06 36.87
N THR B 193 48.49 2.31 36.75
CA THR B 193 49.94 2.68 36.63
C THR B 193 50.53 3.03 38.01
N SER B 194 49.68 3.30 39.00
CA SER B 194 50.08 3.79 40.35
C SER B 194 50.71 5.19 40.30
N VAL B 195 50.68 5.89 39.16
CA VAL B 195 51.24 7.28 39.06
C VAL B 195 50.22 8.22 39.73
N TRP B 196 50.72 9.10 40.60
CA TRP B 196 49.92 10.18 41.23
C TRP B 196 49.79 11.32 40.22
N ASN B 197 48.80 11.23 39.32
CA ASN B 197 48.63 12.19 38.20
C ASN B 197 47.15 12.51 37.93
N LYS B 198 46.21 12.09 38.77
CA LYS B 198 44.77 12.35 38.59
C LYS B 198 44.37 13.60 39.40
N LYS B 199 44.26 14.75 38.75
CA LYS B 199 43.90 16.00 39.47
C LYS B 199 42.40 16.01 39.76
N VAL B 200 42.01 16.23 41.02
CA VAL B 200 40.56 16.31 41.38
C VAL B 200 40.22 17.72 41.87
N GLY B 201 41.19 18.62 41.93
CA GLY B 201 40.93 20.02 42.28
C GLY B 201 42.17 20.71 42.79
N SER B 202 42.01 21.88 43.36
CA SER B 202 43.13 22.65 43.98
C SER B 202 42.68 23.21 45.33
N LYS B 203 43.64 23.62 46.12
CA LYS B 203 43.41 24.22 47.46
C LYS B 203 44.21 25.51 47.55
N LYS B 204 43.59 26.57 48.07
CA LYS B 204 44.27 27.86 48.34
C LYS B 204 45.58 27.59 49.05
N ALA B 205 46.68 28.15 48.57
CA ALA B 205 48.02 28.03 49.19
C ALA B 205 48.67 29.42 49.30
N ASN B 206 49.19 29.73 50.48
CA ASN B 206 49.99 30.95 50.73
C ASN B 206 51.43 30.56 51.07
N ILE B 207 51.59 29.45 51.83
CA ILE B 207 52.90 29.09 52.43
C ILE B 207 53.10 27.58 52.26
N VAL B 208 54.27 27.20 51.76
CA VAL B 208 54.72 25.78 51.67
C VAL B 208 56.11 25.69 52.30
N ILE B 209 56.24 24.84 53.33
CA ILE B 209 57.55 24.63 54.01
C ILE B 209 57.98 23.19 53.76
N ILE B 210 59.19 23.00 53.27
CA ILE B 210 59.79 21.69 52.92
C ILE B 210 61.24 21.69 53.37
N PRO B 211 61.85 20.49 53.51
CA PRO B 211 63.28 20.39 53.80
C PRO B 211 64.15 20.93 52.67
N PRO B 212 65.35 21.44 53.02
CA PRO B 212 66.34 21.78 51.99
C PRO B 212 66.47 20.60 51.02
N ALA B 213 66.39 20.87 49.72
CA ALA B 213 66.36 19.82 48.67
C ALA B 213 67.75 19.19 48.54
N THR B 214 67.89 18.19 47.68
CA THR B 214 69.15 17.39 47.54
C THR B 214 70.32 18.30 47.14
N ASN B 215 70.10 19.35 46.35
CA ASN B 215 71.19 20.21 45.82
C ASN B 215 71.70 21.18 46.91
N LEU B 216 70.97 21.37 48.02
CA LEU B 216 71.35 22.35 49.09
C LEU B 216 72.05 21.65 50.25
N PRO B 217 72.86 22.42 51.02
CA PRO B 217 73.31 21.98 52.34
C PRO B 217 72.13 21.87 53.31
N ILE B 218 72.27 21.00 54.32
CA ILE B 218 71.16 20.67 55.25
C ILE B 218 70.89 21.88 56.16
N THR B 219 71.84 22.82 56.22
CA THR B 219 71.81 24.04 57.09
C THR B 219 71.21 25.24 56.35
N GLU B 220 70.94 25.12 55.05
CA GLU B 220 70.43 26.26 54.25
C GLU B 220 68.96 26.54 54.62
N ALA B 221 68.59 27.81 54.61
CA ALA B 221 67.20 28.31 54.64
C ALA B 221 66.98 29.21 53.42
N CYS B 222 66.01 28.92 52.58
CA CYS B 222 65.86 29.56 51.23
C CYS B 222 64.37 29.72 50.94
N ALA B 223 63.94 30.96 50.65
CA ALA B 223 62.58 31.31 50.23
C ALA B 223 62.59 31.54 48.71
N THR B 224 61.63 30.95 48.02
CA THR B 224 61.48 31.11 46.55
C THR B 224 60.01 31.38 46.23
N ALA B 225 59.76 32.05 45.10
CA ALA B 225 58.42 32.13 44.51
C ALA B 225 57.95 30.70 44.27
N GLY B 226 56.74 30.40 44.74
CA GLY B 226 56.13 29.07 44.64
C GLY B 226 55.90 28.68 43.20
N PHE B 227 55.46 29.63 42.39
CA PHE B 227 55.15 29.39 40.97
C PHE B 227 55.71 30.54 40.13
N GLN B 228 56.41 30.18 39.07
CA GLN B 228 56.92 31.19 38.10
C GLN B 228 56.47 30.74 36.71
N PRO B 229 55.87 31.66 35.92
CA PRO B 229 55.44 31.33 34.57
C PRO B 229 56.63 31.27 33.60
N GLU B 230 56.32 30.98 32.33
CA GLU B 230 57.31 30.77 31.23
C GLU B 230 58.18 32.02 31.07
N GLY B 231 57.61 33.22 31.13
CA GLY B 231 58.35 34.48 30.89
C GLY B 231 59.18 34.89 32.10
N PHE B 232 59.82 36.06 32.03
CA PHE B 232 60.50 36.72 33.18
C PHE B 232 59.44 37.22 34.16
N PRO B 233 59.67 37.15 35.49
CA PRO B 233 58.64 37.53 36.45
C PRO B 233 58.38 39.05 36.40
N LYS B 234 57.12 39.44 36.55
CA LYS B 234 56.67 40.86 36.54
C LYS B 234 56.47 41.39 37.96
N LEU B 235 57.01 42.57 38.25
CA LEU B 235 56.73 43.28 39.52
C LEU B 235 55.21 43.41 39.67
N GLY B 236 54.67 43.04 40.83
CA GLY B 236 53.23 43.15 41.08
C GLY B 236 52.51 41.81 40.97
N SER B 237 53.15 40.82 40.35
CA SER B 237 52.59 39.47 40.12
C SER B 237 52.99 38.59 41.31
N GLY B 238 52.01 38.26 42.12
CA GLY B 238 52.27 37.49 43.36
C GLY B 238 52.24 35.98 43.15
N SER B 239 52.85 35.24 44.10
CA SER B 239 52.85 33.77 44.17
C SER B 239 52.81 33.38 45.64
N PHE B 240 52.21 32.24 45.92
CA PHE B 240 52.52 31.56 47.20
C PHE B 240 54.04 31.43 47.28
N PHE B 241 54.61 31.22 48.48
CA PHE B 241 56.08 31.08 48.60
C PHE B 241 56.40 29.70 49.19
N THR B 242 57.55 29.17 48.78
CA THR B 242 58.14 27.92 49.27
C THR B 242 59.37 28.28 50.09
N VAL B 243 59.46 27.76 51.31
CA VAL B 243 60.67 27.91 52.14
C VAL B 243 61.24 26.51 52.34
N GLN B 244 62.52 26.39 52.00
CA GLN B 244 63.38 25.22 52.37
C GLN B 244 63.99 25.57 53.72
N PHE B 245 63.70 24.73 54.72
CA PHE B 245 64.02 25.05 56.12
C PHE B 245 64.01 23.77 56.94
N ASP B 246 64.98 23.67 57.83
CA ASP B 246 65.09 22.52 58.75
C ASP B 246 65.51 23.04 60.12
N PRO B 247 64.60 23.03 61.12
CA PRO B 247 64.91 23.60 62.43
C PRO B 247 65.82 22.74 63.32
N PHE B 248 66.17 21.53 62.86
CA PHE B 248 67.01 20.58 63.62
C PHE B 248 68.50 20.87 63.40
N PHE B 249 68.84 21.88 62.59
CA PHE B 249 70.23 22.34 62.40
C PHE B 249 70.24 23.86 62.36
N SER B 250 71.36 24.43 62.77
CA SER B 250 71.61 25.88 62.74
C SER B 250 73.11 26.13 62.64
N THR B 251 73.48 27.39 62.47
CA THR B 251 74.89 27.82 62.31
C THR B 251 75.19 28.85 63.39
N ARG B 252 76.45 28.90 63.84
CA ARG B 252 76.93 29.91 64.81
C ARG B 252 77.08 31.25 64.11
N PHE B 253 77.13 32.33 64.90
CA PHE B 253 77.43 33.71 64.44
C PHE B 253 78.19 34.47 65.54
N LYS B 254 78.76 35.61 65.18
CA LYS B 254 79.75 36.40 65.96
C LYS B 254 79.18 37.79 66.26
N ALA B 255 79.95 38.64 66.95
CA ALA B 255 79.70 40.08 67.22
C ALA B 255 78.20 40.38 67.27
N ASP B 260 79.62 36.78 72.55
CA ASP B 260 80.62 36.83 71.45
C ASP B 260 80.17 35.90 70.31
N VAL B 261 80.22 34.58 70.51
CA VAL B 261 79.71 33.56 69.55
C VAL B 261 78.41 33.02 70.11
N ALA B 262 77.38 32.90 69.27
CA ALA B 262 76.07 32.31 69.64
C ALA B 262 75.52 31.49 68.48
N LEU B 263 74.41 30.79 68.70
CA LEU B 263 73.72 29.98 67.65
C LEU B 263 72.58 30.79 67.05
N LEU B 264 72.44 30.80 65.72
CA LEU B 264 71.23 31.38 65.09
C LEU B 264 70.01 30.60 65.58
N ASP B 265 68.98 31.32 66.03
CA ASP B 265 67.70 30.72 66.48
C ASP B 265 66.88 30.36 65.24
N PRO B 266 66.59 29.06 64.97
CA PRO B 266 65.81 28.68 63.79
C PRO B 266 64.43 29.35 63.67
N THR B 267 63.79 29.71 64.79
CA THR B 267 62.49 30.42 64.77
C THR B 267 62.68 31.80 64.11
N LEU B 268 63.82 32.46 64.31
CA LEU B 268 64.08 33.81 63.73
C LEU B 268 64.51 33.61 62.28
N THR B 269 65.29 32.58 61.99
CA THR B 269 65.67 32.22 60.59
C THR B 269 64.39 32.09 59.75
N LEU B 270 63.38 31.37 60.26
CA LEU B 270 62.18 31.09 59.44
C LEU B 270 61.35 32.39 59.29
N LEU B 271 61.29 33.21 60.34
CA LEU B 271 60.61 34.55 60.27
C LEU B 271 61.28 35.39 59.17
N HIS B 272 62.61 35.38 59.07
CA HIS B 272 63.37 36.09 57.99
C HIS B 272 62.90 35.56 56.63
N GLU B 273 62.86 34.25 56.43
CA GLU B 273 62.52 33.62 55.13
C GLU B 273 61.06 33.91 54.79
N MSE B 274 60.17 33.94 55.79
CA MSE B 274 58.76 34.21 55.56
C MSE B 274 58.52 35.70 55.25
O MSE B 274 57.48 36.04 54.70
CB MSE B 274 57.91 33.69 56.72
CG MSE B 274 57.89 32.18 56.73
SE MSE B 274 56.61 31.39 57.95
CE MSE B 274 57.07 32.45 59.49
N THR B 275 59.47 36.57 55.64
CA THR B 275 59.42 37.98 55.27
C THR B 275 59.78 38.12 53.79
N HIS B 276 60.82 37.42 53.33
CA HIS B 276 61.02 37.25 51.86
C HIS B 276 59.72 36.72 51.25
N GLY B 277 59.09 35.73 51.88
CA GLY B 277 57.81 35.15 51.47
C GLY B 277 56.74 36.20 51.20
N LEU B 278 56.55 37.14 52.14
CA LEU B 278 55.53 38.21 52.00
C LEU B 278 55.84 38.96 50.69
N HIS B 279 57.11 39.26 50.47
CA HIS B 279 57.55 40.00 49.24
C HIS B 279 57.16 39.19 48.00
N PHE B 280 57.37 37.87 48.00
CA PHE B 280 56.97 36.97 46.90
C PHE B 280 55.44 37.01 46.70
N GLN B 281 54.68 37.05 47.78
CA GLN B 281 53.19 37.03 47.72
C GLN B 281 52.70 38.29 46.99
N LYS B 282 53.44 39.38 47.10
CA LYS B 282 53.06 40.68 46.50
C LYS B 282 53.81 40.88 45.17
N GLY B 283 54.78 40.02 44.82
CA GLY B 283 55.58 40.20 43.58
C GLY B 283 56.52 41.40 43.65
N ILE B 284 57.07 41.70 44.83
CA ILE B 284 57.99 42.86 45.05
C ILE B 284 59.36 42.37 45.52
N ALA B 285 59.65 41.06 45.47
CA ALA B 285 60.89 40.44 45.98
C ALA B 285 62.02 40.47 44.96
N ASN B 286 61.71 40.42 43.67
CA ASN B 286 62.70 40.03 42.63
C ASN B 286 62.53 40.89 41.39
N PRO B 287 62.88 42.20 41.45
CA PRO B 287 62.81 43.07 40.27
C PRO B 287 63.81 42.60 39.20
N VAL B 288 63.32 42.36 37.98
CA VAL B 288 64.20 42.02 36.84
C VAL B 288 63.88 42.97 35.67
N ASN B 289 64.90 43.25 34.88
CA ASN B 289 64.81 44.11 33.66
C ASN B 289 64.28 43.26 32.50
N ARG B 290 64.16 43.87 31.31
CA ARG B 290 63.54 43.23 30.12
C ARG B 290 64.42 42.07 29.61
N SER B 291 65.68 41.99 30.05
CA SER B 291 66.61 40.85 29.80
C SER B 291 66.48 39.78 30.90
N GLY B 292 65.68 40.04 31.94
CA GLY B 292 65.45 39.10 33.06
C GLY B 292 66.58 39.14 34.08
N GLU B 293 67.40 40.19 34.08
CA GLU B 293 68.57 40.36 34.98
C GLU B 293 68.19 41.32 36.11
N THR B 294 68.81 41.18 37.29
CA THR B 294 68.63 42.14 38.42
C THR B 294 69.23 43.48 38.00
N PRO B 295 68.48 44.60 38.07
CA PRO B 295 69.05 45.91 37.71
C PRO B 295 70.07 46.40 38.74
N ALA B 296 70.95 47.32 38.34
CA ALA B 296 72.03 47.89 39.19
C ALA B 296 71.44 48.55 40.44
N TRP B 297 70.26 49.18 40.32
CA TRP B 297 69.62 49.94 41.43
C TRP B 297 69.04 48.99 42.48
N ALA B 298 68.99 47.68 42.20
CA ALA B 298 68.44 46.66 43.10
C ALA B 298 69.54 46.03 43.95
N THR B 299 70.80 46.43 43.76
CA THR B 299 71.94 45.92 44.57
C THR B 299 72.74 47.11 45.13
N THR B 300 73.50 46.90 46.22
CA THR B 300 74.26 47.98 46.91
C THR B 300 75.50 47.41 47.59
N TRP B 301 76.37 48.31 48.06
CA TRP B 301 77.62 48.04 48.84
C TRP B 301 77.34 48.25 50.34
N LYS B 312 81.10 44.03 48.08
CA LYS B 312 80.10 43.48 49.04
C LYS B 312 78.70 43.53 48.39
N GLU B 313 78.56 42.94 47.19
CA GLU B 313 77.36 43.03 46.32
C GLU B 313 76.18 42.25 46.95
N THR B 314 75.26 42.98 47.59
CA THR B 314 74.09 42.45 48.35
C THR B 314 72.79 43.00 47.76
N PRO B 315 71.78 42.16 47.41
CA PRO B 315 70.48 42.66 46.98
C PRO B 315 69.84 43.54 48.06
N MSE B 316 69.18 44.63 47.62
CA MSE B 316 68.43 45.48 48.53
C MSE B 316 67.29 44.69 49.19
O MSE B 316 66.90 45.04 50.30
CB MSE B 316 67.89 46.70 47.78
CG MSE B 316 68.94 47.76 47.60
SE MSE B 316 69.21 48.72 49.26
CE MSE B 316 67.50 49.56 49.68
N GLU B 317 66.78 43.66 48.50
CA GLU B 317 65.75 42.77 49.04
C GLU B 317 66.28 42.16 50.33
N GLU B 318 67.56 41.79 50.36
CA GLU B 318 68.15 41.16 51.56
C GLU B 318 68.29 42.20 52.66
N LEU B 319 68.84 43.38 52.36
CA LEU B 319 69.09 44.42 53.39
C LEU B 319 67.76 44.85 54.03
N LEU B 320 66.68 45.00 53.24
CA LEU B 320 65.35 45.44 53.73
C LEU B 320 64.69 44.33 54.56
N THR B 321 64.93 43.07 54.23
CA THR B 321 64.39 41.90 54.99
C THR B 321 65.15 41.79 56.31
N PHE B 322 66.45 42.07 56.30
CA PHE B 322 67.37 41.87 57.45
C PHE B 322 67.24 43.04 58.44
N ASN B 323 67.51 44.27 57.98
CA ASN B 323 67.50 45.47 58.85
C ASN B 323 67.70 46.71 57.99
N LYS B 324 66.63 47.48 57.77
CA LYS B 324 66.66 48.66 56.86
C LYS B 324 67.71 49.69 57.31
N HIS B 325 68.16 49.64 58.57
CA HIS B 325 69.18 50.56 59.14
C HIS B 325 70.60 50.08 58.83
N THR B 326 70.75 48.88 58.27
CA THR B 326 72.04 48.24 57.90
C THR B 326 72.49 48.71 56.50
N ILE B 327 71.62 49.37 55.73
CA ILE B 327 71.91 49.78 54.33
C ILE B 327 73.11 50.74 54.31
N ASP B 328 73.15 51.70 55.25
CA ASP B 328 74.27 52.66 55.43
C ASP B 328 74.42 52.96 56.92
N ASP B 329 75.62 53.33 57.36
CA ASP B 329 75.91 53.63 58.79
C ASP B 329 75.16 54.89 59.22
N ASP B 330 74.78 55.75 58.26
CA ASP B 330 73.96 56.96 58.51
C ASP B 330 72.48 56.59 58.41
N ILE B 331 71.69 56.90 59.46
CA ILE B 331 70.23 56.60 59.55
C ILE B 331 69.48 57.27 58.39
N GLU B 332 69.76 58.55 58.10
CA GLU B 332 69.02 59.37 57.09
C GLU B 332 69.29 58.82 55.69
N ILE B 333 70.54 58.45 55.39
CA ILE B 333 70.95 57.86 54.07
C ILE B 333 70.27 56.50 53.91
N SER B 334 70.27 55.66 54.95
CA SER B 334 69.58 54.34 54.96
C SER B 334 68.10 54.54 54.55
N ASP B 335 67.43 55.54 55.14
CA ASP B 335 65.98 55.80 54.91
C ASP B 335 65.78 56.30 53.48
N HIS B 336 66.69 57.14 52.98
CA HIS B 336 66.65 57.68 51.59
C HIS B 336 66.87 56.53 50.58
N LEU B 337 67.81 55.63 50.84
CA LEU B 337 68.11 54.49 49.94
C LEU B 337 66.93 53.50 49.89
N LYS B 338 66.27 53.28 51.02
CA LYS B 338 65.05 52.45 51.08
C LYS B 338 63.97 53.09 50.20
N SER B 339 63.73 54.38 50.42
CA SER B 339 62.68 55.20 49.74
C SER B 339 62.91 55.12 48.22
N THR B 340 64.16 55.33 47.78
CA THR B 340 64.60 55.31 46.37
C THR B 340 64.28 53.95 45.75
N TYR B 341 64.64 52.88 46.44
CA TYR B 341 64.46 51.49 45.94
C TYR B 341 62.97 51.19 45.78
N ILE B 342 62.16 51.48 46.81
CA ILE B 342 60.68 51.27 46.78
C ILE B 342 60.10 52.09 45.63
N GLY B 343 60.59 53.32 45.42
CA GLY B 343 60.21 54.19 44.28
C GLY B 343 60.38 53.47 42.95
N PHE B 344 61.52 52.82 42.74
CA PHE B 344 61.83 52.06 41.49
C PHE B 344 60.96 50.80 41.39
N LEU B 345 60.74 50.05 42.48
CA LEU B 345 59.79 48.92 42.40
C LEU B 345 58.43 49.45 41.90
N TYR B 346 58.00 50.59 42.42
CA TYR B 346 56.64 51.15 42.15
C TYR B 346 56.58 51.68 40.70
N ASN B 347 57.56 52.50 40.32
N ASN B 347 57.56 52.50 40.32
CA ASN B 347 57.56 53.31 39.07
CA ASN B 347 57.55 53.31 39.07
C ASN B 347 58.26 52.59 37.91
C ASN B 347 58.27 52.60 37.92
N GLY B 348 59.09 51.59 38.22
CA GLY B 348 60.03 51.03 37.24
C GLY B 348 61.12 52.04 36.92
N ARG B 349 61.91 51.78 35.88
CA ARG B 349 62.93 52.77 35.45
C ARG B 349 63.18 52.62 33.95
N ASN B 350 63.23 53.76 33.26
CA ASN B 350 63.58 53.82 31.82
C ASN B 350 65.09 54.09 31.71
N GLU B 351 65.82 53.15 31.11
CA GLU B 351 67.28 53.29 30.82
C GLU B 351 67.45 53.70 29.35
N ASP B 352 68.50 54.47 29.04
CA ASP B 352 68.81 54.88 27.64
C ASP B 352 69.06 53.61 26.81
N ASP B 353 69.42 52.50 27.46
CA ASP B 353 69.43 51.13 26.87
C ASP B 353 68.16 50.38 27.23
N PRO B 354 67.19 50.20 26.29
CA PRO B 354 65.87 49.64 26.63
C PRO B 354 65.91 48.21 27.23
N THR B 355 66.95 47.45 26.91
CA THR B 355 67.15 46.06 27.41
C THR B 355 67.29 46.08 28.94
N GLU B 356 67.73 47.22 29.50
CA GLU B 356 68.02 47.42 30.96
C GLU B 356 66.82 48.04 31.69
N SER B 357 65.74 48.43 30.99
CA SER B 357 64.55 49.08 31.58
C SER B 357 63.85 48.07 32.50
N VAL B 358 63.16 48.59 33.51
CA VAL B 358 62.33 47.77 34.44
C VAL B 358 60.91 48.32 34.41
N ASP B 359 59.93 47.42 34.21
CA ASP B 359 58.49 47.71 34.34
C ASP B 359 58.11 47.66 35.83
N GLY B 360 57.53 48.73 36.36
CA GLY B 360 57.17 48.87 37.78
C GLY B 360 55.86 48.19 38.12
N VAL B 361 55.56 48.09 39.42
CA VAL B 361 54.28 47.52 39.94
C VAL B 361 53.10 48.31 39.34
N TYR B 362 53.15 49.64 39.35
CA TYR B 362 51.98 50.45 38.92
C TYR B 362 51.64 50.09 37.46
N GLN B 363 52.63 50.14 36.56
CA GLN B 363 52.37 49.90 35.11
C GLN B 363 51.89 48.46 34.90
N ASN B 364 52.50 47.49 35.58
CA ASN B 364 52.15 46.06 35.40
C ASN B 364 50.73 45.80 35.91
N VAL B 365 50.43 46.25 37.14
CA VAL B 365 49.11 45.97 37.76
C VAL B 365 48.02 46.75 36.99
N SER B 366 48.24 48.03 36.66
CA SER B 366 47.24 48.86 35.97
C SER B 366 46.98 48.25 34.58
N SER B 367 48.04 47.82 33.88
CA SER B 367 47.94 47.16 32.54
C SER B 367 47.11 45.88 32.65
N PHE B 368 47.44 45.02 33.62
CA PHE B 368 46.70 43.76 33.88
C PHE B 368 45.21 44.05 34.10
N LEU B 369 44.89 44.95 35.05
CA LEU B 369 43.49 45.21 35.45
C LEU B 369 42.73 45.96 34.35
N ASN B 370 43.42 46.79 33.56
CA ASN B 370 42.80 47.57 32.44
C ASN B 370 42.20 46.58 31.41
N GLN B 371 42.72 45.36 31.29
CA GLN B 371 42.19 44.32 30.36
C GLN B 371 40.69 44.07 30.63
N TYR B 372 40.27 44.23 31.90
CA TYR B 372 38.91 43.83 32.35
C TYR B 372 37.89 44.95 32.08
N ARG B 373 38.32 46.11 31.57
CA ARG B 373 37.44 47.29 31.40
C ARG B 373 36.29 46.90 30.47
N GLY B 374 35.05 47.07 30.93
CA GLY B 374 33.83 46.80 30.14
C GLY B 374 33.33 45.38 30.28
N PHE B 375 34.10 44.46 30.89
CA PHE B 375 33.71 43.04 30.99
C PHE B 375 32.95 42.80 32.28
N GLU B 376 31.81 42.12 32.17
CA GLU B 376 31.06 41.58 33.34
C GLU B 376 31.96 40.55 34.03
N ILE B 377 32.22 40.75 35.32
CA ILE B 377 33.00 39.81 36.16
C ILE B 377 32.18 39.47 37.40
N SER B 378 32.41 38.31 37.98
CA SER B 378 31.72 37.87 39.22
C SER B 378 32.09 38.81 40.38
N SER B 379 31.19 38.96 41.34
CA SER B 379 31.46 39.71 42.58
C SER B 379 32.63 39.06 43.32
N ASP B 380 32.75 37.73 43.26
CA ASP B 380 33.88 37.00 43.91
C ASP B 380 35.20 37.44 43.26
N PHE B 381 35.28 37.56 41.94
CA PHE B 381 36.56 37.94 41.28
C PHE B 381 36.83 39.41 41.61
N GLN B 382 35.81 40.27 41.48
CA GLN B 382 35.92 41.71 41.81
C GLN B 382 36.52 41.88 43.22
N HIS B 383 35.93 41.22 44.21
CA HIS B 383 36.35 41.33 45.65
C HIS B 383 37.78 40.78 45.82
N PHE B 384 38.10 39.68 45.15
CA PHE B 384 39.46 39.07 45.19
C PHE B 384 40.50 40.13 44.75
N ILE B 385 40.27 40.78 43.61
CA ILE B 385 41.23 41.81 43.12
C ILE B 385 41.25 43.02 44.07
N GLU B 386 40.08 43.49 44.49
CA GLU B 386 39.95 44.66 45.38
C GLU B 386 40.78 44.42 46.66
N SER B 387 40.65 43.24 47.27
CA SER B 387 41.33 42.89 48.55
C SER B 387 42.84 42.75 48.30
N CYS B 388 43.23 42.11 47.19
CA CYS B 388 44.65 41.84 46.85
C CYS B 388 45.45 43.15 46.77
N TYR B 389 44.98 44.10 45.97
CA TYR B 389 45.76 45.33 45.61
C TYR B 389 45.27 46.56 46.38
N GLY B 390 44.16 46.45 47.12
CA GLY B 390 43.55 47.60 47.83
C GLY B 390 42.97 48.60 46.84
N VAL B 391 42.35 48.10 45.77
CA VAL B 391 41.74 48.95 44.70
C VAL B 391 40.21 48.87 44.78
N LYS B 392 39.54 49.69 43.98
CA LYS B 392 38.06 49.79 43.98
C LYS B 392 37.57 49.44 42.58
N TYR B 393 36.26 49.30 42.44
CA TYR B 393 35.61 48.92 41.17
C TYR B 393 34.48 49.88 40.87
N ASN B 394 34.42 50.28 39.60
CA ASN B 394 33.40 51.19 39.05
C ASN B 394 32.35 50.33 38.35
N GLN B 395 31.17 50.15 38.95
CA GLN B 395 30.09 49.30 38.37
C GLN B 395 29.59 49.90 37.05
N GLU B 396 29.51 51.22 36.97
CA GLU B 396 28.94 51.93 35.79
C GLU B 396 29.79 51.57 34.55
N SER B 397 31.11 51.68 34.67
CA SER B 397 32.07 51.47 33.55
C SER B 397 32.62 50.04 33.57
N LYS B 398 32.26 49.25 34.59
CA LYS B 398 32.78 47.87 34.75
C LYS B 398 34.32 47.91 34.65
N LYS B 399 34.98 48.70 35.49
CA LYS B 399 36.46 48.78 35.46
C LYS B 399 37.00 48.95 36.88
N PHE B 400 38.17 48.42 37.10
CA PHE B 400 38.96 48.68 38.32
C PHE B 400 39.44 50.13 38.34
N ILE B 401 39.32 50.76 39.51
CA ILE B 401 39.88 52.11 39.80
C ILE B 401 41.22 51.87 40.48
N VAL B 402 42.32 52.12 39.77
CA VAL B 402 43.68 51.76 40.25
C VAL B 402 44.40 53.04 40.68
N ASN B 403 44.08 53.51 41.89
CA ASN B 403 44.61 54.76 42.49
C ASN B 403 46.10 54.60 42.69
N PRO B 404 46.95 55.50 42.16
CA PRO B 404 48.38 55.49 42.45
C PRO B 404 48.78 55.35 43.92
N ARG B 405 48.12 56.12 44.80
CA ARG B 405 48.49 56.13 46.24
C ARG B 405 48.17 54.75 46.84
N ASN B 406 47.14 54.07 46.34
CA ASN B 406 46.76 52.72 46.87
C ASN B 406 47.84 51.70 46.46
N ILE B 407 48.36 51.82 45.24
CA ILE B 407 49.42 50.88 44.76
C ILE B 407 50.76 51.23 45.44
N LYS B 408 51.05 52.51 45.70
CA LYS B 408 52.24 52.88 46.52
C LYS B 408 52.18 52.17 47.86
N ARG B 409 51.02 52.25 48.53
CA ARG B 409 50.78 51.63 49.86
C ARG B 409 51.03 50.12 49.77
N TYR B 410 50.45 49.45 48.77
CA TYR B 410 50.65 47.99 48.50
C TYR B 410 52.14 47.66 48.52
N VAL B 411 52.98 48.48 47.87
CA VAL B 411 54.44 48.22 47.80
C VAL B 411 55.08 48.56 49.16
N GLN B 412 54.84 49.75 49.68
CA GLN B 412 55.47 50.24 50.95
C GLN B 412 55.16 49.26 52.08
N ASP B 413 53.90 48.82 52.21
CA ASP B 413 53.43 47.95 53.31
C ASP B 413 54.22 46.62 53.34
N GLY B 414 54.72 46.16 52.19
CA GLY B 414 55.50 44.91 52.09
C GLY B 414 56.77 44.93 52.92
N PHE B 415 57.32 46.10 53.20
CA PHE B 415 58.67 46.26 53.82
C PHE B 415 58.55 46.81 55.24
N PHE B 416 57.38 46.72 55.86
CA PHE B 416 57.16 47.29 57.21
C PHE B 416 57.98 46.51 58.24
N ILE B 417 57.97 45.18 58.15
CA ILE B 417 58.64 44.37 59.20
C ILE B 417 59.93 43.77 58.62
N ASP B 418 60.90 43.56 59.50
CA ASP B 418 62.22 43.00 59.13
C ASP B 418 62.71 42.13 60.28
N GLU B 419 63.81 41.43 60.04
CA GLU B 419 64.37 40.48 61.04
C GLU B 419 64.70 41.22 62.33
N ALA B 420 65.26 42.43 62.25
CA ALA B 420 65.73 43.20 63.42
C ALA B 420 64.54 43.53 64.33
N LYS B 421 63.38 43.86 63.75
CA LYS B 421 62.14 44.14 64.52
C LYS B 421 61.66 42.85 65.19
N PHE B 422 61.60 41.73 64.46
CA PHE B 422 61.21 40.42 65.05
C PHE B 422 62.14 40.10 66.22
N ALA B 423 63.46 40.28 66.05
CA ALA B 423 64.49 39.93 67.06
C ALA B 423 64.24 40.76 68.33
N ARG B 424 63.90 42.04 68.16
CA ARG B 424 63.64 42.96 69.29
C ARG B 424 62.37 42.52 70.01
N ILE B 425 61.28 42.28 69.28
CA ILE B 425 59.97 41.89 69.88
C ILE B 425 60.15 40.58 70.68
N LEU B 426 60.87 39.60 70.13
CA LEU B 426 60.96 38.23 70.71
C LEU B 426 62.18 38.08 71.63
N ASN B 427 63.05 39.09 71.71
CA ASN B 427 64.29 39.07 72.55
C ASN B 427 65.21 37.94 72.08
N ILE B 428 65.43 37.83 70.76
CA ILE B 428 66.34 36.83 70.15
C ILE B 428 67.58 37.57 69.66
N LYS B 429 68.76 37.03 69.92
CA LYS B 429 70.03 37.62 69.44
C LYS B 429 70.18 37.31 67.94
N THR B 430 70.60 38.32 67.20
CA THR B 430 70.89 38.24 65.75
C THR B 430 72.22 38.96 65.53
N ARG B 431 72.82 38.79 64.35
CA ARG B 431 74.11 39.44 63.99
C ARG B 431 73.82 40.90 63.60
N SER B 432 74.84 41.76 63.61
CA SER B 432 74.74 43.21 63.33
C SER B 432 74.63 43.46 61.82
N TYR B 433 75.34 42.66 61.03
CA TYR B 433 75.46 42.80 59.56
C TYR B 433 75.03 41.48 58.91
N TYR B 434 74.56 41.56 57.67
CA TYR B 434 73.79 40.51 56.95
C TYR B 434 74.63 39.22 56.77
N THR B 435 75.80 39.31 56.12
CA THR B 435 76.55 38.14 55.56
C THR B 435 77.44 37.50 56.63
N LEU B 436 77.47 36.17 56.69
CA LEU B 436 78.40 35.38 57.54
C LEU B 436 79.72 35.23 56.79
N MSE B 437 80.82 35.68 57.40
CA MSE B 437 82.12 35.68 56.75
C MSE B 437 83.01 34.61 57.39
O MSE B 437 83.18 34.59 58.61
CB MSE B 437 82.77 37.07 56.87
CG MSE B 437 82.17 38.13 55.96
SE MSE B 437 82.36 37.66 54.06
CE MSE B 437 84.20 37.90 53.42
N PRO B 438 83.58 33.67 56.59
CA PRO B 438 84.44 32.61 57.13
C PRO B 438 85.58 33.14 58.02
N ASP B 439 85.76 32.50 59.18
CA ASP B 439 86.75 32.90 60.24
C ASP B 439 87.58 31.66 60.60
N ASN B 440 88.13 31.61 61.81
CA ASN B 440 89.06 30.54 62.27
C ASN B 440 88.51 29.84 63.52
N LEU B 441 87.22 29.99 63.84
CA LEU B 441 86.64 29.57 65.15
C LEU B 441 86.02 28.16 65.06
N GLY B 442 86.51 27.33 64.12
CA GLY B 442 86.16 25.89 64.03
C GLY B 442 84.78 25.68 63.42
N VAL B 443 84.08 24.65 63.87
CA VAL B 443 82.84 24.11 63.22
C VAL B 443 81.73 25.16 63.27
N TRP B 444 80.99 25.29 62.17
CA TRP B 444 79.87 26.26 61.99
C TRP B 444 78.52 25.63 62.38
N SER B 445 78.31 24.36 62.03
CA SER B 445 76.98 23.69 62.01
C SER B 445 76.73 22.92 63.33
N TYR B 446 75.56 23.16 63.92
CA TYR B 446 75.08 22.57 65.20
C TYR B 446 73.74 21.88 64.96
N ARG B 447 73.54 20.77 65.68
CA ARG B 447 72.21 20.15 65.87
C ARG B 447 71.41 20.99 66.86
N VAL B 448 70.10 21.05 66.65
CA VAL B 448 69.14 21.73 67.56
C VAL B 448 68.12 20.69 68.00
N ASP B 449 68.04 20.49 69.31
CA ASP B 449 67.20 19.43 69.93
C ASP B 449 65.78 19.97 70.09
N ILE B 450 65.12 20.28 68.98
CA ILE B 450 63.75 20.89 68.98
C ILE B 450 62.79 20.04 69.80
N LEU B 451 62.92 18.71 69.77
CA LEU B 451 61.92 17.80 70.44
C LEU B 451 62.41 17.40 71.85
N ASN B 452 63.48 18.03 72.34
CA ASN B 452 63.92 17.91 73.76
C ASN B 452 64.23 16.46 74.10
N ARG B 453 64.90 15.76 73.20
CA ARG B 453 65.25 14.34 73.45
C ARG B 453 66.47 14.23 74.34
N LEU B 454 67.39 15.19 74.31
CA LEU B 454 68.62 15.08 75.12
C LEU B 454 68.47 15.96 76.37
N ARG B 455 67.93 17.16 76.20
CA ARG B 455 67.69 18.11 77.29
C ARG B 455 66.59 19.10 76.87
N GLU B 456 66.01 19.80 77.83
CA GLU B 456 65.04 20.88 77.58
C GLU B 456 65.75 21.97 76.77
N THR B 457 65.26 22.18 75.55
CA THR B 457 65.96 22.99 74.50
C THR B 457 64.99 23.99 73.89
N PHE B 458 63.77 23.55 73.61
CA PHE B 458 62.76 24.33 72.84
C PHE B 458 61.40 24.15 73.49
N ASP B 459 60.78 25.26 73.86
CA ASP B 459 59.47 25.29 74.57
C ASP B 459 58.45 26.01 73.70
N GLU B 460 57.18 25.59 73.73
CA GLU B 460 56.09 26.16 72.90
C GLU B 460 55.85 27.62 73.29
N ASP B 461 56.12 28.02 74.54
CA ASP B 461 55.91 29.42 75.01
C ASP B 461 57.21 30.22 74.89
N ARG B 462 58.34 29.71 75.36
CA ARG B 462 59.60 30.50 75.44
C ARG B 462 60.45 30.33 74.17
N GLY B 463 60.10 29.39 73.29
CA GLY B 463 60.87 29.14 72.05
C GLY B 463 62.21 28.52 72.40
N LEU B 464 63.28 28.89 71.70
CA LEU B 464 64.62 28.32 71.93
C LEU B 464 65.16 28.88 73.26
N LEU B 465 65.44 28.01 74.24
CA LEU B 465 65.75 28.47 75.61
C LEU B 465 67.11 29.18 75.68
N SER B 466 68.09 28.74 74.88
CA SER B 466 69.45 29.34 74.87
C SER B 466 70.02 29.39 73.45
N GLN B 467 70.81 30.43 73.17
CA GLN B 467 71.60 30.53 71.91
C GLN B 467 73.09 30.29 72.23
N GLU B 468 73.45 29.93 73.46
CA GLU B 468 74.87 29.62 73.81
C GLU B 468 75.25 28.27 73.17
N LEU B 469 76.42 28.20 72.52
CA LEU B 469 76.86 26.99 71.79
C LEU B 469 77.02 25.80 72.75
N ASP B 470 77.35 26.08 74.02
CA ASP B 470 77.58 25.04 75.07
C ASP B 470 76.33 24.16 75.26
N PHE B 471 75.14 24.67 74.93
CA PHE B 471 73.84 24.00 75.17
C PHE B 471 73.38 23.27 73.89
N HIS B 472 74.22 23.16 72.87
CA HIS B 472 73.89 22.52 71.57
C HIS B 472 75.03 21.62 71.14
N THR B 473 74.72 20.61 70.31
CA THR B 473 75.67 19.57 69.83
C THR B 473 76.23 19.98 68.46
N ALA B 474 77.52 20.31 68.39
CA ALA B 474 78.25 20.58 67.13
C ALA B 474 78.22 19.31 66.27
N LEU B 475 78.00 19.46 64.97
CA LEU B 475 78.24 18.39 63.97
C LEU B 475 79.76 18.19 63.90
N THR B 476 80.21 17.11 63.26
CA THR B 476 81.64 16.69 63.20
C THR B 476 82.00 16.43 61.74
N PRO B 477 82.18 17.49 60.91
CA PRO B 477 82.45 17.30 59.48
C PRO B 477 83.78 16.58 59.26
N VAL B 478 83.92 15.89 58.13
CA VAL B 478 85.21 15.26 57.68
C VAL B 478 86.03 16.36 57.00
N VAL B 479 86.42 17.39 57.77
CA VAL B 479 87.05 18.66 57.30
C VAL B 479 86.20 19.25 56.16
N ASP C 24 30.21 5.78 4.78
CA ASP C 24 30.83 6.89 5.58
C ASP C 24 32.27 7.16 5.14
N VAL C 25 32.93 6.22 4.43
CA VAL C 25 34.37 6.40 4.08
C VAL C 25 34.48 7.62 3.15
N LEU C 26 35.30 8.58 3.55
CA LEU C 26 35.54 9.88 2.86
C LEU C 26 34.21 10.57 2.55
N GLU C 27 33.18 10.39 3.40
CA GLU C 27 31.94 11.19 3.25
C GLU C 27 32.25 12.63 3.62
N MSE C 28 31.95 13.57 2.72
CA MSE C 28 32.43 14.94 2.89
C MSE C 28 31.38 15.73 3.67
O MSE C 28 30.22 15.74 3.29
CB MSE C 28 32.72 15.55 1.51
CG MSE C 28 33.71 14.72 0.69
SE MSE C 28 35.38 14.32 1.70
CE MSE C 28 35.73 16.23 1.59
N PHE C 29 31.80 16.35 4.79
CA PHE C 29 30.91 17.20 5.55
C PHE C 29 30.62 18.49 4.77
N ASP C 30 29.47 19.10 5.06
CA ASP C 30 29.03 20.40 4.46
C ASP C 30 29.82 21.52 5.15
N VAL C 31 31.07 21.73 4.72
CA VAL C 31 32.05 22.65 5.36
C VAL C 31 32.72 23.45 4.23
N ASN C 32 32.73 24.78 4.36
CA ASN C 32 33.27 25.74 3.36
C ASN C 32 34.44 26.51 3.98
N TYR C 33 35.29 27.09 3.15
CA TYR C 33 36.41 27.95 3.61
C TYR C 33 35.88 28.97 4.63
N GLU C 34 34.72 29.58 4.37
CA GLU C 34 34.18 30.70 5.19
C GLU C 34 33.24 30.21 6.29
N SER C 35 33.08 28.89 6.47
CA SER C 35 32.23 28.34 7.56
C SER C 35 32.75 28.89 8.89
N PRO C 36 31.87 29.43 9.77
CA PRO C 36 32.33 30.15 10.94
C PRO C 36 33.03 29.25 11.98
N ILE C 37 34.16 29.73 12.49
CA ILE C 37 34.94 29.02 13.58
C ILE C 37 34.07 28.92 14.85
N LEU C 38 34.21 27.84 15.60
CA LEU C 38 33.49 27.68 16.87
C LEU C 38 33.93 28.77 17.86
N GLU C 39 32.99 29.52 18.45
CA GLU C 39 33.30 30.58 19.44
C GLU C 39 32.60 30.33 20.77
N SER C 40 31.60 29.45 20.81
CA SER C 40 30.85 29.11 22.04
C SER C 40 30.48 27.62 21.98
N PHE C 41 30.32 27.00 23.14
CA PHE C 41 30.02 25.55 23.21
C PHE C 41 29.28 25.26 24.51
N ASP C 42 28.07 24.74 24.34
CA ASP C 42 27.14 24.31 25.42
C ASP C 42 26.97 22.79 25.31
N SER C 43 27.67 22.05 26.17
CA SER C 43 27.68 20.55 26.20
C SER C 43 26.27 19.98 26.41
N THR C 44 25.31 20.75 26.94
CA THR C 44 23.94 20.25 27.25
C THR C 44 23.07 20.25 25.97
N THR C 45 23.43 20.97 24.90
CA THR C 45 22.63 21.03 23.64
C THR C 45 23.48 20.79 22.39
N GLN C 46 24.81 20.80 22.52
CA GLN C 46 25.74 20.66 21.37
C GLN C 46 26.70 19.48 21.61
N SER C 47 27.14 18.87 20.51
CA SER C 47 28.12 17.76 20.50
C SER C 47 29.39 18.23 19.78
N LEU C 48 30.56 17.90 20.32
CA LEU C 48 31.83 18.21 19.64
C LEU C 48 31.90 17.43 18.31
N ASN C 49 31.19 16.30 18.18
CA ASN C 49 31.15 15.52 16.91
C ASN C 49 30.60 16.39 15.78
N ASP C 50 29.72 17.36 16.08
CA ASP C 50 29.07 18.21 15.03
C ASP C 50 29.89 19.47 14.75
N VAL C 51 30.94 19.74 15.53
CA VAL C 51 31.86 20.89 15.33
C VAL C 51 32.86 20.53 14.22
N HIS C 52 32.89 21.28 13.12
CA HIS C 52 33.79 20.97 11.99
C HIS C 52 34.73 22.13 11.67
N VAL C 53 34.58 23.27 12.31
CA VAL C 53 35.55 24.38 12.14
C VAL C 53 35.89 24.92 13.53
N PHE C 54 37.16 24.82 13.92
CA PHE C 54 37.56 25.14 15.31
C PHE C 54 39.05 25.41 15.40
N MSE C 55 39.42 26.18 16.43
CA MSE C 55 40.81 26.38 16.78
C MSE C 55 41.31 25.16 17.56
O MSE C 55 40.59 24.66 18.43
CB MSE C 55 41.02 27.66 17.57
CG MSE C 55 42.46 28.06 17.68
SE MSE C 55 43.22 28.65 16.02
CE MSE C 55 42.32 30.36 15.85
N SER C 56 42.52 24.71 17.20
CA SER C 56 43.16 23.56 17.84
C SER C 56 44.66 23.82 17.96
N ARG C 57 45.42 22.77 18.29
CA ARG C 57 46.89 22.87 18.40
C ARG C 57 47.47 21.49 18.08
N ILE C 58 48.61 21.47 17.40
CA ILE C 58 49.35 20.21 17.09
C ILE C 58 50.84 20.47 17.32
N GLN C 59 51.58 19.41 17.62
CA GLN C 59 53.05 19.48 17.69
C GLN C 59 53.63 19.71 16.30
N MSE C 60 54.74 20.46 16.27
CA MSE C 60 55.60 20.61 15.12
C MSE C 60 57.04 20.63 15.59
O MSE C 60 57.31 20.95 16.75
CB MSE C 60 55.26 21.90 14.37
CG MSE C 60 53.85 21.99 13.87
SE MSE C 60 53.51 20.71 12.42
CE MSE C 60 54.50 21.46 10.93
N SER C 61 57.98 20.29 14.70
CA SER C 61 59.38 20.58 14.94
C SER C 61 59.64 22.07 14.64
N ALA C 62 60.13 22.82 15.62
CA ALA C 62 60.56 24.23 15.47
C ALA C 62 62.08 24.28 15.45
N TYR C 63 62.66 25.13 14.61
CA TYR C 63 64.13 25.25 14.39
C TYR C 63 64.58 26.67 14.77
N ASP C 64 65.75 26.78 15.41
CA ASP C 64 66.40 28.07 15.77
C ASP C 64 67.61 28.27 14.83
N ALA C 65 68.65 28.98 15.28
CA ALA C 65 69.88 29.31 14.52
C ALA C 65 70.32 28.11 13.66
N ASP C 66 70.09 28.19 12.34
CA ASP C 66 70.22 27.11 11.33
C ASP C 66 70.48 25.76 12.01
N GLY C 67 69.44 24.94 12.16
CA GLY C 67 69.47 23.62 12.83
C GLY C 67 68.93 23.70 14.24
N GLU C 68 69.12 22.64 15.03
CA GLU C 68 68.61 22.51 16.43
C GLU C 68 67.09 22.58 16.40
N GLY C 69 66.44 21.41 16.29
CA GLY C 69 64.97 21.25 16.32
C GLY C 69 64.46 20.86 17.69
N ARG C 70 63.32 21.41 18.10
CA ARG C 70 62.62 21.08 19.37
C ARG C 70 61.14 20.90 19.02
N ILE C 71 60.46 19.94 19.65
CA ILE C 71 59.00 19.73 19.39
C ILE C 71 58.20 20.71 20.28
N GLU C 72 57.33 21.51 19.65
CA GLU C 72 56.47 22.50 20.33
C GLU C 72 55.06 22.46 19.73
N TYR C 73 54.04 22.70 20.55
CA TYR C 73 52.65 22.90 20.05
C TYR C 73 52.59 24.23 19.29
N ARG C 74 51.76 24.24 18.26
CA ARG C 74 51.36 25.43 17.48
C ARG C 74 49.83 25.44 17.37
N ASN C 75 49.21 26.58 17.68
CA ASN C 75 47.76 26.80 17.45
C ASN C 75 47.52 26.81 15.94
N LEU C 76 46.43 26.23 15.51
CA LEU C 76 45.99 26.33 14.09
C LEU C 76 44.49 26.16 13.98
N LYS C 77 43.92 26.74 12.93
CA LYS C 77 42.48 26.58 12.65
C LYS C 77 42.30 25.30 11.83
N LEU C 78 41.41 24.43 12.27
CA LEU C 78 41.15 23.14 11.62
C LEU C 78 39.75 23.11 11.03
N TYR C 79 39.67 22.52 9.84
CA TYR C 79 38.41 22.11 9.20
C TYR C 79 38.33 20.58 9.17
N GLU C 80 37.28 20.02 9.77
CA GLU C 80 36.97 18.57 9.67
C GLU C 80 36.21 18.34 8.35
N ILE C 81 36.88 17.83 7.33
CA ILE C 81 36.27 17.69 5.97
C ILE C 81 35.54 16.34 5.88
N SER C 82 35.93 15.37 6.73
CA SER C 82 35.29 14.04 6.85
C SER C 82 35.61 13.53 8.26
N SER C 83 34.88 12.53 8.75
CA SER C 83 35.04 12.07 10.17
C SER C 83 36.52 11.72 10.46
N GLY C 84 37.15 12.43 11.41
CA GLY C 84 38.54 12.23 11.85
C GLY C 84 39.62 12.73 10.91
N ILE C 85 39.23 13.47 9.84
CA ILE C 85 40.19 14.00 8.84
C ILE C 85 40.10 15.52 8.87
N PHE C 86 41.20 16.16 9.24
CA PHE C 86 41.27 17.63 9.45
C PHE C 86 42.27 18.23 8.50
N ILE C 87 41.95 19.43 8.00
CA ILE C 87 42.87 20.23 7.17
C ILE C 87 42.98 21.63 7.77
N SER C 88 44.13 22.24 7.57
CA SER C 88 44.40 23.67 7.90
C SER C 88 44.94 24.36 6.64
N THR C 89 44.63 25.63 6.51
CA THR C 89 45.25 26.49 5.46
C THR C 89 46.41 27.27 6.10
N ASP C 90 46.67 27.08 7.39
CA ASP C 90 47.68 27.87 8.14
C ASP C 90 49.08 27.33 7.85
N ARG C 91 49.98 28.21 7.42
CA ARG C 91 51.41 27.84 7.28
C ARG C 91 52.09 28.11 8.61
N LEU C 92 52.44 27.05 9.34
CA LEU C 92 52.88 27.19 10.74
C LEU C 92 54.32 27.71 10.80
N ASP C 93 54.60 28.56 11.80
CA ASP C 93 55.95 29.14 12.00
C ASP C 93 56.82 28.09 12.72
N THR C 94 57.69 27.42 11.97
CA THR C 94 58.63 26.40 12.51
C THR C 94 60.07 26.90 12.33
N GLY C 95 60.25 28.22 12.16
CA GLY C 95 61.56 28.87 11.94
C GLY C 95 61.85 29.08 10.46
N ALA C 96 62.98 29.73 10.17
CA ALA C 96 63.40 30.09 8.81
C ALA C 96 63.87 28.83 8.08
N SER C 97 63.68 28.81 6.77
CA SER C 97 64.13 27.69 5.88
C SER C 97 65.65 27.74 5.71
N GLY C 98 66.26 28.92 5.87
CA GLY C 98 67.69 29.15 5.61
C GLY C 98 67.98 29.29 4.12
N VAL C 99 66.93 29.41 3.29
CA VAL C 99 67.09 29.59 1.82
C VAL C 99 66.40 30.90 1.41
N GLU C 100 67.07 31.69 0.57
CA GLU C 100 66.54 32.98 0.04
C GLU C 100 65.31 32.72 -0.85
N ASP C 101 64.37 33.67 -0.85
CA ASP C 101 63.08 33.56 -1.60
C ASP C 101 63.37 33.25 -3.08
N ASP C 102 62.63 32.29 -3.65
CA ASP C 102 62.58 31.97 -5.10
C ASP C 102 63.90 31.33 -5.54
N HIS C 103 64.64 30.75 -4.58
CA HIS C 103 65.81 29.88 -4.88
C HIS C 103 65.32 28.44 -4.99
N GLU C 104 65.92 27.65 -5.89
CA GLU C 104 65.61 26.21 -6.12
C GLU C 104 66.88 25.39 -5.95
N MSE C 105 66.80 24.35 -5.10
CA MSE C 105 67.74 23.24 -5.09
C MSE C 105 66.95 21.93 -5.12
O MSE C 105 66.64 21.34 -4.08
CB MSE C 105 68.65 23.28 -3.85
CG MSE C 105 69.72 24.31 -3.91
SE MSE C 105 69.45 25.58 -2.46
CE MSE C 105 70.28 24.83 -0.85
N VAL C 106 66.61 21.52 -6.35
CA VAL C 106 65.57 20.55 -6.63
C VAL C 106 64.24 21.08 -6.09
N ASP C 107 64.08 21.16 -4.76
CA ASP C 107 62.88 21.77 -4.13
C ASP C 107 62.95 23.29 -4.25
N TYR C 108 61.79 23.95 -4.26
CA TYR C 108 61.62 25.42 -4.45
C TYR C 108 61.26 26.05 -3.11
N TYR C 109 61.99 27.09 -2.71
CA TYR C 109 61.80 27.81 -1.43
C TYR C 109 61.17 29.18 -1.67
N SER C 110 60.10 29.51 -0.93
CA SER C 110 59.58 30.90 -0.83
C SER C 110 58.91 31.08 0.52
N SER C 111 59.35 32.09 1.28
CA SER C 111 58.69 32.51 2.54
C SER C 111 57.29 33.08 2.25
N ALA C 112 57.03 33.54 1.02
CA ALA C 112 55.78 34.25 0.66
C ALA C 112 54.60 33.29 0.62
N ARG C 113 54.79 32.07 0.12
CA ARG C 113 53.70 31.06 -0.08
C ARG C 113 52.91 30.94 1.23
N LEU C 114 51.61 31.24 1.15
CA LEU C 114 50.59 31.15 2.24
C LEU C 114 51.00 31.99 3.47
N THR C 115 51.80 33.05 3.30
CA THR C 115 52.08 34.05 4.37
C THR C 115 51.82 35.48 3.88
N ARG C 116 51.98 35.74 2.57
CA ARG C 116 51.70 37.08 1.98
C ARG C 116 51.43 36.89 0.50
N GLU C 117 51.35 37.97 -0.28
CA GLU C 117 51.13 37.86 -1.74
C GLU C 117 52.21 36.92 -2.32
N PHE C 118 51.81 35.99 -3.18
CA PHE C 118 52.72 35.06 -3.90
C PHE C 118 52.17 34.73 -5.28
N LEU C 119 53.03 34.87 -6.29
CA LEU C 119 52.69 34.62 -7.72
C LEU C 119 51.39 35.37 -8.10
N GLY C 120 51.23 36.59 -7.57
CA GLY C 120 50.10 37.48 -7.93
C GLY C 120 48.79 37.09 -7.29
N GLU C 121 48.82 36.28 -6.22
CA GLU C 121 47.60 35.87 -5.47
C GLU C 121 47.73 36.36 -4.03
N SER C 122 46.66 36.97 -3.50
CA SER C 122 46.61 37.49 -2.11
C SER C 122 46.71 36.31 -1.16
N LEU C 123 47.03 36.59 0.11
CA LEU C 123 47.03 35.55 1.16
C LEU C 123 45.65 34.88 1.23
N ASP C 124 44.57 35.68 1.20
CA ASP C 124 43.17 35.17 1.32
C ASP C 124 42.83 34.25 0.12
N SER C 125 43.20 34.65 -1.10
CA SER C 125 42.98 33.81 -2.32
C SER C 125 43.74 32.48 -2.16
N GLN C 126 45.00 32.55 -1.73
CA GLN C 126 45.85 31.34 -1.55
C GLN C 126 45.22 30.38 -0.52
N LYS C 127 44.73 30.89 0.60
CA LYS C 127 44.17 30.03 1.69
C LYS C 127 42.86 29.41 1.18
N SER C 128 41.99 30.19 0.55
CA SER C 128 40.70 29.70 -0.04
C SER C 128 41.01 28.60 -1.05
N ASP C 129 41.97 28.84 -1.94
CA ASP C 129 42.36 27.88 -3.01
C ASP C 129 42.89 26.59 -2.36
N TYR C 130 43.76 26.72 -1.36
CA TYR C 130 44.38 25.55 -0.67
C TYR C 130 43.24 24.66 -0.13
N PHE C 131 42.26 25.26 0.54
CA PHE C 131 41.09 24.53 1.10
C PHE C 131 40.33 23.81 -0.03
N GLU C 132 39.97 24.55 -1.08
N GLU C 132 39.98 24.55 -1.09
CA GLU C 132 39.20 23.98 -2.21
CA GLU C 132 39.20 23.98 -2.22
C GLU C 132 40.01 22.87 -2.90
C GLU C 132 40.01 22.87 -2.90
N GLY C 133 41.34 23.06 -3.03
CA GLY C 133 42.21 22.09 -3.72
C GLY C 133 42.34 20.79 -2.93
N ILE C 134 42.50 20.89 -1.61
CA ILE C 134 42.59 19.65 -0.77
C ILE C 134 41.25 18.92 -0.85
N LYS C 135 40.13 19.63 -0.80
CA LYS C 135 38.78 19.00 -0.89
C LYS C 135 38.60 18.32 -2.24
N LYS C 136 39.11 18.92 -3.32
CA LYS C 136 38.98 18.32 -4.65
C LYS C 136 39.80 17.01 -4.69
N VAL C 137 40.98 17.01 -4.09
CA VAL C 137 41.84 15.78 -4.05
C VAL C 137 41.06 14.67 -3.30
N PHE C 138 40.42 14.99 -2.18
CA PHE C 138 39.68 13.98 -1.37
C PHE C 138 38.41 13.53 -2.10
N SER C 139 37.77 14.39 -2.92
CA SER C 139 36.63 14.01 -3.77
C SER C 139 37.09 12.97 -4.82
N PHE C 140 38.30 13.16 -5.36
CA PHE C 140 38.91 12.17 -6.28
C PHE C 140 39.07 10.84 -5.54
N TYR C 141 39.66 10.88 -4.35
CA TYR C 141 39.89 9.64 -3.55
C TYR C 141 38.56 8.94 -3.29
N LYS C 142 37.50 9.67 -2.94
CA LYS C 142 36.17 9.05 -2.69
C LYS C 142 35.72 8.29 -3.95
N ASN C 143 35.84 8.92 -5.11
CA ASN C 143 35.47 8.28 -6.40
C ASN C 143 36.29 7.00 -6.62
N LYS C 144 37.58 7.01 -6.25
CA LYS C 144 38.49 5.84 -6.43
C LYS C 144 38.11 4.74 -5.42
N CYS C 145 37.70 5.10 -4.20
CA CYS C 145 37.19 4.16 -3.17
C CYS C 145 36.03 3.36 -3.77
N ASN C 146 35.14 4.02 -4.52
CA ASN C 146 33.93 3.41 -5.13
C ASN C 146 34.34 2.43 -6.24
N GLU C 147 35.53 2.60 -6.81
CA GLU C 147 36.01 1.81 -8.00
C GLU C 147 36.94 0.67 -7.58
N SER C 148 37.65 0.79 -6.47
CA SER C 148 38.77 -0.12 -6.12
C SER C 148 38.62 -0.65 -4.70
N ARG C 149 38.46 -1.96 -4.54
CA ARG C 149 38.38 -2.59 -3.20
C ARG C 149 39.65 -2.26 -2.41
N TYR C 150 40.83 -2.23 -3.05
CA TYR C 150 42.12 -1.96 -2.35
C TYR C 150 42.15 -0.53 -1.81
N ILE C 151 41.72 0.46 -2.60
CA ILE C 151 41.76 1.87 -2.15
C ILE C 151 40.72 2.07 -1.04
N LYS C 152 39.54 1.44 -1.16
CA LYS C 152 38.47 1.50 -0.13
C LYS C 152 39.00 0.91 1.19
N GLU C 153 39.67 -0.24 1.10
CA GLU C 153 40.26 -0.93 2.28
C GLU C 153 41.24 0.03 2.95
N PHE C 154 42.10 0.69 2.16
CA PHE C 154 43.15 1.60 2.65
C PHE C 154 42.52 2.77 3.42
N PHE C 155 41.56 3.47 2.79
CA PHE C 155 40.92 4.66 3.45
C PHE C 155 40.08 4.25 4.66
N GLU C 156 39.34 3.14 4.61
CA GLU C 156 38.57 2.66 5.78
C GLU C 156 39.54 2.50 6.95
N GLU C 157 40.76 2.00 6.68
CA GLU C 157 41.76 1.74 7.74
C GLU C 157 42.29 3.09 8.24
N ILE C 158 42.78 3.98 7.36
CA ILE C 158 43.49 5.18 7.89
C ILE C 158 42.47 6.17 8.45
N GLN C 159 41.24 6.19 7.92
CA GLN C 159 40.23 7.16 8.38
C GLN C 159 39.69 6.74 9.77
N PHE C 160 39.38 5.45 9.95
CA PHE C 160 38.53 5.01 11.09
C PHE C 160 39.30 4.18 12.12
N ARG C 161 40.50 3.72 11.85
CA ARG C 161 41.08 2.75 12.84
C ARG C 161 41.27 3.44 14.19
N ASN C 162 41.20 2.62 15.24
CA ASN C 162 41.55 3.02 16.61
C ASN C 162 43.07 3.15 16.70
N ILE C 163 43.51 4.17 17.42
CA ILE C 163 44.95 4.52 17.59
C ILE C 163 45.24 4.57 19.09
N CYS C 164 46.07 3.63 19.56
CA CYS C 164 46.48 3.59 20.99
C CYS C 164 47.97 3.93 21.14
N GLY C 165 48.25 5.00 21.85
CA GLY C 165 49.60 5.42 22.19
C GLY C 165 49.91 5.03 23.63
N PHE C 166 51.18 4.84 23.93
CA PHE C 166 51.63 4.58 25.32
C PHE C 166 53.09 5.01 25.39
N PRO C 167 53.63 5.32 26.59
CA PRO C 167 52.82 5.37 27.81
C PRO C 167 51.82 6.54 27.84
N LYS C 168 50.76 6.42 28.65
CA LYS C 168 49.75 7.49 28.85
C LYS C 168 50.45 8.70 29.48
N GLN C 169 50.08 9.91 29.04
CA GLN C 169 50.79 11.17 29.36
C GLN C 169 50.03 11.92 30.45
N ALA C 170 50.70 12.87 31.10
CA ALA C 170 50.21 13.72 32.22
C ALA C 170 48.73 14.04 32.01
N GLY C 171 47.89 13.67 32.98
CA GLY C 171 46.46 14.02 32.99
C GLY C 171 45.61 12.89 32.46
N THR C 172 46.13 12.08 31.53
CA THR C 172 45.35 11.04 30.85
C THR C 172 45.24 9.83 31.78
N SER C 173 44.01 9.39 32.05
CA SER C 173 43.67 8.18 32.84
C SER C 173 44.06 6.93 32.04
N SER C 174 44.41 5.83 32.72
CA SER C 174 44.77 4.56 32.07
C SER C 174 43.60 4.00 31.23
N THR C 175 42.35 4.40 31.50
CA THR C 175 41.15 3.85 30.80
C THR C 175 40.50 4.92 29.92
N ASP C 176 41.18 6.04 29.71
CA ASP C 176 40.74 7.06 28.72
C ASP C 176 40.95 6.52 27.30
N ILE C 177 39.94 6.66 26.43
CA ILE C 177 40.04 6.25 25.01
C ILE C 177 40.75 7.38 24.25
N PHE C 178 40.35 8.63 24.46
CA PHE C 178 40.85 9.79 23.67
C PHE C 178 41.90 10.56 24.48
N ASP C 179 43.06 10.78 23.86
CA ASP C 179 44.20 11.47 24.52
C ASP C 179 45.04 12.15 23.46
N GLN C 180 46.25 12.59 23.83
CA GLN C 180 47.08 13.40 22.89
C GLN C 180 47.47 12.58 21.65
N PHE C 181 47.47 11.25 21.73
CA PHE C 181 47.92 10.40 20.58
C PHE C 181 46.85 10.34 19.48
N ASN C 182 45.56 10.53 19.77
CA ASN C 182 44.47 10.07 18.85
C ASN C 182 43.33 11.09 18.77
N SER C 183 43.54 12.30 19.23
CA SER C 183 42.48 13.34 19.31
C SER C 183 43.13 14.72 19.28
N VAL C 184 42.36 15.71 18.83
CA VAL C 184 42.81 17.12 18.79
C VAL C 184 41.90 17.94 19.69
N ASP C 185 42.48 18.94 20.35
CA ASP C 185 41.79 19.81 21.32
C ASP C 185 40.84 20.76 20.57
N VAL C 186 39.69 21.03 21.17
CA VAL C 186 38.78 22.11 20.74
C VAL C 186 38.99 23.30 21.68
N LEU C 187 39.51 24.42 21.14
CA LEU C 187 39.87 25.61 21.95
C LEU C 187 38.93 26.78 21.62
N LEU C 188 38.46 27.44 22.66
CA LEU C 188 37.74 28.73 22.58
C LEU C 188 38.67 29.87 23.03
N GLN C 189 38.20 31.09 22.84
CA GLN C 189 38.95 32.30 23.16
C GLN C 189 38.64 32.72 24.59
N ASP C 190 39.68 33.04 25.36
CA ASP C 190 39.48 33.77 26.64
C ASP C 190 38.89 35.13 26.30
N PRO C 191 37.69 35.50 26.81
CA PRO C 191 37.07 36.79 26.47
C PRO C 191 37.96 38.03 26.72
N VAL C 192 38.69 38.03 27.83
CA VAL C 192 39.45 39.22 28.32
C VAL C 192 40.77 39.34 27.55
N THR C 193 41.51 38.24 27.39
CA THR C 193 42.87 38.27 26.81
C THR C 193 42.85 38.02 25.30
N SER C 194 41.75 37.46 24.78
CA SER C 194 41.56 37.02 23.37
C SER C 194 42.48 35.86 22.97
N VAL C 195 43.18 35.21 23.93
CA VAL C 195 44.06 34.06 23.63
C VAL C 195 43.17 32.82 23.43
N TRP C 196 43.46 32.01 22.40
CA TRP C 196 42.74 30.74 22.12
C TRP C 196 43.35 29.64 23.00
N ASN C 197 42.97 29.59 24.28
CA ASN C 197 43.60 28.65 25.24
C ASN C 197 42.54 28.01 26.14
N LYS C 198 41.25 28.15 25.83
CA LYS C 198 40.16 27.54 26.64
C LYS C 198 39.77 26.20 26.00
N LYS C 199 40.28 25.09 26.55
CA LYS C 199 39.95 23.74 26.03
C LYS C 199 38.53 23.36 26.48
N VAL C 200 37.65 22.99 25.55
CA VAL C 200 36.26 22.55 25.90
C VAL C 200 36.07 21.08 25.58
N GLY C 201 37.10 20.43 25.03
CA GLY C 201 37.07 18.98 24.77
C GLY C 201 38.02 18.62 23.66
N SER C 202 37.86 17.42 23.13
CA SER C 202 38.74 16.89 22.07
C SER C 202 37.88 16.10 21.08
N LYS C 203 38.41 15.94 19.88
CA LYS C 203 37.73 15.23 18.78
C LYS C 203 38.66 14.14 18.26
N LYS C 204 38.12 12.97 17.99
CA LYS C 204 38.87 11.84 17.39
C LYS C 204 39.60 12.36 16.15
N ALA C 205 40.90 12.10 16.05
CA ALA C 205 41.76 12.53 14.92
C ALA C 205 42.56 11.35 14.38
N ASN C 206 42.53 11.13 13.07
CA ASN C 206 43.33 10.08 12.40
C ASN C 206 44.34 10.72 11.45
N ILE C 207 43.91 11.82 10.79
CA ILE C 207 44.68 12.43 9.67
C ILE C 207 44.58 13.96 9.81
N VAL C 208 45.73 14.63 9.78
CA VAL C 208 45.78 16.13 9.71
C VAL C 208 46.63 16.53 8.50
N ILE C 209 46.08 17.37 7.61
CA ILE C 209 46.79 17.80 6.38
C ILE C 209 46.97 19.31 6.46
N ILE C 210 48.21 19.76 6.34
CA ILE C 210 48.58 21.20 6.47
C ILE C 210 49.57 21.53 5.37
N PRO C 211 49.69 22.84 5.03
CA PRO C 211 50.74 23.29 4.12
C PRO C 211 52.13 23.02 4.69
N PRO C 212 53.14 22.80 3.82
CA PRO C 212 54.53 22.82 4.27
C PRO C 212 54.82 24.08 5.10
N ALA C 213 55.41 23.88 6.27
CA ALA C 213 55.67 24.93 7.27
C ALA C 213 56.76 25.88 6.78
N THR C 214 57.02 26.94 7.53
CA THR C 214 57.98 28.01 7.14
C THR C 214 59.38 27.43 6.88
N ASN C 215 59.80 26.37 7.60
CA ASN C 215 61.19 25.86 7.51
C ASN C 215 61.37 25.01 6.25
N LEU C 216 60.28 24.60 5.58
CA LEU C 216 60.31 23.66 4.44
C LEU C 216 60.17 24.38 3.11
N PRO C 217 60.68 23.78 2.01
CA PRO C 217 60.37 24.27 0.66
C PRO C 217 58.89 24.02 0.34
N ILE C 218 58.33 24.81 -0.60
CA ILE C 218 56.87 24.80 -0.86
C ILE C 218 56.49 23.52 -1.61
N THR C 219 57.48 22.81 -2.16
CA THR C 219 57.32 21.57 -2.96
C THR C 219 57.46 20.31 -2.09
N GLU C 220 57.78 20.47 -0.81
CA GLU C 220 58.02 19.32 0.10
C GLU C 220 56.70 18.61 0.41
N ALA C 221 56.74 17.27 0.51
CA ALA C 221 55.63 16.48 1.10
C ALA C 221 56.26 15.65 2.23
N CYS C 222 55.71 15.72 3.42
CA CYS C 222 56.37 15.13 4.63
C CYS C 222 55.27 14.61 5.56
N ALA C 223 55.33 13.34 5.97
CA ALA C 223 54.41 12.80 7.00
C ALA C 223 55.18 12.62 8.32
N THR C 224 54.56 13.01 9.44
CA THR C 224 55.17 12.96 10.78
C THR C 224 54.16 12.33 11.74
N ALA C 225 54.70 11.69 12.78
CA ALA C 225 53.85 11.33 13.93
C ALA C 225 53.17 12.61 14.45
N GLY C 226 51.86 12.59 14.56
CA GLY C 226 51.06 13.74 15.02
C GLY C 226 51.42 14.15 16.44
N PHE C 227 51.66 13.16 17.31
CA PHE C 227 52.03 13.42 18.71
C PHE C 227 53.15 12.45 19.11
N GLN C 228 54.20 12.98 19.74
CA GLN C 228 55.35 12.23 20.30
C GLN C 228 55.48 12.63 21.76
N PRO C 229 55.53 11.69 22.73
CA PRO C 229 55.93 12.03 24.08
C PRO C 229 57.44 12.36 24.10
N GLU C 230 57.92 13.00 25.16
CA GLU C 230 59.38 13.21 25.39
C GLU C 230 60.05 11.85 25.43
N GLY C 231 61.30 11.76 24.99
CA GLY C 231 62.07 10.50 24.95
C GLY C 231 61.83 9.77 23.64
N PHE C 232 62.22 8.50 23.56
CA PHE C 232 62.29 7.73 22.30
C PHE C 232 60.93 7.08 22.02
N PRO C 233 60.42 7.11 20.77
CA PRO C 233 59.14 6.47 20.45
C PRO C 233 59.24 4.94 20.59
N LYS C 234 58.13 4.32 20.98
CA LYS C 234 58.06 2.86 21.20
C LYS C 234 57.34 2.21 20.01
N LEU C 235 57.92 1.13 19.49
CA LEU C 235 57.23 0.31 18.46
C LEU C 235 55.90 -0.19 19.02
N GLY C 236 54.82 0.03 18.28
CA GLY C 236 53.46 -0.41 18.59
C GLY C 236 52.63 0.69 19.22
N SER C 237 53.25 1.80 19.59
CA SER C 237 52.55 3.00 20.13
C SER C 237 52.14 3.90 18.96
N GLY C 238 50.84 3.98 18.68
CA GLY C 238 50.32 4.71 17.50
C GLY C 238 50.07 6.18 17.80
N SER C 239 50.02 7.01 16.73
CA SER C 239 49.60 8.42 16.77
C SER C 239 48.79 8.70 15.50
N PHE C 240 47.85 9.63 15.56
CA PHE C 240 47.39 10.29 14.30
C PHE C 240 48.65 10.75 13.56
N PHE C 241 48.53 10.99 12.23
CA PHE C 241 49.69 11.50 11.48
C PHE C 241 49.31 12.85 10.87
N THR C 242 50.33 13.70 10.80
CA THR C 242 50.28 15.03 10.15
C THR C 242 51.01 14.91 8.82
N VAL C 243 50.39 15.38 7.72
CA VAL C 243 51.09 15.44 6.42
C VAL C 243 51.20 16.93 6.04
N GLN C 244 52.43 17.38 5.79
CA GLN C 244 52.71 18.68 5.14
C GLN C 244 52.68 18.45 3.62
N PHE C 245 51.75 19.12 2.93
CA PHE C 245 51.46 18.80 1.52
C PHE C 245 50.77 19.99 0.84
N ASP C 246 51.11 20.22 -0.42
CA ASP C 246 50.47 21.33 -1.19
C ASP C 246 50.29 20.88 -2.63
N PRO C 247 49.05 20.61 -3.09
CA PRO C 247 48.85 19.98 -4.39
C PRO C 247 48.99 21.01 -5.52
N PHE C 248 49.26 22.26 -5.18
CA PHE C 248 49.38 23.35 -6.21
C PHE C 248 50.80 23.42 -6.77
N PHE C 249 51.72 22.60 -6.27
CA PHE C 249 53.10 22.49 -6.79
C PHE C 249 53.47 21.02 -6.90
N SER C 250 54.39 20.72 -7.79
CA SER C 250 54.96 19.37 -7.95
C SER C 250 56.35 19.50 -8.57
N THR C 251 57.06 18.39 -8.68
CA THR C 251 58.43 18.33 -9.21
C THR C 251 58.45 17.33 -10.38
N ARG C 252 59.34 17.55 -11.33
CA ARG C 252 59.48 16.63 -12.47
C ARG C 252 60.26 15.38 -12.03
N PHE C 253 60.17 14.33 -12.83
CA PHE C 253 60.93 13.07 -12.64
C PHE C 253 61.35 12.48 -13.99
N LYS C 254 62.38 11.62 -13.94
CA LYS C 254 63.14 11.05 -15.08
C LYS C 254 63.69 12.19 -15.94
N THR C 258 66.88 10.77 -21.18
CA THR C 258 66.91 9.30 -20.92
C THR C 258 65.68 8.67 -21.58
N ASP C 259 64.49 8.96 -21.04
CA ASP C 259 63.16 8.65 -21.63
C ASP C 259 62.20 9.80 -21.27
N ASP C 260 60.89 9.57 -21.38
CA ASP C 260 59.81 10.51 -20.96
C ASP C 260 60.14 11.14 -19.59
N VAL C 261 60.46 12.44 -19.58
CA VAL C 261 60.37 13.30 -18.36
C VAL C 261 58.90 13.71 -18.20
N ALA C 262 58.40 13.74 -16.98
CA ALA C 262 56.99 14.01 -16.64
C ALA C 262 56.92 14.65 -15.25
N LEU C 263 55.71 15.02 -14.83
CA LEU C 263 55.48 15.67 -13.53
C LEU C 263 54.92 14.64 -12.54
N LEU C 264 55.44 14.64 -11.31
CA LEU C 264 54.87 13.82 -10.21
C LEU C 264 53.41 14.25 -9.98
N ASP C 265 52.50 13.27 -9.89
CA ASP C 265 51.06 13.52 -9.64
C ASP C 265 50.88 13.80 -8.14
N PRO C 266 50.43 15.00 -7.70
CA PRO C 266 50.25 15.27 -6.27
C PRO C 266 49.33 14.27 -5.56
N THR C 267 48.33 13.72 -6.26
CA THR C 267 47.37 12.75 -5.62
C THR C 267 48.14 11.47 -5.26
N LEU C 268 49.12 11.05 -6.05
CA LEU C 268 49.96 9.87 -5.70
C LEU C 268 50.95 10.26 -4.59
N THR C 269 51.54 11.46 -4.66
CA THR C 269 52.46 11.98 -3.63
C THR C 269 51.75 11.94 -2.28
N LEU C 270 50.49 12.38 -2.20
CA LEU C 270 49.78 12.37 -0.91
C LEU C 270 49.50 10.90 -0.49
N LEU C 271 49.15 10.01 -1.41
CA LEU C 271 48.88 8.56 -1.10
C LEU C 271 50.14 7.92 -0.51
N HIS C 272 51.32 8.24 -1.06
CA HIS C 272 52.63 7.79 -0.51
C HIS C 272 52.75 8.29 0.94
N GLU C 273 52.55 9.58 1.19
CA GLU C 273 52.70 10.16 2.55
C GLU C 273 51.67 9.53 3.50
N MSE C 274 50.47 9.23 3.01
CA MSE C 274 49.44 8.67 3.91
C MSE C 274 49.69 7.19 4.20
O MSE C 274 49.14 6.65 5.17
CB MSE C 274 48.05 8.92 3.33
CG MSE C 274 47.70 10.39 3.36
SE MSE C 274 45.84 10.79 2.98
CE MSE C 274 45.72 9.79 1.34
N THR C 275 50.48 6.53 3.34
CA THR C 275 50.95 5.18 3.62
C THR C 275 51.98 5.22 4.75
N HIS C 276 52.96 6.13 4.75
CA HIS C 276 53.80 6.39 5.96
C HIS C 276 52.85 6.66 7.13
N GLY C 277 51.78 7.42 6.87
CA GLY C 277 50.75 7.77 7.86
C GLY C 277 50.20 6.52 8.55
N LEU C 278 49.79 5.51 7.77
CA LEU C 278 49.26 4.24 8.33
C LEU C 278 50.31 3.65 9.29
N HIS C 279 51.58 3.69 8.91
CA HIS C 279 52.70 3.14 9.71
C HIS C 279 52.78 3.90 11.06
N PHE C 280 52.63 5.23 11.04
CA PHE C 280 52.62 6.08 12.26
C PHE C 280 51.40 5.74 13.11
N GLN C 281 50.25 5.44 12.51
CA GLN C 281 49.00 5.15 13.26
C GLN C 281 49.20 3.87 14.07
N LYS C 282 50.01 2.95 13.57
CA LYS C 282 50.27 1.66 14.28
C LYS C 282 51.57 1.71 15.07
N GLY C 283 52.36 2.77 14.99
CA GLY C 283 53.66 2.82 15.69
C GLY C 283 54.68 1.86 15.10
N ILE C 284 54.70 1.67 13.78
CA ILE C 284 55.65 0.71 13.12
C ILE C 284 56.50 1.43 12.05
N ALA C 285 56.44 2.76 12.00
CA ALA C 285 57.12 3.56 10.95
C ALA C 285 58.60 3.78 11.26
N ASN C 286 58.96 3.90 12.54
CA ASN C 286 60.24 4.53 12.96
C ASN C 286 60.89 3.69 14.04
N PRO C 287 61.39 2.47 13.72
CA PRO C 287 62.09 1.69 14.73
C PRO C 287 63.38 2.39 15.17
N VAL C 288 63.59 2.54 16.48
CA VAL C 288 64.85 3.09 17.03
C VAL C 288 65.34 2.17 18.15
N ASN C 289 66.66 2.16 18.35
CA ASN C 289 67.31 1.33 19.40
C ASN C 289 67.24 2.09 20.74
N ARG C 290 67.88 1.57 21.77
CA ARG C 290 67.80 2.18 23.13
C ARG C 290 68.57 3.51 23.16
N SER C 291 69.45 3.76 22.17
CA SER C 291 70.16 5.05 21.98
C SER C 291 69.33 6.03 21.15
N GLY C 292 68.18 5.60 20.61
CA GLY C 292 67.26 6.47 19.84
C GLY C 292 67.61 6.55 18.37
N GLU C 293 68.54 5.71 17.89
CA GLU C 293 69.03 5.67 16.49
C GLU C 293 68.39 4.51 15.73
N THR C 294 68.23 4.67 14.42
CA THR C 294 67.71 3.62 13.51
C THR C 294 68.69 2.45 13.49
N PRO C 295 68.22 1.20 13.75
CA PRO C 295 69.13 0.05 13.79
C PRO C 295 69.59 -0.34 12.38
N ALA C 296 70.72 -1.05 12.29
CA ALA C 296 71.33 -1.39 10.98
C ALA C 296 70.34 -2.24 10.17
N TRP C 297 69.52 -3.06 10.82
CA TRP C 297 68.58 -3.98 10.10
C TRP C 297 67.42 -3.20 9.46
N ALA C 298 67.26 -1.92 9.79
CA ALA C 298 66.14 -1.08 9.31
C ALA C 298 66.57 -0.24 8.11
N THR C 299 67.82 -0.37 7.66
CA THR C 299 68.35 0.42 6.53
C THR C 299 68.87 -0.53 5.45
N THR C 300 68.74 -0.12 4.19
CA THR C 300 69.28 -0.81 2.99
C THR C 300 70.17 0.19 2.27
N TRP C 301 71.16 -0.32 1.53
CA TRP C 301 72.15 0.49 0.76
C TRP C 301 71.86 0.33 -0.74
N GLY C 302 70.87 1.08 -1.23
CA GLY C 302 70.43 1.10 -2.65
C GLY C 302 70.73 2.43 -3.31
N LYS C 312 73.79 4.26 6.01
CA LYS C 312 72.39 4.55 6.40
C LYS C 312 71.59 5.01 5.17
N GLU C 313 71.97 4.55 3.97
CA GLU C 313 71.50 5.05 2.65
C GLU C 313 69.97 5.19 2.62
N THR C 314 69.19 4.10 2.54
CA THR C 314 67.70 4.21 2.46
C THR C 314 67.00 3.33 3.51
N PRO C 315 66.12 3.89 4.35
CA PRO C 315 65.35 3.07 5.29
C PRO C 315 64.42 2.08 4.61
N MSE C 316 64.28 0.87 5.18
CA MSE C 316 63.29 -0.10 4.74
C MSE C 316 61.86 0.47 4.77
O MSE C 316 61.02 0.10 3.95
CB MSE C 316 63.35 -1.37 5.61
CG MSE C 316 64.23 -2.45 5.03
SE MSE C 316 63.48 -3.12 3.35
CE MSE C 316 62.68 -4.86 3.66
N GLU C 317 61.59 1.38 5.71
CA GLU C 317 60.30 2.05 5.80
C GLU C 317 60.00 2.75 4.46
N GLU C 318 61.01 3.34 3.86
CA GLU C 318 60.82 4.07 2.57
C GLU C 318 60.59 3.05 1.45
N LEU C 319 61.41 1.99 1.36
CA LEU C 319 61.28 1.02 0.24
C LEU C 319 59.91 0.32 0.32
N LEU C 320 59.43 -0.02 1.52
CA LEU C 320 58.15 -0.76 1.68
C LEU C 320 56.96 0.18 1.42
N THR C 321 57.14 1.50 1.55
CA THR C 321 56.09 2.51 1.27
C THR C 321 56.09 2.82 -0.24
N PHE C 322 57.26 2.77 -0.86
CA PHE C 322 57.46 3.18 -2.29
C PHE C 322 57.13 2.02 -3.23
N ASN C 323 57.88 0.92 -3.14
CA ASN C 323 57.78 -0.21 -4.08
C ASN C 323 58.60 -1.39 -3.57
N LYS C 324 57.91 -2.42 -3.12
CA LYS C 324 58.49 -3.71 -2.65
C LYS C 324 59.54 -4.20 -3.66
N HIS C 325 59.27 -4.00 -4.96
CA HIS C 325 60.11 -4.53 -6.07
C HIS C 325 61.50 -3.88 -6.09
N THR C 326 61.68 -2.72 -5.46
CA THR C 326 63.01 -2.04 -5.37
C THR C 326 63.92 -2.77 -4.39
N ILE C 327 63.39 -3.69 -3.59
CA ILE C 327 64.21 -4.45 -2.59
C ILE C 327 65.08 -5.46 -3.35
N ASP C 328 64.47 -6.20 -4.28
CA ASP C 328 65.16 -7.19 -5.14
C ASP C 328 64.32 -7.43 -6.40
N ASP C 329 64.98 -7.70 -7.55
CA ASP C 329 64.31 -8.03 -8.83
C ASP C 329 63.40 -9.25 -8.68
N ASP C 330 63.74 -10.22 -7.79
CA ASP C 330 62.90 -11.41 -7.58
C ASP C 330 61.89 -11.07 -6.48
N ILE C 331 60.59 -11.14 -6.79
CA ILE C 331 59.49 -10.81 -5.85
C ILE C 331 59.62 -11.69 -4.60
N GLU C 332 60.03 -12.96 -4.76
CA GLU C 332 60.06 -13.89 -3.59
C GLU C 332 61.19 -13.45 -2.65
N ILE C 333 62.32 -12.97 -3.20
CA ILE C 333 63.43 -12.41 -2.36
C ILE C 333 62.95 -11.11 -1.71
N SER C 334 62.25 -10.23 -2.44
CA SER C 334 61.70 -8.97 -1.86
C SER C 334 60.81 -9.33 -0.66
N ASP C 335 59.96 -10.34 -0.85
CA ASP C 335 58.98 -10.78 0.18
C ASP C 335 59.75 -11.33 1.38
N HIS C 336 60.84 -12.06 1.15
CA HIS C 336 61.66 -12.67 2.25
C HIS C 336 62.33 -11.56 3.04
N LEU C 337 62.91 -10.55 2.37
CA LEU C 337 63.61 -9.45 3.08
C LEU C 337 62.58 -8.59 3.82
N LYS C 338 61.40 -8.41 3.25
CA LYS C 338 60.27 -7.70 3.90
C LYS C 338 59.91 -8.46 5.19
N SER C 339 59.72 -9.76 5.09
N SER C 339 59.71 -9.77 5.08
CA SER C 339 59.34 -10.64 6.24
CA SER C 339 59.36 -10.65 6.23
C SER C 339 60.41 -10.59 7.34
C SER C 339 60.41 -10.56 7.34
N THR C 340 61.69 -10.51 6.98
CA THR C 340 62.82 -10.40 7.96
C THR C 340 62.70 -9.09 8.74
N TYR C 341 62.45 -7.98 8.05
CA TYR C 341 62.28 -6.65 8.66
C TYR C 341 61.07 -6.63 9.58
N ILE C 342 59.94 -7.17 9.13
CA ILE C 342 58.68 -7.18 9.92
C ILE C 342 58.91 -8.08 11.16
N GLY C 343 59.62 -9.18 10.97
CA GLY C 343 60.07 -10.03 12.09
C GLY C 343 60.77 -9.22 13.17
N PHE C 344 61.70 -8.34 12.81
CA PHE C 344 62.45 -7.49 13.79
C PHE C 344 61.54 -6.39 14.37
N LEU C 345 60.66 -5.75 13.58
CA LEU C 345 59.67 -4.81 14.17
C LEU C 345 58.87 -5.54 15.26
N TYR C 346 58.45 -6.77 14.98
CA TYR C 346 57.53 -7.55 15.86
C TYR C 346 58.28 -8.04 17.10
N ASN C 347 59.45 -8.65 16.91
CA ASN C 347 60.15 -9.39 18.02
C ASN C 347 61.24 -8.51 18.65
N GLY C 348 61.59 -7.38 18.01
CA GLY C 348 62.76 -6.61 18.43
C GLY C 348 64.03 -7.39 18.15
N ARG C 349 65.15 -6.94 18.71
CA ARG C 349 66.43 -7.64 18.56
C ARG C 349 67.34 -7.31 19.74
N ASN C 350 67.96 -8.34 20.31
CA ASN C 350 68.94 -8.22 21.42
C ASN C 350 70.34 -8.26 20.82
N GLU C 351 71.13 -7.20 21.07
CA GLU C 351 72.52 -7.07 20.54
C GLU C 351 73.52 -7.25 21.67
N ASP C 352 74.76 -7.68 21.37
CA ASP C 352 75.81 -7.83 22.41
C ASP C 352 76.19 -6.45 22.97
N ASP C 353 75.98 -5.36 22.20
CA ASP C 353 75.95 -3.96 22.71
C ASP C 353 74.51 -3.59 23.05
N PRO C 354 74.12 -3.55 24.36
CA PRO C 354 72.72 -3.34 24.74
C PRO C 354 72.14 -2.01 24.26
N THR C 355 72.97 -0.98 24.05
CA THR C 355 72.53 0.35 23.56
C THR C 355 72.03 0.24 22.12
N GLU C 356 72.31 -0.87 21.43
CA GLU C 356 71.86 -1.11 20.02
C GLU C 356 70.65 -2.06 19.97
N SER C 357 70.21 -2.60 21.11
CA SER C 357 69.00 -3.46 21.16
C SER C 357 67.77 -2.64 20.79
N VAL C 358 66.76 -3.32 20.26
CA VAL C 358 65.45 -2.72 19.89
C VAL C 358 64.35 -3.50 20.60
N ASP C 359 63.46 -2.76 21.28
CA ASP C 359 62.24 -3.32 21.92
C ASP C 359 61.16 -3.42 20.85
N GLY C 360 60.66 -4.62 20.58
CA GLY C 360 59.69 -4.91 19.52
C GLY C 360 58.26 -4.58 19.90
N VAL C 361 57.36 -4.64 18.92
CA VAL C 361 55.90 -4.40 19.12
C VAL C 361 55.37 -5.40 20.16
N TYR C 362 55.73 -6.67 20.04
CA TYR C 362 55.08 -7.70 20.89
C TYR C 362 55.40 -7.41 22.37
N GLN C 363 56.65 -7.13 22.71
CA GLN C 363 57.01 -6.89 24.14
C GLN C 363 56.42 -5.56 24.61
N ASN C 364 56.42 -4.53 23.75
CA ASN C 364 55.90 -3.21 24.18
C ASN C 364 54.39 -3.30 24.41
N VAL C 365 53.62 -3.85 23.47
CA VAL C 365 52.14 -3.90 23.58
C VAL C 365 51.75 -4.87 24.71
N SER C 366 52.38 -6.02 24.78
CA SER C 366 52.03 -7.02 25.83
C SER C 366 52.34 -6.42 27.21
N SER C 367 53.47 -5.74 27.37
CA SER C 367 53.85 -5.05 28.63
C SER C 367 52.80 -4.00 29.00
N PHE C 368 52.39 -3.18 28.02
CA PHE C 368 51.37 -2.13 28.25
C PHE C 368 50.06 -2.79 28.68
N LEU C 369 49.61 -3.83 27.99
CA LEU C 369 48.24 -4.37 28.22
C LEU C 369 48.24 -5.20 29.51
N ASN C 370 49.39 -5.77 29.85
N ASN C 370 49.39 -5.78 29.86
CA ASN C 370 49.58 -6.61 31.07
CA ASN C 370 49.54 -6.63 31.08
C ASN C 370 49.26 -5.78 32.31
C ASN C 370 49.27 -5.78 32.33
N GLN C 371 49.48 -4.46 32.26
CA GLN C 371 49.23 -3.55 33.40
C GLN C 371 47.77 -3.65 33.87
N TYR C 372 46.86 -3.97 32.96
CA TYR C 372 45.39 -3.97 33.22
C TYR C 372 44.94 -5.27 33.88
N ARG C 373 45.82 -6.28 33.97
CA ARG C 373 45.47 -7.62 34.51
C ARG C 373 44.79 -7.43 35.88
N GLY C 374 43.55 -7.90 35.99
CA GLY C 374 42.78 -7.99 37.25
C GLY C 374 41.97 -6.73 37.54
N PHE C 375 42.10 -5.67 36.73
CA PHE C 375 41.40 -4.39 36.95
C PHE C 375 40.09 -4.36 36.15
N GLU C 376 39.01 -3.92 36.79
CA GLU C 376 37.72 -3.64 36.10
C GLU C 376 37.97 -2.49 35.12
N ILE C 377 37.60 -2.68 33.86
CA ILE C 377 37.66 -1.63 32.82
C ILE C 377 36.31 -1.58 32.12
N SER C 378 35.96 -0.41 31.58
CA SER C 378 34.72 -0.18 30.80
C SER C 378 34.71 -1.09 29.56
N SER C 379 33.54 -1.53 29.12
CA SER C 379 33.39 -2.27 27.84
C SER C 379 33.92 -1.37 26.72
N ASP C 380 33.70 -0.05 26.80
CA ASP C 380 34.16 0.90 25.75
C ASP C 380 35.69 0.81 25.64
N PHE C 381 36.42 0.81 26.76
CA PHE C 381 37.91 0.78 26.70
C PHE C 381 38.37 -0.61 26.25
N GLN C 382 37.74 -1.67 26.75
CA GLN C 382 38.01 -3.06 26.30
C GLN C 382 37.93 -3.14 24.78
N HIS C 383 36.80 -2.72 24.22
CA HIS C 383 36.50 -2.83 22.77
C HIS C 383 37.49 -1.99 21.97
N PHE C 384 37.85 -0.81 22.49
CA PHE C 384 38.86 0.11 21.89
C PHE C 384 40.18 -0.64 21.68
N ILE C 385 40.66 -1.28 22.73
CA ILE C 385 41.94 -2.05 22.66
C ILE C 385 41.78 -3.26 21.75
N GLU C 386 40.67 -4.00 21.87
CA GLU C 386 40.44 -5.24 21.08
C GLU C 386 40.53 -4.87 19.60
N SER C 387 39.88 -3.76 19.23
N SER C 387 39.86 -3.78 19.24
CA SER C 387 39.76 -3.29 17.83
CA SER C 387 39.77 -3.29 17.84
C SER C 387 41.12 -2.81 17.31
C SER C 387 41.15 -2.87 17.34
N CYS C 388 41.86 -2.09 18.15
CA CYS C 388 43.18 -1.52 17.80
C CYS C 388 44.17 -2.64 17.47
N TYR C 389 44.33 -3.61 18.37
CA TYR C 389 45.43 -4.59 18.26
C TYR C 389 44.95 -5.95 17.76
N GLY C 390 43.63 -6.13 17.61
CA GLY C 390 43.03 -7.40 17.19
C GLY C 390 43.25 -8.47 18.25
N VAL C 391 43.07 -8.08 19.51
CA VAL C 391 43.25 -8.98 20.69
C VAL C 391 41.88 -9.20 21.32
N LYS C 392 41.83 -10.12 22.28
CA LYS C 392 40.58 -10.55 22.96
C LYS C 392 40.75 -10.26 24.45
N TYR C 393 39.66 -10.36 25.19
CA TYR C 393 39.62 -10.03 26.62
C TYR C 393 39.01 -11.23 27.35
N ASN C 394 39.66 -11.63 28.45
CA ASN C 394 39.23 -12.73 29.35
C ASN C 394 38.48 -12.09 30.51
N GLN C 395 37.16 -12.26 30.57
CA GLN C 395 36.28 -11.60 31.58
C GLN C 395 36.58 -12.20 32.97
N GLU C 396 36.84 -13.51 33.03
CA GLU C 396 37.08 -14.27 34.29
C GLU C 396 38.34 -13.70 35.00
N SER C 397 39.44 -13.49 34.27
CA SER C 397 40.73 -12.99 34.83
C SER C 397 40.87 -11.46 34.67
N LYS C 398 39.91 -10.81 34.00
CA LYS C 398 39.98 -9.36 33.68
C LYS C 398 41.35 -9.05 33.06
N LYS C 399 41.68 -9.72 31.96
CA LYS C 399 42.99 -9.50 31.32
C LYS C 399 42.86 -9.60 29.80
N PHE C 400 43.69 -8.85 29.10
CA PHE C 400 43.80 -8.92 27.62
C PHE C 400 44.52 -10.20 27.27
N ILE C 401 44.03 -10.89 26.25
CA ILE C 401 44.67 -12.11 25.68
C ILE C 401 45.48 -11.65 24.50
N VAL C 402 46.79 -11.56 24.65
CA VAL C 402 47.69 -10.91 23.65
C VAL C 402 48.36 -12.03 22.85
N ASN C 403 47.63 -12.57 21.87
CA ASN C 403 48.06 -13.72 21.04
C ASN C 403 49.19 -13.27 20.12
N PRO C 404 50.37 -13.93 20.14
CA PRO C 404 51.46 -13.61 19.22
C PRO C 404 51.02 -13.44 17.76
N ARG C 405 50.27 -14.41 17.23
CA ARG C 405 49.85 -14.36 15.80
C ARG C 405 49.03 -13.08 15.54
N ASN C 406 48.21 -12.61 16.48
CA ASN C 406 47.36 -11.41 16.27
C ASN C 406 48.25 -10.16 16.19
N ILE C 407 49.28 -10.09 17.03
CA ILE C 407 50.21 -8.91 17.05
C ILE C 407 51.10 -8.99 15.80
N LYS C 408 51.52 -10.17 15.36
CA LYS C 408 52.27 -10.32 14.09
C LYS C 408 51.41 -9.77 12.94
N ARG C 409 50.12 -10.14 12.90
CA ARG C 409 49.17 -9.69 11.84
C ARG C 409 49.04 -8.15 11.89
N TYR C 410 48.97 -7.56 13.09
CA TYR C 410 48.89 -6.10 13.29
C TYR C 410 50.04 -5.42 12.56
N VAL C 411 51.26 -5.93 12.72
CA VAL C 411 52.46 -5.36 12.04
C VAL C 411 52.35 -5.63 10.53
N GLN C 412 52.09 -6.89 10.16
CA GLN C 412 52.05 -7.29 8.70
C GLN C 412 51.01 -6.46 7.95
N ASP C 413 49.81 -6.29 8.51
CA ASP C 413 48.70 -5.54 7.87
C ASP C 413 49.12 -4.11 7.53
N GLY C 414 50.05 -3.53 8.30
CA GLY C 414 50.53 -2.14 8.09
C GLY C 414 51.20 -1.95 6.74
N PHE C 415 51.72 -3.03 6.13
CA PHE C 415 52.51 -2.95 4.87
C PHE C 415 51.78 -3.63 3.70
N PHE C 416 50.46 -3.63 3.69
CA PHE C 416 49.63 -4.36 2.70
C PHE C 416 49.59 -3.63 1.34
N ILE C 417 49.90 -2.33 1.31
CA ILE C 417 49.85 -1.54 0.03
C ILE C 417 51.02 -0.55 0.01
N ASP C 418 51.44 -0.17 -1.19
CA ASP C 418 52.59 0.74 -1.41
C ASP C 418 52.22 1.67 -2.56
N GLU C 419 53.08 2.64 -2.81
CA GLU C 419 52.87 3.68 -3.86
C GLU C 419 52.73 2.99 -5.24
N ALA C 420 53.56 1.99 -5.54
CA ALA C 420 53.56 1.32 -6.84
C ALA C 420 52.21 0.64 -7.09
N LYS C 421 51.60 0.05 -6.07
CA LYS C 421 50.28 -0.58 -6.21
C LYS C 421 49.23 0.49 -6.53
N PHE C 422 49.21 1.59 -5.79
CA PHE C 422 48.29 2.72 -6.04
C PHE C 422 48.47 3.18 -7.50
N ALA C 423 49.70 3.30 -7.95
CA ALA C 423 50.02 3.83 -9.31
C ALA C 423 49.46 2.87 -10.36
N ARG C 424 49.54 1.56 -10.14
CA ARG C 424 49.02 0.53 -11.07
C ARG C 424 47.49 0.63 -11.11
N ILE C 425 46.84 0.74 -9.95
CA ILE C 425 45.36 0.80 -9.89
C ILE C 425 44.88 2.06 -10.60
N LEU C 426 45.57 3.18 -10.40
CA LEU C 426 45.12 4.53 -10.84
C LEU C 426 45.73 4.93 -12.19
N ASN C 427 46.61 4.10 -12.76
CA ASN C 427 47.32 4.40 -14.03
C ASN C 427 47.99 5.77 -13.89
N ILE C 428 48.71 5.97 -12.80
CA ILE C 428 49.53 7.19 -12.56
C ILE C 428 50.99 6.84 -12.81
N LYS C 429 51.70 7.70 -13.54
CA LYS C 429 53.14 7.51 -13.83
C LYS C 429 53.94 7.92 -12.59
N THR C 430 54.95 7.15 -12.21
CA THR C 430 55.83 7.52 -11.07
C THR C 430 57.26 7.07 -11.36
N ARG C 431 58.17 7.41 -10.45
CA ARG C 431 59.58 6.96 -10.47
C ARG C 431 59.59 5.44 -10.38
N SER C 432 60.47 4.77 -11.13
CA SER C 432 60.70 3.30 -11.05
C SER C 432 61.67 3.00 -9.90
N TYR C 433 62.58 3.94 -9.61
CA TYR C 433 63.60 3.86 -8.53
C TYR C 433 63.60 5.22 -7.81
N TYR C 434 64.28 5.31 -6.67
CA TYR C 434 64.34 6.55 -5.85
C TYR C 434 65.57 6.54 -4.93
N PRO C 438 70.34 12.65 -9.28
CA PRO C 438 69.99 12.86 -10.67
C PRO C 438 70.08 14.30 -11.19
N ASP C 439 69.46 14.55 -12.35
CA ASP C 439 69.50 15.84 -13.09
C ASP C 439 68.45 15.82 -14.22
N ASN C 440 68.87 15.66 -15.49
CA ASN C 440 68.02 15.73 -16.71
C ASN C 440 67.66 17.19 -17.04
N LEU C 441 68.44 18.14 -16.50
CA LEU C 441 68.55 19.57 -16.92
C LEU C 441 67.23 20.33 -16.78
N GLY C 442 67.31 21.55 -16.23
CA GLY C 442 66.22 22.54 -16.22
C GLY C 442 65.52 22.60 -14.88
N VAL C 443 64.57 23.54 -14.79
CA VAL C 443 63.75 23.82 -13.57
C VAL C 443 63.09 22.52 -13.10
N TRP C 444 63.07 22.28 -11.79
CA TRP C 444 62.47 21.08 -11.18
C TRP C 444 60.99 21.32 -10.84
N SER C 445 60.65 22.53 -10.41
CA SER C 445 59.36 22.81 -9.71
C SER C 445 58.35 23.44 -10.66
N TYR C 446 57.13 22.92 -10.66
CA TYR C 446 56.00 23.36 -11.51
C TYR C 446 54.79 23.68 -10.64
N ARG C 447 54.00 24.62 -11.14
CA ARG C 447 52.65 24.87 -10.63
C ARG C 447 51.69 23.83 -11.19
N VAL C 448 50.69 23.48 -10.39
CA VAL C 448 49.64 22.51 -10.79
C VAL C 448 48.29 23.21 -10.66
N ASP C 449 47.62 23.37 -11.81
CA ASP C 449 46.33 24.09 -11.90
C ASP C 449 45.16 23.22 -11.41
N ILE C 450 45.15 22.88 -10.10
CA ILE C 450 44.14 21.96 -9.52
C ILE C 450 42.72 22.51 -9.74
N LEU C 451 42.52 23.83 -9.74
CA LEU C 451 41.16 24.43 -9.81
C LEU C 451 40.83 24.87 -11.27
N ASN C 452 41.59 24.42 -12.24
CA ASN C 452 41.20 24.45 -13.68
C ASN C 452 40.98 25.91 -14.12
N ARG C 453 41.86 26.82 -13.74
CA ARG C 453 41.81 28.23 -14.24
C ARG C 453 42.49 28.35 -15.61
N LEU C 454 43.45 27.49 -15.94
CA LEU C 454 44.21 27.56 -17.23
C LEU C 454 43.55 26.68 -18.28
N ARG C 455 43.15 25.48 -17.87
CA ARG C 455 42.58 24.44 -18.75
C ARG C 455 42.00 23.34 -17.87
N GLU C 456 41.41 22.31 -18.48
CA GLU C 456 40.84 21.15 -17.76
C GLU C 456 42.01 20.32 -17.22
N THR C 457 42.46 20.57 -16.00
CA THR C 457 43.73 20.01 -15.46
C THR C 457 43.41 18.85 -14.52
N PHE C 458 42.42 19.04 -13.66
CA PHE C 458 42.14 18.10 -12.56
C PHE C 458 40.63 17.88 -12.49
N ASP C 459 40.25 16.62 -12.56
CA ASP C 459 38.84 16.17 -12.59
C ASP C 459 38.57 15.34 -11.33
N GLU C 460 37.38 15.48 -10.73
CA GLU C 460 37.00 14.70 -9.50
C GLU C 460 36.89 13.20 -9.80
N ASP C 461 36.59 12.78 -11.03
CA ASP C 461 36.49 11.35 -11.42
C ASP C 461 37.86 10.80 -11.88
N ARG C 462 38.61 11.55 -12.68
CA ARG C 462 39.83 11.06 -13.36
C ARG C 462 41.10 11.55 -12.67
N GLY C 463 41.03 12.58 -11.84
CA GLY C 463 42.20 13.17 -11.17
C GLY C 463 43.00 14.01 -12.13
N LEU C 464 44.32 13.96 -12.04
CA LEU C 464 45.20 14.82 -12.87
C LEU C 464 45.16 14.31 -14.31
N LEU C 465 44.70 15.14 -15.23
CA LEU C 465 44.40 14.64 -16.60
C LEU C 465 45.66 14.53 -17.46
N SER C 466 46.78 15.11 -17.03
CA SER C 466 48.08 14.92 -17.72
C SER C 466 49.25 15.22 -16.81
N GLN C 467 50.28 14.38 -16.88
CA GLN C 467 51.59 14.59 -16.20
C GLN C 467 52.64 15.09 -17.18
N GLU C 468 52.28 15.46 -18.43
CA GLU C 468 53.27 15.98 -19.40
C GLU C 468 53.72 17.38 -18.92
N LEU C 469 55.01 17.70 -18.97
CA LEU C 469 55.53 18.97 -18.40
C LEU C 469 54.95 20.18 -19.16
N ASP C 470 54.74 20.06 -20.47
CA ASP C 470 54.19 21.20 -21.24
C ASP C 470 52.72 21.43 -20.91
N PHE C 471 52.10 20.60 -20.07
CA PHE C 471 50.70 20.81 -19.61
C PHE C 471 50.68 21.65 -18.34
N HIS C 472 51.85 21.90 -17.74
CA HIS C 472 51.98 22.61 -16.43
C HIS C 472 52.87 23.82 -16.60
N THR C 473 52.79 24.76 -15.65
CA THR C 473 53.52 26.05 -15.63
C THR C 473 54.79 25.92 -14.75
N ALA C 474 55.97 25.99 -15.37
CA ALA C 474 57.26 26.00 -14.66
C ALA C 474 57.33 27.23 -13.74
N LEU C 475 57.82 27.05 -12.51
CA LEU C 475 58.30 28.21 -11.71
C LEU C 475 59.55 28.79 -12.39
N THR C 476 59.96 29.99 -11.96
CA THR C 476 61.11 30.75 -12.52
C THR C 476 62.04 31.14 -11.38
N PRO C 477 62.86 30.20 -10.84
CA PRO C 477 63.77 30.52 -9.75
C PRO C 477 64.88 31.49 -10.18
N VAL C 478 65.37 32.30 -9.24
CA VAL C 478 66.42 33.34 -9.45
C VAL C 478 67.80 32.74 -9.12
N ASP D 24 23.55 -9.18 18.76
CA ASP D 24 23.04 -8.23 19.81
C ASP D 24 21.58 -8.53 20.18
N VAL D 25 20.76 -8.99 19.23
CA VAL D 25 19.31 -9.24 19.47
C VAL D 25 19.17 -10.41 20.44
N LEU D 26 18.57 -10.12 21.60
CA LEU D 26 18.37 -11.05 22.73
C LEU D 26 19.71 -11.71 23.09
N GLU D 27 20.82 -10.99 22.92
CA GLU D 27 22.13 -11.45 23.45
C GLU D 27 22.09 -11.30 24.96
N MSE D 28 22.36 -12.41 25.64
CA MSE D 28 22.14 -12.47 27.07
C MSE D 28 23.40 -12.01 27.80
O MSE D 28 24.48 -12.56 27.58
CB MSE D 28 21.68 -13.89 27.40
CG MSE D 28 20.47 -14.31 26.58
SE MSE D 28 18.98 -12.98 26.65
CE MSE D 28 18.75 -13.48 28.51
N PHE D 29 23.26 -10.99 28.66
CA PHE D 29 24.37 -10.52 29.47
C PHE D 29 24.69 -11.57 30.55
N ASP D 30 25.92 -11.56 31.04
CA ASP D 30 26.40 -12.47 32.10
C ASP D 30 25.91 -11.91 33.44
N VAL D 31 24.62 -12.10 33.72
CA VAL D 31 23.92 -11.57 34.92
C VAL D 31 23.21 -12.73 35.61
N ASN D 32 23.45 -12.86 36.92
CA ASN D 32 22.86 -13.92 37.76
C ASN D 32 21.93 -13.28 38.78
N TYR D 33 21.06 -14.09 39.38
CA TYR D 33 20.15 -13.63 40.47
C TYR D 33 20.99 -12.94 41.56
N GLU D 34 22.14 -13.52 41.91
CA GLU D 34 22.99 -13.04 43.03
C GLU D 34 23.97 -11.95 42.58
N SER D 35 24.01 -11.57 41.30
CA SER D 35 24.94 -10.51 40.84
C SER D 35 24.73 -9.28 41.71
N PRO D 36 25.80 -8.65 42.24
CA PRO D 36 25.65 -7.57 43.21
C PRO D 36 25.04 -6.29 42.63
N ILE D 37 24.11 -5.70 43.37
CA ILE D 37 23.45 -4.42 42.99
C ILE D 37 24.49 -3.30 42.99
N LEU D 38 24.33 -2.32 42.10
CA LEU D 38 25.26 -1.18 42.05
C LEU D 38 25.13 -0.35 43.33
N GLU D 39 26.24 -0.09 44.02
CA GLU D 39 26.25 0.71 45.28
C GLU D 39 27.10 1.97 45.15
N SER D 40 27.97 2.04 44.14
CA SER D 40 28.84 3.22 43.89
C SER D 40 29.00 3.37 42.38
N PHE D 41 29.19 4.61 41.93
CA PHE D 41 29.36 4.91 40.49
C PHE D 41 30.31 6.09 40.33
N ASP D 42 31.40 5.87 39.58
CA ASP D 42 32.41 6.89 39.23
C ASP D 42 32.39 7.08 37.70
N SER D 43 31.77 8.16 37.23
CA SER D 43 31.60 8.45 35.78
C SER D 43 32.94 8.59 35.07
N THR D 44 34.06 8.80 35.78
CA THR D 44 35.38 9.03 35.14
C THR D 44 36.01 7.69 34.74
N THR D 45 35.55 6.57 35.33
CA THR D 45 36.11 5.22 35.05
C THR D 45 35.02 4.20 34.66
N GLN D 46 33.75 4.52 34.90
CA GLN D 46 32.64 3.57 34.74
C GLN D 46 31.60 4.16 33.79
N SER D 47 30.90 3.27 33.10
CA SER D 47 29.78 3.60 32.19
C SER D 47 28.51 2.93 32.69
N LEU D 48 27.38 3.64 32.67
CA LEU D 48 26.06 3.07 33.07
C LEU D 48 25.64 1.97 32.07
N ASN D 49 26.14 1.99 30.83
CA ASN D 49 25.84 0.91 29.86
C ASN D 49 26.34 -0.45 30.39
N ASP D 50 27.38 -0.46 31.24
CA ASP D 50 28.00 -1.69 31.78
C ASP D 50 27.28 -2.12 33.07
N VAL D 51 26.41 -1.27 33.62
CA VAL D 51 25.67 -1.56 34.88
C VAL D 51 24.45 -2.41 34.50
N HIS D 52 24.31 -3.61 35.06
CA HIS D 52 23.21 -4.56 34.72
C HIS D 52 22.34 -4.92 35.93
N VAL D 53 22.74 -4.53 37.14
CA VAL D 53 21.92 -4.78 38.36
C VAL D 53 21.90 -3.51 39.20
N PHE D 54 20.73 -2.94 39.41
CA PHE D 54 20.64 -1.58 39.97
C PHE D 54 19.23 -1.34 40.49
N MSE D 55 19.15 -0.43 41.47
CA MSE D 55 17.87 0.07 41.93
C MSE D 55 17.39 1.13 40.94
O MSE D 55 18.16 2.02 40.54
CB MSE D 55 17.96 0.65 43.34
CG MSE D 55 16.61 0.90 43.95
SE MSE D 55 15.72 -0.78 44.40
CE MSE D 55 16.72 -1.47 45.92
N SER D 56 16.10 1.07 40.63
CA SER D 56 15.46 2.01 39.73
C SER D 56 14.06 2.32 40.26
N ARG D 57 13.25 3.00 39.45
CA ARG D 57 11.83 3.26 39.79
C ARG D 57 11.02 3.25 38.50
N ILE D 58 9.80 2.73 38.53
CA ILE D 58 8.84 2.82 37.40
C ILE D 58 7.47 3.19 37.95
N GLN D 59 6.65 3.81 37.11
CA GLN D 59 5.24 4.09 37.45
C GLN D 59 4.45 2.79 37.50
N MSE D 60 3.47 2.77 38.39
CA MSE D 60 2.45 1.74 38.46
C MSE D 60 1.12 2.40 38.82
O MSE D 60 1.12 3.47 39.41
CB MSE D 60 2.82 0.71 39.53
CG MSE D 60 4.14 0.03 39.29
SE MSE D 60 4.03 -1.19 37.76
CE MSE D 60 2.74 -2.53 38.33
N SER D 61 0.02 1.73 38.47
CA SER D 61 -1.30 2.12 38.95
C SER D 61 -1.49 1.59 40.38
N ALA D 62 -1.64 2.49 41.34
CA ALA D 62 -1.88 2.20 42.78
C ALA D 62 -3.37 2.41 43.10
N TYR D 63 -3.98 1.43 43.80
CA TYR D 63 -5.43 1.42 44.15
C TYR D 63 -5.60 1.57 45.67
N ASP D 66 -7.44 3.11 47.66
CA ASP D 66 -7.89 1.76 48.11
C ASP D 66 -8.69 1.09 46.99
N GLY D 67 -9.84 1.69 46.64
CA GLY D 67 -10.71 1.27 45.53
C GLY D 67 -10.39 2.01 44.25
N GLU D 68 -9.88 3.24 44.36
CA GLU D 68 -9.65 4.18 43.23
C GLU D 68 -8.17 4.13 42.79
N GLY D 69 -7.94 4.14 41.48
CA GLY D 69 -6.60 3.98 40.84
C GLY D 69 -5.90 5.31 40.61
N ARG D 70 -4.58 5.34 40.82
CA ARG D 70 -3.73 6.56 40.72
C ARG D 70 -2.32 6.12 40.29
N ILE D 71 -1.70 6.83 39.35
CA ILE D 71 -0.33 6.49 38.86
C ILE D 71 0.71 7.06 39.84
N GLU D 72 1.59 6.19 40.34
CA GLU D 72 2.68 6.55 41.29
C GLU D 72 3.96 5.80 40.92
N TYR D 73 5.12 6.39 41.20
CA TYR D 73 6.45 5.72 41.04
C TYR D 73 6.61 4.71 42.18
N ARG D 74 7.23 3.57 41.89
CA ARG D 74 7.61 2.51 42.85
C ARG D 74 9.06 2.15 42.61
N ASN D 75 9.88 2.14 43.65
CA ASN D 75 11.28 1.65 43.57
C ASN D 75 11.25 0.14 43.30
N LEU D 76 12.18 -0.33 42.49
CA LEU D 76 12.36 -1.79 42.27
C LEU D 76 13.79 -2.05 41.80
N LYS D 77 14.27 -3.23 42.13
CA LYS D 77 15.60 -3.72 41.70
C LYS D 77 15.45 -4.32 40.30
N LEU D 78 16.23 -3.80 39.36
CA LEU D 78 16.21 -4.28 37.96
C LEU D 78 17.47 -5.06 37.62
N TYR D 79 17.28 -6.06 36.79
CA TYR D 79 18.36 -6.80 36.09
C TYR D 79 18.21 -6.56 34.57
N GLU D 80 19.26 -6.04 33.98
CA GLU D 80 19.36 -5.88 32.51
C GLU D 80 19.84 -7.21 31.93
N ILE D 81 18.93 -8.02 31.38
CA ILE D 81 19.28 -9.39 30.89
C ILE D 81 19.81 -9.31 29.44
N SER D 82 19.46 -8.23 28.72
CA SER D 82 19.91 -7.95 27.35
C SER D 82 19.76 -6.44 27.13
N SER D 83 20.41 -5.86 26.12
CA SER D 83 20.41 -4.38 25.98
C SER D 83 18.97 -3.85 25.99
N GLY D 84 18.65 -2.98 26.96
CA GLY D 84 17.36 -2.28 27.08
C GLY D 84 16.20 -3.18 27.51
N ILE D 85 16.52 -4.41 27.97
CA ILE D 85 15.48 -5.36 28.45
C ILE D 85 15.79 -5.62 29.93
N PHE D 86 14.85 -5.25 30.78
CA PHE D 86 15.01 -5.30 32.27
C PHE D 86 13.96 -6.22 32.86
N ILE D 87 14.37 -6.97 33.89
CA ILE D 87 13.41 -7.78 34.68
C ILE D 87 13.61 -7.44 36.15
N SER D 88 12.51 -7.58 36.88
CA SER D 88 12.50 -7.49 38.36
C SER D 88 11.84 -8.74 38.93
N THR D 89 12.30 -9.18 40.11
CA THR D 89 11.63 -10.24 40.90
C THR D 89 10.71 -9.60 41.94
N ASP D 90 10.68 -8.27 42.02
CA ASP D 90 9.90 -7.54 43.06
C ASP D 90 8.41 -7.54 42.70
N ARG D 91 7.54 -8.04 43.59
CA ARG D 91 6.08 -7.88 43.45
C ARG D 91 5.68 -6.53 44.03
N LEU D 92 5.28 -5.57 43.20
CA LEU D 92 5.12 -4.17 43.65
C LEU D 92 3.80 -4.01 44.41
N ASP D 93 3.83 -3.20 45.48
CA ASP D 93 2.66 -2.88 46.32
C ASP D 93 1.81 -1.85 45.56
N THR D 94 0.74 -2.31 44.91
CA THR D 94 -0.21 -1.46 44.14
C THR D 94 -1.58 -1.49 44.82
N GLY D 95 -1.63 -1.90 46.09
CA GLY D 95 -2.87 -2.02 46.88
C GLY D 95 -3.38 -3.46 46.90
N ALA D 96 -4.43 -3.70 47.68
CA ALA D 96 -5.07 -5.03 47.87
C ALA D 96 -5.79 -5.44 46.58
N SER D 97 -5.90 -6.74 46.32
CA SER D 97 -6.62 -7.33 45.15
C SER D 97 -8.13 -7.26 45.37
N GLY D 98 -8.58 -7.22 46.63
CA GLY D 98 -10.00 -7.31 47.01
C GLY D 98 -10.51 -8.75 46.99
N VAL D 99 -9.62 -9.72 46.85
CA VAL D 99 -9.96 -11.18 46.83
C VAL D 99 -9.13 -11.89 47.90
N GLU D 100 -9.79 -12.78 48.65
CA GLU D 100 -9.18 -13.62 49.73
C GLU D 100 -8.22 -14.64 49.10
N ASP D 101 -7.13 -14.97 49.79
CA ASP D 101 -6.06 -15.88 49.29
C ASP D 101 -6.68 -17.21 48.85
N ASP D 102 -6.26 -17.69 47.68
CA ASP D 102 -6.51 -19.06 47.15
C ASP D 102 -7.96 -19.17 46.70
N HIS D 103 -8.61 -18.04 46.43
CA HIS D 103 -9.89 -17.97 45.68
C HIS D 103 -9.58 -17.85 44.19
N GLU D 104 -10.38 -18.53 43.37
CA GLU D 104 -10.27 -18.52 41.90
C GLU D 104 -11.60 -18.08 41.30
N MSE D 105 -11.50 -17.19 40.33
CA MSE D 105 -12.62 -16.73 39.53
C MSE D 105 -12.12 -16.57 38.09
O MSE D 105 -11.87 -15.46 37.63
CB MSE D 105 -13.18 -15.43 40.12
CG MSE D 105 -13.57 -15.54 41.58
SE MSE D 105 -14.19 -13.82 42.29
CE MSE D 105 -12.68 -12.59 42.44
N VAL D 106 -11.96 -17.72 37.41
CA VAL D 106 -11.10 -17.87 36.24
C VAL D 106 -9.65 -17.63 36.69
N ASP D 107 -9.27 -16.40 37.02
CA ASP D 107 -7.91 -16.10 37.54
C ASP D 107 -7.81 -16.49 39.00
N TYR D 108 -6.58 -16.73 39.46
CA TYR D 108 -6.26 -17.27 40.80
C TYR D 108 -5.58 -16.17 41.61
N TYR D 109 -6.12 -15.86 42.78
CA TYR D 109 -5.63 -14.77 43.67
C TYR D 109 -4.85 -15.38 44.83
N SER D 110 -3.65 -14.86 45.10
CA SER D 110 -2.87 -15.14 46.33
C SER D 110 -1.99 -13.95 46.67
N SER D 111 -2.09 -13.42 47.89
CA SER D 111 -1.21 -12.33 48.39
C SER D 111 0.19 -12.90 48.67
N ALA D 112 0.32 -14.21 48.87
CA ALA D 112 1.57 -14.87 49.31
C ALA D 112 2.58 -14.92 48.16
N ARG D 113 2.13 -15.10 46.91
CA ARG D 113 3.03 -15.23 45.73
C ARG D 113 4.01 -14.06 45.71
N LEU D 114 5.31 -14.38 45.76
CA LEU D 114 6.46 -13.44 45.72
C LEU D 114 6.35 -12.33 46.79
N THR D 115 5.72 -12.62 47.94
CA THR D 115 5.74 -11.71 49.13
C THR D 115 6.13 -12.48 50.40
N ARG D 116 5.75 -13.76 50.51
CA ARG D 116 6.13 -14.64 51.65
C ARG D 116 6.15 -16.09 51.14
N GLU D 117 6.24 -17.08 52.04
CA GLU D 117 6.20 -18.50 51.62
C GLU D 117 4.91 -18.77 50.84
N PHE D 118 5.00 -19.48 49.71
CA PHE D 118 3.85 -19.85 48.87
C PHE D 118 4.09 -21.25 48.29
N LEU D 119 3.11 -22.15 48.39
CA LEU D 119 3.17 -23.55 47.89
C LEU D 119 4.46 -24.23 48.39
N GLY D 120 4.85 -23.97 49.64
CA GLY D 120 5.99 -24.61 50.31
C GLY D 120 7.33 -24.15 49.73
N GLU D 121 7.37 -22.96 49.13
CA GLU D 121 8.60 -22.30 48.60
C GLU D 121 8.82 -20.98 49.32
N SER D 122 10.04 -20.75 49.82
CA SER D 122 10.44 -19.48 50.48
C SER D 122 10.37 -18.34 49.46
N LEU D 123 10.28 -17.11 49.97
CA LEU D 123 10.30 -15.88 49.16
C LEU D 123 11.58 -15.87 48.32
N ASP D 124 12.74 -16.14 48.94
CA ASP D 124 14.05 -16.10 48.22
C ASP D 124 14.08 -17.15 47.10
N SER D 125 13.55 -18.34 47.35
CA SER D 125 13.47 -19.44 46.34
C SER D 125 12.60 -18.97 45.17
N GLN D 126 11.44 -18.37 45.47
CA GLN D 126 10.46 -17.91 44.45
C GLN D 126 11.11 -16.84 43.57
N LYS D 127 11.83 -15.89 44.16
CA LYS D 127 12.47 -14.76 43.43
C LYS D 127 13.61 -15.30 42.56
N SER D 128 14.43 -16.20 43.09
CA SER D 128 15.51 -16.89 42.34
C SER D 128 14.90 -17.60 41.13
N ASP D 129 13.81 -18.35 41.34
CA ASP D 129 13.15 -19.16 40.27
C ASP D 129 12.55 -18.22 39.23
N TYR D 130 11.90 -17.13 39.66
CA TYR D 130 11.30 -16.14 38.73
C TYR D 130 12.38 -15.64 37.77
N PHE D 131 13.51 -15.20 38.32
CA PHE D 131 14.66 -14.70 37.54
C PHE D 131 15.09 -15.76 36.51
N GLU D 132 15.35 -16.97 37.00
CA GLU D 132 15.79 -18.10 36.14
C GLU D 132 14.72 -18.39 35.06
N GLY D 133 13.44 -18.37 35.43
CA GLY D 133 12.34 -18.74 34.53
C GLY D 133 12.19 -17.73 33.41
N ILE D 134 12.27 -16.44 33.73
CA ILE D 134 12.15 -15.38 32.69
C ILE D 134 13.33 -15.56 31.73
N LYS D 135 14.54 -15.74 32.25
CA LYS D 135 15.75 -15.93 31.40
C LYS D 135 15.56 -17.15 30.49
N LYS D 136 14.98 -18.24 30.99
CA LYS D 136 14.76 -19.45 30.18
C LYS D 136 13.79 -19.14 29.04
N VAL D 137 12.73 -18.38 29.30
CA VAL D 137 11.75 -17.98 28.27
C VAL D 137 12.47 -17.15 27.18
N PHE D 138 13.32 -16.20 27.56
CA PHE D 138 14.10 -15.38 26.60
C PHE D 138 15.15 -16.21 25.86
N SER D 139 15.75 -17.24 26.48
CA SER D 139 16.65 -18.18 25.75
C SER D 139 15.87 -18.92 24.65
N PHE D 140 14.61 -19.29 24.93
CA PHE D 140 13.71 -19.93 23.94
C PHE D 140 13.46 -18.95 22.79
N TYR D 141 13.11 -17.71 23.12
CA TYR D 141 12.89 -16.67 22.07
C TYR D 141 14.13 -16.51 21.19
N LYS D 142 15.33 -16.47 21.78
CA LYS D 142 16.60 -16.31 21.00
C LYS D 142 16.75 -17.49 20.02
N ASN D 143 16.45 -18.72 20.43
CA ASN D 143 16.45 -19.91 19.53
C ASN D 143 15.42 -19.75 18.40
N LYS D 144 14.24 -19.22 18.69
CA LYS D 144 13.16 -19.03 17.68
C LYS D 144 13.54 -17.90 16.71
N CYS D 145 14.27 -16.88 17.18
N CYS D 145 14.29 -16.90 17.18
CA CYS D 145 14.76 -15.75 16.33
CA CYS D 145 14.79 -15.74 16.38
C CYS D 145 15.62 -16.30 15.19
C CYS D 145 15.65 -16.25 15.22
N ASN D 146 16.51 -17.23 15.51
CA ASN D 146 17.48 -17.80 14.53
C ASN D 146 16.74 -18.64 13.48
N GLU D 147 15.44 -18.93 13.67
CA GLU D 147 14.65 -19.89 12.85
C GLU D 147 13.54 -19.20 12.04
N SER D 148 13.12 -17.99 12.42
CA SER D 148 12.00 -17.25 11.77
C SER D 148 12.36 -15.77 11.58
N ARG D 149 12.37 -15.30 10.32
CA ARG D 149 12.69 -13.87 10.02
C ARG D 149 11.63 -12.97 10.69
N TYR D 150 10.37 -13.40 10.75
CA TYR D 150 9.27 -12.59 11.36
C TYR D 150 9.53 -12.42 12.85
N ILE D 151 9.99 -13.50 13.51
CA ILE D 151 10.29 -13.45 14.97
C ILE D 151 11.52 -12.55 15.17
N LYS D 152 12.57 -12.73 14.37
CA LYS D 152 13.81 -11.93 14.46
C LYS D 152 13.47 -10.44 14.31
N GLU D 153 12.69 -10.09 13.29
CA GLU D 153 12.41 -8.65 13.01
C GLU D 153 11.53 -8.06 14.13
N PHE D 154 10.62 -8.85 14.69
CA PHE D 154 9.79 -8.47 15.86
C PHE D 154 10.70 -8.09 17.04
N PHE D 155 11.63 -8.97 17.41
CA PHE D 155 12.51 -8.74 18.58
C PHE D 155 13.49 -7.60 18.30
N GLU D 156 14.01 -7.47 17.08
CA GLU D 156 14.95 -6.37 16.74
C GLU D 156 14.22 -5.03 16.94
N GLU D 157 12.95 -4.98 16.55
CA GLU D 157 12.06 -3.80 16.73
C GLU D 157 11.84 -3.52 18.22
N ILE D 158 11.22 -4.43 18.97
CA ILE D 158 10.82 -4.11 20.36
C ILE D 158 12.06 -3.94 21.25
N GLN D 159 13.18 -4.59 20.94
CA GLN D 159 14.41 -4.43 21.75
C GLN D 159 15.09 -3.09 21.47
N PHE D 160 15.23 -2.68 20.21
CA PHE D 160 16.21 -1.62 19.85
C PHE D 160 15.52 -0.35 19.35
N ARG D 161 14.22 -0.37 19.07
CA ARG D 161 13.65 0.82 18.37
C ARG D 161 13.77 2.06 19.27
N ASN D 162 13.95 3.23 18.64
CA ASN D 162 13.92 4.55 19.29
C ASN D 162 12.49 4.82 19.74
N ILE D 163 12.35 5.37 20.94
CA ILE D 163 11.02 5.70 21.51
C ILE D 163 11.00 7.17 21.86
N CYS D 164 10.08 7.91 21.24
CA CYS D 164 9.94 9.37 21.44
C CYS D 164 8.58 9.67 22.05
N GLY D 165 8.57 10.12 23.31
CA GLY D 165 7.38 10.61 24.01
C GLY D 165 7.29 12.12 23.94
N PHE D 166 6.07 12.62 24.03
CA PHE D 166 5.81 14.07 24.11
C PHE D 166 4.46 14.28 24.77
N PRO D 167 4.20 15.48 25.36
CA PRO D 167 5.20 16.55 25.43
C PRO D 167 6.35 16.23 26.42
N LYS D 168 7.49 16.91 26.26
CA LYS D 168 8.64 16.75 27.19
C LYS D 168 8.25 17.25 28.57
N GLN D 169 8.73 16.56 29.59
CA GLN D 169 8.38 16.79 31.02
C GLN D 169 9.46 17.67 31.65
N ALA D 170 9.14 18.34 32.76
CA ALA D 170 10.03 19.32 33.44
C ALA D 170 11.40 18.66 33.70
N GLY D 171 12.48 19.43 33.56
CA GLY D 171 13.86 18.92 33.74
C GLY D 171 14.37 18.23 32.49
N THR D 172 13.48 17.99 31.50
CA THR D 172 13.88 17.38 30.21
C THR D 172 13.96 18.47 29.15
N SER D 173 15.16 18.69 28.60
CA SER D 173 15.39 19.61 27.45
C SER D 173 14.63 19.05 26.25
N SER D 174 14.07 19.94 25.42
CA SER D 174 13.44 19.55 24.13
C SER D 174 14.43 18.77 23.25
N THR D 175 15.75 18.89 23.44
CA THR D 175 16.73 18.19 22.55
C THR D 175 17.42 17.02 23.26
N ASP D 176 16.93 16.61 24.44
CA ASP D 176 17.40 15.37 25.12
C ASP D 176 16.85 14.16 24.37
N ILE D 177 17.70 13.15 24.18
CA ILE D 177 17.29 11.84 23.58
C ILE D 177 16.63 10.98 24.66
N PHE D 178 17.24 10.88 25.84
CA PHE D 178 16.78 9.99 26.93
C PHE D 178 16.00 10.81 27.96
N ASP D 179 14.83 10.30 28.34
CA ASP D 179 13.91 10.97 29.28
C ASP D 179 13.02 9.91 29.94
N GLN D 180 11.97 10.33 30.64
CA GLN D 180 11.12 9.39 31.40
C GLN D 180 10.38 8.42 30.48
N PHE D 181 10.20 8.74 29.19
CA PHE D 181 9.47 7.84 28.28
C PHE D 181 10.33 6.66 27.81
N ASN D 182 11.66 6.73 27.84
CA ASN D 182 12.49 5.76 27.08
C ASN D 182 13.75 5.35 27.84
N SER D 183 13.79 5.62 29.15
CA SER D 183 14.98 5.33 29.99
C SER D 183 14.51 5.08 31.41
N VAL D 184 15.31 4.33 32.18
CA VAL D 184 15.04 4.12 33.65
C VAL D 184 16.20 4.70 34.45
N ASP D 185 15.89 5.21 35.65
CA ASP D 185 16.87 5.90 36.50
C ASP D 185 17.75 4.83 37.18
N VAL D 186 19.00 5.19 37.40
CA VAL D 186 19.98 4.41 38.20
C VAL D 186 20.11 5.13 39.54
N LEU D 187 19.71 4.46 40.63
CA LEU D 187 19.59 5.07 41.97
C LEU D 187 20.63 4.42 42.89
N LEU D 188 21.37 5.26 43.63
CA LEU D 188 22.23 4.81 44.73
C LEU D 188 21.54 5.14 46.06
N GLN D 189 22.08 4.59 47.14
CA GLN D 189 21.52 4.69 48.49
C GLN D 189 22.12 5.92 49.18
N ASP D 190 21.29 6.71 49.85
CA ASP D 190 21.78 7.77 50.77
C ASP D 190 22.43 7.04 51.94
N PRO D 191 23.74 7.26 52.21
CA PRO D 191 24.42 6.56 53.32
C PRO D 191 23.72 6.74 54.67
N VAL D 192 23.20 7.95 54.90
CA VAL D 192 22.68 8.35 56.25
C VAL D 192 21.27 7.79 56.43
N THR D 193 20.37 7.94 55.45
CA THR D 193 18.93 7.57 55.58
C THR D 193 18.67 6.15 55.05
N SER D 194 19.60 5.59 54.26
CA SER D 194 19.48 4.29 53.54
C SER D 194 18.37 4.31 52.47
N VAL D 195 17.81 5.47 52.14
CA VAL D 195 16.78 5.61 51.06
C VAL D 195 17.52 5.55 49.72
N TRP D 196 17.00 4.74 48.82
CA TRP D 196 17.47 4.63 47.42
C TRP D 196 16.91 5.79 46.59
N ASN D 197 17.49 6.99 46.70
CA ASN D 197 16.97 8.24 46.08
C ASN D 197 18.07 9.10 45.46
N LYS D 198 19.30 8.59 45.30
CA LYS D 198 20.43 9.35 44.70
C LYS D 198 20.55 8.97 43.22
N LYS D 199 19.98 9.78 42.32
CA LYS D 199 20.05 9.47 40.87
C LYS D 199 21.46 9.79 40.35
N VAL D 200 22.10 8.83 39.67
CA VAL D 200 23.45 9.02 39.07
C VAL D 200 23.37 8.96 37.55
N GLY D 201 22.18 8.68 37.00
CA GLY D 201 21.98 8.74 35.54
C GLY D 201 20.80 7.89 35.13
N SER D 202 20.69 7.60 33.84
CA SER D 202 19.62 6.75 33.31
C SER D 202 20.19 5.80 32.25
N LYS D 203 19.41 4.78 31.93
CA LYS D 203 19.76 3.73 30.94
C LYS D 203 18.59 3.57 29.98
N LYS D 204 18.91 3.50 28.68
CA LYS D 204 17.90 3.24 27.63
C LYS D 204 17.07 2.04 28.04
N ALA D 205 15.76 2.15 27.96
CA ALA D 205 14.81 1.07 28.28
C ALA D 205 13.74 0.96 27.20
N ASN D 206 13.51 -0.26 26.73
CA ASN D 206 12.45 -0.63 25.78
C ASN D 206 11.40 -1.54 26.44
N ILE D 207 11.86 -2.46 27.33
CA ILE D 207 11.02 -3.55 27.86
C ILE D 207 11.36 -3.73 29.33
N VAL D 208 10.33 -3.74 30.16
CA VAL D 208 10.47 -4.09 31.60
C VAL D 208 9.48 -5.21 31.93
N ILE D 209 9.97 -6.33 32.48
CA ILE D 209 9.10 -7.48 32.84
C ILE D 209 9.18 -7.66 34.37
N ILE D 210 8.02 -7.70 35.02
CA ILE D 210 7.88 -7.78 36.49
C ILE D 210 6.75 -8.74 36.78
N PRO D 211 6.70 -9.28 38.03
CA PRO D 211 5.57 -10.09 38.40
C PRO D 211 4.27 -9.31 38.44
N PRO D 212 3.11 -9.99 38.28
CA PRO D 212 1.82 -9.40 38.60
C PRO D 212 1.86 -8.76 40.00
N ALA D 213 1.45 -7.50 40.09
CA ALA D 213 1.56 -6.69 41.32
C ALA D 213 0.52 -7.19 42.33
N THR D 214 0.50 -6.61 43.53
CA THR D 214 -0.33 -7.11 44.66
C THR D 214 -1.82 -7.05 44.29
N ASN D 215 -2.25 -6.07 43.48
CA ASN D 215 -3.69 -5.84 43.17
C ASN D 215 -4.19 -6.87 42.15
N LEU D 216 -3.30 -7.60 41.49
CA LEU D 216 -3.64 -8.54 40.39
C LEU D 216 -3.66 -9.98 40.88
N PRO D 217 -4.46 -10.86 40.22
CA PRO D 217 -4.32 -12.30 40.41
C PRO D 217 -2.97 -12.76 39.84
N ILE D 218 -2.47 -13.89 40.33
CA ILE D 218 -1.08 -14.34 40.05
C ILE D 218 -1.04 -14.92 38.63
N THR D 219 -2.20 -15.17 38.03
CA THR D 219 -2.36 -15.76 36.68
C THR D 219 -2.47 -14.66 35.62
N GLU D 220 -2.55 -13.39 36.01
CA GLU D 220 -2.78 -12.28 35.05
C GLU D 220 -1.50 -12.02 34.26
N ALA D 221 -1.67 -11.63 33.00
CA ALA D 221 -0.61 -11.09 32.13
C ALA D 221 -1.13 -9.74 31.61
N CYS D 222 -0.40 -8.65 31.84
CA CYS D 222 -0.89 -7.25 31.58
C CYS D 222 0.27 -6.39 31.07
N ALA D 223 0.11 -5.76 29.90
CA ALA D 223 1.08 -4.80 29.34
C ALA D 223 0.52 -3.38 29.54
N THR D 224 1.38 -2.45 29.94
CA THR D 224 1.03 -1.03 30.19
C THR D 224 2.12 -0.12 29.62
N ALA D 225 1.75 1.12 29.33
CA ALA D 225 2.73 2.18 28.99
C ALA D 225 3.62 2.34 30.22
N GLY D 226 4.93 2.25 30.00
CA GLY D 226 5.96 2.33 31.05
C GLY D 226 5.90 3.68 31.75
N PHE D 227 5.65 4.74 30.98
CA PHE D 227 5.57 6.11 31.53
C PHE D 227 4.42 6.85 30.88
N GLN D 228 3.61 7.50 31.70
CA GLN D 228 2.49 8.36 31.23
C GLN D 228 2.65 9.73 31.89
N PRO D 229 2.61 10.83 31.11
CA PRO D 229 2.75 12.16 31.70
C PRO D 229 1.46 12.63 32.37
N GLU D 230 1.49 13.85 32.91
CA GLU D 230 0.40 14.49 33.69
C GLU D 230 -0.92 14.51 32.90
N GLY D 231 -0.87 14.78 31.59
CA GLY D 231 -2.08 14.95 30.76
C GLY D 231 -2.62 13.61 30.27
N PHE D 232 -3.63 13.65 29.39
CA PHE D 232 -4.13 12.49 28.62
C PHE D 232 -3.06 12.08 27.61
N PRO D 233 -2.86 10.77 27.37
CA PRO D 233 -1.82 10.30 26.45
C PRO D 233 -2.19 10.67 25.01
N LYS D 234 -1.18 11.04 24.22
CA LYS D 234 -1.33 11.49 22.81
C LYS D 234 -0.96 10.35 21.85
N LEU D 235 -1.77 10.12 20.83
CA LEU D 235 -1.42 9.16 19.76
C LEU D 235 -0.08 9.62 19.15
N GLY D 236 0.85 8.68 19.02
CA GLY D 236 2.17 8.91 18.39
C GLY D 236 3.25 9.19 19.41
N SER D 237 2.89 9.31 20.70
CA SER D 237 3.86 9.52 21.79
C SER D 237 4.17 8.15 22.40
N GLY D 238 5.40 7.67 22.21
CA GLY D 238 5.79 6.31 22.64
C GLY D 238 6.35 6.31 24.03
N SER D 239 6.33 5.14 24.66
N SER D 239 6.38 5.11 24.60
CA SER D 239 7.08 4.86 25.91
CA SER D 239 6.98 4.81 25.92
C SER D 239 7.55 3.41 25.87
C SER D 239 7.54 3.39 25.87
N PHE D 240 8.59 3.10 26.64
CA PHE D 240 8.95 1.70 26.97
C PHE D 240 7.68 1.09 27.55
N PHE D 241 7.57 -0.24 27.55
CA PHE D 241 6.37 -0.92 28.09
C PHE D 241 6.80 -1.80 29.27
N THR D 242 5.87 -1.96 30.18
CA THR D 242 5.97 -2.83 31.37
C THR D 242 5.00 -3.98 31.18
N VAL D 243 5.47 -5.22 31.35
CA VAL D 243 4.59 -6.40 31.30
C VAL D 243 4.65 -7.04 32.69
N GLN D 244 3.47 -7.23 33.25
CA GLN D 244 3.22 -8.05 34.46
C GLN D 244 2.96 -9.46 33.95
N PHE D 245 3.82 -10.39 34.35
CA PHE D 245 3.83 -11.75 33.76
C PHE D 245 4.58 -12.69 34.72
N ASP D 246 4.06 -13.90 34.81
CA ASP D 246 4.66 -15.00 35.59
C ASP D 246 4.50 -16.31 34.84
N PRO D 247 5.57 -16.91 34.29
CA PRO D 247 5.44 -18.13 33.49
C PRO D 247 5.24 -19.41 34.31
N PHE D 248 5.21 -19.29 35.63
CA PHE D 248 5.10 -20.46 36.56
C PHE D 248 3.62 -20.79 36.81
N PHE D 249 2.70 -20.03 36.20
CA PHE D 249 1.24 -20.30 36.21
C PHE D 249 0.66 -20.00 34.84
N SER D 250 -0.40 -20.72 34.49
CA SER D 250 -1.18 -20.54 33.25
C SER D 250 -2.62 -20.94 33.51
N THR D 251 -3.47 -20.69 32.52
CA THR D 251 -4.92 -20.93 32.55
C THR D 251 -5.23 -21.94 31.45
N ARG D 252 -6.24 -22.77 31.66
CA ARG D 252 -6.76 -23.71 30.62
C ARG D 252 -7.63 -22.92 29.66
N PHE D 253 -7.89 -23.47 28.47
CA PHE D 253 -8.78 -22.88 27.43
C PHE D 253 -9.45 -23.99 26.62
N LYS D 254 -10.55 -23.64 25.96
CA LYS D 254 -11.42 -24.50 25.11
C LYS D 254 -11.99 -25.64 25.96
N ASP D 259 -14.58 -29.88 21.54
CA ASP D 259 -14.29 -29.12 22.80
C ASP D 259 -13.10 -29.77 23.51
N ASP D 260 -11.89 -29.57 22.96
CA ASP D 260 -10.61 -30.09 23.51
C ASP D 260 -10.03 -29.04 24.46
N VAL D 261 -9.84 -29.37 25.74
CA VAL D 261 -9.26 -28.43 26.75
C VAL D 261 -7.74 -28.58 26.75
N ALA D 262 -7.02 -27.45 26.81
CA ALA D 262 -5.54 -27.41 26.85
C ALA D 262 -5.07 -26.24 27.73
N LEU D 263 -3.77 -26.16 27.99
CA LEU D 263 -3.14 -25.08 28.77
C LEU D 263 -2.60 -24.00 27.83
N LEU D 264 -2.89 -22.73 28.13
CA LEU D 264 -2.23 -21.58 27.46
C LEU D 264 -0.72 -21.69 27.69
N ASP D 265 0.03 -21.57 26.62
CA ASP D 265 1.51 -21.63 26.66
C ASP D 265 2.02 -20.27 27.12
N PRO D 266 2.71 -20.15 28.28
CA PRO D 266 3.18 -18.83 28.73
C PRO D 266 4.11 -18.09 27.77
N THR D 267 4.88 -18.81 26.95
CA THR D 267 5.73 -18.20 25.90
C THR D 267 4.84 -17.43 24.93
N LEU D 268 3.66 -17.95 24.57
CA LEU D 268 2.76 -17.28 23.58
C LEU D 268 2.01 -16.15 24.29
N THR D 269 1.62 -16.36 25.55
CA THR D 269 1.02 -15.29 26.39
C THR D 269 1.95 -14.08 26.41
N LEU D 270 3.26 -14.24 26.60
CA LEU D 270 4.17 -13.09 26.75
C LEU D 270 4.39 -12.45 25.36
N LEU D 271 4.46 -13.24 24.29
CA LEU D 271 4.52 -12.68 22.91
C LEU D 271 3.29 -11.79 22.67
N HIS D 272 2.10 -12.22 23.09
CA HIS D 272 0.85 -11.42 22.98
C HIS D 272 1.06 -10.08 23.71
N GLU D 273 1.48 -10.13 24.97
CA GLU D 273 1.65 -8.88 25.77
C GLU D 273 2.71 -7.99 25.15
N MSE D 274 3.77 -8.57 24.59
CA MSE D 274 4.86 -7.77 24.03
C MSE D 274 4.41 -7.15 22.70
O MSE D 274 5.02 -6.17 22.28
CB MSE D 274 6.16 -8.56 23.92
CG MSE D 274 6.76 -8.86 25.31
SE MSE D 274 8.52 -9.59 25.27
CE MSE D 274 8.22 -11.03 24.08
N THR D 275 3.37 -7.72 22.07
CA THR D 275 2.78 -7.12 20.87
C THR D 275 1.99 -5.86 21.26
N HIS D 276 1.19 -5.91 22.32
CA HIS D 276 0.65 -4.67 22.93
C HIS D 276 1.82 -3.73 23.23
N GLY D 277 2.92 -4.26 23.79
CA GLY D 277 4.16 -3.51 24.06
C GLY D 277 4.62 -2.69 22.86
N LEU D 278 4.76 -3.34 21.71
CA LEU D 278 5.20 -2.64 20.46
C LEU D 278 4.27 -1.44 20.23
N HIS D 279 2.97 -1.65 20.38
CA HIS D 279 1.94 -0.57 20.17
C HIS D 279 2.20 0.57 21.17
N PHE D 280 2.54 0.26 22.43
CA PHE D 280 2.88 1.31 23.42
C PHE D 280 4.16 2.05 23.02
N GLN D 281 5.13 1.35 22.44
CA GLN D 281 6.45 1.94 22.07
C GLN D 281 6.21 3.00 20.96
N LYS D 282 5.17 2.81 20.16
CA LYS D 282 4.84 3.75 19.03
C LYS D 282 3.72 4.71 19.43
N GLY D 283 3.07 4.52 20.57
CA GLY D 283 1.95 5.36 21.02
C GLY D 283 0.70 5.15 20.20
N ILE D 284 0.43 3.92 19.78
CA ILE D 284 -0.75 3.58 18.92
C ILE D 284 -1.65 2.56 19.63
N ALA D 285 -1.42 2.29 20.93
CA ALA D 285 -2.12 1.24 21.70
C ALA D 285 -3.45 1.76 22.29
N ASN D 286 -3.53 3.06 22.59
CA ASN D 286 -4.53 3.57 23.55
C ASN D 286 -5.09 4.92 23.11
N PRO D 287 -5.86 4.95 21.99
CA PRO D 287 -6.47 6.20 21.51
C PRO D 287 -7.49 6.67 22.55
N VAL D 288 -7.36 7.93 22.98
CA VAL D 288 -8.38 8.58 23.85
C VAL D 288 -8.79 9.91 23.21
N ASN D 289 -10.01 10.33 23.50
CA ASN D 289 -10.58 11.62 23.02
C ASN D 289 -10.10 12.76 23.94
N ARG D 290 -10.57 13.98 23.69
CA ARG D 290 -10.17 15.19 24.45
C ARG D 290 -10.59 15.08 25.94
N SER D 291 -11.58 14.24 26.27
CA SER D 291 -12.05 13.97 27.65
C SER D 291 -11.26 12.81 28.27
N GLY D 292 -10.35 12.20 27.51
CA GLY D 292 -9.46 11.12 27.99
C GLY D 292 -10.17 9.77 28.00
N GLU D 293 -11.27 9.62 27.27
CA GLU D 293 -12.06 8.36 27.19
C GLU D 293 -11.78 7.66 25.86
N THR D 294 -11.91 6.33 25.81
CA THR D 294 -11.79 5.53 24.57
C THR D 294 -12.93 5.89 23.63
N PRO D 295 -12.66 6.28 22.35
CA PRO D 295 -13.74 6.62 21.43
C PRO D 295 -14.54 5.38 21.03
N ALA D 296 -15.76 5.55 20.55
CA ALA D 296 -16.67 4.45 20.14
C ALA D 296 -16.08 3.67 18.96
N TRP D 297 -15.29 4.31 18.11
CA TRP D 297 -14.70 3.66 16.91
C TRP D 297 -13.52 2.76 17.30
N ALA D 298 -13.04 2.85 18.55
CA ALA D 298 -11.91 2.04 19.05
C ALA D 298 -12.41 0.74 19.69
N THR D 299 -13.72 0.51 19.79
CA THR D 299 -14.23 -0.70 20.48
C THR D 299 -15.07 -1.57 19.54
N THR D 300 -14.86 -2.88 19.70
CA THR D 300 -15.73 -4.03 19.37
C THR D 300 -16.51 -3.79 18.10
N TRP D 301 -17.82 -4.07 18.21
CA TRP D 301 -18.82 -4.02 17.13
C TRP D 301 -19.32 -5.43 16.81
N GLU D 313 -17.78 -3.70 24.73
CA GLU D 313 -17.48 -5.14 24.50
C GLU D 313 -15.94 -5.34 24.52
N THR D 314 -15.25 -5.09 23.40
CA THR D 314 -13.84 -5.49 23.15
C THR D 314 -13.09 -4.37 22.42
N PRO D 315 -11.94 -3.88 22.95
CA PRO D 315 -11.11 -2.92 22.21
C PRO D 315 -10.57 -3.48 20.88
N MSE D 316 -10.49 -2.64 19.84
CA MSE D 316 -9.89 -3.05 18.59
C MSE D 316 -8.42 -3.38 18.79
O MSE D 316 -7.87 -4.21 18.06
CB MSE D 316 -10.08 -1.96 17.51
CG MSE D 316 -11.43 -2.02 16.83
SE MSE D 316 -11.57 -3.53 15.61
CE MSE D 316 -10.14 -3.32 14.32
N GLU D 317 -7.76 -2.72 19.75
CA GLU D 317 -6.37 -2.98 20.10
C GLU D 317 -6.22 -4.46 20.50
N GLU D 318 -7.23 -5.03 21.16
CA GLU D 318 -7.18 -6.43 21.61
C GLU D 318 -7.35 -7.36 20.39
N LEU D 319 -8.34 -7.09 19.54
CA LEU D 319 -8.64 -7.96 18.36
C LEU D 319 -7.44 -7.95 17.40
N LEU D 320 -6.82 -6.80 17.17
CA LEU D 320 -5.66 -6.66 16.25
C LEU D 320 -4.42 -7.34 16.86
N THR D 321 -4.31 -7.40 18.19
CA THR D 321 -3.15 -8.07 18.86
C THR D 321 -3.36 -9.59 18.80
N PHE D 322 -4.61 -10.03 18.92
CA PHE D 322 -5.00 -11.47 19.04
C PHE D 322 -5.03 -12.12 17.66
N ASN D 323 -5.87 -11.60 16.76
CA ASN D 323 -6.08 -12.19 15.41
C ASN D 323 -6.97 -11.26 14.59
N LYS D 324 -6.38 -10.62 13.57
CA LYS D 324 -7.06 -9.71 12.61
C LYS D 324 -8.38 -10.34 12.14
N HIS D 325 -8.41 -11.67 11.96
CA HIS D 325 -9.49 -12.40 11.24
C HIS D 325 -10.69 -12.67 12.15
N THR D 326 -10.56 -12.46 13.46
CA THR D 326 -11.65 -12.63 14.46
C THR D 326 -12.47 -11.35 14.61
N ILE D 327 -12.15 -10.27 13.88
CA ILE D 327 -12.91 -8.98 13.96
C ILE D 327 -14.32 -9.27 13.47
N ASP D 328 -14.43 -9.97 12.32
CA ASP D 328 -15.72 -10.41 11.73
C ASP D 328 -15.50 -11.79 11.08
N ASP D 329 -16.58 -12.57 10.94
CA ASP D 329 -16.55 -13.93 10.32
C ASP D 329 -16.15 -13.80 8.85
N ASP D 330 -16.64 -12.76 8.17
CA ASP D 330 -16.21 -12.38 6.80
C ASP D 330 -14.82 -11.76 6.91
N ILE D 331 -13.81 -12.34 6.25
CA ILE D 331 -12.39 -11.90 6.34
C ILE D 331 -12.21 -10.60 5.52
N GLU D 332 -13.10 -10.32 4.58
CA GLU D 332 -13.09 -9.06 3.78
C GLU D 332 -13.57 -7.91 4.67
N ILE D 333 -14.63 -8.11 5.46
CA ILE D 333 -15.15 -7.12 6.46
C ILE D 333 -14.10 -6.92 7.56
N SER D 334 -13.39 -7.98 7.97
CA SER D 334 -12.28 -7.90 8.95
C SER D 334 -11.19 -6.96 8.44
N ASP D 335 -10.79 -7.08 7.17
CA ASP D 335 -9.74 -6.25 6.54
C ASP D 335 -10.17 -4.78 6.53
N HIS D 336 -11.43 -4.52 6.13
CA HIS D 336 -11.98 -3.13 6.04
C HIS D 336 -12.06 -2.51 7.44
N LEU D 337 -12.44 -3.26 8.47
CA LEU D 337 -12.57 -2.74 9.86
C LEU D 337 -11.18 -2.43 10.44
N LYS D 338 -10.18 -3.28 10.16
CA LYS D 338 -8.77 -3.00 10.51
C LYS D 338 -8.33 -1.69 9.84
N SER D 339 -8.55 -1.58 8.52
CA SER D 339 -8.15 -0.42 7.70
C SER D 339 -8.79 0.85 8.26
N THR D 340 -10.08 0.79 8.60
CA THR D 340 -10.88 1.92 9.15
C THR D 340 -10.27 2.37 10.48
N TYR D 341 -9.94 1.42 11.35
CA TYR D 341 -9.42 1.72 12.70
C TYR D 341 -8.04 2.40 12.58
N ILE D 342 -7.15 1.82 11.78
CA ILE D 342 -5.78 2.37 11.54
C ILE D 342 -5.91 3.77 10.92
N GLY D 343 -6.89 3.97 10.04
CA GLY D 343 -7.21 5.29 9.45
C GLY D 343 -7.46 6.33 10.54
N PHE D 344 -8.29 5.99 11.52
CA PHE D 344 -8.63 6.91 12.65
C PHE D 344 -7.41 7.11 13.56
N LEU D 345 -6.61 6.08 13.84
CA LEU D 345 -5.37 6.31 14.64
C LEU D 345 -4.51 7.35 13.92
N TYR D 346 -4.44 7.26 12.58
CA TYR D 346 -3.51 8.08 11.79
C TYR D 346 -4.06 9.51 11.67
N ASN D 347 -5.35 9.63 11.35
N ASN D 347 -5.34 9.65 11.37
CA ASN D 347 -6.04 10.89 10.93
CA ASN D 347 -5.98 10.94 10.97
C ASN D 347 -6.76 11.55 12.11
C ASN D 347 -6.76 11.57 12.12
N GLY D 348 -6.99 10.81 13.20
CA GLY D 348 -7.90 11.24 14.26
C GLY D 348 -9.32 11.29 13.74
N ARG D 349 -10.23 11.91 14.47
CA ARG D 349 -11.65 12.06 14.04
C ARG D 349 -12.22 13.31 14.70
N ASN D 350 -12.90 14.14 13.92
CA ASN D 350 -13.63 15.33 14.44
C ASN D 350 -15.08 14.93 14.69
N GLU D 351 -15.58 15.18 15.89
CA GLU D 351 -16.97 14.84 16.33
C GLU D 351 -17.78 16.12 16.51
N ASP D 352 -19.11 16.02 16.39
CA ASP D 352 -20.07 17.13 16.62
C ASP D 352 -19.79 17.76 17.99
N ASP D 353 -19.56 16.93 19.01
CA ASP D 353 -19.12 17.34 20.37
C ASP D 353 -17.59 17.36 20.41
N PRO D 354 -16.92 18.54 20.48
CA PRO D 354 -15.45 18.61 20.48
C PRO D 354 -14.81 17.80 21.62
N THR D 355 -15.55 17.56 22.70
CA THR D 355 -15.17 16.71 23.85
C THR D 355 -14.82 15.30 23.34
N GLU D 356 -15.49 14.84 22.27
CA GLU D 356 -15.42 13.45 21.75
C GLU D 356 -14.39 13.33 20.61
N SER D 357 -13.83 14.44 20.14
CA SER D 357 -12.83 14.45 19.04
C SER D 357 -11.56 13.74 19.47
N VAL D 358 -10.84 13.16 18.50
CA VAL D 358 -9.53 12.47 18.74
C VAL D 358 -8.48 13.11 17.83
N ASP D 359 -7.34 13.48 18.42
CA ASP D 359 -6.13 13.94 17.68
C ASP D 359 -5.35 12.71 17.21
N GLY D 360 -5.08 12.63 15.90
CA GLY D 360 -4.40 11.48 15.29
C GLY D 360 -2.89 11.55 15.43
N VAL D 361 -2.21 10.46 15.09
CA VAL D 361 -0.72 10.38 15.06
C VAL D 361 -0.17 11.50 14.16
N TYR D 362 -0.73 11.70 12.96
CA TYR D 362 -0.11 12.65 12.00
C TYR D 362 -0.09 14.05 12.63
N GLN D 363 -1.24 14.52 13.12
CA GLN D 363 -1.37 15.89 13.68
C GLN D 363 -0.47 16.01 14.91
N ASN D 364 -0.47 15.01 15.79
CA ASN D 364 0.33 15.10 17.03
C ASN D 364 1.82 15.12 16.71
N VAL D 365 2.31 14.19 15.88
CA VAL D 365 3.76 14.08 15.56
C VAL D 365 4.18 15.30 14.73
N SER D 366 3.42 15.67 13.71
CA SER D 366 3.78 16.86 12.88
C SER D 366 3.87 18.10 13.79
N SER D 367 2.88 18.30 14.68
N SER D 367 2.89 18.30 14.68
CA SER D 367 2.83 19.46 15.61
CA SER D 367 2.84 19.47 15.61
C SER D 367 4.08 19.45 16.51
C SER D 367 4.07 19.46 16.54
N PHE D 368 4.38 18.30 17.13
CA PHE D 368 5.57 18.14 18.00
C PHE D 368 6.86 18.53 17.24
N LEU D 369 7.06 17.99 16.03
CA LEU D 369 8.33 18.16 15.29
C LEU D 369 8.39 19.56 14.66
N ASN D 370 7.24 20.15 14.39
CA ASN D 370 7.15 21.53 13.83
C ASN D 370 7.74 22.55 14.82
N GLN D 371 7.74 22.26 16.12
CA GLN D 371 8.33 23.16 17.15
C GLN D 371 9.81 23.41 16.88
N TYR D 372 10.49 22.46 16.23
CA TYR D 372 11.96 22.47 16.05
C TYR D 372 12.36 23.30 14.82
N ARG D 373 11.40 23.72 14.02
CA ARG D 373 11.66 24.47 12.74
C ARG D 373 12.54 25.67 13.05
N GLY D 374 13.71 25.72 12.42
CA GLY D 374 14.64 26.87 12.48
C GLY D 374 15.66 26.73 13.58
N PHE D 375 15.52 25.72 14.46
CA PHE D 375 16.41 25.55 15.64
C PHE D 375 17.56 24.62 15.29
N GLU D 376 18.78 25.02 15.65
CA GLU D 376 19.96 24.12 15.51
C GLU D 376 19.79 22.99 16.53
N ILE D 377 19.84 21.76 16.06
CA ILE D 377 19.78 20.54 16.92
C ILE D 377 21.00 19.68 16.60
N SER D 378 21.44 18.89 17.57
CA SER D 378 22.57 17.95 17.38
C SER D 378 22.20 16.92 16.31
N SER D 379 23.21 16.34 15.67
CA SER D 379 23.02 15.24 14.69
C SER D 379 22.48 14.00 15.43
N ASP D 380 22.85 13.79 16.71
CA ASP D 380 22.31 12.65 17.49
C ASP D 380 20.78 12.80 17.64
N PHE D 381 20.29 14.00 17.98
CA PHE D 381 18.83 14.21 18.20
C PHE D 381 18.12 14.10 16.85
N GLN D 382 18.71 14.72 15.81
CA GLN D 382 18.17 14.60 14.44
C GLN D 382 17.98 13.12 14.08
N HIS D 383 19.03 12.31 14.19
CA HIS D 383 19.05 10.87 13.79
C HIS D 383 18.04 10.08 14.66
N PHE D 384 17.97 10.39 15.95
CA PHE D 384 17.01 9.76 16.90
C PHE D 384 15.57 9.91 16.36
N ILE D 385 15.19 11.14 15.99
CA ILE D 385 13.81 11.43 15.51
C ILE D 385 13.60 10.76 14.14
N GLU D 386 14.59 10.88 13.25
CA GLU D 386 14.54 10.31 11.89
C GLU D 386 14.25 8.80 11.98
N SER D 387 15.00 8.11 12.83
CA SER D 387 14.93 6.63 13.01
C SER D 387 13.59 6.25 13.67
N CYS D 388 13.14 7.03 14.66
CA CYS D 388 11.87 6.76 15.39
C CYS D 388 10.66 6.78 14.45
N TYR D 389 10.51 7.84 13.63
CA TYR D 389 9.26 8.09 12.88
C TYR D 389 9.44 7.79 11.39
N GLY D 390 10.69 7.52 10.96
CA GLY D 390 11.01 7.27 9.54
C GLY D 390 10.87 8.54 8.74
N VAL D 391 11.27 9.68 9.32
CA VAL D 391 11.15 11.04 8.71
C VAL D 391 12.54 11.52 8.29
N LYS D 392 12.58 12.63 7.56
CA LYS D 392 13.86 13.18 7.05
C LYS D 392 14.04 14.57 7.65
N TYR D 393 15.22 15.14 7.46
CA TYR D 393 15.56 16.48 7.98
C TYR D 393 16.03 17.35 6.83
N ASN D 394 15.57 18.58 6.83
CA ASN D 394 15.99 19.63 5.86
C ASN D 394 17.05 20.48 6.54
N GLN D 395 18.33 20.33 6.18
CA GLN D 395 19.45 21.14 6.75
C GLN D 395 19.26 22.64 6.43
N GLU D 396 18.80 23.00 5.23
CA GLU D 396 18.73 24.43 4.81
C GLU D 396 17.73 25.15 5.74
N SER D 397 16.54 24.59 5.96
CA SER D 397 15.45 25.22 6.76
C SER D 397 15.51 24.75 8.22
N LYS D 398 16.42 23.85 8.55
CA LYS D 398 16.52 23.26 9.92
C LYS D 398 15.14 22.78 10.37
N LYS D 399 14.50 21.92 9.60
CA LYS D 399 13.16 21.40 9.94
C LYS D 399 13.03 19.94 9.53
N PHE D 400 12.24 19.19 10.29
CA PHE D 400 11.86 17.81 9.94
C PHE D 400 10.88 17.85 8.76
N ILE D 401 11.09 16.94 7.83
CA ILE D 401 10.17 16.66 6.68
C ILE D 401 9.27 15.51 7.10
N VAL D 402 8.02 15.80 7.44
CA VAL D 402 7.08 14.78 8.01
C VAL D 402 6.10 14.35 6.92
N ASN D 403 6.54 13.41 6.09
CA ASN D 403 5.79 12.89 4.91
C ASN D 403 4.60 12.08 5.40
N PRO D 404 3.36 12.43 4.97
CA PRO D 404 2.17 11.65 5.33
C PRO D 404 2.33 10.13 5.15
N ARG D 405 2.84 9.69 3.99
CA ARG D 405 2.92 8.24 3.70
C ARG D 405 3.90 7.58 4.70
N ASN D 406 4.93 8.31 5.15
CA ASN D 406 5.93 7.74 6.09
C ASN D 406 5.26 7.54 7.45
N ILE D 407 4.42 8.49 7.86
CA ILE D 407 3.71 8.39 9.18
C ILE D 407 2.62 7.31 9.06
N LYS D 408 1.95 7.16 7.91
CA LYS D 408 0.97 6.05 7.72
C LYS D 408 1.68 4.71 7.94
N ARG D 409 2.88 4.57 7.38
CA ARG D 409 3.68 3.33 7.44
C ARG D 409 4.01 3.05 8.90
N TYR D 410 4.44 4.10 9.63
CA TYR D 410 4.77 4.02 11.09
C TYR D 410 3.59 3.39 11.84
N VAL D 411 2.36 3.81 11.54
CA VAL D 411 1.14 3.28 12.22
C VAL D 411 0.86 1.86 11.72
N GLN D 412 0.78 1.65 10.40
CA GLN D 412 0.42 0.34 9.79
C GLN D 412 1.40 -0.73 10.26
N ASP D 413 2.70 -0.43 10.24
CA ASP D 413 3.78 -1.41 10.58
C ASP D 413 3.58 -1.96 12.00
N GLY D 414 2.95 -1.20 12.89
CA GLY D 414 2.76 -1.63 14.30
C GLY D 414 1.84 -2.84 14.41
N PHE D 415 0.98 -3.10 13.41
CA PHE D 415 -0.07 -4.16 13.47
C PHE D 415 0.24 -5.31 12.50
N PHE D 416 1.48 -5.47 12.06
CA PHE D 416 1.83 -6.53 11.11
C PHE D 416 1.71 -7.90 11.78
N ILE D 417 2.26 -8.04 12.98
CA ILE D 417 2.28 -9.37 13.65
C ILE D 417 1.20 -9.41 14.74
N ASP D 418 0.64 -10.59 14.95
CA ASP D 418 -0.40 -10.84 15.97
C ASP D 418 -0.17 -12.23 16.57
N GLU D 419 -0.92 -12.55 17.62
CA GLU D 419 -0.77 -13.82 18.37
C GLU D 419 -0.97 -15.02 17.44
N ALA D 420 -1.97 -14.96 16.56
CA ALA D 420 -2.32 -16.06 15.64
C ALA D 420 -1.11 -16.39 14.77
N LYS D 421 -0.40 -15.37 14.28
CA LYS D 421 0.80 -15.58 13.43
C LYS D 421 1.93 -16.21 14.26
N PHE D 422 2.20 -15.70 15.45
CA PHE D 422 3.19 -16.34 16.37
C PHE D 422 2.82 -17.81 16.60
N ALA D 423 1.55 -18.11 16.87
CA ALA D 423 1.05 -19.46 17.20
C ALA D 423 1.30 -20.39 15.99
N ARG D 424 1.10 -19.88 14.78
CA ARG D 424 1.34 -20.67 13.54
C ARG D 424 2.84 -20.94 13.39
N ILE D 425 3.68 -19.91 13.51
CA ILE D 425 5.16 -20.03 13.30
C ILE D 425 5.73 -21.05 14.30
N LEU D 426 5.31 -20.98 15.57
CA LEU D 426 5.89 -21.77 16.68
C LEU D 426 5.16 -23.09 16.90
N ASN D 427 4.03 -23.33 16.20
CA ASN D 427 3.20 -24.55 16.36
C ASN D 427 2.67 -24.65 17.81
N ILE D 428 2.12 -23.55 18.32
CA ILE D 428 1.51 -23.47 19.67
C ILE D 428 0.00 -23.34 19.49
N LYS D 429 -0.76 -24.10 20.26
CA LYS D 429 -2.24 -24.06 20.24
C LYS D 429 -2.72 -22.80 20.98
N THR D 430 -3.68 -22.11 20.38
CA THR D 430 -4.31 -20.88 20.91
C THR D 430 -5.82 -21.07 20.77
N ARG D 431 -6.61 -20.25 21.45
CA ARG D 431 -8.10 -20.28 21.34
C ARG D 431 -8.50 -19.60 20.02
N SER D 432 -9.74 -19.80 19.57
CA SER D 432 -10.28 -19.26 18.29
C SER D 432 -10.76 -17.81 18.48
N TYR D 433 -11.26 -17.49 19.68
CA TYR D 433 -11.84 -16.17 20.05
C TYR D 433 -11.16 -15.65 21.33
N TYR D 434 -11.09 -14.32 21.44
CA TYR D 434 -10.26 -13.57 22.42
C TYR D 434 -10.61 -13.91 23.88
N THR D 435 -11.89 -13.82 24.26
CA THR D 435 -12.36 -13.85 25.68
C THR D 435 -12.43 -15.28 26.21
N LEU D 436 -12.14 -15.48 27.50
CA LEU D 436 -12.29 -16.77 28.24
C LEU D 436 -13.57 -16.74 29.05
N MSE D 437 -14.63 -17.40 28.54
CA MSE D 437 -15.96 -17.32 29.12
C MSE D 437 -16.14 -18.45 30.15
O MSE D 437 -16.03 -19.63 29.79
CB MSE D 437 -17.05 -17.42 28.05
CG MSE D 437 -17.40 -16.11 27.36
SE MSE D 437 -17.43 -14.54 28.56
CE MSE D 437 -19.23 -14.10 29.22
N PRO D 438 -16.45 -18.14 31.43
CA PRO D 438 -16.64 -19.16 32.47
C PRO D 438 -17.56 -20.32 32.04
N ASP D 439 -17.20 -21.54 32.45
CA ASP D 439 -17.86 -22.81 32.06
C ASP D 439 -18.05 -23.64 33.34
N ASN D 440 -18.21 -24.97 33.22
CA ASN D 440 -18.48 -25.89 34.36
C ASN D 440 -17.35 -26.91 34.52
N LEU D 441 -16.19 -26.68 33.90
CA LEU D 441 -15.09 -27.69 33.73
C LEU D 441 -14.08 -27.58 34.89
N GLY D 442 -14.48 -26.99 36.02
CA GLY D 442 -13.67 -26.96 37.25
C GLY D 442 -12.50 -25.99 37.16
N VAL D 443 -11.38 -26.35 37.78
CA VAL D 443 -10.24 -25.43 38.08
C VAL D 443 -9.66 -24.89 36.77
N TRP D 444 -9.40 -23.58 36.73
CA TRP D 444 -8.83 -22.86 35.57
C TRP D 444 -7.31 -22.81 35.64
N SER D 445 -6.75 -22.63 36.84
CA SER D 445 -5.33 -22.25 37.07
C SER D 445 -4.45 -23.47 37.28
N TYR D 446 -3.32 -23.52 36.56
CA TYR D 446 -2.31 -24.60 36.61
C TYR D 446 -0.93 -24.02 36.93
N ARG D 447 -0.14 -24.79 37.67
CA ARG D 447 1.32 -24.56 37.82
C ARG D 447 2.03 -25.01 36.54
N VAL D 448 3.06 -24.28 36.14
CA VAL D 448 3.92 -24.67 34.99
C VAL D 448 5.34 -24.86 35.52
N ASP D 449 5.87 -26.06 35.34
CA ASP D 449 7.19 -26.47 35.87
C ASP D 449 8.28 -26.01 34.90
N ILE D 450 8.44 -24.70 34.72
CA ILE D 450 9.42 -24.06 33.78
C ILE D 450 10.83 -24.59 34.03
N LEU D 451 11.22 -24.85 35.28
CA LEU D 451 12.61 -25.25 35.64
C LEU D 451 12.74 -26.78 35.76
N ASN D 452 11.72 -27.54 35.36
CA ASN D 452 11.80 -29.02 35.18
C ASN D 452 12.15 -29.69 36.51
N ARG D 453 11.51 -29.28 37.59
CA ARG D 453 11.80 -29.87 38.92
C ARG D 453 11.03 -31.18 39.09
N LEU D 454 9.81 -31.30 38.58
CA LEU D 454 9.00 -32.54 38.70
C LEU D 454 9.29 -33.45 37.49
N ARG D 455 9.27 -32.87 36.30
CA ARG D 455 9.31 -33.59 35.02
C ARG D 455 9.90 -32.65 33.97
N GLU D 456 10.42 -33.19 32.86
CA GLU D 456 10.82 -32.39 31.68
C GLU D 456 9.54 -31.76 31.13
N THR D 457 9.48 -30.43 31.19
CA THR D 457 8.27 -29.60 30.93
C THR D 457 8.61 -28.52 29.90
N PHE D 458 9.75 -27.87 30.06
CA PHE D 458 10.14 -26.67 29.27
C PHE D 458 11.60 -26.79 28.84
N ASP D 459 11.83 -26.69 27.53
CA ASP D 459 13.18 -26.84 26.93
C ASP D 459 13.53 -25.54 26.20
N GLU D 460 14.82 -25.17 26.18
CA GLU D 460 15.28 -23.88 25.60
C GLU D 460 15.11 -23.94 24.07
N ASP D 461 15.09 -25.13 23.47
CA ASP D 461 14.91 -25.26 22.00
C ASP D 461 13.43 -25.48 21.67
N ARG D 462 12.72 -26.37 22.38
CA ARG D 462 11.35 -26.79 21.97
C ARG D 462 10.28 -26.01 22.75
N GLY D 463 10.69 -25.20 23.73
CA GLY D 463 9.77 -24.43 24.58
C GLY D 463 8.92 -25.36 25.42
N LEU D 464 7.63 -25.05 25.57
CA LEU D 464 6.71 -25.87 26.40
C LEU D 464 6.41 -27.19 25.67
N LEU D 465 6.79 -28.32 26.28
CA LEU D 465 6.78 -29.63 25.57
C LEU D 465 5.34 -30.09 25.29
N SER D 466 4.38 -29.75 26.15
CA SER D 466 2.97 -30.20 26.04
C SER D 466 2.03 -29.17 26.64
N GLN D 467 0.86 -28.99 26.01
CA GLN D 467 -0.25 -28.13 26.50
C GLN D 467 -1.39 -29.02 26.99
N GLU D 468 -1.18 -30.34 27.12
CA GLU D 468 -2.20 -31.27 27.69
C GLU D 468 -2.24 -31.02 29.20
N LEU D 469 -3.43 -30.93 29.79
CA LEU D 469 -3.59 -30.60 31.23
C LEU D 469 -3.02 -31.73 32.11
N ASP D 470 -3.04 -32.98 31.62
CA ASP D 470 -2.53 -34.18 32.35
C ASP D 470 -1.05 -34.03 32.67
N PHE D 471 -0.34 -33.15 31.96
CA PHE D 471 1.13 -32.98 32.06
C PHE D 471 1.47 -31.77 32.95
N HIS D 472 0.48 -31.17 33.63
CA HIS D 472 0.65 -30.00 34.53
C HIS D 472 -0.16 -30.16 35.81
N THR D 473 0.26 -29.48 36.87
CA THR D 473 -0.32 -29.60 38.24
C THR D 473 -1.35 -28.49 38.42
N ALA D 474 -2.64 -28.85 38.52
CA ALA D 474 -3.74 -27.92 38.87
C ALA D 474 -3.47 -27.31 40.25
N LEU D 475 -3.76 -26.02 40.41
CA LEU D 475 -3.88 -25.37 41.74
C LEU D 475 -5.17 -25.89 42.39
N THR D 476 -5.29 -25.71 43.71
CA THR D 476 -6.42 -26.21 44.52
C THR D 476 -7.08 -25.02 45.24
N PRO D 477 -7.89 -24.20 44.53
CA PRO D 477 -8.50 -23.04 45.18
C PRO D 477 -9.48 -23.46 46.28
N VAL D 478 -9.69 -22.58 47.26
CA VAL D 478 -10.68 -22.75 48.37
C VAL D 478 -12.09 -22.68 47.77
N VAL D 479 -12.37 -21.68 46.91
CA VAL D 479 -13.66 -21.52 46.17
C VAL D 479 -13.36 -20.98 44.76
N ASP E 24 -30.87 9.46 -14.26
CA ASP E 24 -31.50 8.43 -15.16
C ASP E 24 -32.98 8.20 -14.81
N VAL E 25 -33.42 8.43 -13.55
CA VAL E 25 -34.86 8.32 -13.19
C VAL E 25 -35.67 9.35 -14.00
N LEU E 26 -36.68 8.87 -14.72
CA LEU E 26 -37.58 9.67 -15.60
C LEU E 26 -36.76 10.54 -16.57
N GLU E 27 -35.57 10.10 -16.98
CA GLU E 27 -34.85 10.78 -18.11
C GLU E 27 -35.64 10.54 -19.39
N MSE E 28 -36.06 11.62 -20.06
CA MSE E 28 -36.88 11.52 -21.27
C MSE E 28 -36.00 11.20 -22.48
O MSE E 28 -35.06 11.95 -22.76
CB MSE E 28 -37.60 12.84 -21.60
CG MSE E 28 -38.85 13.19 -20.79
SE MSE E 28 -40.25 11.80 -20.63
CE MSE E 28 -39.58 11.31 -18.89
N PHE E 29 -36.36 10.15 -23.22
CA PHE E 29 -35.78 9.88 -24.53
C PHE E 29 -36.26 10.92 -25.53
N ASP E 30 -35.47 11.14 -26.57
CA ASP E 30 -35.83 12.07 -27.68
C ASP E 30 -36.83 11.37 -28.59
N VAL E 31 -38.11 11.40 -28.21
CA VAL E 31 -39.22 10.65 -28.86
C VAL E 31 -40.38 11.62 -29.01
N ASN E 32 -40.87 11.78 -30.25
CA ASN E 32 -42.01 12.68 -30.57
C ASN E 32 -43.19 11.84 -31.05
N TYR E 33 -44.37 12.44 -31.10
CA TYR E 33 -45.59 11.77 -31.58
C TYR E 33 -45.35 11.18 -32.96
N GLU E 34 -44.65 11.93 -33.84
CA GLU E 34 -44.46 11.54 -35.24
C GLU E 34 -43.17 10.73 -35.43
N SER E 35 -42.46 10.32 -34.35
CA SER E 35 -41.22 9.51 -34.47
C SER E 35 -41.57 8.19 -35.17
N PRO E 36 -40.83 7.77 -36.22
CA PRO E 36 -41.25 6.64 -37.03
C PRO E 36 -41.25 5.30 -36.28
N ILE E 37 -42.31 4.53 -36.48
CA ILE E 37 -42.45 3.16 -35.94
C ILE E 37 -41.37 2.24 -36.52
N LEU E 38 -40.87 1.31 -35.72
CA LEU E 38 -39.86 0.33 -36.20
C LEU E 38 -40.49 -0.57 -37.27
N GLU E 39 -39.88 -0.66 -38.46
CA GLU E 39 -40.40 -1.53 -39.54
C GLU E 39 -39.40 -2.59 -39.98
N SER E 40 -38.14 -2.47 -39.57
CA SER E 40 -37.09 -3.45 -39.88
C SER E 40 -36.12 -3.52 -38.70
N PHE E 41 -35.50 -4.67 -38.52
CA PHE E 41 -34.57 -4.87 -37.40
C PHE E 41 -33.48 -5.84 -37.80
N ASP E 42 -32.23 -5.41 -37.66
CA ASP E 42 -31.01 -6.19 -37.94
C ASP E 42 -30.22 -6.32 -36.64
N SER E 43 -30.31 -7.47 -35.96
CA SER E 43 -29.69 -7.70 -34.64
C SER E 43 -28.16 -7.63 -34.73
N THR E 44 -27.57 -7.63 -35.93
CA THR E 44 -26.09 -7.60 -36.10
C THR E 44 -25.58 -6.15 -36.02
N THR E 45 -26.44 -5.14 -36.18
CA THR E 45 -26.07 -3.71 -36.18
C THR E 45 -26.95 -2.88 -35.23
N GLN E 46 -28.10 -3.40 -34.81
CA GLN E 46 -29.11 -2.63 -34.04
C GLN E 46 -29.37 -3.32 -32.70
N SER E 47 -29.74 -2.54 -31.70
CA SER E 47 -30.14 -3.02 -30.36
C SER E 47 -31.60 -2.67 -30.13
N LEU E 48 -32.38 -3.57 -29.54
CA LEU E 48 -33.79 -3.28 -29.18
C LEU E 48 -33.83 -2.23 -28.07
N ASN E 49 -32.74 -2.05 -27.32
CA ASN E 49 -32.68 -1.01 -26.26
C ASN E 49 -32.83 0.39 -26.87
N ASP E 50 -32.33 0.58 -28.10
CA ASP E 50 -32.38 1.89 -28.82
C ASP E 50 -33.73 2.08 -29.53
N VAL E 51 -34.56 1.03 -29.61
CA VAL E 51 -35.91 1.11 -30.23
C VAL E 51 -36.86 1.75 -29.23
N HIS E 52 -37.46 2.90 -29.58
CA HIS E 52 -38.41 3.62 -28.68
C HIS E 52 -39.81 3.74 -29.25
N VAL E 53 -40.04 3.43 -30.53
CA VAL E 53 -41.40 3.45 -31.11
C VAL E 53 -41.59 2.14 -31.86
N PHE E 54 -42.60 1.36 -31.51
CA PHE E 54 -42.75 -0.01 -32.03
C PHE E 54 -44.16 -0.54 -31.75
N MSE E 55 -44.55 -1.49 -32.60
CA MSE E 55 -45.78 -2.24 -32.42
C MSE E 55 -45.50 -3.32 -31.37
O MSE E 55 -44.47 -3.99 -31.41
CB MSE E 55 -46.27 -2.88 -33.72
CG MSE E 55 -47.69 -3.36 -33.65
SE MSE E 55 -48.98 -1.93 -33.40
CE MSE E 55 -49.05 -1.14 -35.16
N SER E 56 -46.46 -3.44 -30.47
CA SER E 56 -46.37 -4.44 -29.41
C SER E 56 -47.74 -5.05 -29.17
N ARG E 57 -47.89 -5.76 -28.01
CA ARG E 57 -49.20 -6.30 -27.67
C ARG E 57 -49.21 -6.47 -26.14
N ILE E 58 -50.35 -6.21 -25.55
CA ILE E 58 -50.56 -6.39 -24.07
C ILE E 58 -51.91 -7.04 -23.87
N GLN E 59 -52.03 -7.73 -22.72
CA GLN E 59 -53.34 -8.27 -22.31
C GLN E 59 -54.29 -7.15 -21.92
N MSE E 60 -55.56 -7.42 -22.16
CA MSE E 60 -56.65 -6.60 -21.68
C MSE E 60 -57.83 -7.52 -21.33
O MSE E 60 -57.92 -8.62 -21.85
CB MSE E 60 -57.05 -5.59 -22.74
CG MSE E 60 -55.96 -4.63 -23.14
SE MSE E 60 -55.50 -3.34 -21.73
CE MSE E 60 -57.10 -2.24 -21.56
N SER E 61 -58.73 -7.05 -20.44
CA SER E 61 -60.03 -7.68 -20.28
C SER E 61 -60.95 -7.25 -21.43
N ALA E 62 -61.47 -8.20 -22.21
CA ALA E 62 -62.44 -7.92 -23.29
C ALA E 62 -63.81 -8.45 -22.86
N TYR E 63 -64.87 -7.68 -23.13
CA TYR E 63 -66.26 -8.00 -22.73
C TYR E 63 -67.11 -8.16 -23.99
N ASP E 64 -67.83 -9.28 -24.13
CA ASP E 64 -68.81 -9.48 -25.22
C ASP E 64 -70.16 -8.87 -24.78
N ALA E 65 -71.20 -8.98 -25.59
CA ALA E 65 -72.48 -8.23 -25.44
C ALA E 65 -73.23 -8.65 -24.17
N ASP E 66 -72.62 -9.47 -23.31
CA ASP E 66 -73.25 -10.03 -22.08
C ASP E 66 -72.71 -9.32 -20.83
N GLY E 67 -71.48 -8.80 -20.90
CA GLY E 67 -70.85 -8.02 -19.81
C GLY E 67 -69.83 -8.83 -19.03
N GLU E 68 -69.57 -10.08 -19.44
CA GLU E 68 -68.58 -10.98 -18.79
C GLU E 68 -67.23 -10.85 -19.53
N GLY E 69 -66.14 -10.89 -18.77
CA GLY E 69 -64.77 -10.60 -19.25
C GLY E 69 -63.99 -11.86 -19.57
N ARG E 70 -63.04 -11.75 -20.49
CA ARG E 70 -62.01 -12.78 -20.79
C ARG E 70 -60.73 -12.01 -21.09
N ILE E 71 -59.58 -12.46 -20.59
CA ILE E 71 -58.29 -11.76 -20.85
C ILE E 71 -57.79 -12.15 -22.26
N GLU E 72 -57.50 -11.15 -23.10
CA GLU E 72 -56.99 -11.37 -24.48
C GLU E 72 -55.89 -10.35 -24.79
N TYR E 73 -54.91 -10.73 -25.60
CA TYR E 73 -53.92 -9.78 -26.14
C TYR E 73 -54.59 -8.82 -27.15
N ARG E 74 -54.11 -7.58 -27.12
CA ARG E 74 -54.42 -6.51 -28.10
C ARG E 74 -53.10 -5.91 -28.58
N ASN E 75 -52.95 -5.80 -29.90
CA ASN E 75 -51.83 -5.07 -30.52
C ASN E 75 -51.99 -3.57 -30.22
N LEU E 76 -50.88 -2.89 -30.01
CA LEU E 76 -50.90 -1.41 -29.81
C LEU E 76 -49.52 -0.85 -30.12
N LYS E 77 -49.50 0.40 -30.57
CA LYS E 77 -48.26 1.14 -30.85
C LYS E 77 -47.76 1.75 -29.55
N LEU E 78 -46.53 1.45 -29.17
CA LEU E 78 -45.91 1.95 -27.94
C LEU E 78 -44.79 2.95 -28.24
N TYR E 79 -44.75 3.98 -27.42
CA TYR E 79 -43.62 4.92 -27.30
C TYR E 79 -42.91 4.70 -25.96
N GLU E 80 -41.62 4.40 -26.01
CA GLU E 80 -40.76 4.34 -24.78
C GLU E 80 -40.32 5.77 -24.46
N ILE E 81 -40.97 6.41 -23.50
CA ILE E 81 -40.69 7.84 -23.16
C ILE E 81 -39.51 7.93 -22.19
N SER E 82 -39.27 6.87 -21.42
CA SER E 82 -38.14 6.73 -20.47
C SER E 82 -37.88 5.22 -20.35
N SER E 83 -36.67 4.84 -19.92
CA SER E 83 -36.27 3.41 -19.77
C SER E 83 -37.41 2.63 -19.08
N GLY E 84 -38.02 1.69 -19.80
CA GLY E 84 -39.00 0.73 -19.22
C GLY E 84 -40.38 1.35 -18.99
N ILE E 85 -40.58 2.59 -19.47
CA ILE E 85 -41.88 3.31 -19.32
C ILE E 85 -42.42 3.55 -20.73
N PHE E 86 -43.56 2.97 -21.03
CA PHE E 86 -44.18 2.99 -22.39
C PHE E 86 -45.54 3.63 -22.32
N ILE E 87 -45.90 4.39 -23.36
CA ILE E 87 -47.25 4.97 -23.45
C ILE E 87 -47.81 4.67 -24.84
N SER E 88 -49.11 4.59 -24.95
CA SER E 88 -49.85 4.41 -26.24
C SER E 88 -50.92 5.49 -26.33
N THR E 89 -51.21 5.95 -27.55
CA THR E 89 -52.38 6.82 -27.77
C THR E 89 -53.56 5.99 -28.24
N ASP E 90 -53.39 4.69 -28.39
CA ASP E 90 -54.41 3.77 -28.91
C ASP E 90 -55.48 3.51 -27.83
N ARG E 91 -56.74 3.76 -28.17
CA ARG E 91 -57.89 3.33 -27.34
C ARG E 91 -58.29 1.91 -27.78
N LEU E 92 -57.98 0.93 -26.93
CA LEU E 92 -58.08 -0.50 -27.30
C LEU E 92 -59.55 -0.93 -27.28
N ASP E 93 -59.91 -1.77 -28.24
CA ASP E 93 -61.27 -2.34 -28.34
C ASP E 93 -61.41 -3.48 -27.33
N THR E 94 -62.07 -3.20 -26.20
CA THR E 94 -62.35 -4.18 -25.12
C THR E 94 -63.86 -4.43 -25.05
N GLY E 95 -64.59 -4.10 -26.11
CA GLY E 95 -66.06 -4.26 -26.17
C GLY E 95 -66.78 -2.98 -25.76
N ALA E 96 -68.10 -2.97 -25.92
CA ALA E 96 -68.97 -1.80 -25.68
C ALA E 96 -69.02 -1.49 -24.17
N SER E 97 -69.14 -0.22 -23.82
CA SER E 97 -69.29 0.26 -22.42
C SER E 97 -70.69 -0.08 -21.90
N GLY E 98 -71.66 -0.22 -22.81
CA GLY E 98 -73.08 -0.43 -22.48
C GLY E 98 -73.76 0.86 -22.04
N VAL E 99 -73.12 2.00 -22.27
CA VAL E 99 -73.67 3.34 -21.93
C VAL E 99 -73.70 4.19 -23.20
N GLU E 100 -74.80 4.92 -23.42
CA GLU E 100 -74.99 5.77 -24.63
C GLU E 100 -74.02 6.96 -24.56
N ASP E 101 -73.58 7.45 -25.72
CA ASP E 101 -72.62 8.58 -25.81
C ASP E 101 -73.13 9.79 -25.02
N ASP E 102 -72.22 10.42 -24.26
CA ASP E 102 -72.41 11.72 -23.56
C ASP E 102 -73.43 11.56 -22.43
N HIS E 103 -73.57 10.34 -21.90
CA HIS E 103 -74.32 10.04 -20.65
C HIS E 103 -73.32 10.07 -19.50
N GLU E 104 -73.71 10.62 -18.36
CA GLU E 104 -72.83 10.69 -17.16
C GLU E 104 -73.54 10.00 -16.00
N MSE E 105 -72.80 9.12 -15.32
CA MSE E 105 -73.21 8.54 -14.04
C MSE E 105 -72.02 8.64 -13.09
O MSE E 105 -71.31 7.65 -12.90
CB MSE E 105 -73.60 7.07 -14.20
CG MSE E 105 -75.06 6.82 -14.47
SE MSE E 105 -75.22 5.33 -15.74
CE MSE E 105 -74.25 5.93 -17.32
N VAL E 106 -71.85 9.82 -12.50
CA VAL E 106 -70.57 10.24 -11.92
C VAL E 106 -69.52 10.27 -13.03
N ASP E 107 -69.13 9.09 -13.55
CA ASP E 107 -68.20 9.00 -14.70
C ASP E 107 -68.92 9.35 -16.01
N TYR E 108 -68.16 9.85 -16.98
CA TYR E 108 -68.67 10.34 -18.30
C TYR E 108 -68.32 9.32 -19.39
N TYR E 109 -69.30 8.92 -20.20
CA TYR E 109 -69.11 7.90 -21.26
C TYR E 109 -69.22 8.55 -22.65
N SER E 110 -68.23 8.31 -23.50
CA SER E 110 -68.27 8.62 -24.95
C SER E 110 -67.45 7.60 -25.72
N SER E 111 -68.06 6.97 -26.73
CA SER E 111 -67.35 6.05 -27.65
C SER E 111 -66.40 6.84 -28.54
N ALA E 112 -66.66 8.15 -28.70
CA ALA E 112 -65.97 9.06 -29.66
C ALA E 112 -64.54 9.39 -29.18
N ARG E 113 -64.31 9.51 -27.87
CA ARG E 113 -62.98 9.88 -27.32
C ARG E 113 -61.91 8.94 -27.91
N LEU E 114 -60.91 9.51 -28.60
CA LEU E 114 -59.74 8.80 -29.19
C LEU E 114 -60.15 7.66 -30.14
N THR E 115 -61.35 7.72 -30.74
CA THR E 115 -61.76 6.81 -31.86
C THR E 115 -62.22 7.61 -33.09
N ARG E 116 -62.81 8.78 -32.88
CA ARG E 116 -63.29 9.65 -34.00
C ARG E 116 -63.28 11.10 -33.50
N GLU E 117 -63.82 12.04 -34.28
CA GLU E 117 -63.91 13.45 -33.82
C GLU E 117 -64.65 13.49 -32.48
N PHE E 118 -64.13 14.28 -31.54
CA PHE E 118 -64.72 14.46 -30.19
C PHE E 118 -64.43 15.89 -29.71
N LEU E 119 -65.47 16.60 -29.27
CA LEU E 119 -65.39 17.98 -28.72
C LEU E 119 -64.67 18.90 -29.72
N GLY E 120 -64.92 18.67 -31.01
CA GLY E 120 -64.38 19.49 -32.13
C GLY E 120 -62.90 19.26 -32.38
N GLU E 121 -62.35 18.11 -31.98
CA GLU E 121 -60.94 17.76 -32.23
C GLU E 121 -60.88 16.46 -33.03
N SER E 122 -60.12 16.46 -34.13
CA SER E 122 -59.90 15.27 -34.96
C SER E 122 -59.24 14.18 -34.11
N LEU E 123 -59.35 12.94 -34.56
CA LEU E 123 -58.67 11.78 -33.93
C LEU E 123 -57.17 12.08 -33.88
N ASP E 124 -56.59 12.61 -34.96
CA ASP E 124 -55.12 12.86 -34.99
C ASP E 124 -54.72 13.91 -33.95
N SER E 125 -55.50 15.00 -33.82
CA SER E 125 -55.25 16.08 -32.83
C SER E 125 -55.34 15.47 -31.41
N GLN E 126 -56.35 14.65 -31.18
CA GLN E 126 -56.58 13.98 -29.86
C GLN E 126 -55.37 13.12 -29.50
N LYS E 127 -54.89 12.31 -30.45
CA LYS E 127 -53.77 11.34 -30.22
C LYS E 127 -52.49 12.13 -29.94
N SER E 128 -52.22 13.16 -30.76
CA SER E 128 -51.02 14.01 -30.59
C SER E 128 -51.04 14.70 -29.22
N ASP E 129 -52.19 15.26 -28.84
CA ASP E 129 -52.37 15.97 -27.55
C ASP E 129 -52.20 14.95 -26.41
N TYR E 130 -52.72 13.75 -26.57
CA TYR E 130 -52.64 12.70 -25.50
C TYR E 130 -51.14 12.42 -25.23
N PHE E 131 -50.38 12.15 -26.29
CA PHE E 131 -48.91 11.94 -26.22
C PHE E 131 -48.25 13.14 -25.49
N GLU E 132 -48.53 14.35 -25.95
N GLU E 132 -48.50 14.36 -25.95
CA GLU E 132 -47.91 15.60 -25.40
CA GLU E 132 -47.88 15.58 -25.35
C GLU E 132 -48.33 15.80 -23.93
C GLU E 132 -48.30 15.73 -23.88
N GLY E 133 -49.58 15.48 -23.59
CA GLY E 133 -50.11 15.65 -22.22
C GLY E 133 -49.48 14.64 -21.26
N ILE E 134 -49.31 13.40 -21.69
CA ILE E 134 -48.72 12.36 -20.79
C ILE E 134 -47.25 12.75 -20.57
N LYS E 135 -46.54 13.20 -21.60
CA LYS E 135 -45.12 13.61 -21.42
C LYS E 135 -45.04 14.83 -20.50
N LYS E 136 -46.01 15.73 -20.53
CA LYS E 136 -45.97 16.95 -19.68
C LYS E 136 -46.16 16.51 -18.21
N VAL E 137 -47.08 15.60 -17.97
CA VAL E 137 -47.30 15.01 -16.61
C VAL E 137 -45.98 14.38 -16.11
N PHE E 138 -45.28 13.59 -16.93
CA PHE E 138 -44.02 12.92 -16.48
C PHE E 138 -42.91 13.97 -16.29
N SER E 139 -42.90 15.07 -17.07
CA SER E 139 -41.93 16.17 -16.86
C SER E 139 -42.15 16.81 -15.48
N PHE E 140 -43.41 16.96 -15.09
CA PHE E 140 -43.80 17.44 -13.74
C PHE E 140 -43.24 16.47 -12.69
N TYR E 141 -43.40 15.16 -12.90
CA TYR E 141 -42.90 14.15 -11.93
C TYR E 141 -41.39 14.27 -11.79
N LYS E 142 -40.66 14.43 -12.90
CA LYS E 142 -39.18 14.52 -12.87
C LYS E 142 -38.77 15.73 -12.02
N ASN E 143 -39.45 16.87 -12.18
CA ASN E 143 -39.21 18.09 -11.35
C ASN E 143 -39.47 17.76 -9.87
N LYS E 144 -40.52 17.01 -9.55
CA LYS E 144 -40.88 16.68 -8.15
C LYS E 144 -39.84 15.72 -7.56
N CYS E 145 -39.29 14.82 -8.37
CA CYS E 145 -38.21 13.88 -7.93
C CYS E 145 -37.01 14.68 -7.41
N ASN E 146 -36.70 15.81 -8.04
CA ASN E 146 -35.57 16.70 -7.64
C ASN E 146 -35.87 17.36 -6.27
N GLU E 147 -37.16 17.48 -5.89
CA GLU E 147 -37.59 18.25 -4.69
C GLU E 147 -37.92 17.34 -3.49
N SER E 148 -38.40 16.12 -3.71
CA SER E 148 -38.89 15.21 -2.64
C SER E 148 -38.13 13.87 -2.66
N ARG E 149 -37.43 13.54 -1.56
CA ARG E 149 -36.71 12.24 -1.44
C ARG E 149 -37.69 11.08 -1.59
N TYR E 150 -38.91 11.22 -1.06
CA TYR E 150 -39.93 10.14 -1.11
C TYR E 150 -40.41 9.93 -2.55
N ILE E 151 -40.60 11.00 -3.33
CA ILE E 151 -41.06 10.87 -4.74
C ILE E 151 -39.93 10.25 -5.57
N LYS E 152 -38.69 10.70 -5.39
CA LYS E 152 -37.53 10.11 -6.12
C LYS E 152 -37.44 8.61 -5.81
N GLU E 153 -37.53 8.23 -4.53
CA GLU E 153 -37.49 6.82 -4.08
C GLU E 153 -38.59 6.03 -4.82
N PHE E 154 -39.81 6.57 -4.85
CA PHE E 154 -40.98 5.89 -5.46
C PHE E 154 -40.69 5.62 -6.94
N PHE E 155 -40.27 6.64 -7.71
CA PHE E 155 -40.03 6.46 -9.16
C PHE E 155 -38.81 5.58 -9.43
N GLU E 156 -37.74 5.66 -8.63
CA GLU E 156 -36.58 4.74 -8.79
C GLU E 156 -37.10 3.30 -8.70
N GLU E 157 -37.97 3.04 -7.73
CA GLU E 157 -38.58 1.70 -7.53
C GLU E 157 -39.45 1.33 -8.76
N ILE E 158 -40.50 2.08 -9.07
CA ILE E 158 -41.48 1.59 -10.08
C ILE E 158 -40.83 1.61 -11.48
N GLN E 159 -39.87 2.51 -11.74
CA GLN E 159 -39.24 2.57 -13.10
C GLN E 159 -38.28 1.39 -13.30
N PHE E 160 -37.46 1.06 -12.29
CA PHE E 160 -36.24 0.25 -12.51
C PHE E 160 -36.31 -1.11 -11.82
N ARG E 161 -37.24 -1.35 -10.91
CA ARG E 161 -37.15 -2.61 -10.11
C ARG E 161 -37.25 -3.82 -11.04
N ASN E 162 -36.56 -4.90 -10.65
CA ASN E 162 -36.70 -6.23 -11.28
C ASN E 162 -38.06 -6.80 -10.91
N ILE E 163 -38.68 -7.50 -11.84
CA ILE E 163 -40.04 -8.06 -11.72
C ILE E 163 -39.99 -9.52 -12.11
N CYS E 164 -40.28 -10.39 -11.14
CA CYS E 164 -40.22 -11.84 -11.34
C CYS E 164 -41.63 -12.41 -11.16
N GLY E 165 -42.15 -12.98 -12.24
CA GLY E 165 -43.44 -13.70 -12.25
C GLY E 165 -43.20 -15.20 -12.19
N PHE E 166 -44.18 -15.94 -11.68
CA PHE E 166 -44.15 -17.42 -11.66
C PHE E 166 -45.59 -17.92 -11.54
N PRO E 167 -45.89 -19.15 -12.01
CA PRO E 167 -44.91 -20.01 -12.66
C PRO E 167 -44.55 -19.51 -14.07
N LYS E 168 -43.41 -19.98 -14.59
CA LYS E 168 -42.91 -19.63 -15.94
C LYS E 168 -43.87 -20.23 -16.98
N GLN E 169 -44.13 -19.47 -18.03
CA GLN E 169 -45.19 -19.78 -19.04
C GLN E 169 -44.57 -20.43 -20.28
N ALA E 170 -45.46 -21.04 -21.08
CA ALA E 170 -45.24 -21.64 -22.42
C ALA E 170 -43.74 -21.84 -22.73
N GLY E 171 -43.14 -20.89 -23.46
CA GLY E 171 -41.82 -21.02 -24.11
C GLY E 171 -40.77 -20.17 -23.40
N THR E 172 -40.91 -20.05 -22.08
CA THR E 172 -39.96 -19.36 -21.19
C THR E 172 -39.21 -20.43 -20.40
N SER E 173 -37.89 -20.43 -20.46
CA SER E 173 -37.06 -21.37 -19.69
C SER E 173 -36.96 -20.87 -18.24
N SER E 174 -36.61 -21.80 -17.34
N SER E 174 -36.62 -21.77 -17.31
CA SER E 174 -36.49 -21.55 -15.89
CA SER E 174 -36.57 -21.44 -15.87
C SER E 174 -35.49 -20.42 -15.62
C SER E 174 -35.47 -20.40 -15.58
N THR E 175 -34.49 -20.23 -16.47
CA THR E 175 -33.38 -19.27 -16.24
C THR E 175 -33.46 -18.05 -17.17
N ASP E 176 -34.60 -17.88 -17.85
CA ASP E 176 -34.85 -16.64 -18.65
C ASP E 176 -35.12 -15.48 -17.68
N ILE E 177 -34.48 -14.34 -17.92
CA ILE E 177 -34.72 -13.10 -17.12
C ILE E 177 -35.99 -12.44 -17.66
N PHE E 178 -36.07 -12.22 -18.98
CA PHE E 178 -37.22 -11.49 -19.56
C PHE E 178 -38.26 -12.47 -20.07
N ASP E 179 -39.51 -12.20 -19.75
CA ASP E 179 -40.66 -13.05 -20.15
C ASP E 179 -41.93 -12.19 -20.16
N GLN E 180 -43.09 -12.82 -20.28
CA GLN E 180 -44.39 -12.12 -20.43
C GLN E 180 -44.69 -11.21 -19.24
N PHE E 181 -44.15 -11.55 -18.05
CA PHE E 181 -44.44 -10.76 -16.84
C PHE E 181 -43.68 -9.43 -16.80
N ASN E 182 -42.54 -9.26 -17.50
CA ASN E 182 -41.64 -8.12 -17.22
C ASN E 182 -41.10 -7.49 -18.51
N SER E 183 -41.68 -7.86 -19.63
CA SER E 183 -41.18 -7.37 -20.96
C SER E 183 -42.33 -7.29 -21.94
N VAL E 184 -42.15 -6.46 -22.99
CA VAL E 184 -43.17 -6.31 -24.06
C VAL E 184 -42.51 -6.70 -25.38
N ASP E 185 -43.30 -7.34 -26.23
CA ASP E 185 -42.83 -7.85 -27.53
C ASP E 185 -42.62 -6.70 -28.50
N VAL E 186 -41.59 -6.84 -29.33
CA VAL E 186 -41.35 -5.92 -30.49
C VAL E 186 -41.82 -6.67 -31.75
N LEU E 187 -42.84 -6.15 -32.44
CA LEU E 187 -43.48 -6.84 -33.60
C LEU E 187 -43.21 -6.05 -34.88
N LEU E 188 -42.82 -6.79 -35.90
CA LEU E 188 -42.75 -6.24 -37.29
C LEU E 188 -43.94 -6.75 -38.08
N GLN E 189 -44.10 -6.16 -39.27
CA GLN E 189 -45.23 -6.46 -40.14
C GLN E 189 -44.83 -7.58 -41.09
N ASP E 190 -45.67 -8.59 -41.25
CA ASP E 190 -45.56 -9.56 -42.37
C ASP E 190 -45.75 -8.79 -43.68
N PRO E 191 -44.76 -8.81 -44.58
CA PRO E 191 -44.87 -8.08 -45.85
C PRO E 191 -46.14 -8.43 -46.65
N VAL E 192 -46.51 -9.71 -46.67
CA VAL E 192 -47.56 -10.22 -47.60
C VAL E 192 -48.94 -9.98 -46.99
N THR E 193 -49.13 -10.24 -45.70
CA THR E 193 -50.46 -10.12 -45.06
C THR E 193 -50.65 -8.74 -44.41
N SER E 194 -49.57 -7.99 -44.20
CA SER E 194 -49.55 -6.69 -43.45
C SER E 194 -49.92 -6.88 -41.98
N VAL E 195 -50.01 -8.11 -41.49
CA VAL E 195 -50.33 -8.35 -40.05
C VAL E 195 -49.07 -8.07 -39.22
N TRP E 196 -49.21 -7.32 -38.14
CA TRP E 196 -48.11 -7.05 -37.18
C TRP E 196 -47.96 -8.25 -36.24
N ASN E 197 -47.28 -9.31 -36.67
CA ASN E 197 -47.22 -10.58 -35.91
C ASN E 197 -45.83 -11.21 -36.00
N LYS E 198 -44.82 -10.48 -36.48
CA LYS E 198 -43.43 -10.97 -36.56
C LYS E 198 -42.64 -10.49 -35.33
N LYS E 199 -42.50 -11.35 -34.33
CA LYS E 199 -41.74 -11.00 -33.10
C LYS E 199 -40.24 -11.02 -33.40
N VAL E 200 -39.52 -9.96 -33.05
CA VAL E 200 -38.05 -9.89 -33.25
C VAL E 200 -37.34 -9.77 -31.91
N GLY E 201 -38.09 -9.67 -30.83
CA GLY E 201 -37.52 -9.68 -29.47
C GLY E 201 -38.47 -9.04 -28.49
N SER E 202 -37.94 -8.66 -27.35
CA SER E 202 -38.74 -8.06 -26.26
C SER E 202 -37.90 -7.00 -25.55
N LYS E 203 -38.57 -6.09 -24.87
CA LYS E 203 -37.95 -4.97 -24.16
C LYS E 203 -38.43 -5.01 -22.71
N LYS E 204 -37.52 -4.75 -21.79
CA LYS E 204 -37.85 -4.64 -20.34
C LYS E 204 -39.00 -3.63 -20.19
N ALA E 205 -40.04 -4.01 -19.45
CA ALA E 205 -41.22 -3.15 -19.23
C ALA E 205 -41.59 -3.17 -17.73
N ASN E 206 -41.76 -1.99 -17.15
CA ASN E 206 -42.23 -1.80 -15.74
C ASN E 206 -43.60 -1.12 -15.72
N ILE E 207 -43.84 -0.16 -16.66
CA ILE E 207 -45.01 0.75 -16.64
C ILE E 207 -45.52 0.95 -18.09
N VAL E 208 -46.81 0.71 -18.32
CA VAL E 208 -47.49 0.99 -19.61
C VAL E 208 -48.70 1.88 -19.30
N ILE E 209 -48.76 3.06 -19.93
CA ILE E 209 -49.87 4.03 -19.74
C ILE E 209 -50.63 4.10 -21.06
N ILE E 210 -51.93 3.90 -21.02
CA ILE E 210 -52.81 3.91 -22.23
C ILE E 210 -54.07 4.66 -21.86
N PRO E 211 -54.84 5.12 -22.87
CA PRO E 211 -56.15 5.68 -22.60
C PRO E 211 -57.14 4.66 -22.06
N PRO E 212 -58.16 5.12 -21.31
CA PRO E 212 -59.31 4.28 -20.97
C PRO E 212 -59.86 3.60 -22.22
N ALA E 213 -59.95 2.28 -22.20
CA ALA E 213 -60.38 1.42 -23.33
C ALA E 213 -61.86 1.67 -23.66
N THR E 214 -62.35 1.07 -24.73
CA THR E 214 -63.75 1.27 -25.24
C THR E 214 -64.78 0.92 -24.16
N ASN E 215 -64.52 -0.07 -23.29
CA ASN E 215 -65.54 -0.50 -22.30
C ASN E 215 -65.65 0.48 -21.13
N LEU E 216 -64.68 1.38 -20.96
CA LEU E 216 -64.62 2.29 -19.78
C LEU E 216 -65.17 3.67 -20.10
N PRO E 217 -65.64 4.40 -19.07
CA PRO E 217 -65.90 5.84 -19.23
C PRO E 217 -64.57 6.57 -19.43
N ILE E 218 -64.61 7.74 -20.06
CA ILE E 218 -63.39 8.50 -20.47
C ILE E 218 -62.73 9.11 -19.23
N THR E 219 -63.46 9.17 -18.10
CA THR E 219 -62.99 9.77 -16.81
C THR E 219 -62.38 8.69 -15.91
N GLU E 220 -62.40 7.42 -16.31
CA GLU E 220 -61.88 6.34 -15.42
C GLU E 220 -60.35 6.37 -15.41
N ALA E 221 -59.76 6.10 -14.24
CA ALA E 221 -58.34 5.75 -14.12
C ALA E 221 -58.30 4.37 -13.45
N CYS E 222 -57.57 3.42 -14.03
CA CYS E 222 -57.63 1.98 -13.61
C CYS E 222 -56.24 1.38 -13.77
N ALA E 223 -55.67 0.77 -12.72
CA ALA E 223 -54.38 0.05 -12.83
C ALA E 223 -54.67 -1.45 -12.82
N THR E 224 -53.98 -2.18 -13.70
CA THR E 224 -54.14 -3.65 -13.83
C THR E 224 -52.76 -4.31 -13.90
N ALA E 225 -52.69 -5.57 -13.42
CA ALA E 225 -51.54 -6.44 -13.67
C ALA E 225 -51.33 -6.50 -15.19
N GLY E 226 -50.14 -6.17 -15.64
CA GLY E 226 -49.81 -6.14 -17.09
C GLY E 226 -49.99 -7.50 -17.74
N PHE E 227 -49.61 -8.57 -17.03
CA PHE E 227 -49.73 -9.93 -17.56
C PHE E 227 -50.18 -10.85 -16.44
N GLN E 228 -51.19 -11.66 -16.72
CA GLN E 228 -51.71 -12.70 -15.79
C GLN E 228 -51.69 -14.04 -16.50
N PRO E 229 -51.10 -15.09 -15.89
CA PRO E 229 -51.18 -16.43 -16.44
C PRO E 229 -52.63 -16.93 -16.32
N GLU E 230 -52.95 -18.06 -16.95
CA GLU E 230 -54.26 -18.71 -16.76
C GLU E 230 -54.29 -19.26 -15.32
N GLY E 231 -55.45 -19.32 -14.69
CA GLY E 231 -55.57 -19.76 -13.29
C GLY E 231 -55.26 -18.62 -12.33
N PHE E 232 -55.28 -18.87 -11.02
CA PHE E 232 -55.36 -17.82 -9.98
C PHE E 232 -53.98 -17.22 -9.76
N PRO E 233 -53.88 -15.88 -9.63
CA PRO E 233 -52.59 -15.23 -9.47
C PRO E 233 -52.01 -15.59 -8.10
N LYS E 234 -50.69 -15.72 -8.05
CA LYS E 234 -49.99 -16.11 -6.80
C LYS E 234 -49.39 -14.88 -6.11
N LEU E 235 -49.58 -14.75 -4.80
CA LEU E 235 -48.90 -13.69 -4.03
C LEU E 235 -47.39 -13.85 -4.21
N GLY E 236 -46.68 -12.75 -4.50
CA GLY E 236 -45.23 -12.75 -4.68
C GLY E 236 -44.84 -12.75 -6.17
N SER E 237 -45.76 -13.13 -7.05
CA SER E 237 -45.54 -13.18 -8.53
C SER E 237 -45.86 -11.81 -9.12
N GLY E 238 -44.83 -11.12 -9.60
CA GLY E 238 -44.97 -9.73 -10.06
C GLY E 238 -45.18 -9.63 -11.56
N SER E 239 -45.78 -8.52 -11.96
CA SER E 239 -45.94 -8.14 -13.39
C SER E 239 -45.64 -6.66 -13.53
N PHE E 240 -45.18 -6.22 -14.72
CA PHE E 240 -45.35 -4.79 -15.06
C PHE E 240 -46.83 -4.45 -14.89
N PHE E 241 -47.15 -3.17 -14.79
CA PHE E 241 -48.55 -2.73 -14.63
C PHE E 241 -48.93 -1.85 -15.80
N THR E 242 -50.21 -1.93 -16.12
CA THR E 242 -50.87 -1.09 -17.16
C THR E 242 -51.80 -0.12 -16.44
N VAL E 243 -51.72 1.17 -16.72
CA VAL E 243 -52.70 2.14 -16.18
C VAL E 243 -53.48 2.70 -17.37
N GLN E 244 -54.81 2.61 -17.28
CA GLN E 244 -55.74 3.36 -18.16
C GLN E 244 -55.96 4.73 -17.52
N PHE E 245 -55.63 5.80 -18.24
CA PHE E 245 -55.57 7.15 -17.64
C PHE E 245 -55.62 8.18 -18.78
N ASP E 246 -56.35 9.26 -18.53
CA ASP E 246 -56.42 10.39 -19.51
C ASP E 246 -56.45 11.70 -18.72
N PRO E 247 -55.37 12.49 -18.71
CA PRO E 247 -55.28 13.69 -17.90
C PRO E 247 -56.08 14.89 -18.45
N PHE E 248 -56.70 14.72 -19.61
CA PHE E 248 -57.50 15.79 -20.24
C PHE E 248 -58.91 15.87 -19.65
N PHE E 249 -59.25 14.97 -18.69
CA PHE E 249 -60.58 14.99 -18.06
C PHE E 249 -60.37 14.63 -16.59
N SER E 250 -61.27 15.15 -15.80
CA SER E 250 -61.26 14.84 -14.34
C SER E 250 -62.67 15.00 -13.80
N THR E 251 -62.85 14.68 -12.53
CA THR E 251 -64.18 14.75 -11.88
C THR E 251 -64.04 15.59 -10.61
N ARG E 252 -65.13 16.26 -10.25
CA ARG E 252 -65.18 17.07 -9.00
C ARG E 252 -65.29 16.15 -7.79
N PHE E 253 -64.94 16.70 -6.65
CA PHE E 253 -65.09 16.02 -5.33
C PHE E 253 -65.61 17.06 -4.33
N LYS E 254 -66.23 16.59 -3.25
CA LYS E 254 -66.69 17.45 -2.13
C LYS E 254 -65.65 17.35 -0.99
N ALA E 255 -65.44 18.46 -0.29
CA ALA E 255 -64.68 18.55 0.98
C ALA E 255 -65.37 17.75 2.09
N HIS E 256 -66.66 17.40 1.91
CA HIS E 256 -67.51 16.73 2.92
C HIS E 256 -67.54 17.60 4.18
N GLU E 257 -66.37 17.71 4.80
CA GLU E 257 -66.11 18.36 6.10
C GLU E 257 -65.81 19.86 5.88
N THR E 258 -65.03 20.19 4.86
CA THR E 258 -64.41 21.53 4.63
C THR E 258 -65.25 22.38 3.65
N ASP E 259 -64.75 23.60 3.39
CA ASP E 259 -65.12 24.52 2.27
C ASP E 259 -66.24 23.89 1.42
N ASP E 260 -65.92 23.23 0.30
CA ASP E 260 -66.92 22.59 -0.58
C ASP E 260 -66.21 21.84 -1.73
N VAL E 261 -66.41 22.26 -2.99
CA VAL E 261 -66.09 21.42 -4.19
C VAL E 261 -64.80 21.90 -4.87
N ALA E 262 -64.12 20.97 -5.52
CA ALA E 262 -62.88 21.21 -6.30
C ALA E 262 -62.73 20.08 -7.32
N LEU E 263 -61.73 20.16 -8.17
CA LEU E 263 -61.49 19.12 -9.19
C LEU E 263 -60.34 18.20 -8.74
N LEU E 264 -60.50 16.91 -8.95
CA LEU E 264 -59.38 15.93 -8.74
C LEU E 264 -58.23 16.33 -9.65
N ASP E 265 -57.02 16.39 -9.10
CA ASP E 265 -55.78 16.73 -9.86
C ASP E 265 -55.34 15.48 -10.60
N PRO E 266 -55.33 15.44 -11.95
CA PRO E 266 -54.92 14.22 -12.64
C PRO E 266 -53.52 13.72 -12.27
N THR E 267 -52.57 14.58 -11.88
CA THR E 267 -51.19 14.14 -11.56
C THR E 267 -51.28 13.32 -10.25
N LEU E 268 -52.21 13.66 -9.39
CA LEU E 268 -52.40 12.85 -8.13
C LEU E 268 -53.14 11.55 -8.45
N THR E 269 -54.20 11.60 -9.28
CA THR E 269 -54.93 10.40 -9.77
C THR E 269 -53.91 9.38 -10.31
N LEU E 270 -52.99 9.81 -11.18
CA LEU E 270 -52.02 8.86 -11.77
C LEU E 270 -51.06 8.32 -10.69
N LEU E 271 -50.59 9.16 -9.76
CA LEU E 271 -49.70 8.69 -8.65
C LEU E 271 -50.43 7.61 -7.85
N HIS E 272 -51.71 7.79 -7.59
CA HIS E 272 -52.55 6.77 -6.88
C HIS E 272 -52.51 5.47 -7.68
N GLU E 273 -52.81 5.54 -8.98
CA GLU E 273 -52.87 4.32 -9.82
C GLU E 273 -51.49 3.66 -9.92
N MSE E 274 -50.42 4.44 -9.85
CA MSE E 274 -49.09 3.87 -10.01
C MSE E 274 -48.65 3.25 -8.66
O MSE E 274 -47.67 2.50 -8.64
CB MSE E 274 -48.10 4.91 -10.52
CG MSE E 274 -48.30 5.11 -12.02
SE MSE E 274 -46.96 6.26 -12.86
CE MSE E 274 -46.87 7.70 -11.59
N THR E 275 -49.34 3.66 -7.60
CA THR E 275 -49.12 3.01 -6.30
C THR E 275 -49.73 1.60 -6.31
N HIS E 276 -50.97 1.43 -6.77
CA HIS E 276 -51.47 0.07 -7.11
C HIS E 276 -50.44 -0.65 -7.99
N GLY E 277 -49.92 0.09 -8.99
CA GLY E 277 -48.88 -0.44 -9.89
C GLY E 277 -47.74 -1.12 -9.13
N LEU E 278 -47.11 -0.40 -8.19
CA LEU E 278 -45.98 -0.95 -7.39
C LEU E 278 -46.45 -2.26 -6.74
N HIS E 279 -47.69 -2.30 -6.25
CA HIS E 279 -48.23 -3.55 -5.61
C HIS E 279 -48.31 -4.68 -6.67
N PHE E 280 -48.69 -4.37 -7.91
CA PHE E 280 -48.73 -5.40 -8.99
C PHE E 280 -47.32 -5.86 -9.32
N GLN E 281 -46.35 -4.95 -9.27
CA GLN E 281 -44.95 -5.25 -9.64
C GLN E 281 -44.39 -6.29 -8.66
N LYS E 282 -44.87 -6.25 -7.43
CA LYS E 282 -44.36 -7.21 -6.41
C LYS E 282 -45.31 -8.40 -6.22
N GLY E 283 -46.49 -8.38 -6.84
CA GLY E 283 -47.50 -9.44 -6.69
C GLY E 283 -48.11 -9.41 -5.30
N ILE E 284 -48.33 -8.23 -4.74
CA ILE E 284 -48.95 -8.08 -3.37
C ILE E 284 -50.26 -7.31 -3.42
N ALA E 285 -50.82 -7.07 -4.62
CA ALA E 285 -52.01 -6.22 -4.81
C ALA E 285 -53.32 -6.98 -4.63
N ASN E 286 -53.34 -8.26 -4.95
CA ASN E 286 -54.62 -8.96 -5.19
C ASN E 286 -54.61 -10.33 -4.51
N PRO E 287 -54.64 -10.39 -3.16
CA PRO E 287 -54.66 -11.70 -2.51
C PRO E 287 -55.97 -12.42 -2.84
N VAL E 288 -55.87 -13.68 -3.28
CA VAL E 288 -57.05 -14.54 -3.52
C VAL E 288 -56.81 -15.88 -2.81
N ASN E 289 -57.91 -16.49 -2.37
CA ASN E 289 -57.89 -17.83 -1.73
C ASN E 289 -57.84 -18.90 -2.83
N ARG E 290 -57.88 -20.18 -2.44
CA ARG E 290 -57.75 -21.34 -3.37
C ARG E 290 -58.98 -21.47 -4.26
N SER E 291 -60.06 -20.71 -4.01
CA SER E 291 -61.25 -20.61 -4.88
C SER E 291 -61.14 -19.41 -5.82
N GLY E 292 -60.07 -18.62 -5.70
CA GLY E 292 -59.78 -17.45 -6.53
C GLY E 292 -60.54 -16.20 -6.09
N GLU E 293 -61.07 -16.20 -4.85
CA GLU E 293 -61.88 -15.07 -4.30
C GLU E 293 -61.05 -14.30 -3.26
N THR E 294 -61.34 -13.01 -3.10
CA THR E 294 -60.71 -12.13 -2.09
C THR E 294 -61.10 -12.65 -0.71
N PRO E 295 -60.13 -12.93 0.19
CA PRO E 295 -60.45 -13.42 1.52
C PRO E 295 -61.10 -12.32 2.39
N ALA E 296 -61.87 -12.75 3.38
CA ALA E 296 -62.60 -11.86 4.33
C ALA E 296 -61.61 -10.87 4.97
N TRP E 297 -60.38 -11.32 5.28
CA TRP E 297 -59.36 -10.51 6.00
C TRP E 297 -58.78 -9.43 5.08
N ALA E 298 -59.08 -9.48 3.78
CA ALA E 298 -58.56 -8.52 2.79
C ALA E 298 -59.55 -7.39 2.55
N THR E 299 -60.72 -7.40 3.20
CA THR E 299 -61.75 -6.33 3.07
C THR E 299 -62.13 -5.81 4.45
N THR E 300 -62.46 -4.52 4.52
CA THR E 300 -62.91 -3.87 5.77
C THR E 300 -64.27 -3.24 5.51
N TRP E 301 -64.97 -2.99 6.60
CA TRP E 301 -66.30 -2.37 6.65
C TRP E 301 -66.11 -0.94 7.17
N GLY E 302 -66.23 0.05 6.28
CA GLY E 302 -65.81 1.43 6.56
C GLY E 302 -66.79 2.47 6.01
N ARG E 303 -66.77 3.66 6.61
CA ARG E 303 -67.64 4.81 6.28
C ARG E 303 -67.38 5.25 4.83
N VAL E 304 -68.46 5.45 4.07
CA VAL E 304 -68.41 5.76 2.60
C VAL E 304 -68.05 7.23 2.41
N THR E 305 -68.75 8.14 3.11
CA THR E 305 -68.72 9.61 2.85
C THR E 305 -68.57 10.46 4.11
N GLY E 306 -69.06 10.01 5.27
CA GLY E 306 -68.93 10.79 6.51
C GLY E 306 -70.09 11.76 6.71
N ASP E 307 -70.33 12.66 5.75
CA ASP E 307 -71.54 13.53 5.71
C ASP E 307 -72.77 12.65 5.45
N ASN E 308 -72.97 11.64 6.30
CA ASN E 308 -73.83 10.44 6.09
C ASN E 308 -73.21 9.25 6.84
N ASP E 309 -74.05 8.36 7.39
CA ASP E 309 -73.59 7.17 8.17
C ASP E 309 -73.55 5.92 7.27
N ALA E 310 -73.49 6.09 5.94
CA ALA E 310 -73.36 4.99 4.96
C ALA E 310 -72.02 4.28 5.18
N PHE E 311 -72.03 2.95 5.19
CA PHE E 311 -70.83 2.08 5.19
C PHE E 311 -70.85 1.19 3.96
N LYS E 312 -69.67 0.74 3.54
CA LYS E 312 -69.46 -0.15 2.37
C LYS E 312 -68.21 -0.99 2.62
N GLU E 313 -68.16 -2.21 2.08
CA GLU E 313 -66.93 -3.04 2.08
C GLU E 313 -65.95 -2.44 1.07
N THR E 314 -64.70 -2.30 1.50
CA THR E 314 -63.59 -1.78 0.68
C THR E 314 -62.38 -2.68 0.89
N PRO E 315 -61.68 -3.10 -0.19
CA PRO E 315 -60.44 -3.86 -0.04
C PRO E 315 -59.39 -3.04 0.71
N MSE E 316 -58.63 -3.71 1.59
CA MSE E 316 -57.50 -3.08 2.25
C MSE E 316 -56.50 -2.56 1.21
O MSE E 316 -55.80 -1.59 1.48
CB MSE E 316 -56.83 -4.08 3.20
CG MSE E 316 -57.50 -4.16 4.53
SE MSE E 316 -57.07 -2.55 5.51
CE MSE E 316 -55.43 -2.80 6.51
N GLU E 317 -56.40 -3.21 0.05
CA GLU E 317 -55.54 -2.73 -1.03
C GLU E 317 -55.90 -1.28 -1.42
N GLU E 318 -57.19 -0.95 -1.43
CA GLU E 318 -57.66 0.43 -1.73
C GLU E 318 -57.31 1.37 -0.57
N LEU E 319 -57.60 1.00 0.68
CA LEU E 319 -57.38 1.98 1.76
C LEU E 319 -55.87 2.25 1.91
N LEU E 320 -55.01 1.24 1.75
CA LEU E 320 -53.54 1.39 1.91
C LEU E 320 -52.95 2.18 0.74
N THR E 321 -53.65 2.22 -0.38
CA THR E 321 -53.21 3.00 -1.56
C THR E 321 -53.69 4.45 -1.44
N PHE E 322 -54.88 4.63 -0.88
CA PHE E 322 -55.57 5.94 -0.76
C PHE E 322 -55.05 6.73 0.46
N ASN E 323 -55.23 6.19 1.67
CA ASN E 323 -54.93 6.97 2.89
C ASN E 323 -55.07 6.02 4.09
N LYS E 324 -53.93 5.60 4.63
CA LYS E 324 -53.94 4.61 5.74
C LYS E 324 -54.82 5.14 6.89
N HIS E 325 -54.96 6.45 7.04
CA HIS E 325 -55.78 7.11 8.10
C HIS E 325 -57.27 6.77 7.93
N THR E 326 -57.69 6.29 6.75
CA THR E 326 -59.09 5.88 6.45
C THR E 326 -59.36 4.50 7.09
N ILE E 327 -58.31 3.79 7.52
CA ILE E 327 -58.46 2.47 8.21
C ILE E 327 -59.01 2.68 9.62
N ASP E 328 -58.45 3.63 10.36
CA ASP E 328 -58.96 4.04 11.69
C ASP E 328 -58.51 5.46 12.00
N ASP E 329 -59.34 6.23 12.72
CA ASP E 329 -59.03 7.62 13.18
C ASP E 329 -57.72 7.65 13.97
N ASP E 330 -57.36 6.58 14.69
CA ASP E 330 -56.10 6.47 15.47
C ASP E 330 -55.02 5.92 14.55
N ILE E 331 -53.95 6.67 14.34
CA ILE E 331 -52.80 6.31 13.44
C ILE E 331 -52.20 4.98 13.90
N GLU E 332 -52.09 4.77 15.23
CA GLU E 332 -51.43 3.53 15.71
C GLU E 332 -52.35 2.33 15.46
N ILE E 333 -53.67 2.50 15.58
CA ILE E 333 -54.63 1.41 15.26
C ILE E 333 -54.54 1.10 13.76
N SER E 334 -54.52 2.16 12.94
N SER E 334 -54.53 2.16 12.94
CA SER E 334 -54.37 2.02 11.47
CA SER E 334 -54.37 2.01 11.46
C SER E 334 -53.10 1.22 11.14
C SER E 334 -53.11 1.18 11.17
N ASP E 335 -51.99 1.55 11.80
CA ASP E 335 -50.66 0.89 11.63
C ASP E 335 -50.74 -0.58 12.06
N HIS E 336 -51.47 -0.86 13.15
CA HIS E 336 -51.64 -2.26 13.63
C HIS E 336 -52.45 -3.07 12.61
N LEU E 337 -53.55 -2.51 12.09
CA LEU E 337 -54.41 -3.23 11.11
C LEU E 337 -53.64 -3.42 9.80
N LYS E 338 -52.83 -2.43 9.44
CA LYS E 338 -51.93 -2.53 8.26
C LYS E 338 -50.98 -3.70 8.49
N SER E 339 -50.35 -3.77 9.67
CA SER E 339 -49.34 -4.79 10.03
C SER E 339 -49.97 -6.19 9.96
N THR E 340 -51.22 -6.33 10.43
CA THR E 340 -51.97 -7.61 10.43
C THR E 340 -52.19 -8.06 8.97
N TYR E 341 -52.62 -7.12 8.13
CA TYR E 341 -52.89 -7.42 6.70
C TYR E 341 -51.60 -7.88 6.00
N ILE E 342 -50.52 -7.14 6.20
CA ILE E 342 -49.19 -7.42 5.59
C ILE E 342 -48.73 -8.79 6.11
N GLY E 343 -48.97 -9.09 7.39
CA GLY E 343 -48.63 -10.41 7.92
C GLY E 343 -49.32 -11.55 7.18
N PHE E 344 -50.60 -11.39 6.86
CA PHE E 344 -51.37 -12.39 6.07
C PHE E 344 -50.87 -12.41 4.62
N LEU E 345 -50.54 -11.27 4.02
CA LEU E 345 -49.92 -11.35 2.66
C LEU E 345 -48.65 -12.21 2.71
N TYR E 346 -47.85 -12.04 3.75
CA TYR E 346 -46.52 -12.66 3.89
C TYR E 346 -46.65 -14.16 4.23
N ASN E 347 -47.47 -14.50 5.23
CA ASN E 347 -47.51 -15.88 5.81
C ASN E 347 -48.68 -16.68 5.20
N GLY E 348 -49.59 -16.01 4.48
CA GLY E 348 -50.88 -16.58 4.10
C GLY E 348 -51.74 -16.90 5.32
N ARG E 349 -52.79 -17.69 5.12
CA ARG E 349 -53.68 -18.10 6.22
C ARG E 349 -54.30 -19.45 5.92
N ASN E 350 -54.28 -20.34 6.90
CA ASN E 350 -54.93 -21.68 6.78
C ASN E 350 -56.32 -21.56 7.41
N GLU E 351 -57.36 -21.93 6.67
CA GLU E 351 -58.77 -21.93 7.17
C GLU E 351 -59.26 -23.37 7.35
N ASP E 352 -60.25 -23.58 8.24
CA ASP E 352 -60.86 -24.91 8.50
C ASP E 352 -61.63 -25.37 7.24
N ASP E 353 -62.08 -24.42 6.41
CA ASP E 353 -62.52 -24.71 5.01
C ASP E 353 -61.33 -24.46 4.08
N PRO E 354 -60.65 -25.51 3.58
CA PRO E 354 -59.38 -25.33 2.85
C PRO E 354 -59.54 -24.57 1.53
N THR E 355 -60.77 -24.45 0.99
CA THR E 355 -61.09 -23.66 -0.22
C THR E 355 -60.88 -22.18 0.06
N GLU E 356 -60.85 -21.78 1.35
CA GLU E 356 -60.74 -20.37 1.81
C GLU E 356 -59.32 -20.06 2.28
N SER E 357 -58.42 -21.05 2.29
CA SER E 357 -56.99 -20.84 2.62
C SER E 357 -56.33 -19.92 1.58
N VAL E 358 -55.34 -19.16 2.02
CA VAL E 358 -54.52 -18.28 1.15
C VAL E 358 -53.05 -18.68 1.26
N ASP E 359 -52.39 -18.85 0.11
CA ASP E 359 -50.94 -19.11 0.00
C ASP E 359 -50.22 -17.76 0.06
N GLY E 360 -49.31 -17.58 1.02
CA GLY E 360 -48.58 -16.32 1.23
C GLY E 360 -47.38 -16.14 0.32
N VAL E 361 -46.84 -14.92 0.31
CA VAL E 361 -45.59 -14.59 -0.42
C VAL E 361 -44.45 -15.54 -0.01
N TYR E 362 -44.27 -15.78 1.30
CA TYR E 362 -43.07 -16.52 1.73
C TYR E 362 -43.12 -17.93 1.14
N GLN E 363 -44.25 -18.65 1.27
CA GLN E 363 -44.33 -20.05 0.78
C GLN E 363 -44.24 -20.05 -0.75
N ASN E 364 -44.89 -19.08 -1.39
CA ASN E 364 -44.90 -19.05 -2.88
C ASN E 364 -43.49 -18.80 -3.44
N VAL E 365 -42.80 -17.80 -2.92
CA VAL E 365 -41.43 -17.40 -3.39
C VAL E 365 -40.43 -18.47 -2.97
N SER E 366 -40.48 -18.92 -1.71
CA SER E 366 -39.50 -19.96 -1.30
C SER E 366 -39.69 -21.21 -2.17
N SER E 367 -40.92 -21.65 -2.42
CA SER E 367 -41.22 -22.88 -3.21
C SER E 367 -40.68 -22.68 -4.64
N PHE E 368 -40.93 -21.51 -5.21
CA PHE E 368 -40.41 -21.17 -6.56
C PHE E 368 -38.88 -21.27 -6.57
N LEU E 369 -38.18 -20.59 -5.64
CA LEU E 369 -36.70 -20.49 -5.69
C LEU E 369 -36.07 -21.85 -5.30
N ASN E 370 -36.75 -22.63 -4.45
CA ASN E 370 -36.24 -23.94 -3.97
C ASN E 370 -36.08 -24.90 -5.17
N GLN E 371 -36.84 -24.70 -6.24
CA GLN E 371 -36.69 -25.49 -7.51
C GLN E 371 -35.26 -25.45 -8.03
N TYR E 372 -34.53 -24.35 -7.81
CA TYR E 372 -33.18 -24.10 -8.38
C TYR E 372 -32.07 -24.77 -7.55
N ARG E 373 -32.41 -25.32 -6.38
CA ARG E 373 -31.41 -25.94 -5.47
C ARG E 373 -30.58 -26.96 -6.24
N GLY E 374 -29.26 -26.75 -6.29
CA GLY E 374 -28.27 -27.67 -6.86
C GLY E 374 -28.01 -27.43 -8.33
N PHE E 375 -28.77 -26.55 -8.97
CA PHE E 375 -28.63 -26.32 -10.44
C PHE E 375 -27.70 -25.14 -10.70
N GLU E 376 -26.74 -25.31 -11.63
CA GLU E 376 -25.88 -24.20 -12.11
C GLU E 376 -26.79 -23.20 -12.83
N ILE E 377 -26.75 -21.93 -12.42
CA ILE E 377 -27.49 -20.80 -13.06
C ILE E 377 -26.51 -19.70 -13.40
N SER E 378 -26.82 -18.91 -14.43
CA SER E 378 -25.98 -17.76 -14.82
C SER E 378 -25.91 -16.77 -13.66
N SER E 379 -24.79 -16.05 -13.57
CA SER E 379 -24.65 -14.90 -12.63
C SER E 379 -25.73 -13.87 -12.96
N ASP E 380 -26.09 -13.66 -14.23
CA ASP E 380 -27.17 -12.68 -14.58
C ASP E 380 -28.49 -13.10 -13.92
N PHE E 381 -28.90 -14.38 -14.03
CA PHE E 381 -30.19 -14.83 -13.46
C PHE E 381 -30.11 -14.79 -11.93
N GLN E 382 -28.96 -15.20 -11.37
CA GLN E 382 -28.73 -15.14 -9.91
C GLN E 382 -28.97 -13.70 -9.41
N HIS E 383 -28.32 -12.72 -10.04
CA HIS E 383 -28.37 -11.29 -9.64
C HIS E 383 -29.79 -10.74 -9.82
N PHE E 384 -30.47 -11.19 -10.88
CA PHE E 384 -31.89 -10.80 -11.17
C PHE E 384 -32.76 -11.16 -9.97
N ILE E 385 -32.68 -12.41 -9.50
CA ILE E 385 -33.54 -12.89 -8.39
C ILE E 385 -33.12 -12.17 -7.10
N GLU E 386 -31.81 -12.06 -6.86
CA GLU E 386 -31.27 -11.43 -5.62
C GLU E 386 -31.83 -10.01 -5.49
N SER E 387 -31.81 -9.25 -6.58
N SER E 387 -31.74 -9.23 -6.57
CA SER E 387 -32.24 -7.83 -6.59
CA SER E 387 -32.23 -7.84 -6.65
C SER E 387 -33.77 -7.74 -6.52
C SER E 387 -33.74 -7.83 -6.40
N CYS E 388 -34.47 -8.71 -7.09
CA CYS E 388 -35.95 -8.72 -7.05
C CYS E 388 -36.44 -8.89 -5.62
N TYR E 389 -35.99 -9.96 -4.97
CA TYR E 389 -36.58 -10.36 -3.67
C TYR E 389 -35.71 -9.92 -2.50
N GLY E 390 -34.52 -9.39 -2.76
CA GLY E 390 -33.55 -9.00 -1.71
C GLY E 390 -33.06 -10.24 -0.98
N VAL E 391 -32.81 -11.32 -1.72
CA VAL E 391 -32.30 -12.62 -1.19
C VAL E 391 -30.84 -12.76 -1.62
N LYS E 392 -30.15 -13.76 -1.08
CA LYS E 392 -28.72 -14.01 -1.37
C LYS E 392 -28.61 -15.41 -1.98
N TYR E 393 -27.41 -15.75 -2.42
CA TYR E 393 -27.17 -17.04 -3.11
C TYR E 393 -25.97 -17.72 -2.45
N ASN E 394 -26.11 -19.02 -2.23
CA ASN E 394 -25.06 -19.89 -1.66
C ASN E 394 -24.39 -20.61 -2.82
N GLN E 395 -23.17 -20.20 -3.18
CA GLN E 395 -22.42 -20.76 -4.34
C GLN E 395 -22.14 -22.24 -4.09
N GLU E 396 -21.85 -22.59 -2.84
CA GLU E 396 -21.37 -23.95 -2.46
C GLU E 396 -22.49 -24.96 -2.76
N SER E 397 -23.72 -24.67 -2.34
N SER E 397 -23.72 -24.68 -2.34
CA SER E 397 -24.91 -25.56 -2.47
CA SER E 397 -24.91 -25.56 -2.47
C SER E 397 -25.74 -25.17 -3.71
C SER E 397 -25.74 -25.16 -3.70
N LYS E 398 -25.35 -24.11 -4.40
CA LYS E 398 -26.10 -23.62 -5.60
C LYS E 398 -27.57 -23.42 -5.23
N LYS E 399 -27.85 -22.59 -4.24
CA LYS E 399 -29.23 -22.41 -3.79
C LYS E 399 -29.42 -20.98 -3.28
N PHE E 400 -30.61 -20.45 -3.51
CA PHE E 400 -31.05 -19.15 -2.94
C PHE E 400 -31.22 -19.31 -1.42
N ILE E 401 -30.76 -18.31 -0.70
CA ILE E 401 -30.95 -18.16 0.77
C ILE E 401 -32.17 -17.24 0.92
N VAL E 402 -33.31 -17.82 1.28
CA VAL E 402 -34.59 -17.09 1.33
C VAL E 402 -34.92 -16.78 2.80
N ASN E 403 -34.29 -15.72 3.32
CA ASN E 403 -34.41 -15.29 4.74
C ASN E 403 -35.81 -14.71 4.95
N PRO E 404 -36.58 -15.22 5.93
CA PRO E 404 -37.89 -14.67 6.26
C PRO E 404 -37.91 -13.14 6.40
N ARG E 405 -36.91 -12.57 7.07
CA ARG E 405 -36.87 -11.11 7.33
C ARG E 405 -36.89 -10.38 5.98
N ASN E 406 -36.09 -10.88 5.06
CA ASN E 406 -35.93 -10.25 3.70
C ASN E 406 -37.27 -10.27 2.98
N ILE E 407 -38.01 -11.37 3.01
CA ILE E 407 -39.30 -11.49 2.27
C ILE E 407 -40.36 -10.62 2.96
N LYS E 408 -40.35 -10.57 4.31
CA LYS E 408 -41.26 -9.65 5.03
C LYS E 408 -41.03 -8.20 4.54
N ARG E 409 -39.77 -7.77 4.45
CA ARG E 409 -39.37 -6.40 4.05
C ARG E 409 -39.85 -6.17 2.62
N TYR E 410 -39.74 -7.17 1.74
CA TYR E 410 -40.22 -7.09 0.32
C TYR E 410 -41.70 -6.69 0.33
N VAL E 411 -42.50 -7.33 1.16
CA VAL E 411 -43.95 -7.00 1.26
C VAL E 411 -44.11 -5.62 1.92
N GLN E 412 -43.50 -5.39 3.09
CA GLN E 412 -43.65 -4.10 3.84
C GLN E 412 -43.32 -2.93 2.88
N ASP E 413 -42.21 -3.03 2.16
CA ASP E 413 -41.65 -1.93 1.32
C ASP E 413 -42.70 -1.53 0.28
N GLY E 414 -43.56 -2.45 -0.17
CA GLY E 414 -44.57 -2.16 -1.20
C GLY E 414 -45.59 -1.13 -0.74
N PHE E 415 -45.76 -0.95 0.59
CA PHE E 415 -46.84 -0.09 1.14
C PHE E 415 -46.25 1.18 1.79
N PHE E 416 -45.04 1.60 1.43
CA PHE E 416 -44.31 2.72 2.08
C PHE E 416 -45.00 4.07 1.82
N ILE E 417 -45.71 4.21 0.70
CA ILE E 417 -46.31 5.53 0.34
C ILE E 417 -47.75 5.32 -0.14
N ASP E 418 -48.58 6.36 0.03
CA ASP E 418 -50.00 6.35 -0.39
C ASP E 418 -50.33 7.74 -0.98
N GLU E 419 -51.51 7.83 -1.57
CA GLU E 419 -52.02 9.08 -2.21
C GLU E 419 -51.96 10.23 -1.19
N ALA E 420 -52.36 10.02 0.05
CA ALA E 420 -52.48 11.13 1.02
C ALA E 420 -51.09 11.72 1.27
N LYS E 421 -50.06 10.87 1.27
CA LYS E 421 -48.67 11.32 1.49
C LYS E 421 -48.22 12.16 0.28
N PHE E 422 -48.42 11.66 -0.92
CA PHE E 422 -48.12 12.42 -2.18
C PHE E 422 -48.80 13.79 -2.08
N ALA E 423 -50.08 13.81 -1.69
CA ALA E 423 -50.89 15.06 -1.66
C ALA E 423 -50.29 16.05 -0.67
N ARG E 424 -49.83 15.56 0.49
CA ARG E 424 -49.18 16.44 1.50
C ARG E 424 -47.88 16.99 0.93
N ILE E 425 -47.04 16.16 0.31
CA ILE E 425 -45.73 16.60 -0.25
C ILE E 425 -45.97 17.67 -1.32
N LEU E 426 -46.99 17.47 -2.16
CA LEU E 426 -47.20 18.27 -3.41
C LEU E 426 -48.21 19.38 -3.17
N ASN E 427 -48.76 19.49 -1.96
CA ASN E 427 -49.84 20.46 -1.61
C ASN E 427 -50.96 20.38 -2.65
N ILE E 428 -51.41 19.16 -2.93
CA ILE E 428 -52.58 18.89 -3.81
C ILE E 428 -53.79 18.58 -2.94
N LYS E 429 -54.93 19.21 -3.27
N LYS E 429 -54.93 19.21 -3.26
CA LYS E 429 -56.22 18.96 -2.58
CA LYS E 429 -56.22 18.96 -2.56
C LYS E 429 -56.76 17.59 -2.96
C LYS E 429 -56.75 17.58 -2.96
N THR E 430 -57.15 16.80 -1.96
CA THR E 430 -57.72 15.45 -2.16
C THR E 430 -58.91 15.33 -1.23
N ARG E 431 -59.75 14.33 -1.44
CA ARG E 431 -60.97 14.09 -0.64
C ARG E 431 -60.58 13.28 0.60
N SER E 432 -61.49 13.21 1.57
CA SER E 432 -61.31 12.54 2.88
C SER E 432 -61.53 11.02 2.76
N TYR E 433 -62.46 10.64 1.90
CA TYR E 433 -63.00 9.26 1.71
C TYR E 433 -62.78 8.84 0.27
N TYR E 434 -62.50 7.56 0.01
CA TYR E 434 -62.07 7.13 -1.34
C TYR E 434 -63.25 7.15 -2.32
N THR E 435 -64.47 6.89 -1.86
CA THR E 435 -65.68 6.74 -2.73
C THR E 435 -66.32 8.09 -3.03
N LEU E 436 -66.49 8.42 -4.31
CA LEU E 436 -67.28 9.58 -4.77
C LEU E 436 -68.73 9.14 -4.94
N MSE E 437 -69.62 9.61 -4.06
CA MSE E 437 -70.99 9.08 -4.02
C MSE E 437 -71.93 9.87 -4.93
O MSE E 437 -71.90 11.10 -4.91
CB MSE E 437 -71.51 9.10 -2.58
CG MSE E 437 -70.77 8.16 -1.65
SE MSE E 437 -70.88 6.32 -2.23
CE MSE E 437 -72.75 5.92 -1.87
N PRO E 438 -72.82 9.20 -5.72
CA PRO E 438 -73.67 9.90 -6.68
C PRO E 438 -74.73 10.96 -6.27
N ASP E 439 -75.53 11.28 -7.29
CA ASP E 439 -76.70 12.22 -7.43
C ASP E 439 -76.74 13.25 -6.28
N ASN E 440 -76.30 14.48 -6.56
CA ASN E 440 -76.07 15.51 -5.51
C ASN E 440 -76.29 16.91 -6.10
N LEU E 441 -75.38 17.43 -6.94
CA LEU E 441 -75.40 18.85 -7.37
C LEU E 441 -74.64 19.08 -8.68
N GLY E 442 -75.15 18.58 -9.79
CA GLY E 442 -74.66 19.07 -11.09
C GLY E 442 -73.58 18.20 -11.69
N VAL E 443 -73.02 18.67 -12.80
CA VAL E 443 -72.11 17.87 -13.65
C VAL E 443 -70.87 17.49 -12.85
N TRP E 444 -70.42 16.25 -13.01
CA TRP E 444 -69.23 15.70 -12.31
C TRP E 444 -67.97 15.94 -13.13
N SER E 445 -68.07 15.83 -14.47
CA SER E 445 -66.92 15.62 -15.37
C SER E 445 -66.50 16.94 -16.01
N TYR E 446 -65.20 17.23 -15.98
CA TYR E 446 -64.60 18.48 -16.49
C TYR E 446 -63.44 18.18 -17.44
N ARG E 447 -63.28 19.05 -18.43
CA ARG E 447 -62.06 19.05 -19.26
C ARG E 447 -60.93 19.69 -18.46
N VAL E 448 -59.71 19.27 -18.71
CA VAL E 448 -58.49 19.85 -18.11
C VAL E 448 -57.57 20.31 -19.24
N ASP E 449 -57.25 21.61 -19.24
CA ASP E 449 -56.47 22.31 -20.30
C ASP E 449 -54.97 22.04 -20.07
N ILE E 450 -54.56 20.78 -20.12
CA ILE E 450 -53.16 20.34 -19.82
C ILE E 450 -52.17 21.12 -20.69
N LEU E 451 -52.55 21.48 -21.93
CA LEU E 451 -51.61 22.10 -22.89
C LEU E 451 -51.83 23.63 -22.98
N ASN E 452 -52.55 24.23 -22.02
CA ASN E 452 -52.57 25.70 -21.79
C ASN E 452 -53.05 26.40 -23.07
N ARG E 453 -54.13 25.92 -23.65
CA ARG E 453 -54.77 26.62 -24.81
C ARG E 453 -55.76 27.69 -24.33
N LEU E 454 -56.29 27.56 -23.11
CA LEU E 454 -57.27 28.53 -22.55
C LEU E 454 -56.53 29.55 -21.69
N ARG E 455 -55.68 29.07 -20.79
CA ARG E 455 -54.90 29.94 -19.86
C ARG E 455 -53.73 29.12 -19.30
N GLU E 456 -52.94 29.72 -18.42
CA GLU E 456 -51.82 29.04 -17.71
C GLU E 456 -52.46 28.04 -16.74
N THR E 457 -52.73 26.82 -17.22
CA THR E 457 -53.49 25.79 -16.48
C THR E 457 -52.53 24.80 -15.80
N PHE E 458 -51.52 24.32 -16.52
CA PHE E 458 -50.60 23.24 -16.10
C PHE E 458 -49.17 23.61 -16.46
N ASP E 459 -48.30 23.61 -15.45
CA ASP E 459 -46.86 23.98 -15.58
C ASP E 459 -45.98 22.76 -15.27
N GLU E 460 -44.85 22.59 -15.95
CA GLU E 460 -43.95 21.42 -15.73
C GLU E 460 -43.32 21.51 -14.33
N ASP E 461 -43.25 22.69 -13.71
CA ASP E 461 -42.67 22.82 -12.34
C ASP E 461 -43.77 22.80 -11.28
N ARG E 462 -44.85 23.54 -11.48
CA ARG E 462 -45.87 23.78 -10.41
C ARG E 462 -47.00 22.74 -10.53
N GLY E 463 -47.14 22.13 -11.70
CA GLY E 463 -48.24 21.21 -12.04
C GLY E 463 -49.54 21.96 -12.27
N LEU E 464 -50.65 21.42 -11.79
CA LEU E 464 -51.99 22.02 -11.99
C LEU E 464 -52.09 23.27 -11.12
N LEU E 465 -52.30 24.44 -11.74
CA LEU E 465 -52.16 25.70 -10.99
C LEU E 465 -53.44 26.03 -10.22
N SER E 466 -54.55 25.35 -10.49
CA SER E 466 -55.82 25.51 -9.73
C SER E 466 -56.71 24.28 -9.86
N GLN E 467 -57.29 23.83 -8.74
CA GLN E 467 -58.34 22.77 -8.73
C GLN E 467 -59.73 23.38 -8.59
N GLU E 468 -59.88 24.71 -8.63
CA GLU E 468 -61.23 25.36 -8.52
C GLU E 468 -62.04 25.02 -9.79
N LEU E 469 -63.31 24.66 -9.63
CA LEU E 469 -64.16 24.23 -10.79
C LEU E 469 -64.30 25.37 -11.82
N ASP E 470 -64.35 26.63 -11.39
CA ASP E 470 -64.58 27.74 -12.35
C ASP E 470 -63.30 27.99 -13.18
N PHE E 471 -62.21 27.29 -12.90
CA PHE E 471 -60.93 27.36 -13.67
C PHE E 471 -60.92 26.36 -14.84
N HIS E 472 -61.88 25.43 -14.85
CA HIS E 472 -61.94 24.28 -15.79
C HIS E 472 -63.26 24.34 -16.56
N THR E 473 -63.37 23.54 -17.61
CA THR E 473 -64.55 23.56 -18.50
C THR E 473 -65.40 22.33 -18.21
N ALA E 474 -66.63 22.54 -17.74
CA ALA E 474 -67.61 21.46 -17.51
C ALA E 474 -67.93 20.79 -18.86
N LEU E 475 -67.99 19.45 -18.87
CA LEU E 475 -68.65 18.70 -19.96
C LEU E 475 -70.16 18.96 -19.88
N THR E 476 -70.88 18.63 -20.95
CA THR E 476 -72.33 18.92 -21.11
C THR E 476 -73.03 17.59 -21.44
N PRO E 477 -73.19 16.70 -20.44
CA PRO E 477 -73.84 15.41 -20.66
C PRO E 477 -75.29 15.60 -21.14
N VAL E 478 -75.75 14.73 -22.04
CA VAL E 478 -77.16 14.76 -22.55
C VAL E 478 -78.08 14.24 -21.44
N VAL E 479 -77.56 13.38 -20.56
CA VAL E 479 -78.26 12.97 -19.31
C VAL E 479 -77.23 12.80 -18.18
N SER E 480 -77.55 13.41 -17.02
CA SER E 480 -76.86 13.34 -15.71
C SER E 480 -75.47 13.99 -15.77
N ASP F 24 -14.69 -4.08 -7.56
CA ASP F 24 -14.47 -4.86 -8.80
C ASP F 24 -12.99 -4.82 -9.21
N VAL F 25 -12.27 -3.75 -8.89
CA VAL F 25 -10.84 -3.61 -9.32
C VAL F 25 -10.01 -4.70 -8.61
N LEU F 26 -9.44 -5.61 -9.41
CA LEU F 26 -8.64 -6.78 -8.99
C LEU F 26 -9.46 -7.63 -8.00
N GLU F 27 -10.78 -7.68 -8.12
CA GLU F 27 -11.62 -8.69 -7.42
C GLU F 27 -11.31 -10.07 -8.01
N MSE F 28 -10.93 -11.01 -7.14
CA MSE F 28 -10.46 -12.30 -7.63
C MSE F 28 -11.66 -13.23 -7.76
O MSE F 28 -12.41 -13.44 -6.80
CB MSE F 28 -9.43 -12.91 -6.69
CG MSE F 28 -8.15 -12.16 -6.60
SE MSE F 28 -7.06 -12.40 -8.22
CE MSE F 28 -5.44 -13.16 -7.42
N PHE F 29 -11.78 -13.85 -8.94
CA PHE F 29 -12.76 -14.91 -9.14
C PHE F 29 -12.34 -16.15 -8.35
N ASP F 30 -13.32 -16.98 -8.00
CA ASP F 30 -13.09 -18.29 -7.34
C ASP F 30 -12.60 -19.26 -8.40
N VAL F 31 -11.31 -19.18 -8.73
CA VAL F 31 -10.65 -20.01 -9.77
C VAL F 31 -9.38 -20.62 -9.20
N ASN F 32 -9.24 -21.94 -9.35
CA ASN F 32 -8.08 -22.72 -8.89
C ASN F 32 -7.33 -23.33 -10.06
N TYR F 33 -6.09 -23.73 -9.80
CA TYR F 33 -5.24 -24.41 -10.82
C TYR F 33 -6.03 -25.55 -11.47
N GLU F 34 -6.74 -26.36 -10.67
CA GLU F 34 -7.42 -27.59 -11.13
C GLU F 34 -8.87 -27.31 -11.56
N SER F 35 -9.33 -26.05 -11.59
CA SER F 35 -10.71 -25.72 -12.01
C SER F 35 -10.91 -26.24 -13.44
N PRO F 36 -12.00 -26.97 -13.73
CA PRO F 36 -12.14 -27.66 -15.01
C PRO F 36 -12.24 -26.72 -16.22
N ILE F 37 -11.50 -27.03 -17.26
CA ILE F 37 -11.57 -26.28 -18.55
C ILE F 37 -12.97 -26.45 -19.14
N LEU F 38 -13.48 -25.41 -19.81
CA LEU F 38 -14.77 -25.48 -20.52
C LEU F 38 -14.68 -26.54 -21.63
N GLU F 39 -15.65 -27.46 -21.69
CA GLU F 39 -15.70 -28.49 -22.75
C GLU F 39 -17.04 -28.47 -23.48
N SER F 40 -18.06 -27.77 -22.95
CA SER F 40 -19.37 -27.63 -23.62
C SER F 40 -19.92 -26.25 -23.30
N PHE F 41 -20.72 -25.69 -24.20
CA PHE F 41 -21.31 -24.34 -24.01
C PHE F 41 -22.67 -24.31 -24.69
N ASP F 42 -23.67 -23.90 -23.92
CA ASP F 42 -25.08 -23.77 -24.36
C ASP F 42 -25.49 -22.32 -24.12
N SER F 43 -25.51 -21.50 -25.18
CA SER F 43 -25.79 -20.04 -25.09
C SER F 43 -27.18 -19.75 -24.52
N THR F 44 -28.10 -20.73 -24.53
CA THR F 44 -29.51 -20.55 -24.04
C THR F 44 -29.54 -20.59 -22.51
N THR F 45 -28.56 -21.22 -21.84
CA THR F 45 -28.55 -21.34 -20.36
C THR F 45 -27.24 -20.82 -19.75
N GLN F 46 -26.20 -20.59 -20.55
CA GLN F 46 -24.86 -20.19 -20.02
C GLN F 46 -24.40 -18.88 -20.66
N SER F 47 -23.59 -18.11 -19.91
CA SER F 47 -22.93 -16.88 -20.37
C SER F 47 -21.42 -17.09 -20.39
N LEU F 48 -20.74 -16.64 -21.45
CA LEU F 48 -19.27 -16.66 -21.49
C LEU F 48 -18.68 -15.78 -20.39
N ASN F 49 -19.42 -14.77 -19.89
CA ASN F 49 -18.93 -13.91 -18.79
C ASN F 49 -18.64 -14.78 -17.55
N ASP F 50 -19.36 -15.88 -17.40
CA ASP F 50 -19.23 -16.82 -16.23
C ASP F 50 -18.16 -17.89 -16.47
N VAL F 51 -17.61 -17.98 -17.67
CA VAL F 51 -16.54 -18.96 -18.00
C VAL F 51 -15.20 -18.37 -17.60
N HIS F 52 -14.43 -19.05 -16.71
CA HIS F 52 -13.13 -18.50 -16.27
C HIS F 52 -11.97 -19.43 -16.56
N VAL F 53 -12.21 -20.63 -17.07
CA VAL F 53 -11.12 -21.56 -17.48
C VAL F 53 -11.47 -22.13 -18.84
N PHE F 54 -10.66 -21.83 -19.86
CA PHE F 54 -11.02 -22.18 -21.24
C PHE F 54 -9.79 -22.19 -22.11
N MSE F 55 -9.89 -22.90 -23.22
CA MSE F 55 -8.87 -22.89 -24.23
C MSE F 55 -9.09 -21.65 -25.10
O MSE F 55 -10.24 -21.36 -25.44
CB MSE F 55 -8.95 -24.16 -25.07
CG MSE F 55 -7.74 -24.39 -25.95
SE MSE F 55 -6.06 -24.71 -24.99
CE MSE F 55 -6.24 -26.55 -24.36
N SER F 56 -7.98 -21.01 -25.45
CA SER F 56 -7.99 -19.82 -26.30
C SER F 56 -6.77 -19.82 -27.20
N ARG F 57 -6.50 -18.68 -27.84
CA ARG F 57 -5.34 -18.54 -28.74
C ARG F 57 -4.95 -17.07 -28.75
N ILE F 58 -3.65 -16.80 -28.72
CA ILE F 58 -3.10 -15.42 -28.81
C ILE F 58 -1.96 -15.43 -29.80
N GLN F 59 -1.69 -14.27 -30.41
CA GLN F 59 -0.50 -14.13 -31.27
C GLN F 59 0.77 -14.17 -30.42
N MSE F 60 1.82 -14.74 -31.01
CA MSE F 60 3.18 -14.62 -30.52
C MSE F 60 4.13 -14.42 -31.70
O MSE F 60 3.81 -14.76 -32.84
CB MSE F 60 3.59 -15.87 -29.73
CG MSE F 60 2.67 -16.19 -28.57
SE MSE F 60 2.96 -14.90 -27.13
CE MSE F 60 4.74 -15.36 -26.46
N SER F 61 5.33 -13.89 -31.41
CA SER F 61 6.43 -13.91 -32.36
C SER F 61 7.10 -15.27 -32.30
N ALA F 62 7.13 -15.99 -33.42
CA ALA F 62 7.76 -17.33 -33.57
C ALA F 62 9.00 -17.17 -34.46
N TYR F 63 10.12 -17.77 -34.03
CA TYR F 63 11.48 -17.61 -34.63
C TYR F 63 11.95 -18.96 -35.20
N ASP F 64 12.60 -18.93 -36.37
CA ASP F 64 13.21 -20.12 -37.03
C ASP F 64 14.70 -20.21 -36.62
N ALA F 65 15.42 -21.24 -37.10
CA ALA F 65 16.83 -21.54 -36.74
C ALA F 65 17.71 -20.30 -36.90
N ASP F 66 17.26 -19.36 -37.73
CA ASP F 66 18.02 -18.20 -38.25
C ASP F 66 17.75 -16.95 -37.41
N GLY F 67 16.81 -17.03 -36.46
CA GLY F 67 16.49 -15.94 -35.52
C GLY F 67 15.59 -14.89 -36.16
N GLU F 68 14.85 -15.28 -37.20
CA GLU F 68 13.90 -14.40 -37.95
C GLU F 68 12.47 -14.73 -37.48
N GLY F 69 11.70 -13.70 -37.10
CA GLY F 69 10.37 -13.81 -36.47
C GLY F 69 9.23 -13.61 -37.45
N ARG F 70 8.14 -14.37 -37.26
CA ARG F 70 6.81 -14.14 -37.90
C ARG F 70 5.77 -14.09 -36.77
N ILE F 71 4.66 -13.35 -36.95
CA ILE F 71 3.53 -13.37 -35.96
C ILE F 71 2.63 -14.56 -36.29
N GLU F 72 2.36 -15.43 -35.31
CA GLU F 72 1.53 -16.65 -35.47
C GLU F 72 0.64 -16.81 -34.24
N TYR F 73 -0.57 -17.34 -34.39
CA TYR F 73 -1.42 -17.71 -33.23
C TYR F 73 -0.88 -18.98 -32.58
N ARG F 74 -0.98 -19.04 -31.25
CA ARG F 74 -0.68 -20.24 -30.43
C ARG F 74 -1.87 -20.48 -29.50
N ASN F 75 -2.33 -21.74 -29.46
CA ASN F 75 -3.36 -22.20 -28.51
C ASN F 75 -2.76 -22.20 -27.10
N LEU F 76 -3.57 -21.78 -26.13
CA LEU F 76 -3.19 -21.83 -24.69
C LEU F 76 -4.41 -21.92 -23.81
N LYS F 77 -4.22 -22.52 -22.66
CA LYS F 77 -5.27 -22.58 -21.64
C LYS F 77 -5.20 -21.32 -20.79
N LEU F 78 -6.32 -20.61 -20.70
CA LEU F 78 -6.44 -19.36 -19.94
C LEU F 78 -7.27 -19.57 -18.68
N TYR F 79 -6.81 -18.89 -17.64
CA TYR F 79 -7.59 -18.66 -16.42
C TYR F 79 -7.91 -17.18 -16.29
N GLU F 80 -9.20 -16.85 -16.21
CA GLU F 80 -9.61 -15.47 -15.89
C GLU F 80 -9.57 -15.31 -14.36
N ILE F 81 -8.53 -14.66 -13.84
CA ILE F 81 -8.37 -14.48 -12.36
C ILE F 81 -9.17 -13.27 -11.86
N SER F 82 -9.50 -12.31 -12.75
CA SER F 82 -10.30 -11.11 -12.41
C SER F 82 -10.86 -10.60 -13.74
N SER F 83 -11.92 -9.81 -13.73
CA SER F 83 -12.60 -9.36 -14.99
C SER F 83 -11.57 -8.86 -16.03
N GLY F 84 -11.47 -9.53 -17.17
CA GLY F 84 -10.62 -9.11 -18.30
C GLY F 84 -9.14 -9.35 -18.08
N ILE F 85 -8.78 -10.09 -17.01
CA ILE F 85 -7.36 -10.38 -16.68
C ILE F 85 -7.17 -11.90 -16.74
N PHE F 86 -6.32 -12.35 -17.65
CA PHE F 86 -6.13 -13.80 -17.93
C PHE F 86 -4.67 -14.16 -17.69
N ILE F 87 -4.48 -15.37 -17.16
CA ILE F 87 -3.13 -15.96 -16.99
C ILE F 87 -3.13 -17.37 -17.60
N SER F 88 -1.96 -17.79 -18.06
CA SER F 88 -1.68 -19.17 -18.52
C SER F 88 -0.43 -19.67 -17.80
N THR F 89 -0.38 -20.97 -17.55
CA THR F 89 0.84 -21.68 -17.08
C THR F 89 1.61 -22.26 -18.27
N ASP F 90 1.12 -22.06 -19.50
CA ASP F 90 1.69 -22.72 -20.70
C ASP F 90 2.92 -21.92 -21.16
N ARG F 91 4.05 -22.60 -21.31
CA ARG F 91 5.23 -21.99 -21.97
C ARG F 91 5.14 -22.22 -23.47
N LEU F 92 4.82 -21.17 -24.23
CA LEU F 92 4.49 -21.28 -25.67
C LEU F 92 5.75 -21.54 -26.50
N ASP F 93 5.60 -22.39 -27.51
CA ASP F 93 6.69 -22.80 -28.42
C ASP F 93 6.84 -21.68 -29.47
N THR F 94 7.79 -20.77 -29.23
CA THR F 94 8.13 -19.65 -30.15
C THR F 94 9.50 -19.89 -30.78
N GLY F 95 9.99 -21.14 -30.78
CA GLY F 95 11.29 -21.52 -31.37
C GLY F 95 12.38 -21.59 -30.33
N ALA F 96 13.58 -22.02 -30.72
CA ALA F 96 14.75 -22.17 -29.83
C ALA F 96 15.21 -20.78 -29.39
N SER F 97 15.81 -20.70 -28.20
CA SER F 97 16.45 -19.46 -27.68
C SER F 97 17.81 -19.26 -28.36
N GLY F 98 18.40 -20.34 -28.87
CA GLY F 98 19.77 -20.37 -29.42
C GLY F 98 20.82 -20.40 -28.33
N VAL F 99 20.43 -20.58 -27.05
CA VAL F 99 21.39 -20.60 -25.91
C VAL F 99 21.24 -21.95 -25.20
N GLU F 100 22.37 -22.58 -24.86
CA GLU F 100 22.41 -23.93 -24.23
C GLU F 100 21.88 -23.83 -22.79
N ASP F 101 21.27 -24.92 -22.30
CA ASP F 101 20.64 -24.97 -20.96
C ASP F 101 21.65 -24.52 -19.90
N ASP F 102 21.23 -23.64 -18.99
CA ASP F 102 21.94 -23.26 -17.73
C ASP F 102 23.15 -22.38 -18.07
N HIS F 103 23.10 -21.67 -19.20
CA HIS F 103 24.04 -20.55 -19.55
C HIS F 103 23.41 -19.23 -19.09
N GLU F 104 24.24 -18.31 -18.59
CA GLU F 104 23.82 -16.95 -18.16
C GLU F 104 24.61 -15.91 -18.94
N MSE F 105 23.88 -14.95 -19.53
CA MSE F 105 24.43 -13.77 -20.16
C MSE F 105 23.64 -12.57 -19.63
O MSE F 105 22.75 -12.05 -20.33
CB MSE F 105 24.33 -13.88 -21.69
CG MSE F 105 24.46 -15.29 -22.22
SE MSE F 105 24.85 -15.25 -24.14
CE MSE F 105 23.64 -14.03 -25.08
N VAL F 106 23.93 -12.19 -18.39
CA VAL F 106 23.04 -11.37 -17.57
C VAL F 106 21.77 -12.18 -17.34
N ASP F 107 20.96 -12.42 -18.38
CA ASP F 107 19.75 -13.27 -18.30
C ASP F 107 20.14 -14.75 -18.29
N TYR F 108 19.34 -15.60 -17.63
CA TYR F 108 19.57 -17.06 -17.49
C TYR F 108 18.67 -17.82 -18.46
N TYR F 109 19.24 -18.76 -19.23
CA TYR F 109 18.52 -19.57 -20.25
C TYR F 109 18.34 -21.01 -19.78
N SER F 110 17.12 -21.54 -19.87
CA SER F 110 16.85 -22.99 -19.69
C SER F 110 15.60 -23.42 -20.45
N SER F 111 15.74 -24.42 -21.31
CA SER F 111 14.60 -25.02 -22.07
C SER F 111 13.70 -25.82 -21.13
N ALA F 112 14.24 -26.27 -19.99
CA ALA F 112 13.55 -27.13 -19.02
C ALA F 112 12.42 -26.37 -18.30
N ARG F 113 12.62 -25.08 -18.01
CA ARG F 113 11.65 -24.31 -17.19
C ARG F 113 10.25 -24.43 -17.84
N LEU F 114 9.28 -24.95 -17.08
CA LEU F 114 7.84 -25.06 -17.44
C LEU F 114 7.66 -25.88 -18.72
N THR F 115 8.60 -26.77 -19.04
CA THR F 115 8.42 -27.79 -20.13
C THR F 115 8.70 -29.20 -19.61
N ARG F 116 9.63 -29.39 -18.67
CA ARG F 116 9.97 -30.71 -18.09
C ARG F 116 10.53 -30.48 -16.68
N GLU F 117 11.05 -31.51 -16.03
CA GLU F 117 11.59 -31.35 -14.65
C GLU F 117 12.65 -30.26 -14.68
N PHE F 118 12.63 -29.33 -13.71
CA PHE F 118 13.60 -28.21 -13.60
C PHE F 118 13.87 -27.90 -12.13
N LEU F 119 15.14 -27.92 -11.73
CA LEU F 119 15.61 -27.66 -10.34
C LEU F 119 14.88 -28.59 -9.36
N GLY F 120 14.62 -29.84 -9.78
CA GLY F 120 14.02 -30.89 -8.93
C GLY F 120 12.51 -30.77 -8.85
N GLU F 121 11.88 -29.91 -9.66
CA GLU F 121 10.42 -29.69 -9.59
C GLU F 121 9.78 -30.29 -10.84
N SER F 122 8.74 -31.12 -10.68
CA SER F 122 7.99 -31.70 -11.81
C SER F 122 7.34 -30.56 -12.62
N LEU F 123 7.03 -30.83 -13.89
CA LEU F 123 6.27 -29.89 -14.75
C LEU F 123 4.97 -29.51 -14.04
N ASP F 124 4.25 -30.49 -13.48
CA ASP F 124 2.94 -30.23 -12.81
C ASP F 124 3.14 -29.31 -11.59
N SER F 125 4.17 -29.55 -10.76
CA SER F 125 4.48 -28.69 -9.59
C SER F 125 4.80 -27.27 -10.06
N GLN F 126 5.61 -27.13 -11.11
CA GLN F 126 6.00 -25.82 -11.67
C GLN F 126 4.76 -25.06 -12.14
N LYS F 127 3.82 -25.73 -12.83
CA LYS F 127 2.62 -25.04 -13.40
C LYS F 127 1.69 -24.62 -12.26
N SER F 128 1.48 -25.52 -11.31
CA SER F 128 0.69 -25.25 -10.08
C SER F 128 1.28 -24.03 -9.33
N ASP F 129 2.59 -24.03 -9.11
CA ASP F 129 3.30 -22.93 -8.39
C ASP F 129 3.18 -21.62 -9.19
N TYR F 130 3.34 -21.70 -10.50
CA TYR F 130 3.28 -20.48 -11.36
C TYR F 130 1.92 -19.81 -11.15
N PHE F 131 0.84 -20.59 -11.28
CA PHE F 131 -0.55 -20.12 -11.08
C PHE F 131 -0.68 -19.47 -9.69
N GLU F 132 -0.27 -20.19 -8.65
CA GLU F 132 -0.37 -19.68 -7.26
C GLU F 132 0.48 -18.41 -7.08
N GLY F 133 1.69 -18.38 -7.64
CA GLY F 133 2.61 -17.24 -7.52
C GLY F 133 2.05 -15.99 -8.20
N ILE F 134 1.48 -16.12 -9.40
CA ILE F 134 0.86 -14.95 -10.09
C ILE F 134 -0.31 -14.43 -9.26
N LYS F 135 -1.14 -15.32 -8.74
CA LYS F 135 -2.30 -14.92 -7.89
C LYS F 135 -1.80 -14.20 -6.62
N LYS F 136 -0.67 -14.65 -6.04
CA LYS F 136 -0.11 -14.01 -4.83
C LYS F 136 0.36 -12.58 -5.15
N VAL F 137 1.00 -12.39 -6.31
CA VAL F 137 1.44 -11.05 -6.75
C VAL F 137 0.18 -10.17 -6.92
N PHE F 138 -0.89 -10.66 -7.54
CA PHE F 138 -2.13 -9.86 -7.74
C PHE F 138 -2.83 -9.57 -6.41
N SER F 139 -2.73 -10.48 -5.43
CA SER F 139 -3.27 -10.23 -4.07
C SER F 139 -2.53 -9.05 -3.45
N PHE F 140 -1.20 -8.99 -3.62
CA PHE F 140 -0.36 -7.86 -3.15
C PHE F 140 -0.85 -6.56 -3.84
N TYR F 141 -1.02 -6.60 -5.16
CA TYR F 141 -1.47 -5.40 -5.91
C TYR F 141 -2.81 -4.90 -5.36
N LYS F 142 -3.74 -5.82 -5.06
CA LYS F 142 -5.09 -5.42 -4.55
C LYS F 142 -4.92 -4.69 -3.20
N ASN F 143 -4.08 -5.23 -2.32
CA ASN F 143 -3.79 -4.58 -1.01
C ASN F 143 -3.22 -3.17 -1.28
N LYS F 144 -2.33 -3.00 -2.26
CA LYS F 144 -1.68 -1.69 -2.53
C LYS F 144 -2.69 -0.72 -3.14
N CYS F 145 -3.65 -1.20 -3.94
N CYS F 145 -3.64 -1.23 -3.93
CA CYS F 145 -4.75 -0.38 -4.51
CA CYS F 145 -4.78 -0.48 -4.53
C CYS F 145 -5.51 0.29 -3.37
C CYS F 145 -5.58 0.22 -3.43
N ASN F 146 -5.77 -0.45 -2.28
CA ASN F 146 -6.51 0.08 -1.12
C ASN F 146 -5.71 1.19 -0.40
N GLU F 147 -4.39 1.26 -0.60
CA GLU F 147 -3.51 2.20 0.17
C GLU F 147 -2.96 3.34 -0.69
N SER F 148 -3.18 3.31 -2.01
CA SER F 148 -2.66 4.36 -2.93
C SER F 148 -3.68 4.68 -4.03
N ARG F 149 -4.11 5.94 -4.13
CA ARG F 149 -5.06 6.35 -5.20
C ARG F 149 -4.36 6.25 -6.56
N TYR F 150 -3.05 6.49 -6.65
CA TYR F 150 -2.34 6.43 -7.96
C TYR F 150 -2.30 4.97 -8.42
N ILE F 151 -2.09 4.01 -7.51
CA ILE F 151 -2.08 2.58 -7.92
C ILE F 151 -3.50 2.14 -8.27
N LYS F 152 -4.51 2.57 -7.51
CA LYS F 152 -5.92 2.19 -7.80
C LYS F 152 -6.31 2.74 -9.17
N GLU F 153 -5.99 4.01 -9.43
CA GLU F 153 -6.25 4.68 -10.74
C GLU F 153 -5.62 3.87 -11.88
N PHE F 154 -4.37 3.45 -11.70
CA PHE F 154 -3.60 2.68 -12.72
C PHE F 154 -4.34 1.36 -13.01
N PHE F 155 -4.71 0.62 -11.97
CA PHE F 155 -5.34 -0.70 -12.20
C PHE F 155 -6.76 -0.54 -12.75
N GLU F 156 -7.50 0.47 -12.32
CA GLU F 156 -8.87 0.70 -12.84
C GLU F 156 -8.76 0.92 -14.35
N GLU F 157 -7.71 1.63 -14.76
CA GLU F 157 -7.48 1.94 -16.20
C GLU F 157 -7.09 0.65 -16.95
N ILE F 158 -6.01 -0.03 -16.58
CA ILE F 158 -5.53 -1.16 -17.41
C ILE F 158 -6.52 -2.33 -17.35
N GLN F 159 -7.25 -2.51 -16.24
CA GLN F 159 -8.19 -3.65 -16.12
C GLN F 159 -9.44 -3.38 -16.96
N PHE F 160 -9.99 -2.16 -16.94
CA PHE F 160 -11.38 -1.92 -17.42
C PHE F 160 -11.45 -1.02 -18.65
N ARG F 161 -10.38 -0.37 -19.09
CA ARG F 161 -10.55 0.65 -20.16
C ARG F 161 -11.05 -0.05 -21.42
N ASN F 162 -11.78 0.71 -22.24
CA ASN F 162 -12.22 0.27 -23.57
C ASN F 162 -11.01 0.35 -24.50
N ILE F 163 -10.89 -0.61 -25.41
CA ILE F 163 -9.73 -0.75 -26.31
C ILE F 163 -10.28 -0.84 -27.73
N CYS F 164 -9.97 0.17 -28.54
CA CYS F 164 -10.42 0.24 -29.94
C CYS F 164 -9.22 0.11 -30.86
N GLY F 165 -9.19 -0.96 -31.64
CA GLY F 165 -8.19 -1.19 -32.69
C GLY F 165 -8.78 -0.83 -34.04
N PHE F 166 -7.92 -0.42 -34.95
CA PHE F 166 -8.29 -0.17 -36.37
C PHE F 166 -7.05 -0.34 -37.21
N PRO F 167 -7.20 -0.60 -38.54
CA PRO F 167 -8.52 -0.84 -39.13
C PRO F 167 -9.12 -2.18 -38.69
N LYS F 168 -10.44 -2.29 -38.78
CA LYS F 168 -11.19 -3.55 -38.47
C LYS F 168 -10.79 -4.66 -39.46
N GLN F 169 -10.70 -5.89 -38.93
CA GLN F 169 -10.17 -7.09 -39.63
C GLN F 169 -11.33 -7.93 -40.14
N ALA F 170 -11.10 -8.77 -41.17
CA ALA F 170 -12.14 -9.58 -41.85
C ALA F 170 -13.02 -10.28 -40.80
N GLY F 171 -14.33 -10.32 -41.03
CA GLY F 171 -15.32 -10.90 -40.11
C GLY F 171 -15.69 -9.94 -38.99
N THR F 172 -15.05 -8.77 -38.93
CA THR F 172 -15.39 -7.74 -37.93
C THR F 172 -16.11 -6.60 -38.64
N SER F 173 -17.35 -6.36 -38.24
CA SER F 173 -18.14 -5.23 -38.78
C SER F 173 -17.66 -3.93 -38.14
N SER F 174 -17.90 -2.81 -38.83
N SER F 174 -17.90 -2.79 -38.79
CA SER F 174 -17.51 -1.44 -38.40
CA SER F 174 -17.42 -1.47 -38.31
C SER F 174 -18.14 -1.08 -37.04
C SER F 174 -18.14 -1.07 -37.01
N THR F 175 -19.24 -1.72 -36.64
CA THR F 175 -20.00 -1.38 -35.42
C THR F 175 -19.86 -2.48 -34.36
N ASP F 176 -18.99 -3.46 -34.58
CA ASP F 176 -18.70 -4.48 -33.52
C ASP F 176 -17.87 -3.82 -32.42
N ILE F 177 -18.20 -4.11 -31.17
CA ILE F 177 -17.42 -3.61 -30.02
C ILE F 177 -16.26 -4.58 -29.78
N PHE F 178 -16.53 -5.87 -29.77
CA PHE F 178 -15.52 -6.91 -29.43
C PHE F 178 -14.95 -7.51 -30.71
N ASP F 179 -13.63 -7.54 -30.79
CA ASP F 179 -12.90 -8.11 -31.94
C ASP F 179 -11.53 -8.60 -31.53
N GLN F 180 -10.64 -8.84 -32.49
CA GLN F 180 -9.31 -9.45 -32.21
C GLN F 180 -8.45 -8.50 -31.37
N PHE F 181 -8.72 -7.20 -31.37
CA PHE F 181 -7.88 -6.24 -30.62
C PHE F 181 -8.17 -6.31 -29.12
N ASN F 182 -9.37 -6.70 -28.69
CA ASN F 182 -9.85 -6.38 -27.31
C ASN F 182 -10.58 -7.57 -26.67
N SER F 183 -10.48 -8.76 -27.26
CA SER F 183 -11.19 -9.99 -26.79
C SER F 183 -10.41 -11.23 -27.16
N VAL F 184 -10.58 -12.29 -26.37
CA VAL F 184 -9.96 -13.61 -26.63
C VAL F 184 -11.05 -14.63 -26.99
N ASP F 185 -10.73 -15.54 -27.91
CA ASP F 185 -11.66 -16.58 -28.40
C ASP F 185 -11.83 -17.64 -27.31
N VAL F 186 -13.04 -18.16 -27.21
CA VAL F 186 -13.35 -19.35 -26.38
C VAL F 186 -13.48 -20.55 -27.33
N LEU F 187 -12.59 -21.53 -27.19
CA LEU F 187 -12.46 -22.68 -28.13
C LEU F 187 -12.90 -23.96 -27.43
N LEU F 188 -13.75 -24.74 -28.10
CA LEU F 188 -14.05 -26.14 -27.70
C LEU F 188 -13.34 -27.11 -28.63
N GLN F 189 -13.39 -28.39 -28.27
CA GLN F 189 -12.67 -29.46 -28.96
C GLN F 189 -13.58 -30.00 -30.06
N ASP F 190 -13.06 -30.15 -31.27
CA ASP F 190 -13.74 -30.93 -32.33
C ASP F 190 -13.82 -32.37 -31.83
N PRO F 191 -15.03 -32.95 -31.70
CA PRO F 191 -15.20 -34.30 -31.16
C PRO F 191 -14.35 -35.37 -31.87
N VAL F 192 -14.28 -35.28 -33.21
CA VAL F 192 -13.66 -36.33 -34.06
C VAL F 192 -12.13 -36.16 -34.07
N THR F 193 -11.62 -34.96 -34.31
CA THR F 193 -10.16 -34.72 -34.46
C THR F 193 -9.48 -34.38 -33.12
N SER F 194 -10.25 -34.00 -32.10
CA SER F 194 -9.75 -33.55 -30.77
C SER F 194 -8.95 -32.24 -30.86
N VAL F 195 -8.99 -31.53 -32.00
CA VAL F 195 -8.27 -30.23 -32.13
C VAL F 195 -9.14 -29.17 -31.43
N TRP F 196 -8.51 -28.30 -30.65
CA TRP F 196 -9.22 -27.16 -30.00
C TRP F 196 -9.37 -26.02 -31.00
N ASN F 197 -10.36 -26.11 -31.89
CA ASN F 197 -10.56 -25.13 -32.98
C ASN F 197 -12.03 -24.77 -33.16
N LYS F 198 -12.92 -25.13 -32.23
CA LYS F 198 -14.36 -24.77 -32.37
C LYS F 198 -14.63 -23.50 -31.57
N LYS F 199 -14.67 -22.33 -32.22
CA LYS F 199 -14.95 -21.06 -31.52
C LYS F 199 -16.43 -20.99 -31.17
N VAL F 200 -16.75 -20.71 -29.90
CA VAL F 200 -18.16 -20.58 -29.42
C VAL F 200 -18.44 -19.14 -29.00
N GLY F 201 -17.41 -18.28 -29.01
CA GLY F 201 -17.56 -16.84 -28.73
C GLY F 201 -16.25 -16.22 -28.33
N SER F 202 -16.31 -15.04 -27.71
CA SER F 202 -15.11 -14.33 -27.23
C SER F 202 -15.42 -13.67 -25.88
N LYS F 203 -14.37 -13.33 -25.17
CA LYS F 203 -14.46 -12.65 -23.86
C LYS F 203 -13.61 -11.38 -23.88
N LYS F 204 -14.13 -10.30 -23.34
CA LYS F 204 -13.37 -9.03 -23.20
C LYS F 204 -12.02 -9.35 -22.57
N ALA F 205 -10.94 -8.82 -23.14
CA ALA F 205 -9.57 -9.04 -22.64
C ALA F 205 -8.80 -7.72 -22.61
N ASN F 206 -8.19 -7.41 -21.48
CA ASN F 206 -7.30 -6.23 -21.31
C ASN F 206 -5.86 -6.66 -21.06
N ILE F 207 -5.68 -7.75 -20.28
CA ILE F 207 -4.35 -8.16 -19.77
C ILE F 207 -4.25 -9.68 -19.89
N VAL F 208 -3.16 -10.16 -20.48
CA VAL F 208 -2.80 -11.61 -20.52
C VAL F 208 -1.38 -11.77 -19.99
N ILE F 209 -1.20 -12.63 -18.99
CA ILE F 209 0.11 -12.87 -18.35
C ILE F 209 0.45 -14.34 -18.55
N ILE F 210 1.63 -14.60 -19.10
CA ILE F 210 2.13 -15.95 -19.47
C ILE F 210 3.61 -16.02 -19.11
N PRO F 211 4.14 -17.25 -18.98
CA PRO F 211 5.57 -17.43 -18.78
C PRO F 211 6.39 -17.01 -20.00
N PRO F 212 7.65 -16.57 -19.79
CA PRO F 212 8.57 -16.33 -20.90
C PRO F 212 8.57 -17.55 -21.84
N ALA F 213 8.35 -17.32 -23.13
CA ALA F 213 8.22 -18.39 -24.14
C ALA F 213 9.57 -19.10 -24.34
N THR F 214 9.56 -20.17 -25.13
CA THR F 214 10.76 -21.03 -25.37
C THR F 214 11.94 -20.20 -25.87
N ASN F 215 11.71 -19.12 -26.64
CA ASN F 215 12.83 -18.37 -27.27
C ASN F 215 13.44 -17.38 -26.28
N LEU F 216 12.80 -17.11 -25.14
CA LEU F 216 13.31 -16.14 -24.14
C LEU F 216 14.06 -16.84 -23.00
N PRO F 217 14.97 -16.09 -22.32
CA PRO F 217 15.53 -16.54 -21.06
C PRO F 217 14.41 -16.54 -20.01
N ILE F 218 14.59 -17.32 -18.95
CA ILE F 218 13.55 -17.55 -17.92
C ILE F 218 13.43 -16.30 -17.04
N THR F 219 14.45 -15.43 -17.07
CA THR F 219 14.54 -14.18 -16.26
C THR F 219 13.96 -12.99 -17.02
N GLU F 220 13.57 -13.15 -18.29
CA GLU F 220 13.07 -12.02 -19.11
C GLU F 220 11.67 -11.60 -18.63
N ALA F 221 11.39 -10.29 -18.69
CA ALA F 221 10.02 -9.74 -18.58
C ALA F 221 9.78 -8.90 -19.84
N CYS F 222 8.72 -9.20 -20.59
CA CYS F 222 8.48 -8.58 -21.94
C CYS F 222 6.99 -8.32 -22.13
N ALA F 223 6.62 -7.08 -22.48
CA ALA F 223 5.22 -6.69 -22.77
C ALA F 223 5.10 -6.51 -24.27
N THR F 224 4.06 -7.08 -24.88
CA THR F 224 3.81 -6.98 -26.35
C THR F 224 2.35 -6.60 -26.60
N ALA F 225 2.09 -5.94 -27.74
CA ALA F 225 0.72 -5.77 -28.24
C ALA F 225 0.09 -7.15 -28.39
N GLY F 226 -1.06 -7.35 -27.77
CA GLY F 226 -1.75 -8.66 -27.76
C GLY F 226 -2.14 -9.11 -29.15
N PHE F 227 -2.58 -8.16 -29.97
CA PHE F 227 -2.97 -8.45 -31.36
C PHE F 227 -2.43 -7.34 -32.26
N GLN F 228 -1.82 -7.74 -33.37
CA GLN F 228 -1.30 -6.85 -34.44
C GLN F 228 -1.94 -7.27 -35.75
N PRO F 229 -2.51 -6.33 -36.52
CA PRO F 229 -3.07 -6.64 -37.83
C PRO F 229 -1.96 -6.87 -38.86
N GLU F 230 -2.31 -7.28 -40.09
CA GLU F 230 -1.36 -7.30 -41.22
C GLU F 230 -0.95 -5.85 -41.49
N GLY F 231 0.31 -5.59 -41.80
CA GLY F 231 0.79 -4.23 -42.09
C GLY F 231 1.07 -3.47 -40.81
N PHE F 232 1.56 -2.24 -40.94
CA PHE F 232 2.28 -1.55 -39.85
C PHE F 232 1.27 -1.04 -38.83
N PRO F 233 1.57 -1.13 -37.51
CA PRO F 233 0.69 -0.60 -36.48
C PRO F 233 0.50 0.92 -36.56
N LYS F 234 -0.71 1.37 -36.30
CA LYS F 234 -1.10 2.80 -36.40
C LYS F 234 -1.15 3.40 -35.00
N LEU F 235 -0.55 4.56 -34.81
CA LEU F 235 -0.70 5.31 -33.53
C LEU F 235 -2.17 5.57 -33.22
N GLY F 236 -2.60 5.27 -31.99
CA GLY F 236 -4.00 5.43 -31.55
C GLY F 236 -4.83 4.15 -31.64
N SER F 237 -4.33 3.10 -32.31
CA SER F 237 -4.99 1.78 -32.45
C SER F 237 -4.55 0.89 -31.27
N GLY F 238 -5.46 0.65 -30.35
CA GLY F 238 -5.11 -0.12 -29.13
C GLY F 238 -5.28 -1.61 -29.28
N SER F 239 -4.63 -2.35 -28.35
CA SER F 239 -4.76 -3.82 -28.21
C SER F 239 -4.71 -4.16 -26.72
N PHE F 240 -5.38 -5.23 -26.31
CA PHE F 240 -5.00 -5.87 -25.03
C PHE F 240 -3.50 -6.13 -25.10
N PHE F 241 -2.81 -6.27 -23.97
CA PHE F 241 -1.36 -6.51 -23.97
C PHE F 241 -1.09 -7.87 -23.30
N THR F 242 -0.05 -8.50 -23.77
CA THR F 242 0.48 -9.78 -23.26
C THR F 242 1.79 -9.47 -22.53
N VAL F 243 1.92 -9.95 -21.29
CA VAL F 243 3.22 -9.83 -20.58
C VAL F 243 3.75 -11.24 -20.36
N GLN F 244 5.00 -11.45 -20.80
CA GLN F 244 5.81 -12.65 -20.45
C GLN F 244 6.54 -12.34 -19.15
N PHE F 245 6.25 -13.10 -18.09
CA PHE F 245 6.72 -12.74 -16.73
C PHE F 245 6.73 -14.01 -15.86
N ASP F 246 7.77 -14.13 -15.06
CA ASP F 246 7.87 -15.26 -14.10
C ASP F 246 8.42 -14.72 -12.78
N PRO F 247 7.60 -14.67 -11.70
CA PRO F 247 8.04 -14.04 -10.44
C PRO F 247 8.98 -14.93 -9.61
N PHE F 248 9.24 -16.16 -10.07
CA PHE F 248 10.08 -17.15 -9.35
C PHE F 248 11.56 -16.96 -9.69
N PHE F 249 11.89 -16.03 -10.59
CA PHE F 249 13.29 -15.67 -10.92
C PHE F 249 13.40 -14.16 -11.03
N SER F 250 14.57 -13.62 -10.69
CA SER F 250 14.88 -12.19 -10.87
C SER F 250 16.37 -12.03 -11.12
N THR F 251 16.81 -10.82 -11.41
CA THR F 251 18.25 -10.50 -11.57
C THR F 251 18.59 -9.39 -10.58
N ARG F 252 19.87 -9.32 -10.21
CA ARG F 252 20.42 -8.25 -9.35
C ARG F 252 20.61 -7.01 -10.22
N PHE F 253 20.77 -5.87 -9.56
CA PHE F 253 21.15 -4.59 -10.19
C PHE F 253 22.26 -4.00 -9.33
N LYS F 254 23.14 -3.21 -9.96
CA LYS F 254 24.26 -2.51 -9.29
C LYS F 254 23.85 -1.05 -9.07
N ALA F 255 24.31 -0.45 -7.97
CA ALA F 255 24.23 1.01 -7.73
C ALA F 255 25.05 1.73 -8.82
N HIS F 256 24.73 2.99 -9.11
CA HIS F 256 25.38 3.77 -10.21
C HIS F 256 26.83 4.08 -9.83
N GLU F 257 27.07 4.50 -8.58
CA GLU F 257 28.38 5.07 -8.15
C GLU F 257 29.12 4.12 -7.21
N THR F 258 28.50 3.02 -6.75
CA THR F 258 29.14 2.00 -5.88
C THR F 258 28.91 0.59 -6.42
N ASP F 259 29.59 -0.40 -5.84
CA ASP F 259 29.46 -1.84 -6.21
C ASP F 259 28.32 -2.48 -5.39
N ASP F 260 27.55 -1.68 -4.63
CA ASP F 260 26.34 -2.16 -3.90
C ASP F 260 25.40 -2.83 -4.90
N VAL F 261 24.90 -4.02 -4.53
CA VAL F 261 23.99 -4.88 -5.35
C VAL F 261 22.75 -5.21 -4.53
N ALA F 262 21.61 -5.31 -5.20
CA ALA F 262 20.31 -5.70 -4.61
C ALA F 262 19.52 -6.44 -5.68
N LEU F 263 18.42 -7.09 -5.29
CA LEU F 263 17.59 -7.88 -6.23
C LEU F 263 16.49 -6.99 -6.81
N LEU F 264 16.28 -7.08 -8.12
CA LEU F 264 15.08 -6.50 -8.76
C LEU F 264 13.85 -7.17 -8.12
N ASP F 265 12.91 -6.36 -7.62
CA ASP F 265 11.64 -6.85 -7.04
C ASP F 265 10.70 -7.23 -8.19
N PRO F 266 10.33 -8.51 -8.36
CA PRO F 266 9.42 -8.95 -9.42
C PRO F 266 8.06 -8.23 -9.45
N THR F 267 7.55 -7.77 -8.30
CA THR F 267 6.27 -7.03 -8.24
C THR F 267 6.47 -5.69 -8.94
N LEU F 268 7.66 -5.08 -8.84
CA LEU F 268 7.93 -3.79 -9.55
C LEU F 268 8.24 -4.08 -11.03
N THR F 269 8.96 -5.16 -11.33
CA THR F 269 9.19 -5.59 -12.74
C THR F 269 7.83 -5.68 -13.47
N LEU F 270 6.85 -6.35 -12.87
CA LEU F 270 5.56 -6.55 -13.56
C LEU F 270 4.82 -5.20 -13.69
N LEU F 271 4.89 -4.34 -12.68
CA LEU F 271 4.26 -2.98 -12.78
C LEU F 271 4.86 -2.21 -13.94
N HIS F 272 6.18 -2.27 -14.08
CA HIS F 272 6.90 -1.65 -15.23
C HIS F 272 6.31 -2.19 -16.54
N GLU F 273 6.23 -3.51 -16.69
CA GLU F 273 5.75 -4.17 -17.94
C GLU F 273 4.28 -3.82 -18.19
N MSE F 274 3.46 -3.71 -17.14
CA MSE F 274 2.07 -3.36 -17.32
C MSE F 274 1.91 -1.86 -17.66
O MSE F 274 0.84 -1.48 -18.14
CB MSE F 274 1.28 -3.82 -16.09
CG MSE F 274 1.20 -5.34 -16.01
SE MSE F 274 -0.07 -5.95 -14.66
CE MSE F 274 0.55 -4.81 -13.22
N THR F 275 2.95 -1.06 -17.43
CA THR F 275 2.95 0.34 -17.83
C THR F 275 3.17 0.39 -19.35
N HIS F 276 4.11 -0.40 -19.87
CA HIS F 276 4.19 -0.62 -21.34
C HIS F 276 2.81 -1.06 -21.81
N GLY F 277 2.17 -1.97 -21.06
CA GLY F 277 0.84 -2.49 -21.39
C GLY F 277 -0.17 -1.36 -21.61
N LEU F 278 -0.25 -0.41 -20.69
CA LEU F 278 -1.20 0.72 -20.81
C LEU F 278 -0.93 1.40 -22.16
N HIS F 279 0.34 1.52 -22.52
CA HIS F 279 0.73 2.23 -23.78
C HIS F 279 0.19 1.44 -24.98
N PHE F 280 0.28 0.10 -24.93
CA PHE F 280 -0.24 -0.79 -26.01
C PHE F 280 -1.76 -0.68 -26.10
N GLN F 281 -2.44 -0.53 -24.95
CA GLN F 281 -3.92 -0.47 -24.87
C GLN F 281 -4.41 0.79 -25.62
N LYS F 282 -3.59 1.84 -25.62
CA LYS F 282 -3.94 3.15 -26.25
C LYS F 282 -3.30 3.23 -27.63
N GLY F 283 -2.42 2.32 -27.99
CA GLY F 283 -1.71 2.38 -29.29
C GLY F 283 -0.70 3.52 -29.34
N ILE F 284 -0.04 3.82 -28.22
CA ILE F 284 0.96 4.93 -28.12
C ILE F 284 2.35 4.40 -27.77
N ALA F 285 2.56 3.08 -27.81
CA ALA F 285 3.78 2.39 -27.32
C ALA F 285 4.89 2.36 -28.38
N ASN F 286 4.50 2.24 -29.65
CA ASN F 286 5.38 1.77 -30.75
C ASN F 286 5.17 2.63 -32.00
N PRO F 287 5.56 3.93 -31.98
CA PRO F 287 5.43 4.75 -33.19
C PRO F 287 6.34 4.19 -34.28
N VAL F 288 5.80 3.97 -35.47
CA VAL F 288 6.62 3.61 -36.65
C VAL F 288 6.28 4.55 -37.80
N ASN F 289 7.23 4.70 -38.72
CA ASN F 289 7.09 5.53 -39.93
C ASN F 289 6.38 4.70 -41.01
N ARG F 290 6.21 5.26 -42.20
CA ARG F 290 5.47 4.62 -43.32
C ARG F 290 6.23 3.39 -43.84
N SER F 291 7.49 3.20 -43.43
CA SER F 291 8.32 2.02 -43.76
C SER F 291 8.25 0.96 -42.66
N GLY F 292 7.55 1.24 -41.55
CA GLY F 292 7.36 0.28 -40.43
C GLY F 292 8.52 0.29 -39.46
N GLU F 293 9.40 1.30 -39.55
CA GLU F 293 10.64 1.45 -38.73
C GLU F 293 10.42 2.52 -37.65
N THR F 294 11.06 2.36 -36.49
CA THR F 294 11.05 3.36 -35.38
C THR F 294 11.67 4.65 -35.89
N PRO F 295 11.00 5.83 -35.79
CA PRO F 295 11.60 7.08 -36.28
C PRO F 295 12.74 7.56 -35.37
N ALA F 296 13.68 8.35 -35.93
CA ALA F 296 14.89 8.85 -35.23
C ALA F 296 14.48 9.61 -33.95
N TRP F 297 13.36 10.33 -33.97
CA TRP F 297 12.89 11.13 -32.80
C TRP F 297 12.30 10.24 -31.69
N ALA F 298 12.12 8.94 -31.93
CA ALA F 298 11.55 7.99 -30.94
C ALA F 298 12.67 7.33 -30.13
N THR F 299 13.93 7.64 -30.44
CA THR F 299 15.09 7.05 -29.72
C THR F 299 16.01 8.17 -29.24
N THR F 300 16.65 7.99 -28.09
CA THR F 300 17.59 8.98 -27.51
C THR F 300 18.76 8.24 -26.86
N TRP F 301 19.79 8.99 -26.46
CA TRP F 301 20.98 8.46 -25.77
C TRP F 301 20.77 8.59 -24.27
N GLY F 302 20.59 7.45 -23.59
CA GLY F 302 20.35 7.36 -22.14
C GLY F 302 21.62 6.99 -21.40
N ARG F 303 21.80 7.53 -20.20
CA ARG F 303 22.95 7.21 -19.31
C ARG F 303 22.88 5.74 -18.89
N VAL F 304 24.04 5.14 -18.63
CA VAL F 304 24.17 3.75 -18.12
C VAL F 304 25.14 3.78 -16.92
N THR F 305 25.42 2.62 -16.33
CA THR F 305 26.22 2.48 -15.07
C THR F 305 27.71 2.34 -15.41
N GLY F 306 28.52 1.79 -14.49
CA GLY F 306 29.92 1.40 -14.73
C GLY F 306 30.83 2.58 -15.05
N ASP F 307 30.72 3.12 -16.27
CA ASP F 307 31.58 4.21 -16.81
C ASP F 307 31.26 5.52 -16.07
N ASN F 308 30.02 5.99 -16.17
CA ASN F 308 29.51 7.29 -15.65
C ASN F 308 29.41 8.27 -16.83
N ASP F 309 30.17 8.03 -17.91
CA ASP F 309 30.07 8.78 -19.20
C ASP F 309 29.78 7.82 -20.36
N ALA F 310 29.21 6.64 -20.08
CA ALA F 310 28.70 5.71 -21.11
C ALA F 310 27.23 6.01 -21.37
N PHE F 311 26.84 6.05 -22.65
CA PHE F 311 25.43 6.21 -23.11
C PHE F 311 25.10 5.08 -24.09
N LYS F 312 23.86 4.59 -24.01
CA LYS F 312 23.28 3.56 -24.92
C LYS F 312 22.00 4.11 -25.53
N GLU F 313 21.83 3.89 -26.84
CA GLU F 313 20.60 4.27 -27.57
C GLU F 313 19.43 3.49 -26.97
N THR F 314 18.37 4.21 -26.61
CA THR F 314 17.20 3.68 -25.87
C THR F 314 15.93 4.30 -26.44
N PRO F 315 14.86 3.51 -26.64
CA PRO F 315 13.58 4.09 -27.04
C PRO F 315 13.05 5.01 -25.94
N MSE F 316 12.43 6.12 -26.36
CA MSE F 316 11.80 7.04 -25.43
C MSE F 316 10.67 6.32 -24.68
O MSE F 316 10.38 6.68 -23.54
CB MSE F 316 11.28 8.27 -26.19
CG MSE F 316 12.37 9.25 -26.46
SE MSE F 316 12.79 10.30 -24.87
CE MSE F 316 11.20 11.34 -24.46
N GLU F 317 10.02 5.34 -25.31
CA GLU F 317 8.99 4.53 -24.68
C GLU F 317 9.55 3.88 -23.40
N GLU F 318 10.83 3.49 -23.44
CA GLU F 318 11.51 2.83 -22.31
C GLU F 318 11.76 3.88 -21.22
N LEU F 319 12.31 5.06 -21.59
CA LEU F 319 12.67 6.07 -20.57
C LEU F 319 11.42 6.63 -19.90
N LEU F 320 10.30 6.76 -20.63
CA LEU F 320 9.04 7.30 -20.06
C LEU F 320 8.36 6.25 -19.17
N THR F 321 8.60 4.97 -19.41
CA THR F 321 8.05 3.85 -18.60
C THR F 321 8.94 3.68 -17.36
N PHE F 322 10.24 3.91 -17.49
CA PHE F 322 11.22 3.66 -16.41
C PHE F 322 11.24 4.84 -15.43
N ASN F 323 11.54 6.04 -15.94
CA ASN F 323 11.76 7.25 -15.10
C ASN F 323 11.92 8.45 -16.03
N LYS F 324 10.87 9.25 -16.17
CA LYS F 324 10.88 10.43 -17.08
C LYS F 324 12.05 11.36 -16.74
N HIS F 325 12.53 11.40 -15.48
CA HIS F 325 13.62 12.31 -15.05
C HIS F 325 14.99 11.78 -15.50
N THR F 326 15.04 10.68 -16.25
CA THR F 326 16.29 9.99 -16.68
C THR F 326 16.55 10.29 -18.16
N ILE F 327 15.65 11.01 -18.83
CA ILE F 327 15.80 11.42 -20.27
C ILE F 327 17.01 12.34 -20.38
N ASP F 328 17.18 13.27 -19.43
CA ASP F 328 18.35 14.18 -19.35
C ASP F 328 18.75 14.40 -17.89
N ASP F 329 19.99 14.83 -17.64
CA ASP F 329 20.52 15.18 -16.30
C ASP F 329 19.68 16.31 -15.70
N ASP F 330 19.24 17.27 -16.53
CA ASP F 330 18.46 18.46 -16.12
C ASP F 330 16.96 18.10 -16.10
N ILE F 331 16.28 18.39 -14.99
CA ILE F 331 14.83 18.07 -14.78
C ILE F 331 13.96 18.80 -15.82
N GLU F 332 14.22 20.08 -16.08
CA GLU F 332 13.40 20.91 -17.01
C GLU F 332 13.57 20.37 -18.44
N ILE F 333 14.79 19.98 -18.80
CA ILE F 333 15.11 19.45 -20.17
C ILE F 333 14.38 18.12 -20.35
N SER F 334 14.43 17.23 -19.36
CA SER F 334 13.69 15.95 -19.35
C SER F 334 12.21 16.22 -19.65
N ASP F 335 11.61 17.17 -18.92
CA ASP F 335 10.17 17.55 -19.06
C ASP F 335 9.93 18.03 -20.50
N HIS F 336 10.79 18.89 -21.04
CA HIS F 336 10.62 19.45 -22.42
C HIS F 336 10.67 18.32 -23.45
N LEU F 337 11.64 17.42 -23.34
CA LEU F 337 11.82 16.30 -24.31
C LEU F 337 10.63 15.35 -24.23
N LYS F 338 10.05 15.14 -23.04
CA LYS F 338 8.83 14.31 -22.87
C LYS F 338 7.68 14.99 -23.62
N SER F 339 7.50 16.29 -23.40
CA SER F 339 6.46 17.12 -24.08
C SER F 339 6.62 17.01 -25.61
N THR F 340 7.85 17.09 -26.11
CA THR F 340 8.15 17.07 -27.56
C THR F 340 7.76 15.70 -28.11
N TYR F 341 8.13 14.63 -27.41
CA TYR F 341 7.85 13.24 -27.86
C TYR F 341 6.32 13.03 -27.94
N ILE F 342 5.59 13.47 -26.92
CA ILE F 342 4.11 13.31 -26.82
C ILE F 342 3.47 14.14 -27.95
N GLY F 343 4.04 15.30 -28.24
CA GLY F 343 3.66 16.16 -29.38
C GLY F 343 3.69 15.40 -30.69
N PHE F 344 4.79 14.67 -30.96
CA PHE F 344 4.99 13.90 -32.21
C PHE F 344 4.08 12.66 -32.21
N LEU F 345 3.83 12.02 -31.07
CA LEU F 345 2.85 10.90 -31.04
C LEU F 345 1.47 11.43 -31.48
N TYR F 346 1.10 12.59 -30.96
CA TYR F 346 -0.24 13.20 -31.15
C TYR F 346 -0.39 13.71 -32.61
N ASN F 347 0.58 14.48 -33.09
CA ASN F 347 0.48 15.26 -34.36
C ASN F 347 1.19 14.56 -35.52
N GLY F 348 1.97 13.51 -35.23
CA GLY F 348 2.85 12.88 -36.21
C GLY F 348 3.99 13.82 -36.57
N ARG F 349 4.73 13.47 -37.61
CA ARG F 349 5.83 14.30 -38.14
C ARG F 349 5.96 14.04 -39.63
N ASN F 350 5.99 15.11 -40.41
CA ASN F 350 6.26 15.03 -41.87
C ASN F 350 7.76 15.22 -42.07
N GLU F 351 8.37 14.28 -42.80
CA GLU F 351 9.80 14.34 -43.22
C GLU F 351 9.85 14.68 -44.72
N ASP F 352 10.84 15.46 -45.15
CA ASP F 352 10.97 15.85 -46.58
C ASP F 352 11.20 14.57 -47.41
N ASP F 353 11.60 13.46 -46.77
CA ASP F 353 11.47 12.07 -47.33
C ASP F 353 10.20 11.42 -46.77
N PRO F 354 9.14 11.18 -47.59
CA PRO F 354 7.84 10.73 -47.07
C PRO F 354 7.80 9.29 -46.52
N THR F 355 8.80 8.49 -46.87
CA THR F 355 8.99 7.10 -46.37
C THR F 355 9.20 7.17 -44.84
N GLU F 356 9.75 8.27 -44.34
CA GLU F 356 10.15 8.43 -42.91
C GLU F 356 9.10 9.25 -42.14
N SER F 357 8.02 9.68 -42.80
CA SER F 357 6.91 10.40 -42.15
C SER F 357 6.20 9.45 -41.17
N VAL F 358 5.69 10.02 -40.08
CA VAL F 358 4.87 9.31 -39.07
C VAL F 358 3.47 9.93 -39.01
N ASP F 359 2.45 9.08 -39.07
CA ASP F 359 1.02 9.44 -38.94
C ASP F 359 0.67 9.45 -37.45
N GLY F 360 0.19 10.57 -36.94
CA GLY F 360 -0.06 10.76 -35.51
C GLY F 360 -1.42 10.21 -35.09
N VAL F 361 -1.62 10.18 -33.77
CA VAL F 361 -2.88 9.69 -33.17
C VAL F 361 -4.04 10.56 -33.70
N TYR F 362 -3.88 11.88 -33.73
CA TYR F 362 -5.00 12.76 -34.13
C TYR F 362 -5.49 12.40 -35.53
N GLN F 363 -4.59 12.35 -36.52
CA GLN F 363 -4.99 12.06 -37.91
C GLN F 363 -5.54 10.63 -38.02
N ASN F 364 -4.94 9.65 -37.31
CA ASN F 364 -5.41 8.25 -37.46
C ASN F 364 -6.81 8.10 -36.84
N VAL F 365 -6.99 8.61 -35.62
CA VAL F 365 -8.29 8.44 -34.89
C VAL F 365 -9.35 9.30 -35.60
N SER F 366 -9.03 10.54 -35.97
CA SER F 366 -10.01 11.43 -36.66
C SER F 366 -10.46 10.75 -37.97
N SER F 367 -9.51 10.23 -38.75
N SER F 367 -9.51 10.23 -38.75
CA SER F 367 -9.78 9.51 -40.03
CA SER F 367 -9.78 9.52 -40.03
C SER F 367 -10.70 8.32 -39.77
C SER F 367 -10.70 8.32 -39.77
N PHE F 368 -10.36 7.49 -38.77
CA PHE F 368 -11.18 6.32 -38.44
C PHE F 368 -12.60 6.76 -38.07
N LEU F 369 -12.73 7.75 -37.17
CA LEU F 369 -14.05 8.12 -36.62
C LEU F 369 -14.87 8.91 -37.65
N ASN F 370 -14.20 9.63 -38.55
CA ASN F 370 -14.89 10.42 -39.59
C ASN F 370 -15.68 9.48 -40.54
N GLN F 371 -15.25 8.23 -40.70
CA GLN F 371 -15.95 7.22 -41.54
C GLN F 371 -17.42 7.07 -41.11
N TYR F 372 -17.71 7.24 -39.82
CA TYR F 372 -19.06 7.00 -39.24
C TYR F 372 -20.02 8.18 -39.49
N ARG F 373 -19.51 9.33 -39.95
CA ARG F 373 -20.33 10.56 -40.14
C ARG F 373 -21.62 10.21 -40.91
N GLY F 374 -22.78 10.48 -40.30
CA GLY F 374 -24.10 10.32 -40.92
C GLY F 374 -24.69 8.92 -40.80
N PHE F 375 -23.96 7.94 -40.27
CA PHE F 375 -24.44 6.54 -40.15
C PHE F 375 -25.11 6.36 -38.77
N GLU F 376 -26.30 5.75 -38.75
CA GLU F 376 -26.98 5.32 -37.51
C GLU F 376 -26.09 4.24 -36.88
N ILE F 377 -25.70 4.42 -35.63
CA ILE F 377 -24.90 3.42 -34.86
C ILE F 377 -25.63 3.14 -33.54
N SER F 378 -25.43 1.96 -32.98
CA SER F 378 -26.01 1.60 -31.66
C SER F 378 -25.50 2.57 -30.59
N SER F 379 -26.29 2.80 -29.54
N SER F 379 -26.30 2.81 -29.55
CA SER F 379 -25.83 3.56 -28.36
CA SER F 379 -25.87 3.52 -28.32
C SER F 379 -24.65 2.81 -27.70
C SER F 379 -24.64 2.80 -27.74
N ASP F 380 -24.67 1.47 -27.70
CA ASP F 380 -23.53 0.67 -27.15
C ASP F 380 -22.23 1.03 -27.89
N PHE F 381 -22.23 1.04 -29.22
CA PHE F 381 -21.00 1.36 -30.00
C PHE F 381 -20.61 2.83 -29.76
N GLN F 382 -21.59 3.74 -29.79
CA GLN F 382 -21.36 5.18 -29.51
C GLN F 382 -20.64 5.34 -28.17
N HIS F 383 -21.16 4.73 -27.12
CA HIS F 383 -20.62 4.87 -25.75
C HIS F 383 -19.23 4.24 -25.68
N PHE F 384 -19.01 3.13 -26.38
CA PHE F 384 -17.72 2.42 -26.43
C PHE F 384 -16.63 3.38 -26.94
N ILE F 385 -16.90 4.04 -28.07
CA ILE F 385 -15.93 5.00 -28.67
C ILE F 385 -15.75 6.22 -27.77
N GLU F 386 -16.85 6.79 -27.28
CA GLU F 386 -16.81 7.99 -26.39
C GLU F 386 -15.87 7.71 -25.21
N SER F 387 -16.06 6.56 -24.56
N SER F 387 -16.05 6.56 -24.57
CA SER F 387 -15.26 6.14 -23.39
CA SER F 387 -15.26 6.11 -23.39
C SER F 387 -13.80 5.92 -23.79
C SER F 387 -13.80 5.90 -23.77
N CYS F 388 -13.56 5.21 -24.89
CA CYS F 388 -12.20 4.87 -25.32
C CYS F 388 -11.36 6.14 -25.52
N TYR F 389 -11.87 7.10 -26.30
CA TYR F 389 -11.04 8.25 -26.74
C TYR F 389 -11.38 9.52 -25.95
N GLY F 390 -12.39 9.50 -25.07
CA GLY F 390 -12.89 10.71 -24.40
C GLY F 390 -13.43 11.72 -25.39
N VAL F 391 -14.16 11.26 -26.40
CA VAL F 391 -14.84 12.13 -27.40
C VAL F 391 -16.36 12.11 -27.15
N LYS F 392 -17.06 13.01 -27.83
CA LYS F 392 -18.52 13.19 -27.70
C LYS F 392 -19.15 12.86 -29.05
N TYR F 393 -20.45 12.71 -29.05
CA TYR F 393 -21.22 12.32 -30.24
C TYR F 393 -22.32 13.36 -30.45
N ASN F 394 -22.41 13.85 -31.69
CA ASN F 394 -23.43 14.81 -32.15
C ASN F 394 -24.58 13.97 -32.73
N GLN F 395 -25.72 13.91 -32.06
CA GLN F 395 -26.90 13.12 -32.49
C GLN F 395 -27.52 13.73 -33.77
N GLU F 396 -27.54 15.05 -33.89
CA GLU F 396 -28.17 15.76 -35.05
C GLU F 396 -27.45 15.36 -36.35
N SER F 397 -26.11 15.35 -36.35
CA SER F 397 -25.26 15.06 -37.54
C SER F 397 -24.82 13.59 -37.57
N LYS F 398 -25.10 12.82 -36.52
CA LYS F 398 -24.66 11.40 -36.38
C LYS F 398 -23.15 11.33 -36.62
N LYS F 399 -22.37 12.08 -35.86
CA LYS F 399 -20.90 12.11 -36.05
C LYS F 399 -20.21 12.24 -34.70
N PHE F 400 -19.08 11.59 -34.57
CA PHE F 400 -18.13 11.82 -33.48
C PHE F 400 -17.55 13.23 -33.57
N ILE F 401 -17.51 13.91 -32.44
CA ILE F 401 -16.84 15.22 -32.27
C ILE F 401 -15.43 14.92 -31.78
N VAL F 402 -14.44 15.03 -32.65
CA VAL F 402 -13.05 14.59 -32.32
C VAL F 402 -12.24 15.85 -31.97
N ASN F 403 -12.40 16.30 -30.74
CA ASN F 403 -11.81 17.56 -30.21
C ASN F 403 -10.31 17.35 -30.03
N PRO F 404 -9.45 18.21 -30.63
CA PRO F 404 -8.00 18.09 -30.47
C PRO F 404 -7.50 17.98 -29.02
N ARG F 405 -8.00 18.81 -28.11
CA ARG F 405 -7.56 18.80 -26.70
C ARG F 405 -7.88 17.44 -26.08
N ASN F 406 -9.05 16.86 -26.41
CA ASN F 406 -9.45 15.52 -25.90
C ASN F 406 -8.48 14.45 -26.40
N ILE F 407 -8.10 14.47 -27.67
CA ILE F 407 -7.17 13.44 -28.23
C ILE F 407 -5.77 13.65 -27.64
N LYS F 408 -5.35 14.90 -27.45
CA LYS F 408 -4.05 15.23 -26.80
C LYS F 408 -4.05 14.63 -25.39
N ARG F 409 -5.14 14.77 -24.65
CA ARG F 409 -5.25 14.26 -23.25
C ARG F 409 -5.19 12.72 -23.25
N TYR F 410 -5.82 12.07 -24.22
CA TYR F 410 -5.78 10.59 -24.41
C TYR F 410 -4.31 10.15 -24.45
N VAL F 411 -3.48 10.84 -25.22
CA VAL F 411 -2.03 10.50 -25.32
C VAL F 411 -1.32 10.85 -24.00
N GLN F 412 -1.47 12.08 -23.51
CA GLN F 412 -0.76 12.57 -22.29
C GLN F 412 -1.05 11.62 -21.11
N ASP F 413 -2.30 11.21 -20.94
CA ASP F 413 -2.78 10.40 -19.78
C ASP F 413 -2.06 9.05 -19.72
N GLY F 414 -1.61 8.52 -20.87
CA GLY F 414 -0.90 7.24 -20.96
C GLY F 414 0.43 7.28 -20.24
N PHE F 415 0.99 8.47 -19.97
CA PHE F 415 2.36 8.65 -19.41
C PHE F 415 2.31 9.22 -17.99
N PHE F 416 1.18 9.06 -17.28
CA PHE F 416 0.92 9.63 -15.93
C PHE F 416 1.80 8.95 -14.88
N ILE F 417 2.14 7.69 -15.06
CA ILE F 417 2.90 6.93 -14.02
C ILE F 417 4.06 6.17 -14.67
N ASP F 418 5.15 6.00 -13.91
CA ASP F 418 6.38 5.31 -14.36
C ASP F 418 6.87 4.43 -13.22
N GLU F 419 7.91 3.64 -13.49
CA GLU F 419 8.45 2.69 -12.49
C GLU F 419 8.95 3.45 -11.25
N ALA F 420 9.58 4.63 -11.44
CA ALA F 420 10.19 5.46 -10.38
C ALA F 420 9.10 5.86 -9.39
N LYS F 421 7.91 6.22 -9.88
CA LYS F 421 6.79 6.63 -9.00
C LYS F 421 6.26 5.39 -8.25
N PHE F 422 6.05 4.27 -8.93
CA PHE F 422 5.61 3.00 -8.27
C PHE F 422 6.61 2.68 -7.16
N ALA F 423 7.91 2.79 -7.43
CA ALA F 423 9.01 2.47 -6.48
C ALA F 423 8.86 3.34 -5.23
N ARG F 424 8.59 4.64 -5.39
CA ARG F 424 8.50 5.62 -4.27
C ARG F 424 7.25 5.29 -3.43
N ILE F 425 6.11 5.05 -4.10
CA ILE F 425 4.81 4.75 -3.45
C ILE F 425 4.96 3.48 -2.60
N LEU F 426 5.64 2.46 -3.14
CA LEU F 426 5.68 1.10 -2.53
C LEU F 426 6.92 0.92 -1.65
N ASN F 427 7.81 1.92 -1.62
CA ASN F 427 9.08 1.91 -0.85
C ASN F 427 9.89 0.69 -1.33
N ILE F 428 10.03 0.53 -2.65
CA ILE F 428 10.82 -0.55 -3.29
C ILE F 428 12.06 0.10 -3.92
N LYS F 429 13.22 -0.51 -3.74
CA LYS F 429 14.51 -0.01 -4.30
C LYS F 429 14.53 -0.31 -5.79
N THR F 430 14.89 0.70 -6.59
CA THR F 430 14.97 0.65 -8.06
C THR F 430 16.34 1.19 -8.48
N ARG F 431 16.74 0.92 -9.73
CA ARG F 431 18.04 1.34 -10.32
C ARG F 431 17.97 2.84 -10.63
N SER F 432 19.14 3.45 -10.87
CA SER F 432 19.30 4.85 -11.33
C SER F 432 18.89 4.96 -12.80
N TYR F 433 19.38 4.06 -13.65
CA TYR F 433 19.21 4.10 -15.13
C TYR F 433 18.70 2.75 -15.65
N TYR F 434 17.94 2.80 -16.75
CA TYR F 434 17.17 1.65 -17.30
C TYR F 434 18.07 0.45 -17.58
N THR F 435 19.20 0.67 -18.28
CA THR F 435 20.04 -0.41 -18.86
C THR F 435 20.98 -0.99 -17.78
N LEU F 436 20.91 -2.31 -17.56
CA LEU F 436 21.89 -3.12 -16.79
C LEU F 436 23.08 -3.41 -17.70
N MSE F 437 24.31 -3.14 -17.24
CA MSE F 437 25.52 -3.44 -18.00
C MSE F 437 26.35 -4.52 -17.31
O MSE F 437 26.39 -4.59 -16.09
CB MSE F 437 26.41 -2.20 -18.17
CG MSE F 437 25.76 -1.07 -18.93
SE MSE F 437 25.51 -1.40 -20.85
CE MSE F 437 27.21 -1.65 -21.80
N PRO F 438 27.04 -5.38 -18.09
CA PRO F 438 28.00 -6.34 -17.52
C PRO F 438 28.99 -5.68 -16.57
N ASP F 439 29.28 -6.37 -15.47
CA ASP F 439 30.30 -5.99 -14.45
C ASP F 439 31.08 -7.25 -14.09
N ASN F 440 31.94 -7.21 -13.08
CA ASN F 440 32.64 -8.42 -12.58
C ASN F 440 32.18 -8.74 -11.16
N LEU F 441 30.87 -8.63 -10.89
CA LEU F 441 30.29 -8.86 -9.54
C LEU F 441 29.55 -10.21 -9.49
N GLY F 442 29.85 -11.12 -10.43
CA GLY F 442 29.39 -12.53 -10.40
C GLY F 442 27.96 -12.71 -10.90
N VAL F 443 27.32 -13.81 -10.49
CA VAL F 443 26.04 -14.31 -11.05
C VAL F 443 24.98 -13.21 -10.94
N TRP F 444 24.13 -13.12 -11.97
CA TRP F 444 23.07 -12.10 -12.12
C TRP F 444 21.73 -12.65 -11.61
N SER F 445 21.44 -13.91 -11.92
CA SER F 445 20.09 -14.52 -11.78
C SER F 445 19.93 -15.23 -10.43
N TYR F 446 18.78 -14.98 -9.79
CA TYR F 446 18.36 -15.51 -8.46
C TYR F 446 16.98 -16.15 -8.57
N ARG F 447 16.78 -17.22 -7.79
CA ARG F 447 15.45 -17.79 -7.50
C ARG F 447 14.77 -16.84 -6.50
N VAL F 448 13.46 -16.70 -6.60
CA VAL F 448 12.64 -15.91 -5.63
C VAL F 448 11.58 -16.86 -5.06
N ASP F 449 11.61 -17.04 -3.75
CA ASP F 449 10.79 -18.05 -3.05
C ASP F 449 9.41 -17.46 -2.74
N ILE F 450 8.65 -17.12 -3.79
CA ILE F 450 7.34 -16.42 -3.70
C ILE F 450 6.38 -17.18 -2.77
N LEU F 451 6.47 -18.52 -2.72
CA LEU F 451 5.50 -19.36 -1.97
C LEU F 451 6.12 -19.77 -0.63
N ASN F 452 7.25 -19.19 -0.26
CA ASN F 452 7.81 -19.31 1.11
C ASN F 452 8.06 -20.78 1.45
N ARG F 453 8.66 -21.53 0.52
CA ARG F 453 9.00 -22.97 0.71
C ARG F 453 10.20 -23.09 1.66
N LEU F 454 11.17 -22.18 1.59
CA LEU F 454 12.47 -22.32 2.30
C LEU F 454 12.59 -21.28 3.42
N ARG F 455 12.16 -20.04 3.19
CA ARG F 455 12.24 -18.92 4.16
C ARG F 455 11.02 -18.03 3.98
N GLU F 456 10.68 -17.20 4.97
CA GLU F 456 9.64 -16.16 4.80
C GLU F 456 10.19 -15.10 3.84
N THR F 457 9.62 -15.03 2.64
CA THR F 457 10.16 -14.25 1.48
C THR F 457 9.14 -13.23 0.96
N PHE F 458 7.88 -13.65 0.83
CA PHE F 458 6.84 -12.84 0.17
C PHE F 458 5.56 -12.91 0.99
N ASP F 459 4.96 -11.75 1.23
CA ASP F 459 3.72 -11.58 2.02
C ASP F 459 2.70 -10.82 1.17
N GLU F 460 1.42 -11.17 1.28
CA GLU F 460 0.34 -10.52 0.48
C GLU F 460 0.19 -9.04 0.89
N ASP F 461 0.58 -8.63 2.10
CA ASP F 461 0.51 -7.21 2.54
C ASP F 461 1.82 -6.46 2.20
N ARG F 462 2.98 -7.02 2.58
CA ARG F 462 4.28 -6.33 2.53
C ARG F 462 5.00 -6.61 1.20
N GLY F 463 4.51 -7.55 0.40
CA GLY F 463 5.17 -7.95 -0.85
C GLY F 463 6.51 -8.62 -0.57
N LEU F 464 7.51 -8.35 -1.39
CA LEU F 464 8.85 -9.00 -1.26
C LEU F 464 9.52 -8.40 -0.02
N LEU F 465 9.89 -9.22 0.94
CA LEU F 465 10.31 -8.71 2.28
C LEU F 465 11.69 -8.05 2.20
N SER F 466 12.57 -8.56 1.34
CA SER F 466 13.97 -8.06 1.21
C SER F 466 14.47 -8.15 -0.23
N GLN F 467 15.22 -7.12 -0.65
CA GLN F 467 15.98 -7.08 -1.93
C GLN F 467 17.46 -7.37 -1.66
N GLU F 468 17.86 -7.70 -0.42
CA GLU F 468 19.27 -8.10 -0.11
C GLU F 468 19.50 -9.48 -0.71
N LEU F 469 20.58 -9.68 -1.47
CA LEU F 469 20.87 -10.95 -2.19
C LEU F 469 21.12 -12.08 -1.19
N ASP F 470 21.61 -11.73 0.01
CA ASP F 470 21.79 -12.63 1.17
C ASP F 470 20.54 -13.48 1.41
N PHE F 471 19.33 -12.93 1.16
CA PHE F 471 18.04 -13.56 1.52
C PHE F 471 17.43 -14.34 0.35
N HIS F 472 18.18 -14.49 -0.76
CA HIS F 472 17.72 -15.18 -2.00
C HIS F 472 18.77 -16.18 -2.49
N THR F 473 18.33 -17.25 -3.15
CA THR F 473 19.18 -18.35 -3.67
C THR F 473 19.69 -17.99 -5.06
N ALA F 474 21.00 -17.77 -5.22
CA ALA F 474 21.64 -17.57 -6.54
C ALA F 474 21.42 -18.83 -7.37
N LEU F 475 21.13 -18.67 -8.67
CA LEU F 475 21.21 -19.79 -9.65
C LEU F 475 22.69 -20.12 -9.88
N THR F 476 22.99 -21.29 -10.42
CA THR F 476 24.36 -21.84 -10.60
C THR F 476 24.59 -22.15 -12.08
N PRO F 477 24.77 -21.12 -12.95
CA PRO F 477 24.96 -21.35 -14.38
C PRO F 477 26.23 -22.19 -14.68
N VAL F 478 26.11 -23.11 -15.64
CA VAL F 478 27.20 -24.02 -16.11
C VAL F 478 28.26 -23.18 -16.84
N VAL F 479 27.87 -22.02 -17.36
CA VAL F 479 28.74 -21.06 -18.10
C VAL F 479 28.16 -19.64 -17.92
N SER F 480 29.01 -18.64 -17.71
CA SER F 480 28.63 -17.19 -17.66
C SER F 480 29.28 -16.44 -18.82
N GLU F 481 28.57 -15.44 -19.38
CA GLU F 481 29.00 -14.58 -20.52
C GLU F 481 29.46 -15.49 -21.67
N ASP G 24 -31.36 -29.96 -64.00
CA ASP G 24 -30.65 -30.93 -64.87
C ASP G 24 -29.31 -30.35 -65.30
N VAL G 25 -28.53 -31.11 -66.06
CA VAL G 25 -27.10 -30.78 -66.38
C VAL G 25 -27.09 -29.54 -67.28
N LEU G 26 -26.31 -28.54 -66.87
CA LEU G 26 -26.06 -27.27 -67.61
C LEU G 26 -27.40 -26.55 -67.88
N GLU G 27 -28.39 -26.69 -67.00
CA GLU G 27 -29.62 -25.84 -67.05
C GLU G 27 -29.20 -24.41 -66.70
N MSE G 28 -29.42 -23.46 -67.64
CA MSE G 28 -29.02 -22.07 -67.46
C MSE G 28 -30.02 -21.36 -66.56
O MSE G 28 -31.22 -21.34 -66.84
CB MSE G 28 -29.02 -21.30 -68.80
CG MSE G 28 -27.78 -21.45 -69.69
SE MSE G 28 -26.02 -21.34 -68.83
CE MSE G 28 -25.93 -23.26 -68.73
N PHE G 29 -29.51 -20.70 -65.51
CA PHE G 29 -30.32 -19.80 -64.71
C PHE G 29 -30.59 -18.53 -65.50
N ASP G 30 -31.68 -17.82 -65.18
CA ASP G 30 -32.06 -16.54 -65.84
C ASP G 30 -31.19 -15.43 -65.25
N VAL G 31 -29.95 -15.33 -65.72
CA VAL G 31 -28.90 -14.42 -65.18
C VAL G 31 -28.28 -13.67 -66.36
N ASN G 32 -28.23 -12.35 -66.28
CA ASN G 32 -27.65 -11.50 -67.35
C ASN G 32 -26.44 -10.75 -66.80
N TYR G 33 -25.63 -10.18 -67.69
CA TYR G 33 -24.46 -9.36 -67.29
C TYR G 33 -24.88 -8.29 -66.27
N GLU G 34 -26.04 -7.67 -66.50
CA GLU G 34 -26.48 -6.48 -65.71
C GLU G 34 -27.35 -6.92 -64.52
N SER G 35 -27.57 -8.22 -64.28
CA SER G 35 -28.36 -8.72 -63.12
C SER G 35 -27.73 -8.18 -61.84
N PRO G 36 -28.53 -7.59 -60.92
CA PRO G 36 -27.99 -6.84 -59.81
C PRO G 36 -27.28 -7.75 -58.78
N ILE G 37 -26.13 -7.28 -58.30
CA ILE G 37 -25.31 -8.00 -57.28
C ILE G 37 -26.06 -8.02 -55.96
N LEU G 38 -25.90 -9.10 -55.19
CA LEU G 38 -26.55 -9.19 -53.86
C LEU G 38 -26.00 -8.10 -52.93
N GLU G 39 -26.86 -7.29 -52.31
CA GLU G 39 -26.41 -6.21 -51.39
C GLU G 39 -27.03 -6.39 -50.01
N SER G 40 -28.03 -7.24 -49.87
CA SER G 40 -28.70 -7.51 -48.56
C SER G 40 -29.19 -8.95 -48.57
N PHE G 41 -29.24 -9.56 -47.39
CA PHE G 41 -29.64 -10.98 -47.27
C PHE G 41 -30.34 -11.17 -45.92
N ASP G 42 -31.55 -11.71 -45.97
CA ASP G 42 -32.40 -12.03 -44.80
C ASP G 42 -32.66 -13.54 -44.85
N SER G 43 -31.94 -14.30 -44.02
CA SER G 43 -32.03 -15.78 -43.96
C SER G 43 -33.45 -16.25 -43.61
N THR G 44 -34.32 -15.37 -43.06
CA THR G 44 -35.70 -15.76 -42.63
C THR G 44 -36.65 -15.81 -43.83
N THR G 45 -36.32 -15.13 -44.95
CA THR G 45 -37.20 -15.03 -46.14
C THR G 45 -36.46 -15.40 -47.42
N GLN G 46 -35.14 -15.46 -47.40
CA GLN G 46 -34.33 -15.70 -48.61
C GLN G 46 -33.43 -16.92 -48.44
N SER G 47 -33.09 -17.55 -49.56
CA SER G 47 -32.19 -18.73 -49.60
C SER G 47 -30.97 -18.37 -50.43
N LEU G 48 -29.78 -18.75 -49.98
CA LEU G 48 -28.54 -18.51 -50.75
C LEU G 48 -28.59 -19.32 -52.06
N ASN G 49 -29.36 -20.41 -52.11
CA ASN G 49 -29.51 -21.22 -53.37
C ASN G 49 -30.07 -20.35 -54.50
N ASP G 50 -30.91 -19.36 -54.19
CA ASP G 50 -31.59 -18.48 -55.18
C ASP G 50 -30.69 -17.28 -55.55
N VAL G 51 -29.58 -17.08 -54.84
CA VAL G 51 -28.61 -15.97 -55.13
C VAL G 51 -27.71 -16.41 -56.28
N HIS G 52 -27.71 -15.67 -57.40
CA HIS G 52 -26.89 -16.06 -58.58
C HIS G 52 -25.89 -14.97 -58.97
N VAL G 53 -25.94 -13.78 -58.37
CA VAL G 53 -24.92 -12.72 -58.62
C VAL G 53 -24.50 -12.15 -57.27
N PHE G 54 -23.22 -12.25 -56.96
CA PHE G 54 -22.70 -11.92 -55.60
C PHE G 54 -21.18 -11.75 -55.60
N MSE G 55 -20.73 -10.98 -54.60
CA MSE G 55 -19.32 -10.81 -54.34
C MSE G 55 -18.85 -12.05 -53.56
O MSE G 55 -19.54 -12.53 -52.67
CB MSE G 55 -19.03 -9.54 -53.55
CG MSE G 55 -17.58 -9.19 -53.49
SE MSE G 55 -16.89 -8.68 -55.30
CE MSE G 55 -18.09 -7.25 -55.86
N SER G 56 -17.72 -12.58 -54.00
CA SER G 56 -17.11 -13.74 -53.37
C SER G 56 -15.58 -13.55 -53.32
N ARG G 57 -14.86 -14.64 -53.03
CA ARG G 57 -13.39 -14.61 -52.99
C ARG G 57 -12.88 -16.01 -53.30
N ILE G 58 -11.78 -16.07 -54.03
CA ILE G 58 -11.10 -17.36 -54.35
C ILE G 58 -9.60 -17.16 -54.23
N GLN G 59 -8.89 -18.26 -53.99
CA GLN G 59 -7.42 -18.26 -53.97
C GLN G 59 -6.91 -18.06 -55.38
N MSE G 60 -5.78 -17.36 -55.46
CA MSE G 60 -4.98 -17.30 -56.68
C MSE G 60 -3.51 -17.31 -56.27
O MSE G 60 -3.16 -16.92 -55.16
CB MSE G 60 -5.31 -16.01 -57.44
CG MSE G 60 -6.75 -15.88 -57.84
SE MSE G 60 -7.20 -17.15 -59.28
CE MSE G 60 -6.20 -16.45 -60.79
N SER G 61 -2.63 -17.69 -57.21
CA SER G 61 -1.21 -17.48 -57.04
C SER G 61 -0.89 -16.02 -57.41
N ALA G 62 -0.30 -15.25 -56.49
CA ALA G 62 0.13 -13.85 -56.73
C ALA G 62 1.67 -13.79 -56.74
N TYR G 63 2.23 -13.07 -57.71
CA TYR G 63 3.69 -13.00 -57.98
C TYR G 63 4.17 -11.56 -57.73
N ASP G 64 5.19 -11.40 -56.88
CA ASP G 64 5.81 -10.07 -56.57
C ASP G 64 6.89 -9.76 -57.62
N ALA G 65 7.51 -8.57 -57.54
CA ALA G 65 8.59 -8.12 -58.46
C ALA G 65 9.87 -8.89 -58.16
N ASP G 66 9.84 -10.21 -58.36
CA ASP G 66 10.93 -11.19 -58.07
C ASP G 66 10.68 -12.46 -58.90
N GLY G 67 9.41 -12.86 -59.02
CA GLY G 67 8.96 -14.04 -59.78
C GLY G 67 8.40 -15.10 -58.86
N GLU G 68 8.54 -14.92 -57.53
CA GLU G 68 8.10 -15.90 -56.51
C GLU G 68 6.59 -15.73 -56.29
N GLY G 69 5.89 -16.87 -56.21
CA GLY G 69 4.43 -16.94 -56.03
C GLY G 69 4.05 -17.25 -54.61
N ARG G 70 2.95 -16.68 -54.11
CA ARG G 70 2.31 -17.11 -52.85
C ARG G 70 0.80 -17.19 -53.09
N ILE G 71 0.11 -18.13 -52.47
CA ILE G 71 -1.36 -18.27 -52.65
C ILE G 71 -2.06 -17.25 -51.74
N GLU G 72 -2.93 -16.43 -52.31
CA GLU G 72 -3.70 -15.37 -51.60
C GLU G 72 -5.15 -15.38 -52.10
N TYR G 73 -6.10 -15.03 -51.25
CA TYR G 73 -7.50 -14.77 -51.66
C TYR G 73 -7.58 -13.45 -52.46
N ARG G 74 -8.45 -13.45 -53.47
CA ARG G 74 -8.85 -12.24 -54.24
C ARG G 74 -10.38 -12.19 -54.26
N ASN G 75 -10.93 -11.03 -53.94
CA ASN G 75 -12.38 -10.75 -54.10
C ASN G 75 -12.71 -10.73 -55.60
N LEU G 76 -13.86 -11.26 -55.95
CA LEU G 76 -14.36 -11.18 -57.35
C LEU G 76 -15.87 -11.32 -57.37
N LYS G 77 -16.49 -10.72 -58.39
CA LYS G 77 -17.93 -10.81 -58.61
C LYS G 77 -18.21 -12.09 -59.40
N LEU G 78 -19.08 -12.92 -58.85
CA LEU G 78 -19.47 -14.21 -59.46
C LEU G 78 -20.91 -14.15 -59.96
N TYR G 79 -21.11 -14.77 -61.11
CA TYR G 79 -22.42 -15.14 -61.66
C TYR G 79 -22.55 -16.66 -61.68
N GLU G 80 -23.58 -17.17 -61.02
CA GLU G 80 -23.91 -18.61 -61.08
C GLU G 80 -24.76 -18.85 -62.32
N ILE G 81 -24.16 -19.37 -63.38
CA ILE G 81 -24.88 -19.53 -64.69
C ILE G 81 -25.66 -20.85 -64.70
N SER G 82 -25.28 -21.81 -63.85
CA SER G 82 -25.94 -23.13 -63.71
C SER G 82 -25.57 -23.62 -62.30
N SER G 83 -26.34 -24.54 -61.73
CA SER G 83 -26.10 -25.01 -60.34
C SER G 83 -24.62 -25.38 -60.14
N GLY G 84 -23.91 -24.68 -59.23
CA GLY G 84 -22.51 -24.96 -58.86
C GLY G 84 -21.47 -24.52 -59.87
N ILE G 85 -21.88 -23.82 -60.95
CA ILE G 85 -20.96 -23.33 -62.00
C ILE G 85 -21.00 -21.80 -62.01
N PHE G 86 -19.87 -21.20 -61.72
CA PHE G 86 -19.74 -19.74 -61.52
C PHE G 86 -18.75 -19.19 -62.52
N ILE G 87 -19.04 -17.98 -63.01
CA ILE G 87 -18.10 -17.25 -63.89
C ILE G 87 -17.90 -15.83 -63.36
N SER G 88 -16.76 -15.24 -63.66
CA SER G 88 -16.43 -13.83 -63.34
C SER G 88 -15.94 -13.16 -64.63
N THR G 89 -16.18 -11.87 -64.77
CA THR G 89 -15.56 -11.07 -65.86
C THR G 89 -14.36 -10.31 -65.32
N ASP G 90 -14.03 -10.51 -64.04
CA ASP G 90 -12.95 -9.77 -63.36
C ASP G 90 -11.59 -10.39 -63.71
N ARG G 91 -10.67 -9.58 -64.22
CA ARG G 91 -9.27 -9.99 -64.43
C ARG G 91 -8.53 -9.71 -63.12
N LEU G 92 -8.18 -10.78 -62.40
CA LEU G 92 -7.64 -10.62 -61.04
C LEU G 92 -6.18 -10.15 -61.08
N ASP G 93 -5.83 -9.31 -60.10
CA ASP G 93 -4.46 -8.77 -59.96
C ASP G 93 -3.62 -9.84 -59.26
N THR G 94 -2.79 -10.55 -60.04
CA THR G 94 -1.87 -11.61 -59.55
C THR G 94 -0.43 -11.16 -59.79
N GLY G 95 -0.21 -9.86 -59.99
CA GLY G 95 1.11 -9.28 -60.27
C GLY G 95 1.37 -9.09 -61.75
N ALA G 96 2.49 -8.46 -62.08
CA ALA G 96 2.92 -8.16 -63.46
C ALA G 96 3.25 -9.47 -64.20
N SER G 97 3.02 -9.50 -65.52
CA SER G 97 3.34 -10.67 -66.38
C SER G 97 4.84 -10.71 -66.67
N GLY G 98 5.53 -9.58 -66.53
CA GLY G 98 6.96 -9.42 -66.86
C GLY G 98 7.20 -9.31 -68.36
N VAL G 99 6.14 -9.17 -69.16
CA VAL G 99 6.23 -9.02 -70.64
C VAL G 99 5.54 -7.71 -71.03
N GLU G 100 6.18 -6.94 -71.93
CA GLU G 100 5.66 -5.64 -72.43
C GLU G 100 4.39 -5.88 -73.26
N ASP G 101 3.49 -4.90 -73.30
CA ASP G 101 2.18 -4.99 -73.99
C ASP G 101 2.39 -5.33 -75.48
N ASP G 102 1.57 -6.24 -76.00
CA ASP G 102 1.47 -6.62 -77.43
C ASP G 102 2.77 -7.29 -77.90
N HIS G 103 3.50 -7.93 -76.99
CA HIS G 103 4.63 -8.83 -77.30
C HIS G 103 4.09 -10.27 -77.37
N GLU G 104 4.58 -11.07 -78.33
CA GLU G 104 4.16 -12.48 -78.52
C GLU G 104 5.38 -13.40 -78.46
N MSE G 105 5.29 -14.41 -77.59
CA MSE G 105 6.20 -15.56 -77.59
C MSE G 105 5.36 -16.83 -77.56
O MSE G 105 5.16 -17.44 -76.52
CB MSE G 105 7.11 -15.57 -76.35
CG MSE G 105 8.14 -14.48 -76.31
SE MSE G 105 7.70 -13.21 -74.89
CE MSE G 105 8.52 -13.74 -73.18
N VAL G 106 4.87 -17.22 -78.76
CA VAL G 106 3.77 -18.17 -78.91
C VAL G 106 2.51 -17.56 -78.28
N ASP G 107 2.49 -17.38 -76.96
CA ASP G 107 1.37 -16.72 -76.25
C ASP G 107 1.48 -15.19 -76.42
N TYR G 108 0.34 -14.50 -76.39
CA TYR G 108 0.23 -13.03 -76.60
C TYR G 108 -0.02 -12.35 -75.25
N TYR G 109 0.76 -11.33 -74.91
CA TYR G 109 0.67 -10.60 -73.63
C TYR G 109 0.10 -9.19 -73.86
N SER G 110 -0.95 -8.83 -73.12
CA SER G 110 -1.44 -7.43 -73.01
C SER G 110 -1.98 -7.17 -71.62
N SER G 111 -1.50 -6.14 -70.94
CA SER G 111 -2.05 -5.74 -69.62
C SER G 111 -3.44 -5.12 -69.82
N ALA G 112 -3.76 -4.68 -71.04
CA ALA G 112 -4.98 -3.91 -71.34
C ALA G 112 -6.23 -4.80 -71.33
N ARG G 113 -6.14 -6.04 -71.82
CA ARG G 113 -7.28 -6.99 -71.93
C ARG G 113 -8.04 -7.04 -70.58
N LEU G 114 -9.33 -6.71 -70.61
CA LEU G 114 -10.26 -6.73 -69.44
C LEU G 114 -9.74 -5.88 -68.26
N THR G 115 -8.88 -4.88 -68.49
CA THR G 115 -8.50 -3.85 -67.47
C THR G 115 -8.73 -2.42 -67.98
N ARG G 116 -8.59 -2.18 -69.28
CA ARG G 116 -8.84 -0.85 -69.90
C ARG G 116 -9.21 -1.08 -71.36
N GLU G 117 -9.34 -0.02 -72.15
CA GLU G 117 -9.68 -0.20 -73.59
C GLU G 117 -8.65 -1.13 -74.23
N PHE G 118 -9.12 -2.06 -75.06
CA PHE G 118 -8.26 -3.06 -75.75
C PHE G 118 -8.91 -3.34 -77.11
N LEU G 119 -8.13 -3.21 -78.20
CA LEU G 119 -8.55 -3.53 -79.59
C LEU G 119 -9.81 -2.72 -79.94
N GLY G 120 -9.90 -1.50 -79.42
CA GLY G 120 -10.99 -0.54 -79.71
C GLY G 120 -12.27 -0.87 -78.95
N GLU G 121 -12.20 -1.67 -77.88
CA GLU G 121 -13.40 -2.03 -77.10
C GLU G 121 -13.22 -1.52 -75.67
N SER G 122 -14.23 -0.83 -75.15
CA SER G 122 -14.23 -0.32 -73.76
C SER G 122 -14.12 -1.51 -72.80
N LEU G 123 -13.68 -1.26 -71.58
CA LEU G 123 -13.69 -2.27 -70.49
C LEU G 123 -15.11 -2.83 -70.32
N ASP G 124 -16.13 -1.98 -70.29
CA ASP G 124 -17.53 -2.44 -70.09
C ASP G 124 -17.96 -3.36 -71.24
N SER G 125 -17.62 -2.99 -72.48
N SER G 125 -17.63 -3.01 -72.49
CA SER G 125 -17.92 -3.83 -73.68
CA SER G 125 -17.95 -3.84 -73.69
C SER G 125 -17.23 -5.19 -73.56
C SER G 125 -17.23 -5.20 -73.59
N GLN G 126 -15.96 -5.19 -73.19
CA GLN G 126 -15.16 -6.43 -73.04
C GLN G 126 -15.78 -7.37 -71.98
N LYS G 127 -16.20 -6.82 -70.84
CA LYS G 127 -16.74 -7.63 -69.71
C LYS G 127 -18.09 -8.21 -70.12
N SER G 128 -18.95 -7.40 -70.76
CA SER G 128 -20.27 -7.83 -71.25
C SER G 128 -20.09 -8.98 -72.26
N ASP G 129 -19.18 -8.80 -73.21
CA ASP G 129 -18.90 -9.80 -74.26
C ASP G 129 -18.36 -11.09 -73.64
N TYR G 130 -17.47 -10.95 -72.66
CA TYR G 130 -16.85 -12.12 -71.98
C TYR G 130 -17.97 -12.97 -71.35
N PHE G 131 -18.89 -12.31 -70.64
CA PHE G 131 -20.07 -12.97 -70.01
C PHE G 131 -20.89 -13.70 -71.09
N GLU G 132 -21.28 -12.97 -72.14
N GLU G 132 -21.28 -12.97 -72.14
CA GLU G 132 -22.11 -13.54 -73.23
CA GLU G 132 -22.11 -13.55 -73.22
C GLU G 132 -21.36 -14.70 -73.91
C GLU G 132 -21.36 -14.71 -73.91
N GLY G 133 -20.04 -14.56 -74.10
CA GLY G 133 -19.23 -15.56 -74.80
C GLY G 133 -19.11 -16.85 -73.99
N ILE G 134 -18.93 -16.72 -72.69
CA ILE G 134 -18.79 -17.96 -71.85
C ILE G 134 -20.17 -18.65 -71.86
N LYS G 135 -21.26 -17.89 -71.71
CA LYS G 135 -22.62 -18.48 -71.75
C LYS G 135 -22.87 -19.16 -73.12
N LYS G 136 -22.38 -18.59 -74.21
CA LYS G 136 -22.60 -19.22 -75.55
C LYS G 136 -21.83 -20.54 -75.63
N VAL G 137 -20.60 -20.58 -75.11
CA VAL G 137 -19.80 -21.84 -75.02
C VAL G 137 -20.57 -22.88 -74.18
N PHE G 138 -21.16 -22.53 -73.04
CA PHE G 138 -21.87 -23.53 -72.20
C PHE G 138 -23.17 -23.95 -72.88
N SER G 139 -23.82 -23.09 -73.66
CA SER G 139 -25.02 -23.44 -74.46
C SER G 139 -24.66 -24.51 -75.51
N PHE G 140 -23.50 -24.38 -76.15
CA PHE G 140 -22.96 -25.41 -77.08
C PHE G 140 -22.79 -26.73 -76.34
N TYR G 141 -22.19 -26.69 -75.15
CA TYR G 141 -21.97 -27.92 -74.34
C TYR G 141 -23.31 -28.59 -74.01
N LYS G 142 -24.32 -27.81 -73.64
CA LYS G 142 -25.67 -28.34 -73.31
C LYS G 142 -26.23 -29.09 -74.53
N ASN G 143 -26.09 -28.53 -75.72
CA ASN G 143 -26.53 -29.18 -76.99
C ASN G 143 -25.76 -30.49 -77.18
N LYS G 144 -24.45 -30.52 -76.88
CA LYS G 144 -23.59 -31.70 -77.13
C LYS G 144 -23.93 -32.82 -76.14
N CYS G 145 -24.32 -32.45 -74.93
CA CYS G 145 -24.80 -33.39 -73.87
C CYS G 145 -26.02 -34.17 -74.39
N ASN G 146 -26.94 -33.49 -75.09
CA ASN G 146 -28.15 -34.11 -75.70
C ASN G 146 -27.76 -35.12 -76.80
N GLU G 147 -26.53 -35.05 -77.35
CA GLU G 147 -26.12 -35.87 -78.53
C GLU G 147 -25.12 -36.98 -78.16
N SER G 148 -24.29 -36.80 -77.13
CA SER G 148 -23.20 -37.73 -76.77
C SER G 148 -23.34 -38.19 -75.31
N ARG G 149 -23.56 -39.49 -75.10
CA ARG G 149 -23.67 -40.09 -73.73
C ARG G 149 -22.38 -39.80 -72.94
N TYR G 150 -21.22 -39.83 -73.59
CA TYR G 150 -19.91 -39.57 -72.92
C TYR G 150 -19.83 -38.12 -72.42
N ILE G 151 -20.31 -37.16 -73.22
CA ILE G 151 -20.27 -35.73 -72.84
C ILE G 151 -21.26 -35.49 -71.70
N LYS G 152 -22.47 -36.06 -71.81
CA LYS G 152 -23.49 -35.95 -70.74
C LYS G 152 -22.91 -36.50 -69.43
N GLU G 153 -22.34 -37.71 -69.45
CA GLU G 153 -21.68 -38.36 -68.29
C GLU G 153 -20.62 -37.42 -67.69
N PHE G 154 -19.75 -36.86 -68.52
CA PHE G 154 -18.68 -35.92 -68.09
C PHE G 154 -19.29 -34.73 -67.32
N PHE G 155 -20.23 -33.99 -67.93
CA PHE G 155 -20.82 -32.79 -67.28
C PHE G 155 -21.63 -33.16 -66.02
N GLU G 156 -22.35 -34.28 -66.03
CA GLU G 156 -23.07 -34.74 -64.82
C GLU G 156 -22.07 -34.86 -63.67
N GLU G 157 -20.91 -35.45 -63.94
CA GLU G 157 -19.82 -35.64 -62.94
C GLU G 157 -19.26 -34.27 -62.51
N ILE G 158 -18.74 -33.45 -63.43
CA ILE G 158 -18.00 -32.24 -62.98
C ILE G 158 -18.97 -31.21 -62.40
N GLN G 159 -20.22 -31.16 -62.87
CA GLN G 159 -21.18 -30.15 -62.37
C GLN G 159 -21.65 -30.53 -60.94
N PHE G 160 -21.98 -31.80 -60.71
CA PHE G 160 -22.80 -32.18 -59.52
C PHE G 160 -22.01 -32.99 -58.50
N ARG G 161 -20.85 -33.54 -58.81
CA ARG G 161 -20.25 -34.51 -57.86
C ARG G 161 -19.97 -33.84 -56.50
N ASN G 162 -20.03 -34.66 -55.45
CA ASN G 162 -19.62 -34.21 -54.09
C ASN G 162 -18.11 -34.10 -54.07
N ILE G 163 -17.58 -33.09 -53.39
CA ILE G 163 -16.12 -32.82 -53.28
C ILE G 163 -15.75 -32.75 -51.80
N CYS G 164 -14.91 -33.70 -51.38
CA CYS G 164 -14.45 -33.78 -49.97
C CYS G 164 -12.94 -33.50 -49.90
N GLY G 165 -12.60 -32.40 -49.24
CA GLY G 165 -11.21 -32.02 -48.96
C GLY G 165 -10.81 -32.43 -47.55
N PHE G 166 -9.53 -32.67 -47.33
CA PHE G 166 -8.98 -32.93 -45.98
C PHE G 166 -7.49 -32.56 -45.98
N PRO G 167 -6.90 -32.24 -44.83
CA PRO G 167 -7.64 -32.13 -43.56
C PRO G 167 -8.57 -30.92 -43.51
N LYS G 168 -9.60 -30.97 -42.66
CA LYS G 168 -10.52 -29.83 -42.40
C LYS G 168 -9.73 -28.65 -41.80
N GLN G 169 -10.07 -27.44 -42.25
CA GLN G 169 -9.32 -26.19 -41.95
C GLN G 169 -10.04 -25.41 -40.85
N ALA G 170 -9.33 -24.43 -40.26
CA ALA G 170 -9.82 -23.54 -39.19
C ALA G 170 -11.27 -23.14 -39.45
N GLY G 171 -12.13 -23.30 -38.45
CA GLY G 171 -13.54 -22.86 -38.50
C GLY G 171 -14.45 -23.88 -39.15
N THR G 172 -13.91 -25.00 -39.66
CA THR G 172 -14.71 -26.11 -40.24
C THR G 172 -14.74 -27.29 -39.27
N SER G 173 -15.93 -27.68 -38.84
CA SER G 173 -16.21 -28.89 -38.03
C SER G 173 -15.98 -30.18 -38.85
N SER G 174 -15.61 -31.26 -38.16
N SER G 174 -15.61 -31.27 -38.19
CA SER G 174 -15.39 -32.61 -38.74
CA SER G 174 -15.38 -32.57 -38.86
C SER G 174 -16.64 -33.07 -39.53
C SER G 174 -16.65 -33.09 -39.55
N THR G 175 -17.84 -32.61 -39.17
CA THR G 175 -19.13 -33.09 -39.77
C THR G 175 -19.76 -32.02 -40.67
N ASP G 176 -19.03 -30.94 -40.97
CA ASP G 176 -19.52 -29.93 -41.95
C ASP G 176 -19.44 -30.52 -43.36
N ILE G 177 -20.49 -30.31 -44.16
CA ILE G 177 -20.50 -30.75 -45.59
C ILE G 177 -19.79 -29.67 -46.41
N PHE G 178 -20.16 -28.41 -46.22
CA PHE G 178 -19.64 -27.31 -47.09
C PHE G 178 -18.50 -26.58 -46.37
N ASP G 179 -17.39 -26.40 -47.07
CA ASP G 179 -16.18 -25.76 -46.51
C ASP G 179 -15.39 -25.13 -47.65
N GLN G 180 -14.16 -24.74 -47.36
CA GLN G 180 -13.33 -23.96 -48.32
C GLN G 180 -13.04 -24.79 -49.58
N PHE G 181 -13.04 -26.12 -49.49
CA PHE G 181 -12.73 -27.01 -50.63
C PHE G 181 -13.88 -27.08 -51.64
N ASN G 182 -15.14 -26.82 -51.26
CA ASN G 182 -16.30 -27.24 -52.10
C ASN G 182 -17.40 -26.18 -52.16
N SER G 183 -17.10 -24.96 -51.74
CA SER G 183 -18.11 -23.88 -51.59
C SER G 183 -17.42 -22.52 -51.68
N VAL G 184 -18.16 -21.52 -52.17
CA VAL G 184 -17.64 -20.13 -52.25
C VAL G 184 -18.46 -19.25 -51.32
N ASP G 185 -17.79 -18.27 -50.74
CA ASP G 185 -18.37 -17.34 -49.74
C ASP G 185 -19.30 -16.35 -50.45
N VAL G 186 -20.39 -16.01 -49.78
CA VAL G 186 -21.28 -14.89 -50.22
C VAL G 186 -20.97 -13.70 -49.31
N LEU G 187 -20.48 -12.60 -49.89
CA LEU G 187 -19.94 -11.43 -49.16
C LEU G 187 -20.85 -10.22 -49.41
N LEU G 188 -21.20 -9.52 -48.34
CA LEU G 188 -21.88 -8.21 -48.44
C LEU G 188 -20.89 -7.11 -48.06
N GLN G 189 -21.32 -5.86 -48.28
CA GLN G 189 -20.48 -4.68 -48.09
C GLN G 189 -20.68 -4.18 -46.66
N ASP G 190 -19.58 -3.88 -45.98
CA ASP G 190 -19.65 -3.10 -44.72
C ASP G 190 -20.14 -1.71 -45.08
N PRO G 191 -21.28 -1.26 -44.53
CA PRO G 191 -21.84 0.05 -44.86
C PRO G 191 -20.85 1.21 -44.65
N VAL G 192 -20.04 1.14 -43.59
CA VAL G 192 -19.19 2.28 -43.16
C VAL G 192 -17.89 2.30 -43.97
N THR G 193 -17.22 1.16 -44.13
CA THR G 193 -15.91 1.09 -44.82
C THR G 193 -16.09 0.81 -46.32
N SER G 194 -17.26 0.36 -46.77
CA SER G 194 -17.55 -0.13 -48.15
C SER G 194 -16.71 -1.35 -48.55
N VAL G 195 -16.02 -2.00 -47.61
CA VAL G 195 -15.23 -3.22 -47.92
C VAL G 195 -16.22 -4.40 -48.02
N TRP G 196 -16.05 -5.23 -49.05
CA TRP G 196 -16.85 -6.46 -49.26
C TRP G 196 -16.23 -7.58 -48.41
N ASN G 197 -16.59 -7.65 -47.12
CA ASN G 197 -15.94 -8.59 -46.18
C ASN G 197 -16.94 -9.11 -45.14
N LYS G 198 -18.25 -8.89 -45.36
CA LYS G 198 -19.33 -9.42 -44.49
C LYS G 198 -19.83 -10.76 -45.06
N LYS G 199 -19.34 -11.87 -44.54
CA LYS G 199 -19.78 -13.22 -45.00
C LYS G 199 -21.18 -13.53 -44.44
N VAL G 200 -22.12 -13.88 -45.32
CA VAL G 200 -23.51 -14.23 -44.87
C VAL G 200 -23.79 -15.71 -45.14
N GLY G 201 -22.84 -16.42 -45.73
CA GLY G 201 -22.95 -17.86 -46.01
C GLY G 201 -22.05 -18.29 -47.13
N SER G 202 -22.32 -19.48 -47.65
CA SER G 202 -21.54 -20.07 -48.75
C SER G 202 -22.48 -20.86 -49.65
N LYS G 203 -22.02 -21.11 -50.88
CA LYS G 203 -22.78 -21.82 -51.91
C LYS G 203 -21.89 -22.95 -52.45
N LYS G 204 -22.53 -24.08 -52.69
CA LYS G 204 -21.87 -25.26 -53.30
C LYS G 204 -21.18 -24.80 -54.59
N ALA G 205 -19.91 -25.14 -54.75
CA ALA G 205 -19.10 -24.76 -55.94
C ALA G 205 -18.36 -25.98 -56.48
N ASN G 206 -18.48 -26.23 -57.79
CA ASN G 206 -17.75 -27.29 -58.51
C ASN G 206 -16.78 -26.69 -59.53
N ILE G 207 -17.21 -25.57 -60.16
CA ILE G 207 -16.51 -25.03 -61.36
C ILE G 207 -16.53 -23.49 -61.29
N VAL G 208 -15.36 -22.86 -61.38
CA VAL G 208 -15.25 -21.38 -61.47
C VAL G 208 -14.45 -21.06 -62.73
N ILE G 209 -15.02 -20.22 -63.62
CA ILE G 209 -14.37 -19.84 -64.90
C ILE G 209 -14.12 -18.33 -64.81
N ILE G 210 -12.88 -17.92 -64.97
CA ILE G 210 -12.45 -16.50 -64.92
C ILE G 210 -11.52 -16.23 -66.10
N PRO G 211 -11.32 -14.96 -66.46
CA PRO G 211 -10.31 -14.62 -67.46
C PRO G 211 -8.89 -14.89 -66.97
N PRO G 212 -7.93 -15.14 -67.89
CA PRO G 212 -6.52 -15.15 -67.53
C PRO G 212 -6.14 -13.91 -66.70
N ALA G 213 -5.56 -14.13 -65.52
CA ALA G 213 -5.21 -13.06 -64.56
C ALA G 213 -4.07 -12.18 -65.11
N THR G 214 -3.69 -11.13 -64.37
CA THR G 214 -2.73 -10.10 -64.85
C THR G 214 -1.38 -10.75 -65.18
N ASN G 215 -0.95 -11.80 -64.47
CA ASN G 215 0.41 -12.38 -64.65
C ASN G 215 0.45 -13.23 -65.94
N LEU G 216 -0.69 -13.61 -66.50
CA LEU G 216 -0.75 -14.57 -67.64
C LEU G 216 -0.91 -13.82 -68.96
N PRO G 217 -0.46 -14.47 -70.06
CA PRO G 217 -0.79 -13.99 -71.41
C PRO G 217 -2.29 -14.20 -71.63
N ILE G 218 -2.89 -13.40 -72.51
CA ILE G 218 -4.35 -13.37 -72.73
C ILE G 218 -4.80 -14.66 -73.42
N THR G 219 -3.87 -15.41 -74.01
CA THR G 219 -4.15 -16.64 -74.79
C THR G 219 -3.99 -17.89 -73.91
N GLU G 220 -3.59 -17.74 -72.65
CA GLU G 220 -3.39 -18.89 -71.75
C GLU G 220 -4.74 -19.49 -71.36
N ALA G 221 -4.80 -20.82 -71.22
CA ALA G 221 -5.90 -21.53 -70.53
C ALA G 221 -5.23 -22.37 -69.43
N CYS G 222 -5.71 -22.28 -68.20
CA CYS G 222 -4.97 -22.87 -67.04
C CYS G 222 -6.02 -23.35 -66.04
N ALA G 223 -5.97 -24.62 -65.65
CA ALA G 223 -6.85 -25.15 -64.58
C ALA G 223 -6.03 -25.26 -63.29
N THR G 224 -6.60 -24.85 -62.17
CA THR G 224 -5.93 -24.91 -60.84
C THR G 224 -6.91 -25.48 -59.81
N ALA G 225 -6.35 -26.12 -58.78
CA ALA G 225 -7.12 -26.45 -57.57
C ALA G 225 -7.71 -25.14 -57.02
N GLY G 226 -9.03 -25.12 -56.83
CA GLY G 226 -9.78 -23.95 -56.37
C GLY G 226 -9.34 -23.52 -54.99
N PHE G 227 -9.06 -24.50 -54.13
CA PHE G 227 -8.64 -24.22 -52.75
C PHE G 227 -7.54 -25.21 -52.37
N GLN G 228 -6.44 -24.72 -51.81
CA GLN G 228 -5.34 -25.56 -51.27
C GLN G 228 -5.07 -25.11 -49.85
N PRO G 229 -4.99 -26.06 -48.88
CA PRO G 229 -4.58 -25.73 -47.52
C PRO G 229 -3.08 -25.41 -47.49
N GLU G 230 -2.57 -24.94 -46.37
CA GLU G 230 -1.09 -24.76 -46.21
C GLU G 230 -0.47 -26.16 -46.26
N GLY G 231 0.80 -26.25 -46.66
CA GLY G 231 1.51 -27.54 -46.73
C GLY G 231 1.13 -28.31 -47.98
N PHE G 232 1.56 -29.57 -48.08
CA PHE G 232 1.54 -30.34 -49.35
C PHE G 232 0.15 -30.93 -49.57
N PRO G 233 -0.39 -30.86 -50.80
CA PRO G 233 -1.73 -31.40 -51.05
C PRO G 233 -1.68 -32.93 -50.94
N LYS G 234 -2.78 -33.51 -50.45
CA LYS G 234 -2.90 -34.99 -50.29
C LYS G 234 -3.70 -35.59 -51.45
N LEU G 235 -3.20 -36.69 -52.01
CA LEU G 235 -3.98 -37.51 -52.97
C LEU G 235 -5.29 -37.95 -52.32
N GLY G 236 -6.40 -37.75 -53.00
CA GLY G 236 -7.76 -38.11 -52.55
C GLY G 236 -8.52 -36.93 -51.98
N SER G 237 -7.82 -35.82 -51.72
CA SER G 237 -8.43 -34.59 -51.14
C SER G 237 -8.86 -33.68 -52.32
N GLY G 238 -10.15 -33.56 -52.51
CA GLY G 238 -10.69 -32.82 -53.69
C GLY G 238 -10.94 -31.36 -53.40
N SER G 239 -11.03 -30.56 -54.48
CA SER G 239 -11.39 -29.13 -54.44
C SER G 239 -12.21 -28.81 -55.69
N PHE G 240 -13.15 -27.87 -55.61
CA PHE G 240 -13.66 -27.22 -56.85
C PHE G 240 -12.42 -26.80 -57.64
N PHE G 241 -12.61 -26.56 -58.95
CA PHE G 241 -11.48 -26.12 -59.79
C PHE G 241 -11.82 -24.77 -60.43
N THR G 242 -10.76 -24.00 -60.60
CA THR G 242 -10.79 -22.67 -61.29
C THR G 242 -10.14 -22.89 -62.64
N VAL G 243 -10.76 -22.37 -63.70
CA VAL G 243 -10.13 -22.36 -65.03
C VAL G 243 -9.98 -20.88 -65.42
N GLN G 244 -8.76 -20.48 -65.75
CA GLN G 244 -8.50 -19.20 -66.45
C GLN G 244 -8.64 -19.47 -67.95
N PHE G 245 -9.56 -18.75 -68.62
CA PHE G 245 -9.93 -19.09 -70.01
C PHE G 245 -10.62 -17.90 -70.66
N ASP G 246 -10.30 -17.66 -71.94
CA ASP G 246 -10.92 -16.54 -72.70
C ASP G 246 -11.15 -17.03 -74.12
N PRO G 247 -12.42 -17.30 -74.53
CA PRO G 247 -12.70 -17.90 -75.82
C PRO G 247 -12.59 -16.92 -77.00
N PHE G 248 -12.30 -15.66 -76.69
CA PHE G 248 -12.19 -14.58 -77.72
C PHE G 248 -10.80 -14.54 -78.33
N PHE G 249 -9.87 -15.40 -77.89
CA PHE G 249 -8.53 -15.54 -78.49
C PHE G 249 -8.18 -17.00 -78.54
N SER G 250 -7.33 -17.36 -79.46
CA SER G 250 -6.81 -18.73 -79.60
C SER G 250 -5.46 -18.66 -80.33
N THR G 251 -4.78 -19.79 -80.46
CA THR G 251 -3.45 -19.87 -81.11
C THR G 251 -3.53 -20.94 -82.20
N ARG G 252 -2.71 -20.78 -83.22
CA ARG G 252 -2.61 -21.75 -84.32
C ARG G 252 -1.81 -22.98 -83.85
N PHE G 253 -1.97 -24.08 -84.57
CA PHE G 253 -1.20 -25.33 -84.38
C PHE G 253 -0.88 -25.90 -85.76
N LYS G 254 0.20 -26.69 -85.84
CA LYS G 254 0.58 -27.47 -87.05
C LYS G 254 -0.02 -28.87 -86.92
N ALA G 255 -0.73 -29.33 -87.96
CA ALA G 255 -1.48 -30.60 -87.97
C ALA G 255 -0.81 -31.57 -88.97
N ASP G 260 -2.70 -28.60 -92.63
CA ASP G 260 -1.31 -28.18 -92.30
C ASP G 260 -1.35 -27.29 -91.04
N VAL G 261 -1.92 -26.08 -91.13
CA VAL G 261 -2.10 -25.16 -89.98
C VAL G 261 -3.60 -24.85 -89.82
N ALA G 262 -4.02 -24.62 -88.59
CA ALA G 262 -5.42 -24.33 -88.21
C ALA G 262 -5.42 -23.68 -86.83
N LEU G 263 -6.58 -23.28 -86.34
CA LEU G 263 -6.71 -22.60 -85.04
C LEU G 263 -7.23 -23.61 -84.02
N LEU G 264 -6.67 -23.58 -82.81
CA LEU G 264 -7.21 -24.36 -81.67
C LEU G 264 -8.65 -23.89 -81.41
N ASP G 265 -9.58 -24.83 -81.29
CA ASP G 265 -11.01 -24.53 -81.03
C ASP G 265 -11.16 -24.23 -79.54
N PRO G 266 -11.53 -23.01 -79.11
CA PRO G 266 -11.66 -22.71 -77.67
C PRO G 266 -12.59 -23.67 -76.92
N THR G 267 -13.63 -24.22 -77.58
CA THR G 267 -14.58 -25.14 -76.88
C THR G 267 -13.82 -26.42 -76.52
N LEU G 268 -12.83 -26.82 -77.32
CA LEU G 268 -12.02 -28.03 -77.01
C LEU G 268 -10.98 -27.68 -75.94
N THR G 269 -10.35 -26.52 -76.01
CA THR G 269 -9.39 -25.99 -75.00
C THR G 269 -10.08 -26.05 -73.63
N LEU G 270 -11.31 -25.56 -73.54
CA LEU G 270 -11.98 -25.51 -72.22
C LEU G 270 -12.29 -26.94 -71.74
N LEU G 271 -12.73 -27.84 -72.63
CA LEU G 271 -13.00 -29.27 -72.25
C LEU G 271 -11.72 -29.91 -71.72
N HIS G 272 -10.58 -29.67 -72.36
CA HIS G 272 -9.26 -30.13 -71.87
C HIS G 272 -9.05 -29.62 -70.44
N GLU G 273 -9.21 -28.33 -70.20
CA GLU G 273 -8.92 -27.71 -68.89
C GLU G 273 -9.90 -28.26 -67.85
N MSE G 274 -11.15 -28.56 -68.25
CA MSE G 274 -12.12 -29.04 -67.28
C MSE G 274 -11.88 -30.53 -66.96
O MSE G 274 -12.39 -31.02 -65.95
CB MSE G 274 -13.54 -28.75 -67.78
CG MSE G 274 -13.88 -27.26 -67.72
SE MSE G 274 -15.73 -26.82 -68.05
CE MSE G 274 -16.00 -27.85 -69.62
N THR G 275 -11.14 -31.22 -67.82
CA THR G 275 -10.72 -32.60 -67.56
C THR G 275 -9.64 -32.60 -66.47
N HIS G 276 -8.63 -31.71 -66.55
CA HIS G 276 -7.76 -31.41 -65.37
C HIS G 276 -8.66 -31.08 -64.17
N GLY G 277 -9.71 -30.29 -64.40
CA GLY G 277 -10.68 -29.93 -63.37
C GLY G 277 -11.21 -31.15 -62.66
N LEU G 278 -11.71 -32.14 -63.41
CA LEU G 278 -12.25 -33.38 -62.78
C LEU G 278 -11.17 -34.02 -61.89
N HIS G 279 -9.92 -34.03 -62.34
CA HIS G 279 -8.79 -34.62 -61.55
C HIS G 279 -8.63 -33.81 -60.25
N PHE G 280 -8.74 -32.49 -60.29
CA PHE G 280 -8.65 -31.64 -59.06
C PHE G 280 -9.84 -31.92 -58.13
N GLN G 281 -11.02 -32.19 -58.68
CA GLN G 281 -12.23 -32.43 -57.85
C GLN G 281 -12.05 -33.73 -57.04
N LYS G 282 -11.33 -34.68 -57.57
CA LYS G 282 -11.06 -35.98 -56.85
C LYS G 282 -9.72 -35.95 -56.12
N GLY G 283 -8.90 -34.92 -56.27
CA GLY G 283 -7.56 -34.89 -55.65
C GLY G 283 -6.63 -35.92 -56.26
N ILE G 284 -6.70 -36.12 -57.58
CA ILE G 284 -5.83 -37.11 -58.28
C ILE G 284 -4.98 -36.44 -59.37
N ALA G 285 -4.93 -35.11 -59.37
CA ALA G 285 -4.27 -34.34 -60.45
C ALA G 285 -2.77 -34.18 -60.18
N ASN G 286 -2.37 -34.07 -58.91
CA ASN G 286 -1.06 -33.47 -58.58
C ASN G 286 -0.36 -34.33 -57.53
N PRO G 287 0.08 -35.56 -57.87
CA PRO G 287 0.78 -36.38 -56.89
C PRO G 287 2.11 -35.70 -56.54
N VAL G 288 2.40 -35.57 -55.24
CA VAL G 288 3.69 -35.03 -54.76
C VAL G 288 4.19 -35.97 -53.65
N ASN G 289 5.50 -36.04 -53.51
CA ASN G 289 6.17 -36.87 -52.47
C ASN G 289 6.17 -36.08 -51.16
N ARG G 290 6.84 -36.59 -50.13
CA ARG G 290 6.88 -35.99 -48.77
C ARG G 290 7.72 -34.71 -48.77
N SER G 291 8.50 -34.45 -49.83
CA SER G 291 9.26 -33.20 -50.03
C SER G 291 8.42 -32.18 -50.82
N GLY G 292 7.22 -32.59 -51.24
CA GLY G 292 6.28 -31.74 -52.00
C GLY G 292 6.62 -31.70 -53.49
N GLU G 293 7.46 -32.61 -53.96
CA GLU G 293 7.91 -32.66 -55.39
C GLU G 293 7.19 -33.77 -56.15
N THR G 294 6.98 -33.56 -57.45
CA THR G 294 6.41 -34.56 -58.37
C THR G 294 7.35 -35.77 -58.40
N PRO G 295 6.88 -37.00 -58.09
CA PRO G 295 7.75 -38.17 -58.13
C PRO G 295 8.14 -38.53 -59.58
N ALA G 296 9.28 -39.20 -59.74
CA ALA G 296 9.85 -39.60 -61.04
C ALA G 296 8.83 -40.45 -61.82
N TRP G 297 7.98 -41.22 -61.13
CA TRP G 297 7.01 -42.14 -61.79
C TRP G 297 5.82 -41.37 -62.37
N ALA G 298 5.71 -40.09 -62.04
CA ALA G 298 4.59 -39.23 -62.48
C ALA G 298 5.01 -38.44 -63.72
N THR G 299 6.23 -38.60 -64.21
CA THR G 299 6.70 -37.87 -65.43
C THR G 299 7.24 -38.88 -66.41
N THR G 300 7.15 -38.58 -67.70
CA THR G 300 7.66 -39.48 -68.76
C THR G 300 8.49 -38.64 -69.73
N TRP G 301 9.43 -39.33 -70.40
CA TRP G 301 10.31 -38.85 -71.48
C TRP G 301 9.60 -39.16 -72.81
N GLY G 302 9.12 -38.14 -73.53
CA GLY G 302 8.30 -38.30 -74.74
C GLY G 302 8.65 -37.32 -75.85
N ARG G 303 8.38 -37.70 -77.10
CA ARG G 303 8.57 -36.88 -78.33
C ARG G 303 7.78 -35.57 -78.20
N VAL G 304 8.43 -34.44 -78.50
CA VAL G 304 7.84 -33.07 -78.39
C VAL G 304 6.95 -32.81 -79.61
N THR G 305 7.47 -33.01 -80.83
CA THR G 305 6.71 -32.93 -82.10
C THR G 305 7.27 -33.93 -83.13
N GLY G 306 6.54 -34.13 -84.24
CA GLY G 306 7.03 -34.83 -85.44
C GLY G 306 7.93 -33.93 -86.26
N ASP G 307 8.66 -34.51 -87.24
CA ASP G 307 9.66 -33.81 -88.09
C ASP G 307 10.67 -33.09 -87.19
N ASN G 308 11.15 -33.81 -86.15
CA ASN G 308 12.04 -33.31 -85.07
C ASN G 308 12.13 -34.43 -84.03
N ASP G 309 13.35 -34.83 -83.64
CA ASP G 309 13.57 -35.92 -82.65
C ASP G 309 13.75 -35.34 -81.25
N ALA G 310 13.25 -34.12 -80.99
CA ALA G 310 13.28 -33.48 -79.66
C ALA G 310 12.41 -34.29 -78.68
N PHE G 311 12.90 -34.47 -77.46
CA PHE G 311 12.17 -35.06 -76.31
C PHE G 311 12.15 -34.07 -75.15
N LYS G 312 11.08 -34.14 -74.35
CA LYS G 312 10.85 -33.28 -73.16
C LYS G 312 10.21 -34.15 -72.07
N GLU G 313 10.56 -33.88 -70.80
CA GLU G 313 9.82 -34.44 -69.66
C GLU G 313 8.42 -33.82 -69.65
N THR G 314 7.39 -34.66 -69.50
CA THR G 314 5.96 -34.27 -69.42
C THR G 314 5.28 -35.07 -68.32
N PRO G 315 4.47 -34.42 -67.46
CA PRO G 315 3.68 -35.15 -66.48
C PRO G 315 2.66 -36.10 -67.11
N MSE G 316 2.50 -37.29 -66.53
CA MSE G 316 1.46 -38.21 -66.95
C MSE G 316 0.08 -37.57 -66.83
O MSE G 316 -0.83 -37.93 -67.59
CB MSE G 316 1.48 -39.48 -66.06
CG MSE G 316 2.47 -40.48 -66.50
SE MSE G 316 1.89 -41.26 -68.23
CE MSE G 316 0.73 -42.79 -67.88
N GLU G 317 -0.10 -36.64 -65.89
CA GLU G 317 -1.35 -35.91 -65.74
C GLU G 317 -1.68 -35.18 -67.06
N GLU G 318 -0.66 -34.66 -67.71
CA GLU G 318 -0.86 -33.95 -69.01
C GLU G 318 -1.18 -34.99 -70.09
N LEU G 319 -0.42 -36.08 -70.19
CA LEU G 319 -0.64 -37.01 -71.35
C LEU G 319 -2.02 -37.66 -71.23
N LEU G 320 -2.46 -37.98 -70.00
CA LEU G 320 -3.76 -38.68 -69.77
C LEU G 320 -4.93 -37.70 -69.97
N THR G 321 -4.67 -36.40 -69.88
CA THR G 321 -5.72 -35.36 -70.10
C THR G 321 -5.78 -35.08 -71.62
N PHE G 322 -4.66 -35.16 -72.30
CA PHE G 322 -4.51 -34.73 -73.72
C PHE G 322 -4.91 -35.88 -74.65
N ASN G 323 -4.19 -37.01 -74.56
CA ASN G 323 -4.36 -38.14 -75.49
C ASN G 323 -3.52 -39.33 -75.01
N LYS G 324 -4.20 -40.34 -74.46
CA LYS G 324 -3.61 -41.64 -74.03
C LYS G 324 -2.62 -42.15 -75.08
N HIS G 325 -2.95 -41.99 -76.37
CA HIS G 325 -2.14 -42.47 -77.53
C HIS G 325 -0.74 -41.85 -77.52
N THR G 326 -0.56 -40.70 -76.88
CA THR G 326 0.73 -39.98 -76.79
C THR G 326 1.66 -40.69 -75.77
N ILE G 327 1.13 -41.60 -74.94
CA ILE G 327 1.96 -42.39 -73.99
C ILE G 327 2.80 -43.40 -74.77
N ASP G 328 2.18 -44.13 -75.71
CA ASP G 328 2.87 -45.12 -76.58
C ASP G 328 2.02 -45.33 -77.84
N ASP G 329 2.66 -45.61 -78.98
CA ASP G 329 1.98 -45.89 -80.27
C ASP G 329 1.05 -47.09 -80.15
N ASP G 330 1.38 -48.04 -79.28
CA ASP G 330 0.56 -49.25 -79.02
C ASP G 330 -0.47 -48.89 -77.95
N ILE G 331 -1.77 -49.00 -78.27
CA ILE G 331 -2.88 -48.66 -77.33
C ILE G 331 -2.74 -49.52 -76.06
N GLU G 332 -2.43 -50.81 -76.23
CA GLU G 332 -2.41 -51.73 -75.06
C GLU G 332 -1.24 -51.34 -74.15
N ILE G 333 -0.12 -50.93 -74.72
CA ILE G 333 1.04 -50.45 -73.91
C ILE G 333 0.66 -49.14 -73.21
N SER G 334 -0.01 -48.23 -73.91
CA SER G 334 -0.52 -46.98 -73.29
C SER G 334 -1.42 -47.31 -72.10
N ASP G 335 -2.33 -48.28 -72.27
CA ASP G 335 -3.31 -48.69 -71.22
C ASP G 335 -2.55 -49.28 -70.03
N HIS G 336 -1.48 -50.05 -70.30
CA HIS G 336 -0.67 -50.68 -69.21
C HIS G 336 0.07 -49.58 -68.44
N LEU G 337 0.63 -48.58 -69.13
CA LEU G 337 1.38 -47.49 -68.46
C LEU G 337 0.41 -46.62 -67.66
N LYS G 338 -0.77 -46.36 -68.21
CA LYS G 338 -1.87 -45.65 -67.52
C LYS G 338 -2.21 -46.44 -66.25
N SER G 339 -2.42 -47.76 -66.39
CA SER G 339 -2.80 -48.64 -65.25
C SER G 339 -1.73 -48.58 -64.15
N THR G 340 -0.45 -48.60 -64.51
CA THR G 340 0.70 -48.52 -63.55
C THR G 340 0.64 -47.19 -62.77
N TYR G 341 0.47 -46.08 -63.49
CA TYR G 341 0.36 -44.74 -62.88
C TYR G 341 -0.83 -44.68 -61.92
N ILE G 342 -1.98 -45.18 -62.34
CA ILE G 342 -3.22 -45.14 -61.51
C ILE G 342 -2.97 -46.03 -60.28
N GLY G 343 -2.28 -47.12 -60.48
CA GLY G 343 -1.88 -48.00 -59.34
C GLY G 343 -1.10 -47.23 -58.29
N PHE G 344 -0.13 -46.40 -58.70
CA PHE G 344 0.69 -45.57 -57.77
C PHE G 344 -0.15 -44.45 -57.16
N LEU G 345 -1.03 -43.76 -57.93
CA LEU G 345 -1.95 -42.79 -57.29
C LEU G 345 -2.73 -43.48 -56.14
N TYR G 346 -3.18 -44.71 -56.39
CA TYR G 346 -4.09 -45.46 -55.50
C TYR G 346 -3.31 -45.97 -54.26
N ASN G 347 -2.17 -46.60 -54.47
CA ASN G 347 -1.45 -47.36 -53.38
C ASN G 347 -0.31 -46.51 -52.81
N GLY G 348 0.00 -45.37 -53.44
CA GLY G 348 1.24 -44.63 -53.18
C GLY G 348 2.48 -45.45 -53.50
N ARG G 349 3.64 -45.00 -53.06
CA ARG G 349 4.90 -45.75 -53.26
C ARG G 349 5.88 -45.46 -52.12
N ASN G 350 6.45 -46.52 -51.56
CA ASN G 350 7.51 -46.43 -50.52
C ASN G 350 8.87 -46.45 -51.21
N GLU G 351 9.69 -45.43 -50.97
CA GLU G 351 11.04 -45.30 -51.56
C GLU G 351 12.11 -45.52 -50.48
N ASP G 352 13.29 -46.03 -50.86
CA ASP G 352 14.43 -46.25 -49.92
C ASP G 352 14.89 -44.90 -49.32
N ASP G 353 14.66 -43.80 -50.04
CA ASP G 353 14.74 -42.42 -49.49
C ASP G 353 13.33 -41.99 -49.06
N PRO G 354 13.00 -41.94 -47.76
CA PRO G 354 11.62 -41.70 -47.34
C PRO G 354 11.06 -40.34 -47.78
N THR G 355 11.93 -39.37 -48.06
CA THR G 355 11.55 -38.01 -48.54
C THR G 355 10.95 -38.15 -49.95
N GLU G 356 11.21 -39.26 -50.65
CA GLU G 356 10.70 -39.51 -52.01
C GLU G 356 9.44 -40.38 -51.99
N SER G 357 9.01 -40.89 -50.81
CA SER G 357 7.77 -41.70 -50.74
C SER G 357 6.55 -40.84 -51.09
N VAL G 358 5.51 -41.48 -51.60
CA VAL G 358 4.20 -40.82 -51.89
C VAL G 358 3.09 -41.56 -51.16
N ASP G 359 2.24 -40.81 -50.48
CA ASP G 359 1.05 -41.32 -49.76
C ASP G 359 -0.09 -41.43 -50.77
N GLY G 360 -0.64 -42.62 -50.98
CA GLY G 360 -1.70 -42.88 -51.98
C GLY G 360 -3.09 -42.44 -51.54
N VAL G 361 -4.02 -42.43 -52.49
CA VAL G 361 -5.46 -42.16 -52.21
C VAL G 361 -5.96 -43.13 -51.12
N TYR G 362 -5.69 -44.43 -51.25
CA TYR G 362 -6.32 -45.42 -50.33
C TYR G 362 -5.94 -45.09 -48.88
N GLN G 363 -4.65 -44.93 -48.59
CA GLN G 363 -4.18 -44.65 -47.20
C GLN G 363 -4.71 -43.28 -46.74
N ASN G 364 -4.70 -42.27 -47.61
CA ASN G 364 -5.14 -40.93 -47.18
C ASN G 364 -6.63 -40.94 -46.87
N VAL G 365 -7.46 -41.50 -47.75
CA VAL G 365 -8.92 -41.48 -47.58
C VAL G 365 -9.30 -42.42 -46.42
N SER G 366 -8.71 -43.60 -46.37
CA SER G 366 -9.04 -44.55 -45.27
C SER G 366 -8.67 -43.90 -43.93
N SER G 367 -7.50 -43.26 -43.84
CA SER G 367 -7.02 -42.60 -42.59
C SER G 367 -8.01 -41.51 -42.19
N PHE G 368 -8.41 -40.68 -43.14
CA PHE G 368 -9.38 -39.59 -42.91
C PHE G 368 -10.70 -40.17 -42.40
N LEU G 369 -11.25 -41.20 -43.03
CA LEU G 369 -12.62 -41.65 -42.72
C LEU G 369 -12.57 -42.49 -41.42
N ASN G 370 -11.44 -43.14 -41.16
N ASN G 370 -11.44 -43.14 -41.16
CA ASN G 370 -11.28 -43.98 -39.93
CA ASN G 370 -11.24 -43.98 -39.94
C ASN G 370 -11.43 -43.11 -38.68
C ASN G 370 -11.43 -43.11 -38.69
N GLN G 371 -11.16 -41.80 -38.79
CA GLN G 371 -11.33 -40.86 -37.64
C GLN G 371 -12.76 -40.92 -37.10
N TYR G 372 -13.74 -41.22 -37.94
CA TYR G 372 -15.18 -41.14 -37.60
C TYR G 372 -15.66 -42.42 -36.89
N ARG G 373 -14.84 -43.48 -36.86
CA ARG G 373 -15.22 -44.79 -36.25
C ARG G 373 -15.77 -44.55 -34.84
N GLY G 374 -17.03 -44.93 -34.64
CA GLY G 374 -17.71 -44.95 -33.33
C GLY G 374 -18.46 -43.67 -33.05
N PHE G 375 -18.36 -42.64 -33.90
CA PHE G 375 -18.99 -41.31 -33.67
C PHE G 375 -20.33 -41.24 -34.40
N GLU G 376 -21.35 -40.76 -33.71
CA GLU G 376 -22.68 -40.44 -34.31
C GLU G 376 -22.45 -39.30 -35.30
N ILE G 377 -22.84 -39.52 -36.54
CA ILE G 377 -22.80 -38.45 -37.59
C ILE G 377 -24.19 -38.33 -38.19
N SER G 378 -24.52 -37.14 -38.70
CA SER G 378 -25.81 -36.89 -39.39
C SER G 378 -25.91 -37.81 -40.61
N SER G 379 -27.13 -38.18 -40.99
CA SER G 379 -27.38 -38.90 -42.26
C SER G 379 -26.89 -38.05 -43.45
N ASP G 380 -27.01 -36.72 -43.38
CA ASP G 380 -26.57 -35.85 -44.52
C ASP G 380 -25.05 -36.01 -44.69
N PHE G 381 -24.27 -36.00 -43.61
CA PHE G 381 -22.79 -36.11 -43.72
C PHE G 381 -22.42 -37.52 -44.19
N GLN G 382 -23.06 -38.54 -43.61
CA GLN G 382 -22.84 -39.95 -44.04
C GLN G 382 -23.04 -40.05 -45.57
N HIS G 383 -24.18 -39.55 -46.06
CA HIS G 383 -24.57 -39.64 -47.50
C HIS G 383 -23.57 -38.88 -48.36
N PHE G 384 -23.13 -37.72 -47.89
CA PHE G 384 -22.13 -36.87 -48.58
C PHE G 384 -20.85 -37.67 -48.83
N ILE G 385 -20.33 -38.32 -47.79
CA ILE G 385 -19.08 -39.11 -47.94
C ILE G 385 -19.35 -40.33 -48.84
N GLU G 386 -20.47 -41.03 -48.63
CA GLU G 386 -20.80 -42.27 -49.38
C GLU G 386 -20.82 -41.93 -50.88
N SER G 387 -21.48 -40.82 -51.22
CA SER G 387 -21.60 -40.37 -52.64
C SER G 387 -20.21 -40.00 -53.15
N CYS G 388 -19.44 -39.26 -52.36
CA CYS G 388 -18.10 -38.75 -52.77
C CYS G 388 -17.17 -39.89 -53.19
N TYR G 389 -17.00 -40.89 -52.34
CA TYR G 389 -15.94 -41.90 -52.50
C TYR G 389 -16.52 -43.24 -52.97
N GLY G 390 -17.85 -43.36 -53.02
CA GLY G 390 -18.55 -44.59 -53.39
C GLY G 390 -18.31 -45.65 -52.34
N VAL G 391 -18.33 -45.25 -51.08
CA VAL G 391 -18.13 -46.13 -49.89
C VAL G 391 -19.48 -46.33 -49.20
N LYS G 392 -19.53 -47.25 -48.24
CA LYS G 392 -20.78 -47.57 -47.52
C LYS G 392 -20.55 -47.26 -46.04
N TYR G 393 -21.60 -47.35 -45.24
CA TYR G 393 -21.57 -47.06 -43.79
C TYR G 393 -22.17 -48.23 -43.02
N ASN G 394 -21.51 -48.59 -41.93
CA ASN G 394 -21.93 -49.66 -41.01
C ASN G 394 -22.58 -48.98 -39.82
N GLN G 395 -23.91 -49.08 -39.68
CA GLN G 395 -24.69 -48.37 -38.64
C GLN G 395 -24.31 -48.93 -37.27
N GLU G 396 -24.06 -50.24 -37.21
CA GLU G 396 -23.82 -50.97 -35.93
C GLU G 396 -22.54 -50.44 -35.27
N SER G 397 -21.45 -50.35 -36.03
N SER G 397 -21.46 -50.35 -36.04
CA SER G 397 -20.12 -49.90 -35.55
CA SER G 397 -20.11 -49.92 -35.57
C SER G 397 -19.90 -48.40 -35.80
C SER G 397 -19.90 -48.42 -35.80
N LYS G 398 -20.86 -47.74 -36.43
CA LYS G 398 -20.77 -46.29 -36.76
C LYS G 398 -19.45 -46.02 -37.49
N LYS G 399 -19.21 -46.72 -38.60
CA LYS G 399 -17.92 -46.56 -39.31
C LYS G 399 -18.16 -46.68 -40.82
N PHE G 400 -17.34 -45.95 -41.56
CA PHE G 400 -17.32 -46.08 -43.04
C PHE G 400 -16.66 -47.42 -43.37
N ILE G 401 -17.23 -48.10 -44.37
CA ILE G 401 -16.68 -49.34 -44.97
C ILE G 401 -15.91 -48.89 -46.20
N VAL G 402 -14.58 -48.89 -46.13
CA VAL G 402 -13.72 -48.32 -47.20
C VAL G 402 -13.11 -49.48 -48.00
N ASN G 403 -13.89 -50.06 -48.92
CA ASN G 403 -13.46 -51.27 -49.67
C ASN G 403 -12.47 -50.83 -50.76
N PRO G 404 -11.30 -51.49 -50.79
CA PRO G 404 -10.24 -51.20 -51.77
C PRO G 404 -10.72 -51.03 -53.22
N ARG G 405 -11.61 -51.92 -53.66
CA ARG G 405 -12.11 -51.93 -55.05
C ARG G 405 -12.86 -50.60 -55.36
N ASN G 406 -13.62 -50.09 -54.40
CA ASN G 406 -14.40 -48.84 -54.56
C ASN G 406 -13.43 -47.67 -54.67
N ILE G 407 -12.36 -47.65 -53.88
CA ILE G 407 -11.38 -46.52 -53.92
C ILE G 407 -10.57 -46.62 -55.21
N LYS G 408 -10.21 -47.83 -55.66
CA LYS G 408 -9.53 -48.00 -56.97
C LYS G 408 -10.41 -47.41 -58.08
N ARG G 409 -11.71 -47.74 -58.08
CA ARG G 409 -12.69 -47.27 -59.13
C ARG G 409 -12.79 -45.74 -59.08
N TYR G 410 -12.81 -45.13 -57.89
CA TYR G 410 -12.81 -43.65 -57.70
C TYR G 410 -11.65 -43.02 -58.48
N VAL G 411 -10.46 -43.60 -58.39
CA VAL G 411 -9.27 -43.08 -59.12
C VAL G 411 -9.41 -43.38 -60.62
N GLN G 412 -9.71 -44.62 -61.01
CA GLN G 412 -9.85 -45.05 -62.44
C GLN G 412 -10.90 -44.14 -63.12
N ASP G 413 -12.04 -43.88 -62.50
CA ASP G 413 -13.18 -43.15 -63.11
C ASP G 413 -12.75 -41.73 -63.48
N GLY G 414 -11.76 -41.16 -62.78
CA GLY G 414 -11.26 -39.80 -63.05
C GLY G 414 -10.62 -39.68 -64.42
N PHE G 415 -10.12 -40.78 -64.99
CA PHE G 415 -9.35 -40.76 -66.27
C PHE G 415 -10.13 -41.43 -67.39
N PHE G 416 -11.47 -41.36 -67.36
CA PHE G 416 -12.35 -42.07 -68.32
C PHE G 416 -12.33 -41.36 -69.68
N ILE G 417 -12.02 -40.06 -69.70
CA ILE G 417 -12.12 -39.27 -70.97
C ILE G 417 -10.94 -38.30 -71.06
N ASP G 418 -10.57 -37.94 -72.30
CA ASP G 418 -9.44 -37.04 -72.58
C ASP G 418 -9.81 -36.17 -73.79
N GLU G 419 -8.97 -35.19 -74.03
CA GLU G 419 -9.18 -34.20 -75.13
C GLU G 419 -9.39 -34.97 -76.43
N ALA G 420 -8.59 -36.01 -76.71
CA ALA G 420 -8.61 -36.65 -78.05
C ALA G 420 -9.98 -37.31 -78.26
N LYS G 421 -10.58 -37.83 -77.19
CA LYS G 421 -11.91 -38.48 -77.25
C LYS G 421 -12.97 -37.40 -77.54
N PHE G 422 -12.92 -36.27 -76.83
CA PHE G 422 -13.84 -35.13 -77.05
C PHE G 422 -13.75 -34.70 -78.51
N ALA G 423 -12.52 -34.61 -79.04
CA ALA G 423 -12.27 -34.13 -80.42
C ALA G 423 -12.90 -35.10 -81.43
N ARG G 424 -12.78 -36.42 -81.19
CA ARG G 424 -13.37 -37.47 -82.07
C ARG G 424 -14.89 -37.35 -82.03
N ILE G 425 -15.48 -37.23 -80.85
CA ILE G 425 -16.96 -37.14 -80.69
C ILE G 425 -17.46 -35.88 -81.43
N LEU G 426 -16.78 -34.74 -81.27
CA LEU G 426 -17.25 -33.41 -81.78
C LEU G 426 -16.69 -33.09 -83.18
N ASN G 427 -15.85 -33.94 -83.76
CA ASN G 427 -15.19 -33.68 -85.07
C ASN G 427 -14.49 -32.33 -85.01
N ILE G 428 -13.69 -32.12 -83.98
CA ILE G 428 -12.86 -30.91 -83.83
C ILE G 428 -11.42 -31.29 -84.14
N LYS G 429 -10.74 -30.46 -84.91
CA LYS G 429 -9.32 -30.68 -85.26
C LYS G 429 -8.45 -30.33 -84.05
N THR G 430 -7.51 -31.22 -83.73
CA THR G 430 -6.54 -31.01 -82.64
C THR G 430 -5.16 -31.46 -83.14
N ARG G 431 -4.12 -31.13 -82.39
CA ARG G 431 -2.72 -31.43 -82.75
C ARG G 431 -2.39 -32.85 -82.26
N SER G 432 -1.29 -33.44 -82.73
CA SER G 432 -0.86 -34.82 -82.42
C SER G 432 -0.11 -34.87 -81.09
N TYR G 433 0.62 -33.81 -80.76
CA TYR G 433 1.52 -33.69 -79.59
C TYR G 433 1.08 -32.49 -78.74
N TYR G 434 1.22 -32.58 -77.42
CA TYR G 434 0.66 -31.58 -76.47
C TYR G 434 1.35 -30.22 -76.66
N THR G 435 2.68 -30.20 -76.75
CA THR G 435 3.50 -28.95 -76.74
C THR G 435 3.44 -28.26 -78.11
N LEU G 436 3.15 -26.96 -78.12
CA LEU G 436 3.30 -26.06 -79.29
C LEU G 436 4.69 -25.44 -79.24
N MSE G 437 5.50 -25.71 -80.28
CA MSE G 437 6.92 -25.34 -80.26
C MSE G 437 7.15 -24.10 -81.13
O MSE G 437 6.61 -24.01 -82.23
CB MSE G 437 7.76 -26.53 -80.75
CG MSE G 437 7.88 -27.66 -79.75
SE MSE G 437 8.81 -27.10 -78.09
CE MSE G 437 10.69 -26.68 -78.47
N PRO G 438 7.98 -23.13 -80.66
CA PRO G 438 8.22 -21.88 -81.39
C PRO G 438 8.71 -21.99 -82.85
N ASP G 439 9.26 -23.15 -83.24
CA ASP G 439 9.95 -23.38 -84.55
C ASP G 439 9.01 -23.14 -85.75
N ASN G 440 8.68 -21.88 -86.12
CA ASN G 440 7.53 -21.68 -87.06
C ASN G 440 7.64 -20.46 -87.99
N LEU G 441 6.46 -19.88 -88.25
CA LEU G 441 5.99 -19.26 -89.54
C LEU G 441 4.93 -18.23 -89.20
N GLY G 442 5.27 -17.24 -88.38
CA GLY G 442 4.48 -16.00 -88.24
C GLY G 442 3.60 -15.98 -87.02
N VAL G 443 2.61 -15.09 -87.03
CA VAL G 443 1.82 -14.75 -85.82
C VAL G 443 1.11 -16.01 -85.30
N TRP G 444 1.15 -16.24 -83.99
CA TRP G 444 0.51 -17.42 -83.35
C TRP G 444 -0.94 -17.09 -82.96
N SER G 445 -1.19 -15.85 -82.53
CA SER G 445 -2.40 -15.50 -81.73
C SER G 445 -3.46 -14.88 -82.63
N TYR G 446 -4.69 -15.38 -82.52
CA TYR G 446 -5.85 -14.92 -83.32
C TYR G 446 -7.02 -14.55 -82.43
N ARG G 447 -7.81 -13.60 -82.93
CA ARG G 447 -9.11 -13.25 -82.33
C ARG G 447 -10.12 -14.27 -82.82
N VAL G 448 -11.10 -14.59 -81.98
CA VAL G 448 -12.21 -15.52 -82.32
C VAL G 448 -13.52 -14.75 -82.15
N ASP G 449 -14.29 -14.65 -83.23
CA ASP G 449 -15.54 -13.87 -83.31
C ASP G 449 -16.69 -14.67 -82.71
N ILE G 450 -16.62 -14.97 -81.41
CA ILE G 450 -17.60 -15.85 -80.73
C ILE G 450 -19.02 -15.31 -80.89
N LEU G 451 -19.18 -13.98 -80.95
CA LEU G 451 -20.52 -13.35 -80.97
C LEU G 451 -20.92 -12.92 -82.40
N ASN G 452 -20.22 -13.41 -83.42
CA ASN G 452 -20.67 -13.33 -84.84
C ASN G 452 -20.88 -11.88 -85.29
N ARG G 453 -19.93 -11.01 -84.97
CA ARG G 453 -19.96 -9.61 -85.45
C ARG G 453 -19.38 -9.53 -86.86
N LEU G 454 -18.48 -10.43 -87.24
CA LEU G 454 -17.83 -10.44 -88.58
C LEU G 454 -18.61 -11.31 -89.56
N ARG G 455 -18.95 -12.51 -89.12
CA ARG G 455 -19.62 -13.54 -89.95
C ARG G 455 -20.18 -14.61 -89.02
N GLU G 456 -20.83 -15.62 -89.59
CA GLU G 456 -21.36 -16.79 -88.83
C GLU G 456 -20.15 -17.62 -88.39
N THR G 457 -19.65 -17.36 -87.18
CA THR G 457 -18.36 -17.91 -86.68
C THR G 457 -18.63 -19.03 -85.68
N PHE G 458 -19.58 -18.82 -84.76
CA PHE G 458 -19.83 -19.72 -83.62
C PHE G 458 -21.34 -19.88 -83.44
N ASP G 459 -21.80 -21.12 -83.51
CA ASP G 459 -23.24 -21.49 -83.41
C ASP G 459 -23.45 -22.30 -82.14
N GLU G 460 -24.58 -22.12 -81.46
CA GLU G 460 -24.88 -22.85 -80.20
C GLU G 460 -25.07 -24.33 -80.50
N ASP G 461 -25.43 -24.73 -81.73
CA ASP G 461 -25.61 -26.16 -82.08
C ASP G 461 -24.32 -26.74 -82.63
N ARG G 462 -23.65 -26.05 -83.55
CA ARG G 462 -22.54 -26.64 -84.33
C ARG G 462 -21.19 -26.24 -83.72
N GLY G 463 -21.18 -25.20 -82.89
CA GLY G 463 -19.95 -24.66 -82.27
C GLY G 463 -19.15 -23.85 -83.28
N LEU G 464 -17.82 -23.94 -83.23
CA LEU G 464 -16.93 -23.14 -84.11
C LEU G 464 -17.05 -23.67 -85.54
N LEU G 465 -17.45 -22.82 -86.49
CA LEU G 465 -17.86 -23.32 -87.81
C LEU G 465 -16.64 -23.53 -88.71
N SER G 466 -15.50 -22.95 -88.34
CA SER G 466 -14.23 -23.21 -89.06
C SER G 466 -13.03 -22.94 -88.18
N GLN G 467 -12.02 -23.81 -88.28
CA GLN G 467 -10.70 -23.62 -87.63
C GLN G 467 -9.66 -23.14 -88.65
N GLU G 468 -10.05 -22.78 -89.90
CA GLU G 468 -9.05 -22.28 -90.87
C GLU G 468 -8.59 -20.88 -90.44
N LEU G 469 -7.29 -20.61 -90.53
CA LEU G 469 -6.72 -19.31 -90.05
C LEU G 469 -7.32 -18.13 -90.84
N ASP G 470 -7.60 -18.29 -92.14
CA ASP G 470 -8.12 -17.14 -92.93
C ASP G 470 -9.57 -16.85 -92.54
N PHE G 471 -10.18 -17.64 -91.66
CA PHE G 471 -11.57 -17.43 -91.13
C PHE G 471 -11.54 -16.50 -89.92
N HIS G 472 -10.37 -16.31 -89.30
CA HIS G 472 -10.16 -15.60 -88.02
C HIS G 472 -9.24 -14.40 -88.24
N THR G 473 -9.19 -13.52 -87.25
CA THR G 473 -8.44 -12.24 -87.35
C THR G 473 -7.13 -12.37 -86.58
N ALA G 474 -5.99 -12.28 -87.26
CA ALA G 474 -4.66 -12.35 -86.61
C ALA G 474 -4.49 -11.13 -85.72
N LEU G 475 -3.90 -11.32 -84.53
CA LEU G 475 -3.38 -10.18 -83.74
C LEU G 475 -2.13 -9.64 -84.46
N THR G 476 -1.69 -8.45 -84.05
CA THR G 476 -0.53 -7.72 -84.64
C THR G 476 0.45 -7.38 -83.52
N PRO G 477 1.25 -8.37 -83.05
CA PRO G 477 2.26 -8.10 -82.04
C PRO G 477 3.33 -7.12 -82.55
N VAL G 478 3.95 -6.35 -81.64
CA VAL G 478 5.05 -5.40 -81.95
C VAL G 478 6.41 -6.08 -81.69
N ASP H 24 -38.73 -45.62 -50.65
CA ASP H 24 -38.97 -44.58 -49.61
C ASP H 24 -40.39 -44.71 -49.04
N VAL H 25 -41.38 -45.06 -49.89
CA VAL H 25 -42.80 -45.20 -49.47
C VAL H 25 -42.90 -46.33 -48.44
N LEU H 26 -43.32 -45.97 -47.23
CA LEU H 26 -43.42 -46.87 -46.04
C LEU H 26 -42.09 -47.61 -45.80
N GLU H 27 -40.94 -47.00 -46.12
CA GLU H 27 -39.61 -47.47 -45.66
C GLU H 27 -39.53 -47.29 -44.15
N MSE H 28 -39.25 -48.39 -43.45
CA MSE H 28 -39.34 -48.36 -42.00
C MSE H 28 -37.99 -47.97 -41.41
O MSE H 28 -36.97 -48.56 -41.73
CB MSE H 28 -39.87 -49.72 -41.53
CG MSE H 28 -41.15 -50.15 -42.26
SE MSE H 28 -42.58 -48.81 -42.15
CE MSE H 28 -42.72 -49.29 -40.25
N PHE H 29 -38.01 -46.95 -40.55
CA PHE H 29 -36.82 -46.58 -39.80
C PHE H 29 -36.51 -47.66 -38.75
N ASP H 30 -35.23 -47.78 -38.36
CA ASP H 30 -34.74 -48.70 -37.31
C ASP H 30 -35.10 -48.07 -35.96
N VAL H 31 -36.36 -48.24 -35.56
CA VAL H 31 -36.92 -47.62 -34.33
C VAL H 31 -37.63 -48.72 -33.54
N ASN H 32 -37.34 -48.82 -32.25
CA ASN H 32 -37.92 -49.86 -31.37
C ASN H 32 -38.71 -49.18 -30.24
N TYR H 33 -39.58 -49.95 -29.59
CA TYR H 33 -40.36 -49.43 -28.44
C TYR H 33 -39.42 -48.73 -27.46
N GLU H 34 -38.26 -49.33 -27.15
CA GLU H 34 -37.31 -48.87 -26.11
C GLU H 34 -36.25 -47.91 -26.68
N SER H 35 -36.32 -47.51 -27.95
CA SER H 35 -35.37 -46.52 -28.51
C SER H 35 -35.43 -45.24 -27.68
N PRO H 36 -34.27 -44.67 -27.26
CA PRO H 36 -34.28 -43.57 -26.29
C PRO H 36 -34.89 -42.28 -26.84
N ILE H 37 -35.74 -41.66 -26.02
CA ILE H 37 -36.35 -40.34 -26.35
C ILE H 37 -35.25 -39.28 -26.44
N LEU H 38 -35.41 -38.31 -27.36
CA LEU H 38 -34.44 -37.20 -27.50
C LEU H 38 -34.41 -36.36 -26.21
N GLU H 39 -33.23 -36.12 -25.65
CA GLU H 39 -33.10 -35.31 -24.40
C GLU H 39 -32.15 -34.14 -24.59
N SER H 40 -31.37 -34.13 -25.67
CA SER H 40 -30.43 -33.02 -26.00
C SER H 40 -30.38 -32.88 -27.51
N PHE H 41 -30.15 -31.66 -27.98
CA PHE H 41 -30.10 -31.38 -29.43
C PHE H 41 -29.10 -30.25 -29.67
N ASP H 42 -28.14 -30.51 -30.55
CA ASP H 42 -27.11 -29.54 -30.96
C ASP H 42 -27.24 -29.38 -32.47
N SER H 43 -27.83 -28.27 -32.92
CA SER H 43 -28.08 -28.00 -34.36
C SER H 43 -26.78 -27.95 -35.17
N THR H 44 -25.61 -27.77 -34.53
CA THR H 44 -24.31 -27.65 -35.24
C THR H 44 -23.79 -29.03 -35.65
N THR H 45 -24.25 -30.11 -35.02
CA THR H 45 -23.77 -31.50 -35.31
C THR H 45 -24.94 -32.44 -35.60
N GLN H 46 -26.19 -32.06 -35.30
CA GLN H 46 -27.35 -32.97 -35.43
C GLN H 46 -28.44 -32.33 -36.29
N SER H 47 -29.22 -33.18 -36.95
CA SER H 47 -30.41 -32.80 -37.75
C SER H 47 -31.65 -33.41 -37.12
N LEU H 48 -32.74 -32.64 -37.03
CA LEU H 48 -34.04 -33.15 -36.54
C LEU H 48 -34.57 -34.22 -37.50
N ASN H 49 -34.14 -34.25 -38.77
CA ASN H 49 -34.58 -35.31 -39.71
C ASN H 49 -34.13 -36.68 -39.21
N ASP H 50 -33.04 -36.75 -38.45
CA ASP H 50 -32.47 -38.02 -37.92
C ASP H 50 -33.07 -38.37 -36.55
N VAL H 51 -33.85 -37.47 -35.94
CA VAL H 51 -34.55 -37.72 -34.65
C VAL H 51 -35.83 -38.50 -34.93
N HIS H 52 -36.00 -39.70 -34.35
CA HIS H 52 -37.20 -40.53 -34.59
C HIS H 52 -37.96 -40.88 -33.31
N VAL H 53 -37.44 -40.50 -32.15
CA VAL H 53 -38.18 -40.68 -30.87
C VAL H 53 -38.05 -39.40 -30.06
N PHE H 54 -39.17 -38.75 -29.76
CA PHE H 54 -39.16 -37.40 -29.16
C PHE H 54 -40.51 -37.08 -28.55
N MSE H 55 -40.47 -36.13 -27.62
CA MSE H 55 -41.67 -35.58 -27.05
C MSE H 55 -42.17 -34.49 -28.00
O MSE H 55 -41.39 -33.66 -28.45
CB MSE H 55 -41.43 -35.00 -25.67
CG MSE H 55 -42.68 -34.66 -24.91
SE MSE H 55 -43.68 -36.25 -24.38
CE MSE H 55 -42.59 -37.05 -22.97
N SER H 56 -43.50 -34.47 -28.17
CA SER H 56 -44.16 -33.50 -29.02
C SER H 56 -45.50 -33.11 -28.39
N ARG H 57 -46.34 -32.41 -29.14
CA ARG H 57 -47.69 -32.04 -28.68
C ARG H 57 -48.60 -31.98 -29.90
N ILE H 58 -49.83 -32.45 -29.76
CA ILE H 58 -50.88 -32.34 -30.83
C ILE H 58 -52.18 -31.85 -30.21
N GLN H 59 -53.02 -31.21 -31.02
CA GLN H 59 -54.38 -30.86 -30.58
C GLN H 59 -55.23 -32.11 -30.42
N MSE H 60 -56.15 -32.04 -29.46
CA MSE H 60 -57.24 -32.98 -29.31
C MSE H 60 -58.48 -32.23 -28.86
O MSE H 60 -58.38 -31.13 -28.32
CB MSE H 60 -56.90 -34.05 -28.27
CG MSE H 60 -55.62 -34.81 -28.53
SE MSE H 60 -55.88 -36.03 -30.03
CE MSE H 60 -57.03 -37.38 -29.20
N SER H 61 -59.65 -32.84 -29.08
CA SER H 61 -60.87 -32.36 -28.47
C SER H 61 -60.95 -32.91 -27.04
N ALA H 62 -61.01 -32.02 -26.05
CA ALA H 62 -61.11 -32.35 -24.60
C ALA H 62 -62.51 -32.02 -24.09
N TYR H 63 -63.08 -32.90 -23.27
CA TYR H 63 -64.47 -32.79 -22.76
C TYR H 63 -64.45 -32.71 -21.24
N ASP H 64 -65.26 -31.84 -20.64
CA ASP H 64 -65.49 -31.81 -19.17
C ASP H 64 -66.83 -32.49 -18.89
N ALA H 65 -67.24 -32.52 -17.61
CA ALA H 65 -68.35 -33.35 -17.07
C ALA H 65 -69.69 -33.00 -17.75
N ASP H 66 -69.84 -31.76 -18.25
CA ASP H 66 -71.07 -31.30 -18.95
C ASP H 66 -71.12 -31.89 -20.37
N GLY H 67 -69.97 -32.34 -20.90
CA GLY H 67 -69.88 -33.11 -22.16
C GLY H 67 -69.68 -32.23 -23.38
N GLU H 68 -69.20 -30.99 -23.18
CA GLU H 68 -68.91 -30.02 -24.27
C GLU H 68 -67.42 -30.12 -24.61
N GLY H 69 -67.08 -29.98 -25.90
CA GLY H 69 -65.72 -30.14 -26.43
C GLY H 69 -65.01 -28.81 -26.60
N ARG H 70 -63.72 -28.77 -26.27
CA ARG H 70 -62.80 -27.62 -26.52
C ARG H 70 -61.52 -28.19 -27.14
N ILE H 71 -60.89 -27.51 -28.11
CA ILE H 71 -59.61 -27.95 -28.74
C ILE H 71 -58.45 -27.53 -27.83
N GLU H 72 -57.61 -28.46 -27.40
CA GLU H 72 -56.47 -28.22 -26.49
C GLU H 72 -55.26 -29.03 -26.98
N TYR H 73 -54.05 -28.49 -26.83
CA TYR H 73 -52.80 -29.27 -27.04
C TYR H 73 -52.63 -30.30 -25.92
N ARG H 74 -52.10 -31.46 -26.29
CA ARG H 74 -51.68 -32.52 -25.33
C ARG H 74 -50.26 -32.97 -25.70
N ASN H 75 -49.38 -33.05 -24.71
CA ASN H 75 -48.02 -33.62 -24.87
C ASN H 75 -48.13 -35.12 -25.11
N LEU H 76 -47.26 -35.65 -25.96
CA LEU H 76 -47.21 -37.10 -26.23
C LEU H 76 -45.84 -37.47 -26.80
N LYS H 77 -45.43 -38.69 -26.51
CA LYS H 77 -44.18 -39.24 -27.03
C LYS H 77 -44.45 -39.84 -28.41
N LEU H 78 -43.75 -39.34 -29.43
CA LEU H 78 -43.88 -39.83 -30.80
C LEU H 78 -42.70 -40.69 -31.21
N TYR H 79 -43.02 -41.72 -31.98
CA TYR H 79 -42.08 -42.52 -32.76
C TYR H 79 -42.32 -42.25 -34.27
N GLU H 80 -41.29 -41.80 -34.96
CA GLU H 80 -41.34 -41.70 -36.43
C GLU H 80 -40.97 -43.06 -37.01
N ILE H 81 -41.94 -43.83 -37.47
CA ILE H 81 -41.73 -45.22 -37.97
C ILE H 81 -41.36 -45.17 -39.45
N SER H 82 -41.75 -44.10 -40.15
CA SER H 82 -41.38 -43.85 -41.57
C SER H 82 -41.43 -42.34 -41.78
N SER H 83 -40.82 -41.83 -42.86
CA SER H 83 -40.72 -40.38 -43.07
C SER H 83 -42.11 -39.73 -42.94
N GLY H 84 -42.28 -38.81 -41.99
CA GLY H 84 -43.51 -38.04 -41.78
C GLY H 84 -44.67 -38.84 -41.22
N ILE H 85 -44.41 -40.07 -40.73
CA ILE H 85 -45.46 -40.96 -40.17
C ILE H 85 -45.08 -41.26 -38.71
N PHE H 86 -45.92 -40.81 -37.80
CA PHE H 86 -45.61 -40.85 -36.34
C PHE H 86 -46.67 -41.67 -35.65
N ILE H 87 -46.22 -42.40 -34.61
CA ILE H 87 -47.17 -43.16 -33.77
C ILE H 87 -46.82 -42.86 -32.31
N SER H 88 -47.84 -42.98 -31.48
CA SER H 88 -47.73 -42.86 -30.01
C SER H 88 -48.43 -44.07 -29.39
N THR H 89 -47.92 -44.52 -28.24
CA THR H 89 -48.60 -45.53 -27.41
C THR H 89 -49.39 -44.83 -26.31
N ASP H 90 -49.32 -43.50 -26.24
CA ASP H 90 -49.95 -42.72 -25.14
C ASP H 90 -51.47 -42.61 -25.39
N ARG H 91 -52.27 -42.99 -24.40
CA ARG H 91 -53.73 -42.77 -24.43
C ARG H 91 -54.02 -41.40 -23.80
N LEU H 92 -54.35 -40.42 -24.63
CA LEU H 92 -54.40 -39.01 -24.18
C LEU H 92 -55.65 -38.77 -23.33
N ASP H 93 -55.48 -37.94 -22.29
CA ASP H 93 -56.58 -37.53 -21.39
C ASP H 93 -57.43 -36.48 -22.11
N THR H 94 -58.56 -36.90 -22.66
CA THR H 94 -59.56 -36.00 -23.31
C THR H 94 -60.84 -35.97 -22.49
N GLY H 95 -60.79 -36.37 -21.22
CA GLY H 95 -61.95 -36.41 -20.32
C GLY H 95 -62.58 -37.79 -20.24
N ALA H 96 -63.57 -37.94 -19.37
CA ALA H 96 -64.34 -39.19 -19.18
C ALA H 96 -65.13 -39.52 -20.45
N SER H 97 -65.33 -40.82 -20.69
CA SER H 97 -66.21 -41.37 -21.76
C SER H 97 -67.68 -41.23 -21.35
N GLY H 98 -67.95 -41.11 -20.05
CA GLY H 98 -69.32 -41.10 -19.51
C GLY H 98 -69.93 -42.49 -19.49
N VAL H 99 -69.14 -43.54 -19.75
CA VAL H 99 -69.62 -44.96 -19.78
C VAL H 99 -68.80 -45.77 -18.78
N GLU H 100 -69.46 -46.63 -18.00
CA GLU H 100 -68.81 -47.46 -16.95
C GLU H 100 -67.96 -48.55 -17.61
N ASP H 101 -66.91 -49.00 -16.91
CA ASP H 101 -65.92 -49.96 -17.45
C ASP H 101 -66.66 -51.24 -17.87
N ASP H 102 -66.31 -51.76 -19.06
CA ASP H 102 -66.74 -53.10 -19.56
C ASP H 102 -68.23 -53.10 -19.94
N HIS H 103 -68.79 -51.92 -20.26
CA HIS H 103 -70.13 -51.77 -20.88
C HIS H 103 -69.95 -51.73 -22.41
N GLU H 104 -70.86 -52.37 -23.15
CA GLU H 104 -70.87 -52.37 -24.64
C GLU H 104 -72.19 -51.80 -25.13
N MSE H 105 -72.09 -50.79 -26.01
CA MSE H 105 -73.22 -50.27 -26.77
C MSE H 105 -72.80 -50.26 -28.23
O MSE H 105 -72.43 -49.21 -28.77
CB MSE H 105 -73.60 -48.88 -26.26
CG MSE H 105 -73.33 -48.66 -24.79
SE MSE H 105 -74.12 -46.98 -24.19
CE MSE H 105 -73.97 -46.79 -22.24
N VAL H 106 -72.84 -51.44 -28.85
CA VAL H 106 -72.12 -51.73 -30.08
C VAL H 106 -70.61 -51.63 -29.78
N ASP H 107 -70.12 -50.42 -29.54
CA ASP H 107 -68.71 -50.16 -29.14
C ASP H 107 -68.51 -50.53 -27.68
N TYR H 108 -67.29 -50.93 -27.32
CA TYR H 108 -66.90 -51.43 -25.97
C TYR H 108 -66.09 -50.34 -25.26
N TYR H 109 -66.47 -50.01 -24.02
CA TYR H 109 -65.81 -48.94 -23.21
C TYR H 109 -64.97 -49.56 -22.09
N SER H 110 -63.72 -49.11 -21.94
CA SER H 110 -62.93 -49.40 -20.71
C SER H 110 -61.92 -48.28 -20.47
N SER H 111 -61.87 -47.73 -19.26
CA SER H 111 -60.88 -46.70 -18.85
C SER H 111 -59.50 -47.36 -18.67
N ALA H 112 -59.47 -48.67 -18.41
CA ALA H 112 -58.22 -49.42 -18.12
C ALA H 112 -57.32 -49.54 -19.35
N ARG H 113 -57.90 -49.70 -20.55
CA ARG H 113 -57.10 -49.93 -21.78
C ARG H 113 -56.03 -48.83 -21.90
N LEU H 114 -54.75 -49.24 -21.92
CA LEU H 114 -53.56 -48.38 -22.12
C LEU H 114 -53.50 -47.27 -21.05
N THR H 115 -54.10 -47.46 -19.87
CA THR H 115 -53.87 -46.56 -18.69
C THR H 115 -53.42 -47.37 -17.46
N ARG H 116 -53.88 -48.62 -17.34
CA ARG H 116 -53.51 -49.51 -16.21
C ARG H 116 -53.67 -50.96 -16.66
N GLU H 117 -53.48 -51.93 -15.77
CA GLU H 117 -53.63 -53.35 -16.15
C GLU H 117 -55.00 -53.54 -16.82
N PHE H 118 -55.05 -54.27 -17.93
CA PHE H 118 -56.31 -54.55 -18.68
C PHE H 118 -56.24 -55.94 -19.31
N LEU H 119 -57.25 -56.78 -19.03
CA LEU H 119 -57.34 -58.19 -19.51
C LEU H 119 -56.07 -58.97 -19.14
N GLY H 120 -55.50 -58.69 -17.96
CA GLY H 120 -54.34 -59.41 -17.40
C GLY H 120 -53.03 -58.97 -18.03
N GLU H 121 -53.01 -57.82 -18.72
CA GLU H 121 -51.79 -57.29 -19.38
C GLU H 121 -51.39 -55.99 -18.68
N SER H 122 -50.12 -55.89 -18.25
CA SER H 122 -49.56 -54.67 -17.62
C SER H 122 -49.67 -53.51 -18.62
N LEU H 123 -49.62 -52.29 -18.12
CA LEU H 123 -49.56 -51.07 -18.95
C LEU H 123 -48.35 -51.17 -19.88
N ASP H 124 -47.19 -51.58 -19.36
CA ASP H 124 -45.94 -51.61 -20.16
C ASP H 124 -46.08 -52.63 -21.29
N SER H 125 -46.65 -53.80 -21.02
N SER H 125 -46.66 -53.81 -21.02
CA SER H 125 -46.91 -54.86 -22.05
CA SER H 125 -46.93 -54.88 -22.01
C SER H 125 -47.87 -54.33 -23.11
C SER H 125 -47.89 -54.36 -23.10
N GLN H 126 -48.96 -53.67 -22.69
CA GLN H 126 -49.96 -53.11 -23.64
C GLN H 126 -49.29 -52.08 -24.56
N LYS H 127 -48.46 -51.20 -24.01
CA LYS H 127 -47.81 -50.11 -24.79
C LYS H 127 -46.83 -50.74 -25.79
N SER H 128 -45.99 -51.67 -25.32
CA SER H 128 -45.04 -52.45 -26.16
C SER H 128 -45.79 -53.13 -27.31
N ASP H 129 -46.88 -53.84 -27.00
CA ASP H 129 -47.70 -54.59 -27.99
C ASP H 129 -48.32 -53.60 -28.97
N TYR H 130 -48.78 -52.46 -28.49
CA TYR H 130 -49.46 -51.46 -29.36
C TYR H 130 -48.46 -51.01 -30.43
N PHE H 131 -47.26 -50.62 -30.01
CA PHE H 131 -46.15 -50.21 -30.91
C PHE H 131 -45.88 -51.33 -31.93
N GLU H 132 -45.68 -52.56 -31.46
CA GLU H 132 -45.34 -53.71 -32.32
C GLU H 132 -46.49 -53.98 -33.30
N GLY H 133 -47.74 -53.89 -32.83
CA GLY H 133 -48.95 -54.19 -33.62
C GLY H 133 -49.13 -53.15 -34.72
N ILE H 134 -48.97 -51.87 -34.41
CA ILE H 134 -49.08 -50.82 -35.45
C ILE H 134 -48.00 -51.07 -36.50
N LYS H 135 -46.77 -51.38 -36.08
CA LYS H 135 -45.67 -51.63 -37.06
C LYS H 135 -46.00 -52.85 -37.92
N LYS H 136 -46.64 -53.88 -37.36
CA LYS H 136 -47.01 -55.09 -38.12
C LYS H 136 -48.05 -54.73 -39.21
N VAL H 137 -49.00 -53.87 -38.86
CA VAL H 137 -50.04 -53.39 -39.79
C VAL H 137 -49.34 -52.63 -40.93
N PHE H 138 -48.34 -51.79 -40.63
CA PHE H 138 -47.62 -50.99 -41.66
C PHE H 138 -46.71 -51.90 -42.50
N SER H 139 -46.15 -52.98 -41.93
CA SER H 139 -45.39 -53.99 -42.72
C SER H 139 -46.32 -54.64 -43.75
N PHE H 140 -47.54 -54.96 -43.36
CA PHE H 140 -48.59 -55.51 -44.25
C PHE H 140 -48.82 -54.49 -45.38
N TYR H 141 -49.05 -53.23 -45.05
CA TYR H 141 -49.33 -52.17 -46.06
C TYR H 141 -48.18 -52.09 -47.07
N LYS H 142 -46.93 -52.13 -46.59
CA LYS H 142 -45.76 -52.03 -47.50
C LYS H 142 -45.77 -53.20 -48.49
N ASN H 143 -46.07 -54.41 -48.03
CA ASN H 143 -46.19 -55.60 -48.90
C ASN H 143 -47.29 -55.38 -49.94
N LYS H 144 -48.43 -54.80 -49.54
CA LYS H 144 -49.57 -54.57 -50.45
C LYS H 144 -49.23 -53.48 -51.46
N CYS H 145 -48.43 -52.48 -51.07
N CYS H 145 -48.42 -52.50 -51.05
CA CYS H 145 -47.94 -51.40 -51.99
CA CYS H 145 -47.90 -51.38 -51.89
C CYS H 145 -47.18 -52.02 -53.16
C CYS H 145 -47.12 -51.95 -53.10
N ASN H 146 -46.37 -53.03 -52.87
CA ASN H 146 -45.55 -53.72 -53.91
C ASN H 146 -46.45 -54.51 -54.87
N GLU H 147 -47.70 -54.80 -54.52
CA GLU H 147 -48.62 -55.68 -55.29
C GLU H 147 -49.75 -54.90 -55.97
N SER H 148 -49.92 -53.62 -55.64
CA SER H 148 -51.05 -52.80 -56.15
C SER H 148 -50.58 -51.37 -56.46
N ARG H 149 -50.71 -50.91 -57.72
CA ARG H 149 -50.33 -49.51 -58.04
C ARG H 149 -51.32 -48.56 -57.36
N TYR H 150 -52.57 -48.97 -57.14
CA TYR H 150 -53.58 -48.07 -56.53
C TYR H 150 -53.22 -47.86 -55.05
N ILE H 151 -52.75 -48.91 -54.38
CA ILE H 151 -52.36 -48.78 -52.95
C ILE H 151 -51.04 -47.99 -52.86
N LYS H 152 -50.08 -48.25 -53.76
CA LYS H 152 -48.79 -47.51 -53.76
C LYS H 152 -49.07 -46.01 -53.98
N GLU H 153 -49.92 -45.66 -54.94
CA GLU H 153 -50.31 -44.27 -55.27
C GLU H 153 -50.94 -43.60 -54.04
N PHE H 154 -51.80 -44.33 -53.32
CA PHE H 154 -52.48 -43.83 -52.11
C PHE H 154 -51.44 -43.50 -51.03
N PHE H 155 -50.53 -44.43 -50.76
CA PHE H 155 -49.50 -44.20 -49.70
C PHE H 155 -48.49 -43.14 -50.14
N GLU H 156 -48.11 -43.09 -51.42
CA GLU H 156 -47.16 -42.05 -51.85
C GLU H 156 -47.78 -40.68 -51.54
N GLU H 157 -49.08 -40.56 -51.77
CA GLU H 157 -49.83 -39.29 -51.55
C GLU H 157 -49.92 -38.97 -50.06
N ILE H 158 -50.46 -39.85 -49.22
CA ILE H 158 -50.73 -39.48 -47.79
C ILE H 158 -49.41 -39.36 -47.02
N GLN H 159 -48.38 -40.11 -47.40
CA GLN H 159 -47.09 -40.05 -46.70
C GLN H 159 -46.32 -38.78 -47.10
N PHE H 160 -46.28 -38.39 -48.38
CA PHE H 160 -45.29 -37.40 -48.86
C PHE H 160 -45.91 -36.09 -49.34
N ARG H 161 -47.22 -35.98 -49.52
CA ARG H 161 -47.79 -34.77 -50.18
C ARG H 161 -47.49 -33.54 -49.32
N ASN H 162 -47.31 -32.41 -49.99
CA ASN H 162 -47.17 -31.09 -49.33
C ASN H 162 -48.54 -30.69 -48.78
N ILE H 163 -48.55 -30.05 -47.62
CA ILE H 163 -49.79 -29.67 -46.90
C ILE H 163 -49.71 -28.20 -46.55
N CYS H 164 -50.61 -27.42 -47.13
CA CYS H 164 -50.64 -25.95 -46.92
C CYS H 164 -51.91 -25.58 -46.21
N GLY H 165 -51.77 -25.07 -44.99
CA GLY H 165 -52.87 -24.50 -44.22
C GLY H 165 -52.87 -22.99 -44.34
N PHE H 166 -54.05 -22.40 -44.22
CA PHE H 166 -54.23 -20.94 -44.13
C PHE H 166 -55.52 -20.63 -43.38
N PRO H 167 -55.67 -19.43 -42.80
CA PRO H 167 -54.60 -18.41 -42.76
C PRO H 167 -53.43 -18.83 -41.86
N LYS H 168 -52.26 -18.25 -42.12
CA LYS H 168 -51.04 -18.48 -41.30
C LYS H 168 -51.28 -17.95 -39.88
N GLN H 169 -50.72 -18.64 -38.89
CA GLN H 169 -50.96 -18.42 -37.44
C GLN H 169 -49.77 -17.66 -36.85
N ALA H 170 -49.96 -16.97 -35.72
CA ALA H 170 -48.95 -16.13 -35.06
C ALA H 170 -47.61 -16.86 -34.98
N GLY H 171 -46.50 -16.18 -35.26
CA GLY H 171 -45.15 -16.77 -35.31
C GLY H 171 -44.85 -17.41 -36.65
N THR H 172 -45.83 -17.52 -37.55
CA THR H 172 -45.62 -18.12 -38.89
C THR H 172 -45.63 -17.01 -39.93
N SER H 173 -44.50 -16.85 -40.59
CA SER H 173 -44.37 -15.89 -41.71
C SER H 173 -45.11 -16.45 -42.94
N SER H 174 -45.50 -15.54 -43.83
CA SER H 174 -46.25 -15.90 -45.05
C SER H 174 -45.42 -16.82 -45.95
N THR H 175 -44.10 -16.82 -45.81
CA THR H 175 -43.20 -17.60 -46.71
C THR H 175 -42.60 -18.81 -45.97
N ASP H 176 -43.07 -19.12 -44.77
CA ASP H 176 -42.62 -20.36 -44.09
C ASP H 176 -43.28 -21.56 -44.77
N ILE H 177 -42.51 -22.62 -44.99
CA ILE H 177 -43.03 -23.90 -45.52
C ILE H 177 -43.63 -24.70 -44.35
N PHE H 178 -42.88 -24.85 -43.24
CA PHE H 178 -43.29 -25.68 -42.09
C PHE H 178 -43.95 -24.83 -40.99
N ASP H 179 -45.11 -25.26 -40.55
CA ASP H 179 -45.92 -24.54 -39.53
C ASP H 179 -46.82 -25.53 -38.78
N GLN H 180 -47.79 -25.02 -38.02
CA GLN H 180 -48.65 -25.89 -37.16
C GLN H 180 -49.50 -26.84 -38.01
N PHE H 181 -49.77 -26.52 -39.28
CA PHE H 181 -50.65 -27.38 -40.10
C PHE H 181 -49.90 -28.63 -40.59
N ASN H 182 -48.57 -28.63 -40.66
CA ASN H 182 -47.87 -29.67 -41.45
C ASN H 182 -46.57 -30.13 -40.79
N SER H 183 -46.43 -29.86 -39.50
CA SER H 183 -45.19 -30.20 -38.76
C SER H 183 -45.53 -30.36 -37.29
N VAL H 184 -44.76 -31.19 -36.60
CA VAL H 184 -44.90 -31.43 -35.13
C VAL H 184 -43.67 -30.87 -34.43
N ASP H 185 -43.86 -30.26 -33.25
CA ASP H 185 -42.79 -29.66 -32.44
C ASP H 185 -41.91 -30.78 -31.85
N VAL H 186 -40.62 -30.52 -31.75
CA VAL H 186 -39.67 -31.38 -30.99
C VAL H 186 -39.42 -30.67 -29.65
N LEU H 187 -39.77 -31.32 -28.53
CA LEU H 187 -39.76 -30.70 -27.19
C LEU H 187 -38.67 -31.35 -26.33
N LEU H 188 -37.84 -30.54 -25.68
CA LEU H 188 -36.91 -31.02 -24.63
C LEU H 188 -37.44 -30.60 -23.26
N GLN H 189 -36.81 -31.15 -22.23
CA GLN H 189 -37.23 -30.97 -20.82
C GLN H 189 -36.56 -29.71 -20.28
N ASP H 190 -37.32 -28.83 -19.64
CA ASP H 190 -36.73 -27.74 -18.84
C ASP H 190 -35.96 -28.40 -17.70
N PRO H 191 -34.64 -28.17 -17.57
CA PRO H 191 -33.85 -28.82 -16.53
C PRO H 191 -34.41 -28.65 -15.10
N VAL H 192 -34.87 -27.45 -14.77
CA VAL H 192 -35.27 -27.07 -13.38
C VAL H 192 -36.68 -27.62 -13.10
N THR H 193 -37.64 -27.40 -13.98
CA THR H 193 -39.07 -27.78 -13.72
C THR H 193 -39.40 -29.20 -14.22
N SER H 194 -38.58 -29.78 -15.10
CA SER H 194 -38.81 -31.12 -15.71
C SER H 194 -40.02 -31.12 -16.66
N VAL H 195 -40.56 -29.95 -16.99
CA VAL H 195 -41.73 -29.88 -17.91
C VAL H 195 -41.16 -29.96 -19.34
N TRP H 196 -41.82 -30.75 -20.19
CA TRP H 196 -41.42 -30.91 -21.60
C TRP H 196 -42.01 -29.76 -22.41
N ASN H 197 -41.35 -28.60 -22.39
CA ASN H 197 -41.88 -27.35 -23.00
C ASN H 197 -40.78 -26.54 -23.70
N LYS H 198 -39.60 -27.12 -23.91
CA LYS H 198 -38.48 -26.42 -24.58
C LYS H 198 -38.48 -26.81 -26.06
N LYS H 199 -39.04 -25.97 -26.93
CA LYS H 199 -39.12 -26.31 -28.38
C LYS H 199 -37.75 -26.06 -29.01
N VAL H 200 -37.20 -27.05 -29.73
CA VAL H 200 -35.87 -26.94 -30.40
C VAL H 200 -36.04 -27.00 -31.92
N GLY H 201 -37.27 -27.19 -32.38
CA GLY H 201 -37.59 -27.18 -33.81
C GLY H 201 -38.86 -27.95 -34.11
N SER H 202 -39.02 -28.36 -35.36
CA SER H 202 -40.21 -29.09 -35.83
C SER H 202 -39.80 -30.07 -36.93
N LYS H 203 -40.62 -31.08 -37.13
CA LYS H 203 -40.43 -32.13 -38.14
C LYS H 203 -41.67 -32.21 -39.04
N LYS H 204 -41.47 -32.31 -40.35
CA LYS H 204 -42.59 -32.53 -41.29
C LYS H 204 -43.46 -33.67 -40.80
N ALA H 205 -44.77 -33.45 -40.80
CA ALA H 205 -45.75 -34.47 -40.37
C ALA H 205 -46.92 -34.56 -41.36
N ASN H 206 -47.25 -35.76 -41.79
CA ASN H 206 -48.42 -36.08 -42.65
C ASN H 206 -49.46 -36.91 -41.90
N ILE H 207 -49.00 -37.85 -41.06
CA ILE H 207 -49.87 -38.88 -40.43
C ILE H 207 -49.42 -39.09 -38.97
N VAL H 208 -50.36 -39.00 -38.04
CA VAL H 208 -50.12 -39.36 -36.60
C VAL H 208 -51.17 -40.40 -36.20
N ILE H 209 -50.70 -41.54 -35.65
CA ILE H 209 -51.58 -42.66 -35.24
C ILE H 209 -51.40 -42.85 -33.73
N ILE H 210 -52.51 -42.78 -33.02
CA ILE H 210 -52.55 -42.87 -31.52
C ILE H 210 -53.69 -43.78 -31.13
N PRO H 211 -53.66 -44.31 -29.89
CA PRO H 211 -54.79 -45.06 -29.40
C PRO H 211 -56.03 -44.18 -29.20
N PRO H 212 -57.24 -44.78 -29.24
CA PRO H 212 -58.46 -44.07 -28.86
C PRO H 212 -58.28 -43.44 -27.47
N ALA H 213 -58.57 -42.16 -27.38
CA ALA H 213 -58.35 -41.31 -26.20
C ALA H 213 -59.31 -41.73 -25.08
N THR H 214 -59.15 -41.15 -23.90
CA THR H 214 -59.94 -41.52 -22.68
C THR H 214 -61.45 -41.38 -22.95
N ASN H 215 -61.88 -40.43 -23.80
CA ASN H 215 -63.33 -40.15 -23.97
C ASN H 215 -63.97 -41.13 -24.96
N LEU H 216 -63.17 -41.91 -25.70
CA LEU H 216 -63.71 -42.85 -26.73
C LEU H 216 -63.79 -44.28 -26.20
N PRO H 217 -64.67 -45.12 -26.81
CA PRO H 217 -64.61 -46.55 -26.59
C PRO H 217 -63.33 -47.10 -27.26
N ILE H 218 -62.86 -48.25 -26.77
CA ILE H 218 -61.56 -48.85 -27.16
C ILE H 218 -61.66 -49.42 -28.57
N THR H 219 -62.88 -49.61 -29.09
CA THR H 219 -63.17 -50.19 -30.43
C THR H 219 -63.33 -49.07 -31.47
N GLU H 220 -63.31 -47.81 -31.04
CA GLU H 220 -63.54 -46.68 -31.99
C GLU H 220 -62.33 -46.49 -32.92
N ALA H 221 -62.58 -46.14 -34.18
CA ALA H 221 -61.55 -45.63 -35.11
C ALA H 221 -62.03 -44.26 -35.62
N CYS H 222 -61.23 -43.21 -35.43
CA CYS H 222 -61.62 -41.80 -35.67
C CYS H 222 -60.45 -41.05 -36.32
N ALA H 223 -60.68 -40.41 -37.46
CA ALA H 223 -59.69 -39.51 -38.09
C ALA H 223 -60.10 -38.06 -37.86
N THR H 224 -59.16 -37.20 -37.51
CA THR H 224 -59.38 -35.76 -37.24
C THR H 224 -58.33 -34.92 -37.99
N ALA H 225 -58.68 -33.68 -38.32
CA ALA H 225 -57.70 -32.63 -38.69
C ALA H 225 -56.66 -32.52 -37.58
N GLY H 226 -55.39 -32.70 -37.92
CA GLY H 226 -54.27 -32.65 -36.94
C GLY H 226 -54.17 -31.31 -36.24
N PHE H 227 -54.42 -30.24 -36.99
CA PHE H 227 -54.37 -28.86 -36.45
C PHE H 227 -55.53 -28.07 -37.04
N GLN H 228 -56.23 -27.36 -36.17
CA GLN H 228 -57.31 -26.42 -36.58
C GLN H 228 -57.01 -25.06 -35.95
N PRO H 229 -57.07 -23.97 -36.75
CA PRO H 229 -56.85 -22.63 -36.23
C PRO H 229 -58.08 -22.11 -35.47
N GLU H 230 -57.98 -20.87 -34.98
CA GLU H 230 -59.00 -20.18 -34.14
C GLU H 230 -60.35 -20.15 -34.87
N GLY H 231 -60.36 -19.68 -36.11
CA GLY H 231 -61.61 -19.46 -36.87
C GLY H 231 -62.19 -20.76 -37.37
N PHE H 232 -63.35 -20.71 -38.02
CA PHE H 232 -63.97 -21.88 -38.70
C PHE H 232 -63.01 -22.38 -39.77
N PRO H 233 -62.88 -23.71 -39.98
CA PRO H 233 -62.00 -24.23 -41.03
C PRO H 233 -62.43 -23.85 -42.46
N LYS H 234 -61.44 -23.58 -43.31
CA LYS H 234 -61.64 -23.11 -44.70
C LYS H 234 -61.42 -24.28 -45.68
N LEU H 235 -62.32 -24.47 -46.64
CA LEU H 235 -62.13 -25.50 -47.69
C LEU H 235 -60.84 -25.17 -48.44
N GLY H 236 -59.96 -26.16 -48.63
CA GLY H 236 -58.68 -26.03 -49.33
C GLY H 236 -57.50 -25.81 -48.39
N SER H 237 -57.75 -25.55 -47.09
CA SER H 237 -56.70 -25.42 -46.05
C SER H 237 -56.45 -26.81 -45.44
N GLY H 238 -55.27 -27.37 -45.70
CA GLY H 238 -54.91 -28.73 -45.29
C GLY H 238 -54.22 -28.77 -43.95
N SER H 239 -54.27 -29.95 -43.34
CA SER H 239 -53.35 -30.26 -42.23
C SER H 239 -53.02 -31.75 -42.22
N PHE H 240 -51.96 -32.10 -41.49
CA PHE H 240 -51.68 -33.51 -41.18
C PHE H 240 -52.92 -34.04 -40.48
N PHE H 241 -53.12 -35.36 -40.50
CA PHE H 241 -54.32 -35.94 -39.87
C PHE H 241 -53.84 -36.85 -38.74
N THR H 242 -54.67 -36.90 -37.73
CA THR H 242 -54.49 -37.78 -36.55
C THR H 242 -55.55 -38.87 -36.64
N VAL H 243 -55.16 -40.13 -36.45
CA VAL H 243 -56.11 -41.26 -36.45
C VAL H 243 -55.99 -41.90 -35.06
N GLN H 244 -57.11 -41.97 -34.38
CA GLN H 244 -57.27 -42.82 -33.15
C GLN H 244 -57.67 -44.22 -33.63
N PHE H 245 -56.86 -45.23 -33.27
CA PHE H 245 -56.98 -46.58 -33.86
C PHE H 245 -56.26 -47.59 -32.95
N ASP H 246 -56.87 -48.74 -32.78
CA ASP H 246 -56.26 -49.86 -32.00
C ASP H 246 -56.57 -51.16 -32.74
N PRO H 247 -55.57 -51.82 -33.34
CA PRO H 247 -55.82 -53.03 -34.12
C PRO H 247 -56.06 -54.28 -33.23
N PHE H 248 -55.97 -54.13 -31.91
CA PHE H 248 -56.09 -55.27 -30.96
C PHE H 248 -57.57 -55.52 -30.61
N PHE H 249 -58.48 -54.66 -31.10
CA PHE H 249 -59.95 -54.82 -30.94
C PHE H 249 -60.63 -54.54 -32.28
N SER H 250 -61.73 -55.23 -32.53
CA SER H 250 -62.62 -54.93 -33.70
C SER H 250 -64.07 -55.20 -33.30
N THR H 251 -65.00 -54.89 -34.18
CA THR H 251 -66.43 -55.20 -33.98
C THR H 251 -66.89 -56.06 -35.16
N ARG H 252 -67.93 -56.86 -34.95
CA ARG H 252 -68.54 -57.70 -36.01
C ARG H 252 -69.40 -56.78 -36.88
N PHE H 253 -69.77 -57.27 -38.06
CA PHE H 253 -70.79 -56.64 -38.93
C PHE H 253 -71.75 -57.74 -39.38
N LYS H 254 -73.00 -57.34 -39.65
CA LYS H 254 -74.06 -58.24 -40.16
C LYS H 254 -74.18 -58.01 -41.68
N ALA H 255 -74.44 -59.08 -42.44
CA ALA H 255 -74.83 -59.01 -43.86
C ALA H 255 -76.17 -58.27 -43.96
N HIS H 256 -76.48 -57.69 -45.11
CA HIS H 256 -77.69 -56.85 -45.32
C HIS H 256 -78.94 -57.75 -45.31
N GLU H 257 -78.86 -58.90 -45.99
CA GLU H 257 -80.03 -59.78 -46.28
C GLU H 257 -80.16 -60.89 -45.23
N THR H 258 -79.04 -61.41 -44.73
CA THR H 258 -79.00 -62.59 -43.83
C THR H 258 -78.50 -62.17 -42.44
N ASP H 259 -78.45 -63.11 -41.51
CA ASP H 259 -77.90 -62.90 -40.15
C ASP H 259 -76.44 -63.39 -40.14
N ASP H 260 -75.85 -63.63 -41.32
CA ASP H 260 -74.40 -63.90 -41.50
C ASP H 260 -73.61 -62.77 -40.83
N VAL H 261 -72.63 -63.13 -40.00
CA VAL H 261 -71.77 -62.16 -39.25
C VAL H 261 -70.30 -62.49 -39.55
N ALA H 262 -69.48 -61.45 -39.63
CA ALA H 262 -68.03 -61.53 -39.82
C ALA H 262 -67.36 -60.39 -39.06
N LEU H 263 -66.04 -60.45 -38.91
CA LEU H 263 -65.29 -59.42 -38.14
C LEU H 263 -64.82 -58.34 -39.10
N LEU H 264 -64.99 -57.07 -38.71
CA LEU H 264 -64.31 -55.95 -39.42
C LEU H 264 -62.80 -56.19 -39.35
N ASP H 265 -62.13 -56.15 -40.51
CA ASP H 265 -60.65 -56.28 -40.62
C ASP H 265 -60.03 -54.96 -40.19
N PRO H 266 -59.27 -54.88 -39.06
CA PRO H 266 -58.62 -53.62 -38.66
C PRO H 266 -57.69 -52.98 -39.70
N THR H 267 -57.07 -53.77 -40.57
CA THR H 267 -56.22 -53.21 -41.66
C THR H 267 -57.12 -52.42 -42.61
N LEU H 268 -58.35 -52.87 -42.85
CA LEU H 268 -59.28 -52.11 -43.74
C LEU H 268 -59.88 -50.92 -42.96
N THR H 269 -60.22 -51.10 -41.68
CA THR H 269 -60.66 -49.97 -40.82
C THR H 269 -59.66 -48.81 -40.92
N LEU H 270 -58.36 -49.11 -40.80
CA LEU H 270 -57.33 -48.04 -40.78
C LEU H 270 -57.20 -47.42 -42.18
N LEU H 271 -57.31 -48.23 -43.25
CA LEU H 271 -57.32 -47.67 -44.64
C LEU H 271 -58.49 -46.69 -44.80
N HIS H 272 -59.67 -47.03 -44.32
CA HIS H 272 -60.86 -46.14 -44.36
C HIS H 272 -60.52 -44.82 -43.65
N GLU H 273 -60.01 -44.88 -42.42
CA GLU H 273 -59.70 -43.66 -41.62
C GLU H 273 -58.63 -42.82 -42.32
N MSE H 274 -57.64 -43.46 -42.96
CA MSE H 274 -56.56 -42.74 -43.60
C MSE H 274 -57.07 -42.12 -44.92
O MSE H 274 -56.43 -41.19 -45.41
CB MSE H 274 -55.35 -43.65 -43.76
CG MSE H 274 -54.67 -43.95 -42.42
SE MSE H 274 -52.94 -44.79 -42.67
CE MSE H 274 -53.45 -46.19 -43.82
N THR H 275 -58.21 -42.60 -45.43
CA THR H 275 -58.87 -41.99 -46.58
C THR H 275 -59.52 -40.67 -46.15
N HIS H 276 -60.20 -40.65 -45.01
CA HIS H 276 -60.61 -39.36 -44.38
C HIS H 276 -59.36 -38.49 -44.24
N GLY H 277 -58.23 -39.10 -43.84
CA GLY H 277 -56.95 -38.41 -43.63
C GLY H 277 -56.55 -37.62 -44.87
N LEU H 278 -56.55 -38.31 -46.00
CA LEU H 278 -56.22 -37.65 -47.30
C LEU H 278 -57.11 -36.41 -47.42
N HIS H 279 -58.40 -36.53 -47.12
CA HIS H 279 -59.36 -35.39 -47.33
C HIS H 279 -58.96 -34.25 -46.38
N PHE H 280 -58.55 -34.57 -45.14
CA PHE H 280 -58.04 -33.55 -44.19
C PHE H 280 -56.77 -32.87 -44.72
N GLN H 281 -55.89 -33.64 -45.37
CA GLN H 281 -54.57 -33.14 -45.85
C GLN H 281 -54.82 -32.06 -46.92
N LYS H 282 -55.94 -32.16 -47.63
CA LYS H 282 -56.29 -31.21 -48.73
C LYS H 282 -57.32 -30.19 -48.24
N GLY H 283 -57.88 -30.35 -47.06
CA GLY H 283 -58.91 -29.43 -46.54
C GLY H 283 -60.22 -29.58 -47.29
N ILE H 284 -60.60 -30.81 -47.65
CA ILE H 284 -61.86 -31.07 -48.41
C ILE H 284 -62.78 -32.01 -47.63
N ALA H 285 -62.47 -32.28 -46.35
CA ALA H 285 -63.17 -33.29 -45.52
C ALA H 285 -64.42 -32.72 -44.85
N ASN H 286 -64.41 -31.43 -44.51
CA ASN H 286 -65.33 -30.86 -43.50
C ASN H 286 -65.84 -29.50 -43.97
N PRO H 287 -66.68 -29.44 -45.03
CA PRO H 287 -67.24 -28.17 -45.47
C PRO H 287 -68.17 -27.59 -44.38
N VAL H 288 -67.94 -26.34 -43.98
CA VAL H 288 -68.88 -25.60 -43.09
C VAL H 288 -69.22 -24.26 -43.73
N ASN H 289 -70.39 -23.75 -43.35
CA ASN H 289 -70.94 -22.43 -43.79
C ASN H 289 -70.32 -21.34 -42.92
N ARG H 290 -70.75 -20.09 -43.11
CA ARG H 290 -70.17 -18.91 -42.42
C ARG H 290 -70.56 -18.91 -40.94
N SER H 291 -71.51 -19.74 -40.54
CA SER H 291 -71.90 -19.97 -39.12
C SER H 291 -71.12 -21.14 -38.52
N GLY H 292 -70.29 -21.83 -39.31
CA GLY H 292 -69.42 -22.92 -38.84
C GLY H 292 -70.13 -24.26 -38.77
N GLU H 293 -71.33 -24.36 -39.35
CA GLU H 293 -72.19 -25.56 -39.40
C GLU H 293 -72.05 -26.28 -40.75
N THR H 294 -72.24 -27.61 -40.74
CA THR H 294 -72.27 -28.46 -41.96
C THR H 294 -73.48 -28.04 -42.81
N PRO H 295 -73.31 -27.66 -44.10
CA PRO H 295 -74.45 -27.27 -44.93
C PRO H 295 -75.36 -28.46 -45.29
N ALA H 296 -76.64 -28.18 -45.58
CA ALA H 296 -77.69 -29.18 -45.89
C ALA H 296 -77.24 -30.06 -47.07
N TRP H 297 -76.50 -29.51 -48.03
CA TRP H 297 -76.04 -30.24 -49.24
C TRP H 297 -74.89 -31.20 -48.92
N ALA H 298 -74.29 -31.11 -47.73
CA ALA H 298 -73.14 -31.97 -47.32
C ALA H 298 -73.64 -33.25 -46.62
N THR H 299 -74.96 -33.43 -46.48
CA THR H 299 -75.55 -34.61 -45.79
C THR H 299 -76.64 -35.21 -46.69
N THR H 300 -76.80 -36.53 -46.62
CA THR H 300 -77.81 -37.25 -47.43
C THR H 300 -78.40 -38.37 -46.58
N TRP H 301 -79.48 -38.98 -47.08
CA TRP H 301 -80.12 -40.14 -46.44
C TRP H 301 -79.58 -41.43 -47.07
N GLY H 302 -78.77 -42.18 -46.29
CA GLY H 302 -78.13 -43.43 -46.70
C GLY H 302 -78.86 -44.65 -46.15
N ARG H 303 -78.85 -45.75 -46.91
CA ARG H 303 -79.45 -47.03 -46.46
C ARG H 303 -78.71 -47.52 -45.21
N VAL H 304 -79.43 -48.23 -44.34
CA VAL H 304 -78.92 -48.77 -43.05
C VAL H 304 -78.80 -50.28 -43.16
N THR H 305 -77.65 -50.83 -42.74
CA THR H 305 -77.29 -52.27 -42.83
C THR H 305 -78.21 -53.09 -41.92
N GLY H 306 -79.03 -53.96 -42.51
CA GLY H 306 -79.89 -54.92 -41.80
C GLY H 306 -81.34 -54.47 -41.69
N ASP H 307 -81.75 -53.48 -42.50
CA ASP H 307 -83.18 -53.08 -42.64
C ASP H 307 -83.48 -52.75 -44.11
N ASN H 308 -84.70 -53.09 -44.55
CA ASN H 308 -85.15 -53.02 -45.97
C ASN H 308 -85.36 -51.56 -46.39
N ASP H 309 -86.14 -50.80 -45.62
CA ASP H 309 -86.56 -49.42 -45.99
C ASP H 309 -86.16 -48.41 -44.89
N ALA H 310 -85.15 -48.72 -44.08
CA ALA H 310 -84.59 -47.80 -43.07
C ALA H 310 -83.47 -46.96 -43.69
N PHE H 311 -83.54 -45.64 -43.50
CA PHE H 311 -82.49 -44.68 -43.94
C PHE H 311 -82.03 -43.86 -42.73
N LYS H 312 -80.75 -43.48 -42.72
CA LYS H 312 -80.15 -42.63 -41.68
C LYS H 312 -79.38 -41.48 -42.33
N GLU H 313 -79.45 -40.29 -41.73
CA GLU H 313 -78.74 -39.08 -42.21
C GLU H 313 -77.24 -39.29 -42.01
N THR H 314 -76.47 -39.12 -43.09
CA THR H 314 -75.03 -39.44 -43.17
C THR H 314 -74.32 -38.32 -43.94
N PRO H 315 -73.14 -37.86 -43.48
CA PRO H 315 -72.35 -36.92 -44.28
C PRO H 315 -71.91 -37.56 -45.60
N MSE H 316 -71.89 -36.76 -46.67
CA MSE H 316 -71.37 -37.22 -47.96
C MSE H 316 -69.90 -37.63 -47.81
O MSE H 316 -69.46 -38.53 -48.50
CB MSE H 316 -71.55 -36.15 -49.04
CG MSE H 316 -72.94 -36.07 -49.58
SE MSE H 316 -73.28 -37.59 -50.74
CE MSE H 316 -72.26 -37.16 -52.34
N GLU H 317 -69.16 -36.95 -46.94
CA GLU H 317 -67.76 -37.30 -46.66
C GLU H 317 -67.67 -38.77 -46.24
N GLU H 318 -68.68 -39.28 -45.54
CA GLU H 318 -68.70 -40.70 -45.08
C GLU H 318 -68.96 -41.61 -46.28
N LEU H 319 -69.99 -41.34 -47.07
CA LEU H 319 -70.38 -42.24 -48.20
C LEU H 319 -69.26 -42.27 -49.24
N LEU H 320 -68.56 -41.16 -49.46
CA LEU H 320 -67.47 -41.06 -50.48
C LEU H 320 -66.22 -41.78 -49.97
N THR H 321 -66.05 -41.90 -48.66
CA THR H 321 -64.90 -42.62 -48.05
C THR H 321 -65.24 -44.12 -47.99
N PHE H 322 -66.50 -44.46 -47.78
CA PHE H 322 -66.97 -45.85 -47.61
C PHE H 322 -67.16 -46.54 -48.98
N ASN H 323 -68.03 -45.98 -49.83
CA ASN H 323 -68.44 -46.62 -51.11
C ASN H 323 -69.31 -45.65 -51.90
N LYS H 324 -68.74 -45.07 -52.96
CA LYS H 324 -69.43 -44.09 -53.86
C LYS H 324 -70.79 -44.64 -54.29
N HIS H 325 -70.86 -45.94 -54.55
CA HIS H 325 -72.04 -46.62 -55.15
C HIS H 325 -73.18 -46.77 -54.14
N THR H 326 -73.00 -46.36 -52.87
CA THR H 326 -74.05 -46.45 -51.81
C THR H 326 -74.75 -45.11 -51.60
N ILE H 327 -74.33 -44.04 -52.29
CA ILE H 327 -75.02 -42.71 -52.24
C ILE H 327 -76.47 -42.93 -52.67
N ASP H 328 -76.68 -43.67 -53.77
CA ASP H 328 -78.02 -44.03 -54.29
C ASP H 328 -78.03 -45.49 -54.75
N ASP H 329 -79.23 -46.08 -54.85
CA ASP H 329 -79.45 -47.46 -55.37
C ASP H 329 -78.95 -47.53 -56.81
N ASP H 330 -79.10 -46.44 -57.59
CA ASP H 330 -78.71 -46.36 -59.03
C ASP H 330 -77.26 -45.89 -59.15
N ILE H 331 -76.44 -46.63 -59.90
CA ILE H 331 -74.98 -46.34 -60.12
C ILE H 331 -74.83 -44.94 -60.73
N GLU H 332 -75.66 -44.60 -61.72
CA GLU H 332 -75.54 -43.32 -62.49
C GLU H 332 -75.90 -42.14 -61.58
N ILE H 333 -76.93 -42.30 -60.74
CA ILE H 333 -77.41 -41.22 -59.81
C ILE H 333 -76.35 -41.02 -58.73
N SER H 334 -75.73 -42.10 -58.24
CA SER H 334 -74.61 -42.04 -57.27
C SER H 334 -73.49 -41.15 -57.84
N ASP H 335 -73.10 -41.39 -59.10
CA ASP H 335 -72.00 -40.66 -59.81
C ASP H 335 -72.37 -39.19 -59.93
N HIS H 336 -73.63 -38.86 -60.27
CA HIS H 336 -74.11 -37.47 -60.45
C HIS H 336 -74.07 -36.74 -59.09
N LEU H 337 -74.49 -37.39 -58.01
CA LEU H 337 -74.54 -36.76 -56.66
C LEU H 337 -73.11 -36.55 -56.15
N LYS H 338 -72.19 -37.46 -56.46
CA LYS H 338 -70.74 -37.28 -56.15
C LYS H 338 -70.22 -36.04 -56.89
N SER H 339 -70.54 -35.91 -58.17
CA SER H 339 -70.09 -34.80 -59.04
C SER H 339 -70.65 -33.48 -58.51
N THR H 340 -71.90 -33.47 -58.06
CA THR H 340 -72.58 -32.26 -57.53
C THR H 340 -71.90 -31.85 -56.23
N TYR H 341 -71.60 -32.81 -55.36
CA TYR H 341 -70.96 -32.55 -54.05
C TYR H 341 -69.58 -31.94 -54.28
N ILE H 342 -68.79 -32.54 -55.17
CA ILE H 342 -67.41 -32.08 -55.50
C ILE H 342 -67.49 -30.67 -56.09
N GLY H 343 -68.48 -30.43 -56.96
CA GLY H 343 -68.78 -29.08 -57.49
C GLY H 343 -68.94 -28.05 -56.39
N PHE H 344 -69.70 -28.36 -55.33
CA PHE H 344 -69.97 -27.42 -54.22
C PHE H 344 -68.71 -27.25 -53.36
N LEU H 345 -67.91 -28.30 -53.18
CA LEU H 345 -66.61 -28.15 -52.47
C LEU H 345 -65.73 -27.16 -53.27
N TYR H 346 -65.69 -27.31 -54.58
CA TYR H 346 -64.77 -26.52 -55.44
C TYR H 346 -65.26 -25.05 -55.53
N ASN H 347 -66.52 -24.84 -55.84
CA ASN H 347 -67.09 -23.50 -56.19
C ASN H 347 -67.79 -22.88 -54.97
N GLY H 348 -68.02 -23.64 -53.90
CA GLY H 348 -68.86 -23.17 -52.79
C GLY H 348 -70.31 -23.05 -53.22
N ARG H 349 -71.13 -22.41 -52.38
CA ARG H 349 -72.57 -22.21 -52.68
C ARG H 349 -73.04 -20.95 -51.97
N ASN H 350 -73.77 -20.11 -52.68
CA ASN H 350 -74.36 -18.86 -52.13
C ASN H 350 -75.81 -19.16 -51.77
N GLU H 351 -76.22 -18.80 -50.56
CA GLU H 351 -77.57 -19.04 -50.02
C GLU H 351 -78.29 -17.70 -49.80
N ASP H 352 -79.63 -17.71 -49.89
CA ASP H 352 -80.52 -16.55 -49.62
C ASP H 352 -80.13 -15.92 -48.26
N ASP H 353 -79.85 -16.75 -47.26
CA ASP H 353 -79.31 -16.33 -45.94
C ASP H 353 -77.79 -16.41 -46.00
N PRO H 354 -77.04 -15.28 -45.97
CA PRO H 354 -75.58 -15.32 -46.12
C PRO H 354 -74.88 -16.14 -45.02
N THR H 355 -75.54 -16.33 -43.89
CA THR H 355 -75.06 -17.15 -42.73
C THR H 355 -74.80 -18.57 -43.21
N GLU H 356 -75.58 -19.06 -44.18
CA GLU H 356 -75.56 -20.47 -44.65
C GLU H 356 -74.74 -20.63 -45.93
N SER H 357 -74.17 -19.55 -46.48
CA SER H 357 -73.27 -19.61 -47.65
C SER H 357 -71.99 -20.37 -47.29
N VAL H 358 -71.42 -21.07 -48.27
CA VAL H 358 -70.14 -21.83 -48.13
C VAL H 358 -69.13 -21.26 -49.11
N ASP H 359 -67.93 -20.94 -48.62
CA ASP H 359 -66.78 -20.49 -49.43
C ASP H 359 -66.05 -21.73 -49.93
N GLY H 360 -65.90 -21.83 -51.25
CA GLY H 360 -65.30 -23.02 -51.89
C GLY H 360 -63.79 -22.99 -51.91
N VAL H 361 -63.20 -24.09 -52.35
CA VAL H 361 -61.73 -24.27 -52.44
C VAL H 361 -61.18 -23.22 -53.42
N TYR H 362 -61.86 -23.00 -54.55
CA TYR H 362 -61.33 -22.08 -55.59
C TYR H 362 -61.18 -20.67 -55.01
N GLN H 363 -62.24 -20.10 -54.45
CA GLN H 363 -62.18 -18.73 -53.86
C GLN H 363 -61.20 -18.71 -52.68
N ASN H 364 -61.18 -19.73 -51.82
CA ASN H 364 -60.26 -19.66 -50.67
C ASN H 364 -58.80 -19.72 -51.11
N VAL H 365 -58.44 -20.70 -51.93
CA VAL H 365 -57.03 -20.88 -52.37
C VAL H 365 -56.63 -19.68 -53.24
N SER H 366 -57.48 -19.27 -54.18
CA SER H 366 -57.14 -18.15 -55.10
C SER H 366 -56.85 -16.89 -54.28
N SER H 367 -57.73 -16.57 -53.32
CA SER H 367 -57.60 -15.42 -52.40
C SER H 367 -56.29 -15.55 -51.63
N PHE H 368 -56.02 -16.72 -51.02
CA PHE H 368 -54.75 -16.95 -50.30
C PHE H 368 -53.53 -16.68 -51.21
N LEU H 369 -53.49 -17.25 -52.41
CA LEU H 369 -52.29 -17.21 -53.28
C LEU H 369 -52.17 -15.82 -53.95
N ASN H 370 -53.29 -15.14 -54.16
CA ASN H 370 -53.31 -13.78 -54.77
C ASN H 370 -52.59 -12.78 -53.86
N GLN H 371 -52.52 -13.00 -52.54
CA GLN H 371 -51.76 -12.11 -51.63
C GLN H 371 -50.30 -12.01 -52.06
N TYR H 372 -49.74 -13.06 -52.66
CA TYR H 372 -48.29 -13.13 -52.98
C TYR H 372 -47.98 -12.34 -54.27
N ARG H 373 -49.01 -11.90 -55.00
CA ARG H 373 -48.79 -11.23 -56.34
C ARG H 373 -47.76 -10.11 -56.18
N GLY H 374 -46.66 -10.16 -56.95
CA GLY H 374 -45.64 -9.10 -56.99
C GLY H 374 -44.54 -9.24 -55.94
N PHE H 375 -44.65 -10.17 -54.99
CA PHE H 375 -43.66 -10.34 -53.89
C PHE H 375 -42.58 -11.35 -54.31
N GLU H 376 -41.32 -10.99 -54.11
CA GLU H 376 -40.19 -11.94 -54.20
C GLU H 376 -40.42 -13.04 -53.16
N ILE H 377 -40.49 -14.29 -53.60
CA ILE H 377 -40.55 -15.47 -52.68
C ILE H 377 -39.45 -16.46 -53.03
N SER H 378 -39.01 -17.29 -52.06
CA SER H 378 -37.95 -18.29 -52.29
C SER H 378 -38.44 -19.32 -53.31
N SER H 379 -37.54 -19.90 -54.09
CA SER H 379 -37.86 -21.06 -54.97
C SER H 379 -38.42 -22.20 -54.11
N ASP H 380 -37.89 -22.41 -52.91
CA ASP H 380 -38.44 -23.48 -52.02
C ASP H 380 -39.94 -23.24 -51.75
N PHE H 381 -40.35 -22.01 -51.43
CA PHE H 381 -41.77 -21.72 -51.09
C PHE H 381 -42.61 -21.83 -52.37
N GLN H 382 -42.07 -21.30 -53.46
CA GLN H 382 -42.74 -21.41 -54.79
C GLN H 382 -43.06 -22.88 -55.09
N HIS H 383 -42.05 -23.74 -55.01
CA HIS H 383 -42.17 -25.18 -55.37
C HIS H 383 -43.12 -25.90 -54.40
N PHE H 384 -43.08 -25.53 -53.12
CA PHE H 384 -44.00 -26.09 -52.09
C PHE H 384 -45.45 -25.85 -52.51
N ILE H 385 -45.80 -24.61 -52.88
CA ILE H 385 -47.20 -24.25 -53.26
C ILE H 385 -47.54 -24.93 -54.58
N GLU H 386 -46.64 -24.86 -55.56
CA GLU H 386 -46.83 -25.49 -56.89
C GLU H 386 -47.21 -26.97 -56.72
N SER H 387 -46.45 -27.71 -55.92
N SER H 387 -46.43 -27.68 -55.90
CA SER H 387 -46.67 -29.16 -55.69
CA SER H 387 -46.61 -29.12 -55.63
C SER H 387 -47.96 -29.38 -54.89
C SER H 387 -47.93 -29.37 -54.89
N CYS H 388 -48.23 -28.53 -53.90
CA CYS H 388 -49.43 -28.68 -53.04
C CYS H 388 -50.69 -28.60 -53.89
N TYR H 389 -50.86 -27.55 -54.70
CA TYR H 389 -52.14 -27.26 -55.39
C TYR H 389 -52.07 -27.65 -56.87
N GLY H 390 -50.90 -28.05 -57.38
CA GLY H 390 -50.72 -28.33 -58.82
C GLY H 390 -50.92 -27.08 -59.63
N VAL H 391 -50.37 -25.97 -59.15
CA VAL H 391 -50.44 -24.64 -59.81
C VAL H 391 -49.05 -24.29 -60.32
N LYS H 392 -48.98 -23.28 -61.18
N LYS H 392 -48.97 -23.28 -61.17
CA LYS H 392 -47.71 -22.80 -61.79
CA LYS H 392 -47.69 -22.82 -61.76
C LYS H 392 -47.40 -21.41 -61.24
C LYS H 392 -47.39 -21.41 -61.22
N TYR H 393 -46.21 -20.90 -61.51
CA TYR H 393 -45.74 -19.59 -61.05
C TYR H 393 -45.23 -18.83 -62.27
N ASN H 394 -45.69 -17.58 -62.35
CA ASN H 394 -45.30 -16.60 -63.39
C ASN H 394 -44.14 -15.78 -62.81
N GLN H 395 -42.91 -16.00 -63.28
CA GLN H 395 -41.69 -15.30 -62.79
C GLN H 395 -41.75 -13.81 -63.16
N GLU H 396 -42.26 -13.45 -64.34
CA GLU H 396 -42.28 -12.04 -64.83
C GLU H 396 -43.13 -11.20 -63.86
N SER H 397 -44.31 -11.69 -63.47
CA SER H 397 -45.31 -10.99 -62.61
C SER H 397 -45.18 -11.40 -61.15
N LYS H 398 -44.30 -12.35 -60.83
CA LYS H 398 -44.13 -12.90 -59.46
C LYS H 398 -45.51 -13.25 -58.89
N LYS H 399 -46.25 -14.12 -59.57
CA LYS H 399 -47.61 -14.47 -59.12
C LYS H 399 -47.92 -15.93 -59.45
N PHE H 400 -48.63 -16.57 -58.55
CA PHE H 400 -49.20 -17.91 -58.81
C PHE H 400 -50.28 -17.81 -59.87
N ILE H 401 -50.24 -18.75 -60.79
CA ILE H 401 -51.30 -18.93 -61.82
C ILE H 401 -52.26 -19.98 -61.28
N VAL H 402 -53.42 -19.53 -60.81
CA VAL H 402 -54.42 -20.39 -60.12
C VAL H 402 -55.49 -20.81 -61.12
N ASN H 403 -55.15 -21.79 -61.95
CA ASN H 403 -55.98 -22.30 -63.06
C ASN H 403 -57.18 -23.06 -62.49
N PRO H 404 -58.43 -22.69 -62.86
CA PRO H 404 -59.62 -23.39 -62.39
C PRO H 404 -59.59 -24.91 -62.58
N ARG H 405 -59.16 -25.40 -63.74
CA ARG H 405 -59.11 -26.86 -64.01
C ARG H 405 -58.14 -27.52 -63.01
N ASN H 406 -57.02 -26.87 -62.71
CA ASN H 406 -56.00 -27.44 -61.78
C ASN H 406 -56.60 -27.51 -60.38
N ILE H 407 -57.33 -26.49 -59.94
CA ILE H 407 -57.91 -26.51 -58.55
C ILE H 407 -59.05 -27.54 -58.51
N LYS H 408 -59.82 -27.69 -59.59
CA LYS H 408 -60.90 -28.71 -59.64
C LYS H 408 -60.29 -30.11 -59.50
N ARG H 409 -59.17 -30.38 -60.16
CA ARG H 409 -58.46 -31.68 -60.13
C ARG H 409 -57.96 -31.96 -58.72
N TYR H 410 -57.46 -30.93 -58.04
CA TYR H 410 -56.98 -31.03 -56.62
C TYR H 410 -58.12 -31.58 -55.76
N VAL H 411 -59.33 -31.08 -55.93
CA VAL H 411 -60.51 -31.58 -55.19
C VAL H 411 -60.88 -32.99 -55.66
N GLN H 412 -61.06 -33.20 -56.97
CA GLN H 412 -61.49 -34.49 -57.54
C GLN H 412 -60.53 -35.62 -57.09
N ASP H 413 -59.22 -35.37 -57.11
CA ASP H 413 -58.17 -36.40 -56.89
C ASP H 413 -58.27 -36.95 -55.46
N GLY H 414 -58.83 -36.14 -54.56
CA GLY H 414 -59.06 -36.46 -53.14
C GLY H 414 -59.98 -37.64 -52.96
N PHE H 415 -60.84 -37.94 -53.94
CA PHE H 415 -61.91 -38.97 -53.86
C PHE H 415 -61.66 -40.12 -54.84
N PHE H 416 -60.41 -40.37 -55.24
CA PHE H 416 -60.03 -41.45 -56.21
C PHE H 416 -60.30 -42.84 -55.60
N ILE H 417 -60.10 -43.01 -54.30
CA ILE H 417 -60.17 -44.37 -53.70
C ILE H 417 -61.10 -44.33 -52.50
N ASP H 418 -61.77 -45.46 -52.24
CA ASP H 418 -62.73 -45.61 -51.11
C ASP H 418 -62.50 -47.00 -50.50
N GLU H 419 -63.20 -47.28 -49.40
CA GLU H 419 -63.05 -48.54 -48.64
C GLU H 419 -63.41 -49.74 -49.54
N ALA H 420 -64.46 -49.61 -50.37
CA ALA H 420 -64.98 -50.69 -51.25
C ALA H 420 -63.87 -51.10 -52.22
N LYS H 421 -63.14 -50.13 -52.78
CA LYS H 421 -62.05 -50.42 -53.73
C LYS H 421 -60.89 -51.14 -53.00
N PHE H 422 -60.47 -50.65 -51.82
CA PHE H 422 -59.43 -51.30 -50.99
C PHE H 422 -59.84 -52.76 -50.73
N ALA H 423 -61.11 -52.98 -50.41
CA ALA H 423 -61.66 -54.31 -50.04
C ALA H 423 -61.51 -55.26 -51.23
N ARG H 424 -61.86 -54.80 -52.43
CA ARG H 424 -61.79 -55.63 -53.67
C ARG H 424 -60.32 -55.95 -53.98
N ILE H 425 -59.43 -54.95 -53.87
CA ILE H 425 -57.98 -55.10 -54.16
C ILE H 425 -57.39 -56.14 -53.19
N LEU H 426 -57.73 -56.05 -51.91
CA LEU H 426 -57.06 -56.86 -50.85
C LEU H 426 -57.84 -58.16 -50.57
N ASN H 427 -58.97 -58.36 -51.23
CA ASN H 427 -59.85 -59.55 -51.05
C ASN H 427 -60.24 -59.64 -49.57
N ILE H 428 -60.72 -58.51 -49.02
CA ILE H 428 -61.20 -58.39 -47.61
C ILE H 428 -62.72 -58.16 -47.65
N LYS H 429 -63.46 -58.91 -46.84
CA LYS H 429 -64.95 -58.80 -46.77
C LYS H 429 -65.30 -57.47 -46.11
N THR H 430 -66.08 -56.66 -46.81
CA THR H 430 -66.63 -55.38 -46.29
C THR H 430 -68.15 -55.53 -46.23
N ARG H 431 -68.81 -54.70 -45.42
CA ARG H 431 -70.30 -54.68 -45.26
C ARG H 431 -70.92 -53.87 -46.40
N SER H 432 -72.24 -53.95 -46.55
CA SER H 432 -73.04 -53.36 -47.67
C SER H 432 -73.14 -51.83 -47.53
N TYR H 433 -73.48 -51.33 -46.33
CA TYR H 433 -73.76 -49.90 -46.03
C TYR H 433 -72.98 -49.47 -44.79
N TYR H 434 -72.65 -48.17 -44.73
CA TYR H 434 -71.72 -47.59 -43.74
C TYR H 434 -72.19 -47.84 -42.31
N THR H 435 -73.48 -47.57 -42.03
CA THR H 435 -74.03 -47.53 -40.65
C THR H 435 -74.34 -48.96 -40.17
N LEU H 436 -73.70 -49.39 -39.07
CA LEU H 436 -74.03 -50.63 -38.34
C LEU H 436 -75.20 -50.33 -37.40
N MSE H 437 -76.19 -51.23 -37.36
CA MSE H 437 -77.34 -51.05 -36.49
C MSE H 437 -77.41 -52.14 -35.43
O MSE H 437 -77.08 -53.29 -35.70
CB MSE H 437 -78.64 -51.10 -37.27
CG MSE H 437 -78.83 -49.94 -38.17
SE MSE H 437 -78.79 -48.21 -37.23
CE MSE H 437 -80.51 -47.97 -36.32
N PRO H 438 -77.90 -51.82 -34.21
CA PRO H 438 -78.20 -52.85 -33.21
C PRO H 438 -79.09 -53.97 -33.78
N ASP H 439 -78.83 -55.20 -33.33
CA ASP H 439 -79.57 -56.43 -33.67
C ASP H 439 -79.66 -57.27 -32.39
N ASN H 440 -80.13 -58.52 -32.47
CA ASN H 440 -80.15 -59.45 -31.31
C ASN H 440 -79.19 -60.62 -31.60
N LEU H 441 -78.02 -60.32 -32.19
CA LEU H 441 -77.00 -61.34 -32.54
C LEU H 441 -75.83 -61.31 -31.55
N GLY H 442 -76.06 -60.77 -30.34
CA GLY H 442 -75.13 -60.87 -29.20
C GLY H 442 -73.97 -59.90 -29.30
N VAL H 443 -72.86 -60.22 -28.62
CA VAL H 443 -71.71 -59.31 -28.38
C VAL H 443 -71.14 -58.82 -29.72
N TRP H 444 -70.80 -57.54 -29.77
CA TRP H 444 -70.27 -56.84 -30.97
C TRP H 444 -68.74 -56.88 -31.02
N SER H 445 -68.09 -56.76 -29.85
CA SER H 445 -66.65 -56.43 -29.71
C SER H 445 -65.82 -57.71 -29.49
N TYR H 446 -64.73 -57.82 -30.25
CA TYR H 446 -63.79 -58.97 -30.31
C TYR H 446 -62.36 -58.47 -30.11
N ARG H 447 -61.55 -59.29 -29.45
CA ARG H 447 -60.09 -59.12 -29.41
C ARG H 447 -59.54 -59.62 -30.75
N VAL H 448 -58.49 -58.99 -31.23
CA VAL H 448 -57.74 -59.46 -32.43
C VAL H 448 -56.30 -59.71 -32.01
N ASP H 449 -55.86 -60.96 -32.20
CA ASP H 449 -54.56 -61.49 -31.75
C ASP H 449 -53.50 -61.12 -32.79
N ILE H 450 -53.24 -59.82 -32.95
CA ILE H 450 -52.34 -59.27 -34.01
C ILE H 450 -50.94 -59.89 -33.87
N LEU H 451 -50.48 -60.16 -32.64
CA LEU H 451 -49.10 -60.66 -32.40
C LEU H 451 -49.09 -62.20 -32.25
N ASN H 452 -50.19 -62.86 -32.59
CA ASN H 452 -50.24 -64.35 -32.70
C ASN H 452 -49.84 -64.99 -31.37
N ARG H 453 -50.36 -64.50 -30.24
CA ARG H 453 -50.07 -65.05 -28.88
C ARG H 453 -50.79 -66.38 -28.68
N LEU H 454 -52.01 -66.54 -29.20
CA LEU H 454 -52.87 -67.73 -28.92
C LEU H 454 -52.92 -68.63 -30.15
N ARG H 455 -53.10 -68.03 -31.33
CA ARG H 455 -53.31 -68.76 -32.60
C ARG H 455 -52.70 -67.96 -33.75
N GLU H 456 -52.43 -68.60 -34.90
CA GLU H 456 -51.97 -67.92 -36.13
C GLU H 456 -53.14 -67.05 -36.63
N THR H 457 -53.01 -65.73 -36.49
CA THR H 457 -54.11 -64.74 -36.69
C THR H 457 -53.74 -63.71 -37.77
N PHE H 458 -52.53 -63.20 -37.73
CA PHE H 458 -52.11 -62.08 -38.60
C PHE H 458 -50.71 -62.35 -39.17
N ASP H 459 -50.55 -62.16 -40.48
CA ASP H 459 -49.28 -62.38 -41.21
C ASP H 459 -48.93 -61.10 -41.96
N GLU H 460 -47.65 -60.76 -42.04
CA GLU H 460 -47.18 -59.52 -42.73
C GLU H 460 -47.49 -59.60 -44.24
N ASP H 461 -47.63 -60.79 -44.82
CA ASP H 461 -47.99 -60.92 -46.27
C ASP H 461 -49.50 -61.02 -46.47
N ARG H 462 -50.19 -61.85 -45.67
CA ARG H 462 -51.63 -62.20 -45.91
C ARG H 462 -52.55 -61.32 -45.08
N GLY H 463 -51.99 -60.54 -44.14
CA GLY H 463 -52.78 -59.71 -43.20
C GLY H 463 -53.59 -60.59 -42.26
N LEU H 464 -54.82 -60.17 -41.96
CA LEU H 464 -55.73 -60.94 -41.07
C LEU H 464 -56.16 -62.22 -41.78
N LEU H 465 -55.88 -63.38 -41.21
CA LEU H 465 -56.06 -64.67 -41.93
C LEU H 465 -57.54 -65.00 -42.11
N SER H 466 -58.39 -64.63 -41.15
CA SER H 466 -59.85 -64.94 -41.19
C SER H 466 -60.67 -63.81 -40.53
N GLN H 467 -61.84 -63.53 -41.11
CA GLN H 467 -62.88 -62.64 -40.54
C GLN H 467 -64.00 -63.47 -39.90
N GLU H 468 -63.87 -64.80 -39.85
CA GLU H 468 -64.86 -65.69 -39.18
C GLU H 468 -64.74 -65.47 -37.68
N LEU H 469 -65.86 -65.22 -36.98
CA LEU H 469 -65.86 -64.88 -35.53
C LEU H 469 -65.36 -66.10 -34.73
N ASP H 470 -65.57 -67.30 -35.26
CA ASP H 470 -65.00 -68.60 -34.77
C ASP H 470 -63.53 -68.43 -34.34
N PHE H 471 -62.74 -67.68 -35.12
CA PHE H 471 -61.26 -67.64 -35.00
C PHE H 471 -60.79 -66.45 -34.16
N HIS H 472 -61.72 -65.72 -33.52
CA HIS H 472 -61.41 -64.54 -32.66
C HIS H 472 -62.11 -64.66 -31.31
N THR H 473 -61.52 -64.06 -30.26
CA THR H 473 -62.02 -64.10 -28.86
C THR H 473 -63.02 -62.96 -28.64
N ALA H 474 -64.29 -63.28 -28.41
CA ALA H 474 -65.32 -62.29 -28.01
C ALA H 474 -64.88 -61.65 -26.68
N LEU H 475 -65.09 -60.34 -26.54
CA LEU H 475 -65.05 -59.67 -25.22
C LEU H 475 -66.32 -60.09 -24.46
N THR H 476 -66.31 -59.89 -23.14
CA THR H 476 -67.37 -60.34 -22.20
C THR H 476 -67.86 -59.12 -21.42
N PRO H 477 -68.63 -58.21 -22.06
CA PRO H 477 -69.14 -57.03 -21.37
C PRO H 477 -70.05 -57.42 -20.19
N VAL H 478 -69.90 -56.72 -19.05
CA VAL H 478 -70.71 -56.95 -17.82
C VAL H 478 -72.15 -56.46 -18.06
N VAL H 479 -72.32 -55.48 -18.95
CA VAL H 479 -73.64 -54.93 -19.38
C VAL H 479 -73.56 -54.67 -20.90
N SER H 480 -74.62 -55.00 -21.63
CA SER H 480 -74.87 -54.58 -23.03
C SER H 480 -76.15 -53.74 -23.10
N GLU H 481 -76.21 -52.72 -23.98
CA GLU H 481 -77.43 -51.89 -24.16
C GLU H 481 -77.41 -51.24 -25.55
ZN ZN I . -0.86 37.19 63.16
CA CA J . -6.43 39.98 58.00
ZN ZN K . 67.34 36.81 53.37
CA CA L . 72.11 30.82 54.47
ZN ZN M . 58.42 8.13 1.60
CA CA N . 60.71 15.36 -1.03
ZN ZN O . -4.24 -8.54 24.79
CA CA P . -5.95 -12.36 31.31
ZN ZN Q . -57.26 2.86 -5.90
CA CA R . -62.71 6.04 -10.56
ZN ZN S . 10.54 -1.39 -20.23
CA CA T . 15.06 -7.46 -19.04
ZN ZN U . -3.37 -29.90 -69.96
CA CA V . -1.20 -23.11 -73.03
ZN ZN W . -65.60 -42.92 -42.09
CA CA X . -67.04 -46.61 -35.61
#